data_8XEA
#
_entry.id   8XEA
#
_cell.length_a   1.00
_cell.length_b   1.00
_cell.length_c   1.00
_cell.angle_alpha   90.00
_cell.angle_beta   90.00
_cell.angle_gamma   90.00
#
_symmetry.space_group_name_H-M   'P 1'
#
loop_
_entity.id
_entity.type
_entity.pdbx_description
1 polymer 'BD55-1205 heavy chain'
2 polymer 'BD55-1205 light chain'
3 polymer 'Spike glycoprotein'
#
loop_
_entity_poly.entity_id
_entity_poly.type
_entity_poly.pdbx_seq_one_letter_code
_entity_poly.pdbx_strand_id
1 'polypeptide(L)'
;EVQLVESGGGLVQPGGSLRLSCAVSGFTVSRNYMTWARQAPGKGPEWVSVIYPGGSTFYADSVKGRFTISRDSSKNILYL
QMNSLRVDDTAVYYCARDLTIRGEASWGQGTLVTVSS
;
A,G,H
2 'polypeptide(L)'
;EIVMTQSPATLAVSPGERATLSCRASESFNSNLAWYQQKPGQAPRLLIYGASTRASDVPARFSGSGSGTEFTLTISSVQS
EDFAVYYCQQYGDWPLWTFGQGTKVEI
;
B,I,J
3 'polypeptide(L)'
;MFVFLVLLPLVSSQCVNLITRTQLPQSYTNSFTRGVYYPDKVFRSSVLHSTQDLFLPFFSNVTWFHAIHVSGTNGTKRFD
NPALPFNDGVYFASTEKSNIIRGWIFGTTLDSKTQSLLIVNNATNVVIKVCEFQFCNDPFLDVYYQKNNKSWMESEFRVY
SSANNCTFEYVSQPFLMDLEGKEGNFKNLREFVFKNIDGYFKIYSKHTPINLERDLPQGFSALEPLVDLPIGINITRFQT
LLALHRSYLTPVDSSSGWTAGAAAYYVGYLQPRTFLLKYNENGTITDAVDCALDPLSETKCTLKSFTVEKGIYQTSNFRV
QPTESIVRFPNITNLCPFHEVFNATTFASVYAWNRKRISNCVADYSVIYNFAPFFAFKCYGVSPTKLNDLCFTNVYADSF
VIRGNEVSQIAPGQTGNIADYNYKLPDDFTGCVIAWNSNKLDSKPSGNYNYLYRLFRKSKLKPFERDISTEIYQAGNKPC
NGVAGPNCYSPLQSYGFRPTYGVGHQPYRVVVLSFELLHAPATVCGPKKSTNLVKNKCVNFNFNGLTGTGVLTESNKKFL
PFQQFGRDIADTTDAVRDPQTLEILDITPCSFGGVSVITPGTNTSNQVAVLYQGVNCTEVPVAIHADQLTPTWRVYSTGS
NVFQTRAGCLIGAEYVNNSYECDIPIGAGICASYQTQTNSPRRARSVASQSIIAYTMSLGAENSVAYSNNSIAIPTNFTI
SVTTEILPVSMTKTSVDCTMYICGDSTECSNLLLQYGSFCTQLKRALTGIAVEQDKNTQEVFAQVKQIYKTPPIKYFGGF
NFSQILPDPSKPSKRSPIEDLLFNKVTLADAGFIKQYGDCLGDIAARDLICAQKFNGLTVLPPLLTDEMIAQYTSALLAG
TITSGWTFGAGPALQIPFPMQMAYRFNGIGVTQNVLYENQKLIANQFNSAIGKIQDSLSSTPSALGKLQDVVNHNAQALN
TLVKQLSSKFGAISSVLNDILSRLDPPEAEVQIDRLITGRLQSLQTYVTQQLIRAAEIRASANLAATKMSECVLGQSKRV
DFCGKGYHLMSFPQSAPHGVVFLHVTYVPAQEKNFTTAPAICHDGKAHFPREGVFVSNGTHWFVTQRNFYEPQIITTDNT
FVSGNCDVVIGIVNNTVYDPGGSGGSYIPEAPRDGQAYVRKDGEWVLLSTFLGRSLEVLFQGPGWSHPQFEKGGGSGGGS
GGSSAWSHPQFEKHHHHHHHH
;
D,E,F
#
# COMPACT_ATOMS: atom_id res chain seq x y z
N GLU A 1 83.94 -0.47 20.97
CA GLU A 1 83.71 0.97 20.85
C GLU A 1 82.56 1.26 19.90
N VAL A 2 82.10 2.52 19.92
CA VAL A 2 81.01 2.99 19.06
C VAL A 2 81.57 4.05 18.14
N GLN A 3 81.43 3.85 16.83
CA GLN A 3 81.99 4.77 15.85
C GLN A 3 80.91 5.28 14.92
N LEU A 4 80.86 6.60 14.73
CA LEU A 4 79.87 7.25 13.89
C LEU A 4 80.61 8.13 12.89
N VAL A 5 80.35 7.92 11.60
CA VAL A 5 80.99 8.68 10.53
C VAL A 5 79.91 9.40 9.75
N GLU A 6 79.98 10.73 9.73
CA GLU A 6 79.00 11.56 9.04
C GLU A 6 79.55 11.96 7.68
N SER A 7 78.68 11.93 6.67
CA SER A 7 79.08 12.27 5.32
C SER A 7 77.88 12.78 4.53
N GLY A 8 78.15 13.44 3.41
CA GLY A 8 77.13 13.99 2.55
C GLY A 8 76.94 15.49 2.66
N GLY A 9 77.56 16.13 3.67
CA GLY A 9 77.42 17.55 3.81
C GLY A 9 78.24 18.33 2.79
N GLY A 10 77.92 19.62 2.67
CA GLY A 10 78.61 20.47 1.73
C GLY A 10 77.84 21.76 1.53
N LEU A 11 78.17 22.44 0.43
CA LEU A 11 77.53 23.70 0.07
C LEU A 11 76.29 23.40 -0.76
N VAL A 12 75.12 23.69 -0.20
CA VAL A 12 73.84 23.49 -0.87
C VAL A 12 73.04 24.79 -0.78
N GLN A 13 72.44 25.20 -1.89
CA GLN A 13 71.69 26.45 -1.91
C GLN A 13 70.40 26.31 -1.11
N PRO A 14 69.93 27.41 -0.51
CA PRO A 14 68.63 27.37 0.18
C PRO A 14 67.49 27.09 -0.80
N GLY A 15 66.50 26.34 -0.33
CA GLY A 15 65.43 25.87 -1.16
C GLY A 15 65.71 24.57 -1.89
N GLY A 16 66.93 24.04 -1.77
CA GLY A 16 67.27 22.78 -2.39
C GLY A 16 67.08 21.61 -1.45
N SER A 17 67.64 20.47 -1.84
CA SER A 17 67.53 19.24 -1.07
C SER A 17 68.91 18.60 -0.92
N LEU A 18 69.08 17.89 0.19
CA LEU A 18 70.34 17.18 0.44
C LEU A 18 70.06 15.93 1.24
N ARG A 19 70.99 14.98 1.16
CA ARG A 19 70.90 13.72 1.90
C ARG A 19 72.21 13.48 2.63
N LEU A 20 72.12 13.22 3.93
CA LEU A 20 73.27 12.95 4.78
C LEU A 20 73.25 11.49 5.21
N SER A 21 74.40 10.84 5.12
CA SER A 21 74.57 9.48 5.58
C SER A 21 75.40 9.48 6.87
N CYS A 22 75.08 8.53 7.75
CA CYS A 22 75.79 8.37 9.01
C CYS A 22 76.10 6.88 9.17
N ALA A 23 77.31 6.50 8.81
CA ALA A 23 77.76 5.13 8.99
C ALA A 23 77.96 4.85 10.47
N VAL A 24 77.45 3.70 10.92
CA VAL A 24 77.47 3.31 12.33
C VAL A 24 78.23 1.99 12.43
N SER A 25 79.21 1.95 13.32
CA SER A 25 79.95 0.74 13.63
C SER A 25 79.88 0.47 15.12
N GLY A 26 79.33 -0.70 15.48
CA GLY A 26 79.24 -1.09 16.87
C GLY A 26 77.92 -1.72 17.27
N PHE A 27 76.85 -1.40 16.55
CA PHE A 27 75.51 -1.82 16.96
C PHE A 27 74.58 -1.75 15.74
N THR A 28 73.28 -1.87 16.01
CA THR A 28 72.25 -1.77 14.98
C THR A 28 71.44 -0.49 15.19
N VAL A 29 71.21 0.24 14.10
CA VAL A 29 70.51 1.52 14.18
C VAL A 29 69.03 1.38 14.46
N SER A 30 68.47 0.17 14.32
CA SER A 30 67.06 -0.07 14.59
C SER A 30 66.79 -0.44 16.04
N ARG A 31 67.81 -0.40 16.90
CA ARG A 31 67.65 -0.74 18.32
C ARG A 31 68.11 0.38 19.24
N ASN A 32 68.40 1.57 18.70
CA ASN A 32 68.94 2.66 19.51
C ASN A 32 68.26 3.98 19.17
N TYR A 33 68.08 4.81 20.19
CA TYR A 33 67.67 6.20 19.99
C TYR A 33 68.79 6.99 19.35
N MET A 34 68.52 7.53 18.16
CA MET A 34 69.47 8.36 17.45
C MET A 34 68.99 9.81 17.45
N THR A 35 69.88 10.74 17.77
CA THR A 35 69.59 12.16 17.71
C THR A 35 70.44 12.81 16.63
N TRP A 36 69.82 13.67 15.83
CA TRP A 36 70.52 14.33 14.73
C TRP A 36 70.82 15.76 15.18
N ALA A 37 71.89 15.91 15.95
CA ALA A 37 72.17 17.16 16.62
C ALA A 37 72.74 18.21 15.66
N ARG A 38 72.44 19.47 15.97
CA ARG A 38 72.88 20.62 15.19
C ARG A 38 73.51 21.65 16.12
N GLN A 39 74.73 22.08 15.81
CA GLN A 39 75.46 23.03 16.63
C GLN A 39 75.98 24.18 15.78
N ALA A 40 75.61 25.40 16.14
CA ALA A 40 76.15 26.57 15.46
C ALA A 40 77.55 26.88 15.98
N PRO A 41 78.39 27.52 15.17
CA PRO A 41 79.70 27.96 15.67
C PRO A 41 79.62 29.06 16.71
N GLY A 42 78.52 29.80 16.78
CA GLY A 42 78.41 30.92 17.70
C GLY A 42 77.76 30.57 19.02
N LYS A 43 76.76 29.70 19.00
CA LYS A 43 76.02 29.30 20.19
C LYS A 43 76.22 27.81 20.42
N GLY A 44 75.47 27.26 21.38
CA GLY A 44 75.54 25.86 21.70
C GLY A 44 74.68 25.02 20.78
N PRO A 45 74.71 23.70 20.97
CA PRO A 45 73.88 22.81 20.15
C PRO A 45 72.40 22.90 20.46
N GLU A 46 71.60 22.04 19.81
CA GLU A 46 70.17 21.96 20.04
C GLU A 46 69.66 20.63 19.50
N TRP A 47 68.59 20.12 20.10
CA TRP A 47 67.95 18.92 19.58
C TRP A 47 67.14 19.27 18.33
N VAL A 48 67.30 18.48 17.28
CA VAL A 48 66.64 18.71 16.01
C VAL A 48 65.69 17.57 15.65
N SER A 49 66.17 16.33 15.73
CA SER A 49 65.33 15.19 15.41
C SER A 49 65.82 13.98 16.19
N VAL A 50 64.90 13.07 16.48
CA VAL A 50 65.21 11.84 17.21
C VAL A 50 64.41 10.70 16.61
N ILE A 51 65.01 9.52 16.59
CA ILE A 51 64.35 8.30 16.11
C ILE A 51 64.53 7.20 17.16
N TYR A 52 63.42 6.48 17.43
CA TYR A 52 63.21 5.38 18.35
C TYR A 52 63.39 4.04 17.64
N PRO A 53 63.75 2.98 18.38
CA PRO A 53 63.79 1.64 17.76
C PRO A 53 62.45 1.16 17.24
N GLY A 54 61.34 1.59 17.84
CA GLY A 54 60.02 1.16 17.42
C GLY A 54 59.47 1.85 16.20
N GLY A 55 60.21 2.79 15.63
CA GLY A 55 59.76 3.53 14.47
C GLY A 55 59.18 4.90 14.76
N SER A 56 59.28 5.38 15.99
CA SER A 56 58.74 6.68 16.36
C SER A 56 59.79 7.75 16.07
N THR A 57 59.47 8.68 15.18
CA THR A 57 60.36 9.77 14.80
C THR A 57 59.76 11.09 15.24
N PHE A 58 60.61 11.96 15.79
CA PHE A 58 60.19 13.28 16.24
C PHE A 58 61.16 14.33 15.70
N TYR A 59 60.63 15.53 15.47
CA TYR A 59 61.40 16.65 14.95
C TYR A 59 61.25 17.84 15.89
N ALA A 60 62.18 18.78 15.76
CA ALA A 60 62.13 20.01 16.54
C ALA A 60 61.07 20.95 15.96
N ASP A 61 60.90 22.10 16.62
CA ASP A 61 59.86 23.04 16.21
C ASP A 61 60.22 23.76 14.91
N SER A 62 61.50 24.07 14.70
CA SER A 62 61.92 24.81 13.52
C SER A 62 62.26 23.92 12.33
N VAL A 63 62.30 22.60 12.50
CA VAL A 63 62.68 21.68 11.45
C VAL A 63 61.57 20.72 11.06
N LYS A 64 60.43 20.78 11.73
CA LYS A 64 59.34 19.85 11.45
C LYS A 64 58.72 20.13 10.09
N GLY A 65 58.40 19.05 9.37
CA GLY A 65 57.83 19.16 8.04
C GLY A 65 58.83 19.37 6.93
N ARG A 66 60.13 19.44 7.24
CA ARG A 66 61.15 19.66 6.23
C ARG A 66 62.21 18.56 6.26
N PHE A 67 62.41 17.96 7.42
CA PHE A 67 63.42 16.93 7.60
C PHE A 67 62.79 15.54 7.59
N THR A 68 63.55 14.57 7.10
CA THR A 68 63.15 13.17 7.13
C THR A 68 64.30 12.35 7.68
N ILE A 69 64.02 11.55 8.70
CA ILE A 69 65.04 10.73 9.37
C ILE A 69 64.70 9.27 9.13
N SER A 70 65.69 8.51 8.66
CA SER A 70 65.47 7.12 8.28
C SER A 70 66.65 6.27 8.74
N ARG A 71 66.45 4.95 8.74
CA ARG A 71 67.44 4.01 9.22
C ARG A 71 67.62 2.88 8.21
N ASP A 72 68.83 2.33 8.17
CA ASP A 72 69.15 1.15 7.38
C ASP A 72 69.81 0.14 8.32
N SER A 73 69.02 -0.84 8.76
CA SER A 73 69.53 -1.85 9.70
C SER A 73 70.49 -2.82 9.03
N SER A 74 70.21 -3.19 7.77
CA SER A 74 71.12 -4.08 7.05
C SER A 74 72.45 -3.40 6.76
N LYS A 75 72.41 -2.13 6.34
CA LYS A 75 73.63 -1.35 6.14
C LYS A 75 74.08 -0.62 7.38
N ASN A 76 73.22 -0.54 8.41
CA ASN A 76 73.50 0.14 9.68
C ASN A 76 73.90 1.60 9.46
N ILE A 77 73.10 2.32 8.68
CA ILE A 77 73.37 3.71 8.32
C ILE A 77 72.15 4.55 8.65
N LEU A 78 72.37 5.66 9.35
CA LEU A 78 71.29 6.59 9.68
C LEU A 78 71.27 7.70 8.63
N TYR A 79 70.13 7.90 7.98
CA TYR A 79 69.99 8.84 6.87
C TYR A 79 69.14 10.03 7.28
N LEU A 80 69.50 11.20 6.77
CA LEU A 80 68.76 12.43 7.03
C LEU A 80 68.59 13.19 5.71
N GLN A 81 67.36 13.29 5.23
CA GLN A 81 67.05 14.03 4.02
C GLN A 81 66.47 15.39 4.42
N MET A 82 67.13 16.47 3.98
CA MET A 82 66.65 17.82 4.27
C MET A 82 66.15 18.46 3.00
N ASN A 83 64.94 19.03 3.08
CA ASN A 83 64.36 19.80 1.99
C ASN A 83 63.97 21.18 2.53
N SER A 84 63.91 22.15 1.61
CA SER A 84 63.53 23.54 1.89
C SER A 84 64.44 24.16 2.95
N LEU A 85 65.73 24.18 2.65
CA LEU A 85 66.72 24.69 3.58
C LEU A 85 66.72 26.22 3.59
N ARG A 86 67.14 26.78 4.74
CA ARG A 86 67.23 28.21 4.94
C ARG A 86 68.65 28.57 5.38
N VAL A 87 68.86 29.87 5.63
CA VAL A 87 70.17 30.35 6.04
C VAL A 87 70.54 29.84 7.44
N ASP A 88 69.54 29.61 8.30
CA ASP A 88 69.79 29.20 9.67
C ASP A 88 70.35 27.80 9.80
N ASP A 89 70.29 27.00 8.73
CA ASP A 89 70.78 25.61 8.77
C ASP A 89 72.25 25.50 8.37
N THR A 90 73.01 26.57 8.51
CA THR A 90 74.46 26.55 8.30
C THR A 90 75.12 26.33 9.64
N ALA A 91 75.52 25.09 9.91
CA ALA A 91 76.00 24.70 11.24
C ALA A 91 76.88 23.45 11.09
N VAL A 92 77.13 22.77 12.20
CA VAL A 92 77.82 21.49 12.20
C VAL A 92 76.81 20.44 12.66
N TYR A 93 76.67 19.38 11.88
CA TYR A 93 75.66 18.36 12.11
C TYR A 93 76.34 17.10 12.66
N TYR A 94 75.77 16.54 13.72
CA TYR A 94 76.33 15.36 14.36
C TYR A 94 75.26 14.29 14.53
N CYS A 95 75.70 13.04 14.58
CA CYS A 95 74.87 11.94 15.05
C CYS A 95 75.22 11.66 16.50
N ALA A 96 74.20 11.39 17.31
CA ALA A 96 74.39 11.30 18.75
C ALA A 96 73.60 10.14 19.34
N ARG A 97 74.31 9.26 20.04
CA ARG A 97 73.73 8.43 21.10
C ARG A 97 73.86 9.18 22.42
N ASP A 98 72.84 9.97 22.75
CA ASP A 98 72.86 10.66 24.03
C ASP A 98 72.68 9.67 25.16
N LEU A 99 71.50 9.03 25.22
CA LEU A 99 71.17 8.01 26.22
C LEU A 99 71.43 8.51 27.65
N THR A 100 71.04 9.77 27.89
CA THR A 100 71.51 10.49 29.07
C THR A 100 70.84 10.02 30.35
N ILE A 101 69.83 9.14 30.28
CA ILE A 101 69.27 8.59 31.50
C ILE A 101 69.99 7.29 31.88
N ARG A 102 70.68 6.68 30.91
CA ARG A 102 71.35 5.41 31.18
C ARG A 102 72.70 5.63 31.84
N GLY A 103 73.59 6.36 31.18
CA GLY A 103 74.91 6.61 31.75
C GLY A 103 76.09 6.45 30.83
N GLU A 104 75.86 6.33 29.52
CA GLU A 104 76.93 6.37 28.54
C GLU A 104 76.48 7.16 27.33
N ALA A 105 77.43 7.78 26.64
CA ALA A 105 77.12 8.66 25.52
C ALA A 105 78.25 8.62 24.50
N SER A 106 77.88 8.50 23.22
CA SER A 106 78.82 8.57 22.12
C SER A 106 78.29 9.57 21.09
N TRP A 107 79.13 10.53 20.70
CA TRP A 107 78.75 11.58 19.77
C TRP A 107 79.61 11.49 18.52
N GLY A 108 78.98 11.69 17.37
CA GLY A 108 79.68 11.62 16.10
C GLY A 108 80.53 12.85 15.83
N GLN A 109 81.43 12.70 14.86
CA GLN A 109 82.32 13.79 14.50
C GLN A 109 81.58 14.90 13.76
N GLY A 110 80.61 14.54 12.92
CA GLY A 110 79.77 15.51 12.26
C GLY A 110 80.38 16.07 10.99
N THR A 111 79.55 16.77 10.23
CA THR A 111 79.94 17.43 8.99
C THR A 111 79.47 18.88 9.04
N LEU A 112 80.30 19.78 8.53
CA LEU A 112 79.97 21.21 8.50
C LEU A 112 79.03 21.45 7.33
N VAL A 113 77.73 21.53 7.62
CA VAL A 113 76.72 21.75 6.59
C VAL A 113 76.58 23.25 6.37
N THR A 114 76.85 23.69 5.15
CA THR A 114 76.80 25.10 4.78
C THR A 114 75.65 25.32 3.80
N VAL A 115 74.73 26.21 4.17
CA VAL A 115 73.60 26.58 3.33
C VAL A 115 73.71 28.07 3.04
N SER A 116 74.03 28.40 1.79
CA SER A 116 74.13 29.79 1.36
C SER A 116 73.97 29.85 -0.15
N SER A 117 73.70 31.05 -0.64
CA SER A 117 73.53 31.27 -2.07
C SER A 117 74.27 32.53 -2.53
N GLU B 1 59.85 24.68 25.70
CA GLU B 1 60.71 23.86 26.54
C GLU B 1 61.66 24.74 27.37
N ILE B 2 62.42 24.10 28.25
CA ILE B 2 63.27 24.81 29.20
C ILE B 2 64.53 25.29 28.48
N VAL B 3 64.80 26.58 28.55
CA VAL B 3 66.00 27.19 27.99
C VAL B 3 66.78 27.78 29.16
N MET B 4 68.03 27.35 29.32
CA MET B 4 68.81 27.67 30.50
C MET B 4 69.85 28.75 30.21
N THR B 5 70.38 29.32 31.28
CA THR B 5 71.52 30.22 31.24
C THR B 5 72.64 29.62 32.07
N GLN B 6 73.84 29.57 31.50
CA GLN B 6 75.02 29.07 32.19
C GLN B 6 75.88 30.28 32.58
N SER B 7 75.84 30.63 33.86
CA SER B 7 76.51 31.82 34.36
C SER B 7 77.56 31.46 35.39
N PRO B 8 78.73 32.12 35.38
CA PRO B 8 79.17 33.16 34.43
C PRO B 8 79.68 32.59 33.12
N ALA B 9 79.62 33.35 32.03
CA ALA B 9 80.07 32.90 30.73
C ALA B 9 81.50 33.35 30.42
N THR B 10 82.16 34.02 31.35
CA THR B 10 83.54 34.49 31.18
C THR B 10 84.47 33.79 32.16
N LEU B 11 84.29 32.47 32.31
CA LEU B 11 85.07 31.71 33.28
C LEU B 11 86.52 31.60 32.85
N ALA B 12 87.43 31.79 33.81
CA ALA B 12 88.86 31.72 33.55
C ALA B 12 89.56 31.36 34.86
N VAL B 13 90.01 30.11 34.96
CA VAL B 13 90.70 29.62 36.15
C VAL B 13 92.08 29.10 35.75
N SER B 14 93.07 29.39 36.58
CA SER B 14 94.43 28.92 36.31
C SER B 14 94.51 27.41 36.51
N PRO B 15 95.43 26.73 35.83
CA PRO B 15 95.61 25.29 36.04
C PRO B 15 96.06 24.98 37.46
N GLY B 16 95.58 23.85 37.98
CA GLY B 16 95.89 23.47 39.35
C GLY B 16 95.05 24.15 40.40
N GLU B 17 93.84 24.60 40.05
CA GLU B 17 92.96 25.30 40.98
C GLU B 17 91.56 24.73 40.90
N ARG B 18 90.80 24.93 41.97
CA ARG B 18 89.40 24.52 42.01
C ARG B 18 88.57 25.41 41.08
N ALA B 19 87.60 24.80 40.41
CA ALA B 19 86.74 25.50 39.46
C ALA B 19 85.28 25.31 39.85
N THR B 20 84.48 26.36 39.61
CA THR B 20 83.08 26.38 39.99
C THR B 20 82.23 26.88 38.84
N LEU B 21 81.14 26.17 38.55
CA LEU B 21 80.18 26.60 37.55
C LEU B 21 78.76 26.33 38.06
N SER B 22 77.83 27.12 37.56
CA SER B 22 76.43 27.03 37.98
C SER B 22 75.53 27.12 36.76
N CYS B 23 74.35 26.52 36.85
CA CYS B 23 73.36 26.55 35.77
C CYS B 23 71.99 26.85 36.36
N ARG B 24 71.26 27.76 35.72
CA ARG B 24 69.93 28.14 36.15
C ARG B 24 68.92 27.70 35.10
N ALA B 25 67.90 26.98 35.53
CA ALA B 25 66.87 26.47 34.64
C ALA B 25 65.71 27.45 34.56
N SER B 26 65.07 27.49 33.38
CA SER B 26 63.90 28.33 33.21
C SER B 26 62.69 27.76 33.96
N GLU B 27 62.45 26.47 33.82
CA GLU B 27 61.37 25.78 34.50
C GLU B 27 61.94 24.67 35.39
N SER B 28 61.06 23.86 35.95
CA SER B 28 61.46 22.74 36.79
C SER B 28 61.28 21.44 36.01
N PHE B 29 62.32 20.62 36.01
CA PHE B 29 62.28 19.30 35.39
C PHE B 29 62.40 18.22 36.47
N ASN B 30 62.50 16.97 36.04
CA ASN B 30 62.57 15.86 36.99
C ASN B 30 64.00 15.54 37.42
N SER B 31 64.72 16.58 37.84
CA SER B 31 66.07 16.48 38.39
C SER B 31 67.03 15.78 37.42
N ASN B 32 66.88 16.08 36.14
CA ASN B 32 67.67 15.46 35.07
C ASN B 32 68.50 16.54 34.40
N LEU B 33 69.72 16.74 34.91
CA LEU B 33 70.64 17.72 34.36
C LEU B 33 71.93 17.00 33.98
N ALA B 34 72.49 17.37 32.83
CA ALA B 34 73.62 16.68 32.24
C ALA B 34 74.73 17.69 31.96
N TRP B 35 75.87 17.54 32.63
CA TRP B 35 77.01 18.41 32.41
C TRP B 35 77.90 17.84 31.31
N TYR B 36 77.95 18.56 30.19
CA TYR B 36 78.64 18.21 28.95
C TYR B 36 79.96 18.96 28.84
N GLN B 37 80.98 18.28 28.30
CA GLN B 37 82.26 18.89 27.94
C GLN B 37 82.48 18.72 26.44
N GLN B 38 82.51 19.84 25.72
CA GLN B 38 82.86 19.86 24.31
C GLN B 38 84.20 20.57 24.16
N LYS B 39 85.22 19.82 23.74
CA LYS B 39 86.50 20.41 23.43
C LYS B 39 86.44 21.10 22.07
N PRO B 40 87.30 22.08 21.82
CA PRO B 40 87.34 22.72 20.51
C PRO B 40 87.74 21.73 19.41
N GLY B 41 86.93 21.69 18.36
CA GLY B 41 87.16 20.73 17.29
C GLY B 41 86.86 19.30 17.65
N GLN B 42 86.03 19.07 18.65
CA GLN B 42 85.73 17.72 19.13
C GLN B 42 84.23 17.55 19.33
N ALA B 43 83.79 16.30 19.28
CA ALA B 43 82.43 15.97 19.65
C ALA B 43 82.24 16.17 21.16
N PRO B 44 81.06 16.65 21.58
CA PRO B 44 80.80 16.81 23.01
C PRO B 44 80.81 15.46 23.74
N ARG B 45 81.39 15.48 24.94
CA ARG B 45 81.47 14.30 25.80
C ARG B 45 80.97 14.70 27.18
N LEU B 46 80.03 13.93 27.72
CA LEU B 46 79.43 14.28 29.00
C LEU B 46 80.40 14.05 30.15
N LEU B 47 80.27 14.88 31.19
CA LEU B 47 80.94 14.62 32.45
C LEU B 47 79.96 14.04 33.47
N ILE B 48 78.85 14.74 33.73
CA ILE B 48 78.03 14.47 34.92
C ILE B 48 76.62 14.09 34.50
N TYR B 49 76.16 12.94 34.96
CA TYR B 49 74.80 12.44 34.77
C TYR B 49 73.92 12.78 35.97
N GLY B 50 72.75 13.36 35.68
CA GLY B 50 71.75 13.65 36.68
C GLY B 50 72.16 14.70 37.69
N ALA B 51 73.23 15.45 37.38
CA ALA B 51 73.86 16.43 38.26
C ALA B 51 74.30 15.84 39.60
N SER B 52 74.47 14.52 39.69
CA SER B 52 74.96 13.89 40.91
C SER B 52 75.91 12.73 40.68
N THR B 53 76.16 12.33 39.43
CA THR B 53 76.95 11.14 39.13
C THR B 53 77.77 11.39 37.88
N ARG B 54 79.02 10.95 37.89
CA ARG B 54 79.93 11.18 36.77
C ARG B 54 79.66 10.19 35.64
N ALA B 55 80.51 10.19 34.63
CA ALA B 55 80.34 9.38 33.43
C ALA B 55 81.48 8.36 33.33
N SER B 56 81.51 7.63 32.22
CA SER B 56 82.51 6.59 32.02
C SER B 56 83.85 7.19 31.64
N ASP B 57 84.91 6.68 32.28
CA ASP B 57 86.31 7.12 32.07
C ASP B 57 86.45 8.63 32.30
N VAL B 58 85.82 9.12 33.35
CA VAL B 58 85.84 10.53 33.73
C VAL B 58 86.55 10.64 35.08
N PRO B 59 87.44 11.60 35.28
CA PRO B 59 88.11 11.74 36.58
C PRO B 59 87.12 12.12 37.68
N ALA B 60 87.50 11.77 38.91
CA ALA B 60 86.62 11.95 40.07
C ALA B 60 86.62 13.38 40.59
N ARG B 61 87.38 14.29 39.98
CA ARG B 61 87.39 15.67 40.42
C ARG B 61 86.07 16.38 40.15
N PHE B 62 85.34 15.96 39.12
CA PHE B 62 84.09 16.61 38.77
C PHE B 62 82.96 16.09 39.65
N SER B 63 82.27 17.01 40.31
CA SER B 63 81.18 16.67 41.21
C SER B 63 79.98 17.57 40.92
N GLY B 64 78.79 17.02 41.05
CA GLY B 64 77.55 17.76 40.84
C GLY B 64 76.77 17.86 42.14
N SER B 65 76.03 18.97 42.28
CA SER B 65 75.19 19.16 43.46
C SER B 65 74.02 20.07 43.09
N GLY B 66 73.00 20.03 43.94
CA GLY B 66 71.82 20.86 43.76
C GLY B 66 70.71 20.14 43.01
N SER B 67 69.49 20.62 43.24
CA SER B 67 68.31 20.08 42.57
C SER B 67 67.29 21.19 42.39
N GLY B 68 66.46 21.04 41.36
CA GLY B 68 65.41 22.00 41.08
C GLY B 68 65.77 22.96 39.96
N THR B 69 66.09 24.21 40.32
CA THR B 69 66.46 25.22 39.35
C THR B 69 67.88 25.74 39.53
N GLU B 70 68.54 25.45 40.65
CA GLU B 70 69.90 25.87 40.90
C GLU B 70 70.78 24.63 41.03
N PHE B 71 71.90 24.63 40.31
CA PHE B 71 72.81 23.48 40.27
C PHE B 71 74.25 23.98 40.33
N THR B 72 75.14 23.08 40.72
CA THR B 72 76.55 23.42 40.88
C THR B 72 77.42 22.29 40.36
N LEU B 73 78.32 22.61 39.43
CA LEU B 73 79.36 21.70 38.97
C LEU B 73 80.71 22.18 39.49
N THR B 74 81.45 21.30 40.13
CA THR B 74 82.70 21.63 40.78
C THR B 74 83.82 20.76 40.24
N ILE B 75 84.91 21.40 39.81
CA ILE B 75 86.14 20.70 39.43
C ILE B 75 87.13 20.88 40.57
N SER B 76 87.64 19.77 41.10
CA SER B 76 88.53 19.82 42.26
C SER B 76 89.90 20.39 41.87
N SER B 77 90.47 19.91 40.78
CA SER B 77 91.83 20.32 40.39
C SER B 77 91.94 20.22 38.88
N VAL B 78 91.82 21.36 38.19
CA VAL B 78 91.94 21.39 36.73
C VAL B 78 93.43 21.30 36.39
N GLN B 79 93.80 20.28 35.61
CA GLN B 79 95.21 20.06 35.24
C GLN B 79 95.32 19.87 33.73
N SER B 80 95.38 20.99 33.00
CA SER B 80 95.82 21.10 31.62
C SER B 80 94.98 20.30 30.62
N GLU B 81 93.84 19.75 31.02
CA GLU B 81 93.02 18.98 30.09
C GLU B 81 91.53 19.23 30.18
N ASP B 82 91.03 19.87 31.24
CA ASP B 82 89.59 20.07 31.40
C ASP B 82 89.13 21.45 30.94
N PHE B 83 90.02 22.28 30.41
CA PHE B 83 89.65 23.59 29.89
C PHE B 83 88.94 23.41 28.56
N ALA B 84 87.61 23.38 28.58
CA ALA B 84 86.83 23.22 27.36
C ALA B 84 85.49 23.92 27.55
N VAL B 85 84.54 23.63 26.66
CA VAL B 85 83.22 24.24 26.69
C VAL B 85 82.31 23.39 27.55
N TYR B 86 81.58 24.02 28.46
CA TYR B 86 80.71 23.31 29.39
C TYR B 86 79.26 23.62 29.07
N TYR B 87 78.43 22.58 29.02
CA TYR B 87 77.00 22.72 28.80
C TYR B 87 76.24 22.07 29.95
N CYS B 88 75.03 22.57 30.21
CA CYS B 88 74.11 21.94 31.16
C CYS B 88 72.82 21.62 30.42
N GLN B 89 72.80 20.44 29.79
CA GLN B 89 71.61 19.94 29.12
C GLN B 89 70.56 19.55 30.15
N GLN B 90 69.28 19.68 29.78
CA GLN B 90 68.17 19.33 30.67
C GLN B 90 67.33 18.25 30.00
N TYR B 91 67.61 16.99 30.33
CA TYR B 91 66.82 15.88 29.78
C TYR B 91 65.66 15.50 30.69
N GLY B 92 64.90 16.50 31.12
CA GLY B 92 63.71 16.22 31.91
C GLY B 92 62.60 15.62 31.09
N ASP B 93 62.56 15.93 29.79
CA ASP B 93 61.62 15.35 28.86
C ASP B 93 62.38 14.62 27.76
N TRP B 94 63.37 13.81 28.17
CA TRP B 94 64.27 13.15 27.25
C TRP B 94 63.50 12.24 26.29
N PRO B 95 63.86 12.20 25.00
CA PRO B 95 65.00 12.86 24.34
C PRO B 95 64.77 14.30 23.90
N LEU B 96 63.74 14.99 24.37
CA LEU B 96 63.53 16.39 24.03
C LEU B 96 64.24 17.24 25.09
N TRP B 97 65.46 17.67 24.77
CA TRP B 97 66.30 18.43 25.68
C TRP B 97 66.84 19.66 24.96
N THR B 98 67.58 20.48 25.70
CA THR B 98 68.17 21.70 25.15
C THR B 98 69.61 21.83 25.65
N PHE B 99 70.52 22.19 24.74
CA PHE B 99 71.91 22.45 25.09
C PHE B 99 72.07 23.89 25.57
N GLY B 100 73.30 24.26 25.91
CA GLY B 100 73.62 25.58 26.40
C GLY B 100 73.99 26.56 25.31
N GLN B 101 74.88 27.49 25.63
CA GLN B 101 75.34 28.54 24.73
C GLN B 101 76.82 28.44 24.44
N GLY B 102 77.64 28.21 25.46
CA GLY B 102 79.08 28.14 25.32
C GLY B 102 79.79 28.83 26.46
N THR B 103 80.68 28.10 27.12
CA THR B 103 81.33 28.54 28.36
C THR B 103 82.81 28.22 28.32
N LYS B 104 83.49 28.67 27.25
CA LYS B 104 84.92 28.46 27.07
C LYS B 104 85.72 28.95 28.28
N VAL B 105 86.40 28.03 28.94
CA VAL B 105 87.19 28.34 30.13
C VAL B 105 88.62 28.61 29.68
N GLU B 106 89.10 29.81 29.99
CA GLU B 106 90.42 30.25 29.57
C GLU B 106 91.45 30.01 30.66
N ILE B 107 92.72 29.96 30.25
CA ILE B 107 93.82 29.75 31.18
C ILE B 107 94.19 31.06 31.86
N GLN C 14 17.67 -12.35 -63.32
CA GLN C 14 17.05 -11.36 -64.20
C GLN C 14 15.77 -10.80 -63.58
N CYS C 15 14.97 -10.12 -64.40
CA CYS C 15 13.72 -9.53 -63.94
C CYS C 15 12.82 -9.30 -65.13
N VAL C 16 11.52 -9.53 -64.94
CA VAL C 16 10.51 -9.24 -65.95
C VAL C 16 9.63 -8.12 -65.40
N ASN C 17 9.65 -6.98 -66.08
CA ASN C 17 8.77 -5.86 -65.78
C ASN C 17 8.07 -5.45 -67.07
N LEU C 18 6.76 -5.31 -67.01
CA LEU C 18 5.97 -4.98 -68.19
C LEU C 18 5.57 -3.51 -68.15
N ILE C 19 5.91 -2.79 -69.22
CA ILE C 19 5.45 -1.42 -69.37
C ILE C 19 3.94 -1.40 -69.59
N THR C 20 3.41 -2.41 -70.27
CA THR C 20 1.97 -2.53 -70.53
C THR C 20 1.28 -2.97 -69.24
N ARG C 21 1.06 -2.02 -68.35
CA ARG C 21 0.37 -2.24 -67.09
C ARG C 21 -0.96 -1.51 -67.11
N THR C 22 -2.04 -2.24 -66.88
CA THR C 22 -3.38 -1.64 -66.88
C THR C 22 -4.30 -2.39 -65.92
N GLN C 26 -12.05 -2.43 -56.78
CA GLN C 26 -11.57 -3.65 -57.40
C GLN C 26 -12.55 -4.80 -57.14
N SER C 27 -13.75 -4.66 -57.73
CA SER C 27 -14.80 -5.67 -57.74
C SER C 27 -15.11 -6.20 -56.34
N TYR C 28 -15.57 -5.30 -55.48
CA TYR C 28 -15.76 -5.61 -54.07
C TYR C 28 -16.94 -6.57 -53.89
N THR C 29 -16.90 -7.33 -52.80
CA THR C 29 -17.99 -8.22 -52.46
C THR C 29 -18.08 -8.32 -50.94
N ASN C 30 -18.94 -9.21 -50.46
CA ASN C 30 -19.30 -9.28 -49.05
C ASN C 30 -18.79 -10.58 -48.43
N SER C 31 -18.12 -10.45 -47.29
CA SER C 31 -17.67 -11.58 -46.50
C SER C 31 -18.62 -11.73 -45.31
N PHE C 32 -19.43 -12.80 -45.32
CA PHE C 32 -20.50 -12.96 -44.33
C PHE C 32 -19.99 -13.57 -43.03
N THR C 33 -19.57 -14.84 -43.08
CA THR C 33 -19.22 -15.61 -41.89
C THR C 33 -17.89 -16.33 -42.08
N ARG C 34 -16.88 -15.62 -42.57
CA ARG C 34 -15.58 -16.22 -42.80
C ARG C 34 -14.55 -15.64 -41.83
N GLY C 35 -13.41 -16.32 -41.73
CA GLY C 35 -12.31 -15.86 -40.93
C GLY C 35 -12.50 -16.06 -39.43
N VAL C 36 -12.66 -17.31 -39.01
CA VAL C 36 -12.78 -17.65 -37.60
C VAL C 36 -11.81 -18.78 -37.29
N TYR C 37 -10.97 -18.58 -36.28
CA TYR C 37 -9.91 -19.52 -35.93
C TYR C 37 -9.94 -19.80 -34.44
N TYR C 38 -9.27 -20.88 -34.06
CA TYR C 38 -9.12 -21.21 -32.64
C TYR C 38 -8.24 -20.16 -31.96
N PRO C 39 -8.68 -19.59 -30.84
CA PRO C 39 -7.91 -18.47 -30.25
C PRO C 39 -6.57 -18.91 -29.68
N ASP C 40 -6.53 -20.03 -28.98
CA ASP C 40 -5.29 -20.59 -28.43
C ASP C 40 -5.47 -22.09 -28.24
N LYS C 41 -4.53 -22.70 -27.53
CA LYS C 41 -4.49 -24.15 -27.36
C LYS C 41 -5.20 -24.53 -26.07
N VAL C 42 -6.52 -24.68 -26.14
CA VAL C 42 -7.29 -25.22 -25.02
C VAL C 42 -8.49 -25.96 -25.60
N PHE C 43 -8.83 -27.09 -24.96
CA PHE C 43 -9.97 -27.91 -25.35
C PHE C 43 -11.07 -27.70 -24.32
N ARG C 44 -12.12 -27.00 -24.73
CA ARG C 44 -13.27 -26.72 -23.89
C ARG C 44 -14.49 -27.31 -24.57
N SER C 45 -15.37 -27.93 -23.78
CA SER C 45 -16.49 -28.70 -24.31
C SER C 45 -17.81 -28.16 -23.81
N SER C 46 -18.74 -27.93 -24.73
CA SER C 46 -20.14 -27.55 -24.45
C SER C 46 -20.24 -26.30 -23.60
N VAL C 47 -19.36 -25.33 -23.88
CA VAL C 47 -19.34 -24.05 -23.17
C VAL C 47 -19.33 -22.92 -24.19
N LEU C 48 -19.48 -21.70 -23.68
CA LEU C 48 -19.44 -20.50 -24.50
C LEU C 48 -18.65 -19.43 -23.77
N HIS C 49 -17.74 -18.76 -24.47
CA HIS C 49 -16.95 -17.71 -23.87
C HIS C 49 -16.51 -16.73 -24.96
N SER C 50 -16.16 -15.52 -24.52
CA SER C 50 -15.79 -14.43 -25.41
C SER C 50 -14.32 -14.06 -25.19
N THR C 51 -13.65 -13.73 -26.30
CA THR C 51 -12.27 -13.31 -26.27
C THR C 51 -12.11 -11.98 -27.00
N GLN C 52 -11.36 -11.06 -26.40
CA GLN C 52 -10.92 -9.86 -27.10
C GLN C 52 -9.80 -10.23 -28.05
N ASP C 53 -10.12 -10.53 -29.30
CA ASP C 53 -9.16 -11.08 -30.25
C ASP C 53 -9.25 -10.37 -31.58
N LEU C 54 -8.17 -10.51 -32.35
CA LEU C 54 -8.02 -9.90 -33.66
C LEU C 54 -8.61 -10.85 -34.69
N PHE C 55 -9.84 -10.59 -35.12
CA PHE C 55 -10.55 -11.47 -36.04
C PHE C 55 -10.89 -10.71 -37.33
N LEU C 56 -11.62 -11.37 -38.22
CA LEU C 56 -12.19 -10.74 -39.40
C LEU C 56 -13.63 -10.36 -39.10
N PRO C 57 -14.00 -9.09 -39.24
CA PRO C 57 -15.38 -8.68 -38.93
C PRO C 57 -16.41 -9.30 -39.85
N PHE C 58 -17.59 -9.54 -39.31
CA PHE C 58 -18.68 -10.13 -40.07
C PHE C 58 -19.23 -9.14 -41.09
N PHE C 59 -19.64 -9.69 -42.25
CA PHE C 59 -20.26 -8.93 -43.33
C PHE C 59 -19.38 -7.77 -43.79
N SER C 60 -18.09 -8.04 -43.92
CA SER C 60 -17.15 -6.98 -44.28
C SER C 60 -17.03 -6.85 -45.80
N ASN C 61 -16.46 -5.73 -46.22
CA ASN C 61 -16.20 -5.47 -47.63
C ASN C 61 -14.86 -6.12 -47.98
N VAL C 62 -14.91 -7.17 -48.80
CA VAL C 62 -13.72 -7.96 -49.14
C VAL C 62 -13.42 -7.76 -50.62
N THR C 63 -12.14 -7.53 -50.93
CA THR C 63 -11.71 -7.25 -52.28
C THR C 63 -11.53 -8.56 -53.05
N TRP C 64 -12.30 -8.73 -54.12
CA TRP C 64 -12.14 -9.83 -55.05
C TRP C 64 -11.39 -9.31 -56.27
N PHE C 65 -10.21 -9.87 -56.53
CA PHE C 65 -9.38 -9.35 -57.60
C PHE C 65 -9.91 -9.79 -58.96
N HIS C 66 -9.15 -9.49 -60.01
CA HIS C 66 -9.57 -9.74 -61.39
C HIS C 66 -9.70 -11.23 -61.65
N ALA C 67 -10.94 -11.68 -61.83
CA ALA C 67 -11.26 -13.10 -61.80
C ALA C 67 -10.96 -13.83 -63.10
N ILE C 68 -9.75 -13.66 -63.63
CA ILE C 68 -9.23 -14.42 -64.75
C ILE C 68 -7.82 -14.87 -64.39
N HIS C 69 -7.53 -16.15 -64.62
CA HIS C 69 -6.23 -16.77 -64.34
C HIS C 69 -5.82 -16.63 -62.87
N LYS C 77 -1.54 -14.10 -70.16
CA LYS C 77 -2.71 -13.25 -70.30
C LYS C 77 -2.90 -12.26 -69.14
N ARG C 78 -2.75 -12.71 -67.88
CA ARG C 78 -3.01 -11.87 -66.72
C ARG C 78 -1.80 -11.85 -65.81
N PHE C 79 -1.23 -10.66 -65.60
CA PHE C 79 0.05 -10.52 -64.91
C PHE C 79 0.09 -9.12 -64.29
N ASP C 80 -0.24 -9.02 -63.01
CA ASP C 80 -0.41 -7.74 -62.33
C ASP C 80 0.66 -7.54 -61.26
N ASN C 81 0.92 -6.26 -60.96
CA ASN C 81 1.88 -5.85 -59.93
C ASN C 81 1.22 -4.87 -58.97
N PRO C 82 0.33 -5.34 -58.08
CA PRO C 82 -0.28 -4.43 -57.12
C PRO C 82 0.59 -4.23 -55.89
N ALA C 83 0.08 -3.48 -54.93
CA ALA C 83 0.76 -3.28 -53.64
C ALA C 83 -0.26 -3.52 -52.54
N LEU C 84 -0.07 -4.60 -51.78
CA LEU C 84 -1.01 -4.96 -50.73
C LEU C 84 -0.39 -4.65 -49.38
N PRO C 85 -0.87 -3.64 -48.66
CA PRO C 85 -0.26 -3.26 -47.37
C PRO C 85 -0.62 -4.27 -46.28
N PHE C 86 0.38 -4.99 -45.80
CA PHE C 86 0.19 -5.86 -44.65
C PHE C 86 -0.05 -5.03 -43.40
N ASN C 87 -1.09 -5.38 -42.65
CA ASN C 87 -1.43 -4.62 -41.44
C ASN C 87 -2.12 -5.54 -40.43
N ASP C 88 -1.42 -5.79 -39.32
CA ASP C 88 -1.82 -6.66 -38.20
C ASP C 88 -2.54 -7.93 -38.66
N GLY C 89 -1.84 -8.70 -39.49
CA GLY C 89 -2.39 -9.96 -39.97
C GLY C 89 -3.26 -9.79 -41.19
N VAL C 90 -3.26 -10.81 -42.06
CA VAL C 90 -4.02 -10.78 -43.30
C VAL C 90 -4.72 -12.12 -43.47
N TYR C 91 -6.00 -12.08 -43.82
CA TYR C 91 -6.78 -13.28 -44.12
C TYR C 91 -6.81 -13.47 -45.63
N PHE C 92 -6.18 -14.54 -46.12
CA PHE C 92 -6.16 -14.85 -47.54
C PHE C 92 -7.03 -16.08 -47.78
N ALA C 93 -7.78 -16.05 -48.88
CA ALA C 93 -8.60 -17.21 -49.25
C ALA C 93 -8.84 -17.15 -50.75
N SER C 94 -8.67 -18.28 -51.43
CA SER C 94 -8.85 -18.33 -52.88
C SER C 94 -9.18 -19.76 -53.28
N THR C 95 -10.43 -19.97 -53.70
CA THR C 95 -10.81 -21.26 -54.25
C THR C 95 -10.33 -21.37 -55.70
N GLU C 96 -9.37 -22.25 -55.93
CA GLU C 96 -8.68 -22.32 -57.20
C GLU C 96 -8.01 -23.68 -57.32
N LYS C 97 -7.86 -24.14 -58.56
CA LYS C 97 -7.12 -25.35 -58.85
C LYS C 97 -5.81 -25.01 -59.54
N SER C 98 -4.98 -26.05 -59.69
CA SER C 98 -3.69 -26.08 -60.38
C SER C 98 -2.59 -25.34 -59.62
N ASN C 99 -2.95 -24.63 -58.56
CA ASN C 99 -2.06 -23.95 -57.62
C ASN C 99 -0.99 -23.11 -58.32
N ILE C 100 -1.41 -22.22 -59.22
CA ILE C 100 -0.48 -21.34 -59.92
C ILE C 100 0.07 -20.34 -58.92
N ILE C 101 -0.76 -19.91 -57.98
CA ILE C 101 -0.36 -18.98 -56.94
C ILE C 101 0.36 -19.77 -55.84
N ARG C 102 1.63 -19.42 -55.59
CA ARG C 102 2.41 -20.23 -54.67
C ARG C 102 3.27 -19.44 -53.68
N GLY C 103 3.66 -18.22 -54.03
CA GLY C 103 4.67 -17.52 -53.27
C GLY C 103 4.11 -16.56 -52.23
N TRP C 104 4.97 -16.18 -51.29
CA TRP C 104 4.59 -15.21 -50.26
C TRP C 104 5.80 -14.35 -49.93
N ILE C 105 5.70 -13.05 -50.18
CA ILE C 105 6.79 -12.10 -49.96
C ILE C 105 6.34 -11.12 -48.89
N PHE C 106 7.18 -10.92 -47.87
CA PHE C 106 6.86 -10.05 -46.75
C PHE C 106 8.06 -9.14 -46.48
N GLY C 107 7.80 -7.96 -45.95
CA GLY C 107 8.88 -7.08 -45.56
C GLY C 107 8.46 -5.63 -45.58
N THR C 108 9.45 -4.76 -45.37
CA THR C 108 9.24 -3.31 -45.35
C THR C 108 9.51 -2.67 -46.70
N THR C 109 10.75 -2.78 -47.20
CA THR C 109 11.12 -2.19 -48.48
C THR C 109 11.63 -3.20 -49.51
N LEU C 110 12.16 -4.35 -49.07
CA LEU C 110 12.64 -5.42 -49.96
C LEU C 110 13.72 -4.95 -50.94
N ASP C 111 14.56 -4.00 -50.52
CA ASP C 111 15.55 -3.39 -51.40
C ASP C 111 16.90 -3.24 -50.71
N SER C 112 17.34 -4.31 -50.03
CA SER C 112 18.65 -4.42 -49.38
C SER C 112 18.86 -3.38 -48.28
N LYS C 113 17.80 -2.76 -47.79
CA LYS C 113 17.89 -1.77 -46.72
C LYS C 113 17.36 -2.30 -45.40
N THR C 114 16.12 -2.81 -45.40
CA THR C 114 15.51 -3.40 -44.21
C THR C 114 15.26 -4.88 -44.47
N GLN C 115 15.04 -5.61 -43.37
CA GLN C 115 14.94 -7.06 -43.43
C GLN C 115 13.66 -7.50 -44.14
N SER C 116 13.74 -8.63 -44.83
CA SER C 116 12.67 -9.14 -45.66
C SER C 116 12.50 -10.64 -45.42
N LEU C 117 11.33 -11.16 -45.78
CA LEU C 117 10.95 -12.53 -45.50
C LEU C 117 10.34 -13.16 -46.74
N LEU C 118 10.66 -14.43 -46.96
CA LEU C 118 10.28 -15.15 -48.18
C LEU C 118 9.73 -16.52 -47.81
N ILE C 119 8.59 -16.88 -48.40
CA ILE C 119 7.99 -18.22 -48.27
C ILE C 119 7.75 -18.74 -49.68
N VAL C 120 8.28 -19.94 -49.97
CA VAL C 120 7.96 -20.67 -51.19
C VAL C 120 7.33 -21.99 -50.78
N ASN C 121 6.19 -22.31 -51.40
CA ASN C 121 5.33 -23.42 -50.97
C ASN C 121 5.05 -24.37 -52.13
N ASN C 122 6.11 -24.80 -52.81
CA ASN C 122 5.97 -25.70 -53.95
C ASN C 122 5.49 -27.08 -53.51
N ALA C 123 5.27 -27.96 -54.48
CA ALA C 123 4.67 -29.26 -54.21
C ALA C 123 5.61 -30.16 -53.42
N THR C 124 6.92 -30.12 -53.74
CA THR C 124 7.85 -31.01 -53.06
C THR C 124 8.14 -30.55 -51.64
N ASN C 125 8.32 -29.26 -51.43
CA ASN C 125 8.80 -28.75 -50.14
C ASN C 125 8.38 -27.29 -49.99
N VAL C 126 8.68 -26.72 -48.83
CA VAL C 126 8.57 -25.29 -48.60
C VAL C 126 9.91 -24.77 -48.13
N VAL C 127 10.21 -23.51 -48.47
CA VAL C 127 11.42 -22.83 -48.03
C VAL C 127 10.99 -21.54 -47.34
N ILE C 128 11.53 -21.31 -46.15
CA ILE C 128 11.28 -20.10 -45.36
C ILE C 128 12.61 -19.41 -45.13
N LYS C 129 12.71 -18.15 -45.54
CA LYS C 129 13.94 -17.39 -45.42
C LYS C 129 13.65 -16.01 -44.85
N VAL C 130 14.62 -15.45 -44.14
CA VAL C 130 14.63 -14.04 -43.79
C VAL C 130 15.97 -13.46 -44.22
N CYS C 131 15.93 -12.63 -45.26
CA CYS C 131 17.16 -12.14 -45.90
C CYS C 131 16.90 -10.72 -46.41
N GLU C 132 17.79 -10.25 -47.27
CA GLU C 132 17.76 -8.88 -47.82
C GLU C 132 17.63 -8.94 -49.34
N PHE C 133 16.71 -9.76 -49.81
CA PHE C 133 16.57 -10.04 -51.24
C PHE C 133 16.05 -8.83 -52.01
N GLN C 134 16.43 -8.77 -53.29
CA GLN C 134 15.97 -7.73 -54.20
C GLN C 134 14.79 -8.28 -55.00
N PHE C 135 13.63 -8.28 -54.36
CA PHE C 135 12.41 -8.71 -55.04
C PHE C 135 12.04 -7.70 -56.13
N CYS C 136 11.59 -8.23 -57.26
CA CYS C 136 11.28 -7.39 -58.41
C CYS C 136 10.01 -6.58 -58.15
N ASN C 137 9.76 -5.63 -59.05
CA ASN C 137 8.49 -4.93 -59.04
C ASN C 137 7.34 -5.88 -59.31
N ASP C 138 7.54 -6.82 -60.24
CA ASP C 138 6.60 -7.93 -60.47
C ASP C 138 7.42 -9.21 -60.60
N PRO C 139 7.78 -9.82 -59.48
CA PRO C 139 8.56 -11.07 -59.53
C PRO C 139 7.74 -12.20 -60.12
N PHE C 140 8.44 -13.13 -60.78
CA PHE C 140 7.78 -14.26 -61.42
C PHE C 140 8.80 -15.37 -61.63
N LEU C 141 8.36 -16.60 -61.38
CA LEU C 141 9.20 -17.76 -61.63
C LEU C 141 8.33 -18.82 -62.31
N ASP C 142 9.00 -19.67 -63.11
CA ASP C 142 8.50 -20.87 -63.77
C ASP C 142 9.58 -21.39 -64.72
N VAL C 143 9.67 -20.78 -65.90
CA VAL C 143 10.71 -21.11 -66.86
C VAL C 143 11.05 -19.90 -67.73
N TYR C 145 8.37 -25.48 -69.16
CA TYR C 145 8.30 -26.05 -67.82
C TYR C 145 8.09 -27.56 -67.87
N GLN C 146 7.02 -27.99 -68.54
CA GLN C 146 6.77 -29.42 -68.70
C GLN C 146 6.28 -29.75 -70.10
N LYS C 147 6.26 -28.77 -71.00
CA LYS C 147 5.93 -29.03 -72.39
C LYS C 147 7.07 -29.81 -73.03
N ASN C 148 6.74 -30.97 -73.60
CA ASN C 148 7.65 -32.01 -74.10
C ASN C 148 8.53 -32.61 -73.00
N ASN C 149 9.03 -33.83 -73.26
CA ASN C 149 9.94 -34.59 -72.40
C ASN C 149 9.31 -35.07 -71.08
N LYS C 150 8.07 -34.65 -70.82
CA LYS C 150 7.31 -34.96 -69.60
C LYS C 150 8.10 -34.68 -68.32
N SER C 151 8.96 -33.67 -68.36
CA SER C 151 9.95 -33.45 -67.30
C SER C 151 9.96 -31.99 -66.88
N TRP C 152 10.50 -31.73 -65.70
CA TRP C 152 10.60 -30.40 -65.10
C TRP C 152 11.70 -29.56 -65.74
N MET C 153 11.32 -28.69 -66.67
CA MET C 153 12.25 -27.80 -67.40
C MET C 153 12.28 -26.38 -66.86
N GLU C 154 12.88 -26.14 -65.69
CA GLU C 154 13.02 -24.76 -65.24
C GLU C 154 14.18 -24.08 -65.96
N SER C 155 13.97 -22.81 -66.31
CA SER C 155 15.07 -22.00 -66.84
C SER C 155 15.18 -20.64 -66.16
N GLU C 156 14.20 -20.23 -65.34
CA GLU C 156 14.23 -18.92 -64.72
C GLU C 156 13.74 -18.95 -63.28
N PHE C 157 14.66 -19.06 -62.33
CA PHE C 157 14.31 -18.95 -60.92
C PHE C 157 14.45 -17.50 -60.47
N ARG C 158 13.44 -16.69 -60.77
CA ARG C 158 13.52 -15.26 -60.53
C ARG C 158 12.61 -14.84 -59.37
N VAL C 159 13.18 -14.78 -58.17
CA VAL C 159 12.47 -14.19 -57.04
C VAL C 159 13.28 -13.01 -56.52
N TYR C 160 14.61 -13.13 -56.59
CA TYR C 160 15.48 -12.11 -56.04
C TYR C 160 16.57 -11.69 -57.02
N SER C 161 17.13 -12.65 -57.75
CA SER C 161 18.18 -12.49 -58.75
C SER C 161 19.49 -11.90 -58.20
N SER C 162 19.57 -11.62 -56.90
CA SER C 162 20.69 -10.93 -56.28
C SER C 162 20.49 -10.88 -54.78
N ALA C 163 21.54 -10.44 -54.08
CA ALA C 163 21.53 -10.06 -52.66
C ALA C 163 21.11 -11.23 -51.76
N ASN C 164 21.97 -12.26 -51.76
CA ASN C 164 21.82 -13.41 -50.88
C ASN C 164 22.54 -13.24 -49.54
N ASN C 165 22.81 -12.00 -49.14
CA ASN C 165 23.56 -11.74 -47.92
C ASN C 165 22.69 -11.93 -46.69
N CYS C 166 22.67 -13.16 -46.15
CA CYS C 166 21.85 -13.48 -44.98
C CYS C 166 22.33 -14.77 -44.36
N THR C 167 21.83 -15.06 -43.17
CA THR C 167 22.16 -16.28 -42.42
C THR C 167 20.87 -16.80 -41.77
N PHE C 168 20.15 -17.66 -42.48
CA PHE C 168 18.94 -18.27 -41.94
C PHE C 168 18.59 -19.50 -42.78
N GLU C 169 17.92 -20.47 -42.14
CA GLU C 169 17.35 -21.61 -42.83
C GLU C 169 16.14 -22.10 -42.06
N TYR C 170 15.15 -22.61 -42.80
CA TYR C 170 13.94 -23.19 -42.21
C TYR C 170 13.23 -24.08 -43.22
N VAL C 171 12.93 -25.32 -42.83
CA VAL C 171 12.20 -26.26 -43.68
C VAL C 171 11.16 -26.99 -42.85
N SER C 172 10.17 -27.54 -43.53
CA SER C 172 9.09 -28.29 -42.91
C SER C 172 8.41 -29.15 -43.98
N GLN C 173 7.28 -29.75 -43.63
CA GLN C 173 6.49 -30.48 -44.60
C GLN C 173 5.82 -29.51 -45.57
N PRO C 174 5.57 -29.90 -46.82
CA PRO C 174 4.85 -29.02 -47.75
C PRO C 174 3.45 -28.66 -47.24
N PHE C 175 3.12 -27.38 -47.37
CA PHE C 175 1.93 -26.82 -46.73
C PHE C 175 0.65 -27.28 -47.41
N LEU C 176 0.61 -27.22 -48.73
CA LEU C 176 -0.63 -27.39 -49.47
C LEU C 176 -0.99 -28.88 -49.57
N MET C 177 -2.24 -29.14 -49.94
CA MET C 177 -2.70 -30.50 -50.17
C MET C 177 -2.46 -30.86 -51.63
N ASP C 178 -3.16 -31.90 -52.09
CA ASP C 178 -3.13 -32.31 -53.50
C ASP C 178 -3.54 -31.17 -54.42
N LEU C 179 -2.75 -30.97 -55.48
CA LEU C 179 -2.94 -29.87 -56.40
C LEU C 179 -2.84 -30.38 -57.84
N GLU C 180 -2.98 -29.45 -58.79
CA GLU C 180 -3.26 -29.72 -60.21
C GLU C 180 -4.54 -30.52 -60.39
N GLY C 181 -5.56 -30.27 -59.57
CA GLY C 181 -6.81 -30.97 -59.74
C GLY C 181 -7.62 -30.44 -60.90
N LYS C 182 -8.22 -31.36 -61.65
CA LYS C 182 -9.04 -31.00 -62.79
C LYS C 182 -10.44 -31.58 -62.67
N GLU C 183 -11.04 -31.40 -61.50
CA GLU C 183 -12.37 -31.95 -61.24
C GLU C 183 -13.43 -31.20 -62.03
N GLY C 184 -14.56 -31.87 -62.26
CA GLY C 184 -15.66 -31.24 -62.98
C GLY C 184 -16.28 -30.07 -62.22
N ASN C 185 -16.37 -30.19 -60.90
CA ASN C 185 -16.82 -29.12 -60.05
C ASN C 185 -15.64 -28.53 -59.29
N PHE C 186 -15.77 -27.26 -58.91
CA PHE C 186 -14.82 -26.65 -58.00
C PHE C 186 -14.85 -27.38 -56.66
N LYS C 187 -13.66 -27.70 -56.15
CA LYS C 187 -13.56 -28.53 -54.96
C LYS C 187 -12.93 -27.79 -53.79
N ASN C 188 -11.72 -27.26 -53.95
CA ASN C 188 -10.88 -26.88 -52.83
C ASN C 188 -11.00 -25.41 -52.50
N LEU C 189 -11.02 -25.11 -51.21
CA LEU C 189 -10.80 -23.76 -50.71
C LEU C 189 -9.75 -23.83 -49.61
N ARG C 190 -8.72 -23.01 -49.73
CA ARG C 190 -7.57 -23.02 -48.83
C ARG C 190 -7.43 -21.63 -48.22
N GLU C 191 -7.82 -21.48 -46.96
CA GLU C 191 -7.82 -20.18 -46.31
C GLU C 191 -6.77 -20.14 -45.22
N PHE C 192 -5.99 -19.06 -45.20
CA PHE C 192 -4.92 -18.89 -44.23
C PHE C 192 -5.06 -17.52 -43.57
N VAL C 193 -4.60 -17.45 -42.32
CA VAL C 193 -4.52 -16.22 -41.55
C VAL C 193 -3.06 -16.03 -41.15
N PHE C 194 -2.51 -14.87 -41.48
CA PHE C 194 -1.11 -14.56 -41.21
C PHE C 194 -1.11 -13.52 -40.10
N LYS C 195 -0.71 -13.92 -38.89
CA LYS C 195 -0.76 -13.03 -37.73
C LYS C 195 0.67 -12.81 -37.22
N ASN C 196 1.26 -11.67 -37.56
CA ASN C 196 2.59 -11.32 -37.10
C ASN C 196 2.44 -10.50 -35.82
N ILE C 197 2.61 -11.16 -34.67
CA ILE C 197 2.46 -10.51 -33.37
C ILE C 197 3.66 -10.86 -32.50
N ASP C 198 4.14 -9.85 -31.76
CA ASP C 198 5.21 -9.94 -30.74
C ASP C 198 6.47 -10.67 -31.24
N GLY C 199 6.73 -10.59 -32.55
CA GLY C 199 7.84 -11.32 -33.14
C GLY C 199 7.69 -12.82 -33.04
N TYR C 200 6.46 -13.32 -33.10
CA TYR C 200 6.15 -14.73 -32.99
C TYR C 200 5.13 -15.11 -34.06
N PHE C 201 5.43 -14.76 -35.31
CA PHE C 201 4.45 -14.74 -36.40
C PHE C 201 3.87 -16.12 -36.65
N LYS C 202 2.54 -16.20 -36.60
CA LYS C 202 1.82 -17.46 -36.67
C LYS C 202 1.03 -17.57 -37.97
N ILE C 203 0.89 -18.82 -38.43
CA ILE C 203 0.12 -19.12 -39.63
C ILE C 203 -1.01 -20.06 -39.22
N TYR C 204 -2.25 -19.67 -39.53
CA TYR C 204 -3.42 -20.51 -39.33
C TYR C 204 -3.92 -20.96 -40.69
N SER C 205 -4.29 -22.24 -40.79
CA SER C 205 -4.67 -22.82 -42.07
C SER C 205 -5.98 -23.57 -41.95
N LYS C 206 -6.71 -23.63 -43.05
CA LYS C 206 -7.89 -24.48 -43.15
C LYS C 206 -8.10 -24.86 -44.61
N HIS C 207 -8.26 -26.15 -44.84
CA HIS C 207 -8.50 -26.70 -46.17
C HIS C 207 -9.87 -27.36 -46.19
N THR C 208 -10.75 -26.90 -47.08
CA THR C 208 -12.13 -27.37 -47.04
C THR C 208 -12.71 -27.62 -48.42
N PRO C 209 -13.46 -28.72 -48.59
CA PRO C 209 -14.16 -28.96 -49.85
C PRO C 209 -15.56 -28.36 -49.92
N ILE C 210 -15.81 -27.52 -50.93
CA ILE C 210 -17.14 -26.96 -51.18
C ILE C 210 -17.38 -27.02 -52.68
N ASN C 211 -18.58 -27.44 -53.09
CA ASN C 211 -18.97 -27.49 -54.50
C ASN C 211 -20.30 -26.76 -54.66
N LEU C 212 -20.23 -25.45 -54.88
CA LEU C 212 -21.39 -24.70 -55.35
C LEU C 212 -21.04 -23.68 -56.43
N GLU C 213 -19.76 -23.45 -56.69
CA GLU C 213 -19.27 -22.73 -57.89
C GLU C 213 -19.75 -21.28 -57.92
N ARG C 214 -19.81 -20.63 -56.75
CA ARG C 214 -20.25 -19.23 -56.70
C ARG C 214 -19.61 -18.56 -55.49
N ASP C 215 -18.50 -17.84 -55.74
CA ASP C 215 -17.85 -16.91 -54.82
C ASP C 215 -17.62 -17.48 -53.43
N LEU C 216 -17.75 -16.63 -52.41
CA LEU C 216 -17.61 -17.07 -51.03
C LEU C 216 -18.85 -17.83 -50.60
N PRO C 217 -18.73 -19.07 -50.14
CA PRO C 217 -19.91 -19.85 -49.75
C PRO C 217 -20.49 -19.36 -48.43
N GLN C 218 -21.76 -19.72 -48.21
CA GLN C 218 -22.45 -19.43 -46.97
C GLN C 218 -22.33 -20.66 -46.07
N GLY C 219 -21.43 -20.59 -45.09
CA GLY C 219 -21.19 -21.71 -44.21
C GLY C 219 -20.28 -21.30 -43.08
N PHE C 220 -19.84 -22.30 -42.30
CA PHE C 220 -18.99 -22.01 -41.16
C PHE C 220 -18.02 -23.15 -40.91
N SER C 221 -16.76 -22.81 -40.69
CA SER C 221 -15.73 -23.76 -40.30
C SER C 221 -14.63 -22.98 -39.59
N ALA C 222 -13.78 -23.70 -38.86
CA ALA C 222 -12.72 -23.09 -38.08
C ALA C 222 -11.38 -23.18 -38.81
N LEU C 223 -10.41 -22.42 -38.31
CA LEU C 223 -9.06 -22.37 -38.88
C LEU C 223 -8.07 -22.79 -37.81
N GLU C 224 -7.15 -23.68 -38.16
CA GLU C 224 -6.27 -24.24 -37.16
C GLU C 224 -4.82 -23.78 -37.35
N PRO C 225 -4.06 -23.63 -36.25
CA PRO C 225 -2.66 -23.21 -36.38
C PRO C 225 -1.68 -24.38 -36.42
N LEU C 226 -0.57 -24.22 -37.13
CA LEU C 226 0.50 -25.22 -37.05
C LEU C 226 1.91 -24.64 -36.98
N VAL C 227 2.17 -23.41 -37.44
CA VAL C 227 3.53 -22.90 -37.53
C VAL C 227 3.60 -21.54 -36.83
N ASP C 228 4.43 -21.46 -35.79
CA ASP C 228 4.82 -20.20 -35.17
C ASP C 228 6.31 -20.00 -35.43
N LEU C 229 6.67 -18.87 -36.03
CA LEU C 229 8.06 -18.53 -36.27
C LEU C 229 8.47 -17.36 -35.37
N PRO C 230 9.36 -17.59 -34.39
CA PRO C 230 9.84 -16.50 -33.51
C PRO C 230 11.08 -15.77 -34.01
N ILE C 231 10.90 -14.85 -34.95
CA ILE C 231 12.03 -14.08 -35.47
C ILE C 231 11.91 -12.61 -35.07
N GLY C 232 10.86 -11.94 -35.52
CA GLY C 232 10.73 -10.51 -35.31
C GLY C 232 11.20 -9.73 -36.51
N ILE C 233 10.27 -9.22 -37.31
CA ILE C 233 10.60 -8.55 -38.57
C ILE C 233 9.48 -7.60 -38.96
N ASN C 234 9.84 -6.37 -39.33
CA ASN C 234 8.85 -5.37 -39.72
C ASN C 234 8.34 -5.65 -41.12
N ILE C 235 7.05 -5.92 -41.24
CA ILE C 235 6.40 -6.14 -42.53
C ILE C 235 5.28 -5.11 -42.65
N THR C 236 5.46 -4.13 -43.53
CA THR C 236 4.42 -3.15 -43.81
C THR C 236 3.67 -3.43 -45.10
N ARG C 237 4.30 -4.06 -46.08
CA ARG C 237 3.67 -4.45 -47.32
C ARG C 237 4.00 -5.89 -47.61
N PHE C 238 3.01 -6.65 -48.10
CA PHE C 238 3.22 -8.01 -48.51
C PHE C 238 2.63 -8.23 -49.89
N GLN C 239 3.23 -9.14 -50.65
CA GLN C 239 2.70 -9.51 -51.95
C GLN C 239 2.96 -10.98 -52.18
N THR C 240 2.18 -11.57 -53.07
CA THR C 240 2.27 -12.99 -53.37
C THR C 240 2.79 -13.18 -54.80
N LEU C 241 2.83 -14.44 -55.24
CA LEU C 241 3.59 -14.77 -56.43
C LEU C 241 2.89 -15.88 -57.20
N LEU C 242 2.98 -15.80 -58.53
CA LEU C 242 2.37 -16.74 -59.46
C LEU C 242 3.46 -17.62 -60.06
N ALA C 243 3.06 -18.76 -60.63
CA ALA C 243 4.03 -19.59 -61.33
C ALA C 243 3.36 -20.35 -62.47
N LEU C 244 3.33 -19.75 -63.66
CA LEU C 244 3.12 -20.46 -64.92
C LEU C 244 3.57 -19.58 -66.09
N HIS C 245 4.76 -19.84 -66.64
CA HIS C 245 5.26 -18.98 -67.71
C HIS C 245 4.71 -19.41 -69.05
N ARG C 246 3.66 -18.70 -69.51
CA ARG C 246 2.83 -18.95 -70.70
C ARG C 246 2.65 -20.44 -70.99
N SER C 247 2.64 -20.81 -72.27
CA SER C 247 2.57 -22.22 -72.67
C SER C 247 3.96 -22.75 -73.02
N TYR C 248 4.86 -22.65 -72.04
CA TYR C 248 6.31 -22.80 -72.22
C TYR C 248 6.72 -21.92 -73.40
N LEU C 249 7.43 -22.47 -74.38
CA LEU C 249 8.00 -21.74 -75.52
C LEU C 249 8.74 -20.48 -75.05
N THR C 250 9.83 -20.66 -74.31
CA THR C 250 10.57 -19.54 -73.74
C THR C 250 11.48 -18.82 -74.75
N PRO C 251 12.23 -19.51 -75.68
CA PRO C 251 13.04 -18.75 -76.66
C PRO C 251 12.25 -17.76 -77.52
N VAL C 252 11.29 -18.25 -78.29
CA VAL C 252 10.46 -17.38 -79.13
C VAL C 252 9.25 -16.96 -78.34
N ASP C 253 8.62 -15.84 -78.73
CA ASP C 253 7.47 -15.20 -78.06
C ASP C 253 7.60 -15.21 -76.53
N SER C 254 8.71 -14.64 -76.05
CA SER C 254 9.10 -14.80 -74.66
C SER C 254 8.21 -14.05 -73.68
N SER C 255 8.10 -12.73 -73.80
CA SER C 255 7.46 -11.96 -72.73
C SER C 255 6.52 -10.86 -73.21
N SER C 256 5.66 -11.15 -74.18
CA SER C 256 4.61 -10.18 -74.52
C SER C 256 3.31 -10.96 -74.79
N GLY C 257 2.57 -11.24 -73.71
CA GLY C 257 1.25 -11.81 -73.84
C GLY C 257 0.29 -11.43 -72.73
N TRP C 258 0.70 -10.51 -71.85
CA TRP C 258 0.13 -10.41 -70.53
C TRP C 258 -0.33 -8.98 -70.23
N THR C 259 -1.23 -8.87 -69.26
CA THR C 259 -1.73 -7.57 -68.78
C THR C 259 -2.03 -7.67 -67.29
N ALA C 260 -2.25 -6.51 -66.67
CA ALA C 260 -2.33 -6.41 -65.21
C ALA C 260 -3.71 -6.85 -64.71
N GLY C 261 -3.94 -8.15 -64.73
CA GLY C 261 -5.18 -8.73 -64.27
C GLY C 261 -5.05 -10.05 -63.51
N ALA C 262 -3.95 -10.20 -62.76
CA ALA C 262 -3.28 -11.46 -62.48
C ALA C 262 -4.17 -12.67 -62.18
N ALA C 263 -4.92 -12.66 -61.08
CA ALA C 263 -5.58 -13.88 -60.65
C ALA C 263 -6.79 -13.54 -59.77
N ALA C 264 -7.56 -14.58 -59.45
CA ALA C 264 -8.75 -14.47 -58.62
C ALA C 264 -8.40 -14.93 -57.21
N TYR C 265 -8.46 -14.01 -56.25
CA TYR C 265 -8.19 -14.32 -54.86
C TYR C 265 -8.86 -13.28 -53.99
N TYR C 266 -8.97 -13.61 -52.70
CA TYR C 266 -9.70 -12.80 -51.74
C TYR C 266 -8.77 -12.45 -50.58
N VAL C 267 -8.69 -11.16 -50.27
CA VAL C 267 -7.81 -10.64 -49.24
C VAL C 267 -8.64 -9.80 -48.29
N GLY C 268 -8.53 -10.07 -46.98
CA GLY C 268 -9.25 -9.32 -45.99
C GLY C 268 -8.35 -8.94 -44.83
N TYR C 269 -8.76 -7.88 -44.13
CA TYR C 269 -8.01 -7.33 -43.01
C TYR C 269 -8.74 -7.62 -41.70
N LEU C 270 -8.02 -7.46 -40.60
CA LEU C 270 -8.48 -7.93 -39.30
C LEU C 270 -8.57 -6.77 -38.32
N GLN C 271 -9.58 -6.83 -37.44
CA GLN C 271 -9.78 -5.87 -36.38
C GLN C 271 -9.91 -6.60 -35.05
N PRO C 272 -9.42 -6.00 -33.96
CA PRO C 272 -9.59 -6.63 -32.64
C PRO C 272 -10.91 -6.27 -31.96
N ARG C 273 -11.80 -7.24 -31.84
CA ARG C 273 -13.08 -7.07 -31.14
C ARG C 273 -13.39 -8.36 -30.40
N THR C 274 -14.63 -8.50 -29.91
CA THR C 274 -15.03 -9.67 -29.14
C THR C 274 -15.95 -10.54 -29.99
N PHE C 275 -15.64 -11.84 -30.04
CA PHE C 275 -16.23 -12.77 -31.00
C PHE C 275 -16.62 -14.09 -30.33
N LEU C 276 -17.43 -13.99 -29.27
CA LEU C 276 -17.91 -15.12 -28.46
C LEU C 276 -18.34 -16.32 -29.30
N LEU C 277 -17.80 -17.48 -28.94
CA LEU C 277 -17.88 -18.71 -29.74
C LEU C 277 -18.76 -19.73 -29.04
N LYS C 278 -18.80 -20.94 -29.60
CA LYS C 278 -19.62 -22.03 -29.08
C LYS C 278 -18.98 -23.36 -29.47
N TYR C 279 -18.27 -23.97 -28.52
CA TYR C 279 -17.74 -25.31 -28.72
C TYR C 279 -18.84 -26.34 -28.48
N ASN C 280 -19.01 -27.28 -29.41
CA ASN C 280 -20.11 -28.22 -29.28
C ASN C 280 -19.78 -29.41 -28.38
N GLU C 281 -18.92 -30.30 -28.84
CA GLU C 281 -18.60 -31.54 -28.12
C GLU C 281 -17.10 -31.83 -28.09
N ASN C 282 -16.34 -31.30 -29.06
CA ASN C 282 -14.95 -31.70 -29.19
C ASN C 282 -14.08 -30.51 -29.54
N GLY C 283 -14.54 -29.31 -29.20
CA GLY C 283 -13.81 -28.11 -29.55
C GLY C 283 -14.13 -27.62 -30.95
N THR C 284 -14.97 -28.37 -31.66
CA THR C 284 -15.36 -28.01 -33.01
C THR C 284 -16.30 -26.82 -32.98
N ILE C 285 -15.78 -25.63 -33.29
CA ILE C 285 -16.60 -24.43 -33.28
C ILE C 285 -17.51 -24.42 -34.49
N THR C 286 -18.82 -24.36 -34.24
CA THR C 286 -19.80 -24.33 -35.31
C THR C 286 -20.65 -23.07 -35.33
N ASP C 287 -20.53 -22.20 -34.34
CA ASP C 287 -21.30 -20.97 -34.32
C ASP C 287 -20.56 -19.93 -33.49
N ALA C 288 -20.53 -18.69 -33.99
CA ALA C 288 -19.89 -17.59 -33.29
C ALA C 288 -20.72 -16.33 -33.53
N VAL C 289 -20.62 -15.40 -32.58
CA VAL C 289 -21.41 -14.17 -32.62
C VAL C 289 -20.50 -12.97 -32.41
N ASP C 290 -20.53 -12.04 -33.36
CA ASP C 290 -19.86 -10.76 -33.16
C ASP C 290 -20.70 -9.85 -32.28
N CYS C 291 -20.04 -9.11 -31.40
CA CYS C 291 -20.72 -8.21 -30.49
C CYS C 291 -20.69 -6.76 -30.95
N ALA C 292 -20.08 -6.46 -32.09
CA ALA C 292 -20.06 -5.12 -32.64
C ALA C 292 -21.11 -4.90 -33.71
N LEU C 293 -21.92 -5.91 -34.00
CA LEU C 293 -22.97 -5.83 -35.02
C LEU C 293 -24.23 -5.24 -34.38
N ASP C 294 -25.38 -5.42 -35.03
CA ASP C 294 -26.72 -5.00 -34.63
C ASP C 294 -27.00 -5.28 -33.15
N PRO C 295 -27.80 -4.44 -32.48
CA PRO C 295 -27.89 -4.50 -31.02
C PRO C 295 -28.42 -5.81 -30.44
N LEU C 296 -29.12 -6.63 -31.23
CA LEU C 296 -29.48 -7.94 -30.73
C LEU C 296 -28.25 -8.84 -30.56
N SER C 297 -27.23 -8.65 -31.40
CA SER C 297 -26.00 -9.39 -31.21
C SER C 297 -25.25 -8.90 -29.98
N GLU C 298 -25.32 -7.60 -29.69
CA GLU C 298 -24.75 -7.08 -28.45
C GLU C 298 -25.49 -7.61 -27.24
N THR C 299 -26.82 -7.77 -27.35
CA THR C 299 -27.60 -8.37 -26.28
C THR C 299 -27.21 -9.83 -26.06
N LYS C 300 -26.99 -10.57 -27.15
CA LYS C 300 -26.52 -11.94 -27.04
C LYS C 300 -25.14 -12.01 -26.39
N CYS C 301 -24.26 -11.07 -26.75
CA CYS C 301 -22.93 -11.02 -26.15
C CYS C 301 -23.00 -10.71 -24.66
N THR C 302 -23.90 -9.80 -24.27
CA THR C 302 -24.03 -9.44 -22.86
C THR C 302 -24.66 -10.56 -22.05
N LEU C 303 -25.65 -11.25 -22.62
CA LEU C 303 -26.38 -12.28 -21.91
C LEU C 303 -25.65 -13.61 -21.86
N LYS C 304 -24.52 -13.75 -22.58
CA LYS C 304 -23.73 -14.97 -22.65
C LYS C 304 -24.56 -16.16 -23.14
N SER C 305 -25.42 -15.91 -24.12
CA SER C 305 -26.31 -16.94 -24.65
C SER C 305 -26.64 -16.62 -26.10
N PHE C 306 -27.27 -17.58 -26.76
CA PHE C 306 -27.62 -17.44 -28.17
C PHE C 306 -29.08 -17.04 -28.39
N THR C 307 -29.97 -17.39 -27.48
CA THR C 307 -31.40 -17.07 -27.61
C THR C 307 -31.80 -16.26 -26.39
N VAL C 308 -31.91 -14.94 -26.56
CA VAL C 308 -32.44 -14.09 -25.51
C VAL C 308 -33.96 -14.25 -25.47
N GLU C 309 -34.54 -14.09 -24.29
CA GLU C 309 -35.96 -14.40 -24.12
C GLU C 309 -36.85 -13.26 -24.59
N LYS C 310 -36.82 -12.13 -23.87
CA LYS C 310 -37.66 -10.97 -24.09
C LYS C 310 -37.30 -9.90 -23.09
N GLY C 311 -37.78 -8.69 -23.33
CA GLY C 311 -37.81 -7.66 -22.32
C GLY C 311 -36.68 -6.65 -22.41
N ILE C 312 -36.55 -5.89 -21.34
CA ILE C 312 -35.57 -4.82 -21.23
C ILE C 312 -34.21 -5.41 -20.91
N TYR C 313 -33.18 -4.98 -21.63
CA TYR C 313 -31.81 -5.39 -21.35
C TYR C 313 -30.93 -4.14 -21.29
N GLN C 314 -29.66 -4.34 -20.97
CA GLN C 314 -28.75 -3.24 -20.70
C GLN C 314 -27.50 -3.34 -21.55
N THR C 315 -27.05 -2.19 -22.06
CA THR C 315 -25.80 -2.07 -22.79
C THR C 315 -25.09 -0.86 -22.21
N SER C 316 -24.06 -0.37 -22.92
CA SER C 316 -23.26 0.75 -22.44
C SER C 316 -24.03 2.06 -22.61
N ASN C 317 -23.34 3.18 -22.37
CA ASN C 317 -23.95 4.49 -22.37
C ASN C 317 -23.71 5.19 -23.71
N PHE C 318 -24.31 6.38 -23.85
CA PHE C 318 -24.12 7.16 -25.07
C PHE C 318 -22.78 7.88 -25.06
N ARG C 319 -22.57 8.75 -24.07
CA ARG C 319 -21.31 9.48 -23.84
C ARG C 319 -20.93 10.32 -25.07
N VAL C 320 -21.75 11.35 -25.32
CA VAL C 320 -21.47 12.27 -26.41
C VAL C 320 -20.15 13.00 -26.15
N GLN C 321 -19.33 13.13 -27.20
CA GLN C 321 -17.95 13.57 -27.10
C GLN C 321 -17.83 15.07 -27.35
N PRO C 322 -16.83 15.71 -26.73
CA PRO C 322 -16.59 17.13 -27.05
C PRO C 322 -16.06 17.30 -28.46
N THR C 323 -16.30 18.49 -29.01
CA THR C 323 -15.92 18.78 -30.39
C THR C 323 -14.50 19.35 -30.49
N GLU C 324 -14.23 20.44 -29.78
CA GLU C 324 -12.93 21.09 -29.82
C GLU C 324 -12.56 21.52 -28.40
N SER C 325 -11.52 22.34 -28.28
CA SER C 325 -11.06 22.84 -27.00
C SER C 325 -10.78 24.34 -27.12
N ILE C 326 -11.25 25.11 -26.14
CA ILE C 326 -11.16 26.56 -26.13
C ILE C 326 -10.49 27.00 -24.84
N VAL C 327 -9.46 27.84 -24.95
CA VAL C 327 -8.80 28.41 -23.78
C VAL C 327 -9.14 29.89 -23.72
N ARG C 328 -9.10 30.43 -22.50
CA ARG C 328 -9.40 31.84 -22.27
C ARG C 328 -8.42 32.41 -21.26
N PHE C 329 -7.76 33.49 -21.62
CA PHE C 329 -6.72 34.14 -20.84
C PHE C 329 -6.95 35.65 -20.90
N PRO C 330 -6.48 36.39 -19.89
CA PRO C 330 -6.64 37.85 -19.92
C PRO C 330 -5.79 38.49 -21.00
N ASN C 331 -6.24 39.66 -21.45
CA ASN C 331 -5.62 40.36 -22.57
C ASN C 331 -4.57 41.34 -22.07
N ILE C 332 -3.79 41.87 -23.04
CA ILE C 332 -2.76 42.89 -22.91
C ILE C 332 -1.56 42.39 -22.10
N THR C 333 -0.35 42.68 -22.60
CA THR C 333 0.90 42.40 -21.88
C THR C 333 1.45 43.64 -21.19
N ASN C 334 0.60 44.63 -20.94
CA ASN C 334 0.91 45.94 -20.37
C ASN C 334 1.87 46.76 -21.24
N LEU C 335 2.11 46.33 -22.48
CA LEU C 335 3.01 46.99 -23.44
C LEU C 335 4.39 47.19 -22.83
N CYS C 336 5.04 46.05 -22.56
CA CYS C 336 6.23 46.04 -21.72
C CYS C 336 7.37 46.72 -22.48
N PRO C 337 7.97 47.78 -21.94
CA PRO C 337 8.77 48.72 -22.75
C PRO C 337 10.14 48.19 -23.14
N PHE C 338 10.17 47.08 -23.87
CA PHE C 338 11.41 46.61 -24.46
C PHE C 338 11.81 47.41 -25.70
N HIS C 339 10.85 48.10 -26.34
CA HIS C 339 11.18 48.97 -27.45
C HIS C 339 12.02 50.16 -26.98
N GLU C 340 11.68 50.72 -25.83
CA GLU C 340 12.51 51.79 -25.26
C GLU C 340 13.85 51.27 -24.79
N VAL C 341 13.91 49.99 -24.40
CA VAL C 341 15.19 49.38 -24.04
C VAL C 341 16.09 49.25 -25.27
N PHE C 342 15.54 48.74 -26.36
CA PHE C 342 16.34 48.52 -27.57
C PHE C 342 16.48 49.81 -28.38
N ASN C 343 15.36 50.33 -28.88
CA ASN C 343 15.38 51.52 -29.73
C ASN C 343 15.46 52.76 -28.84
N ALA C 344 16.67 53.02 -28.34
CA ALA C 344 16.93 54.14 -27.45
C ALA C 344 17.95 55.07 -28.09
N THR C 345 17.55 56.32 -28.33
CA THR C 345 18.47 57.33 -28.81
C THR C 345 19.43 57.71 -27.69
N THR C 346 20.68 58.02 -28.08
CA THR C 346 21.80 58.26 -27.16
C THR C 346 21.98 57.05 -26.24
N PHE C 347 22.38 55.94 -26.85
CA PHE C 347 22.43 54.64 -26.18
C PHE C 347 23.44 54.65 -25.04
N ALA C 348 23.11 53.87 -24.00
CA ALA C 348 24.01 53.75 -22.86
C ALA C 348 25.27 52.98 -23.26
N SER C 349 26.41 53.53 -22.88
CA SER C 349 27.71 52.96 -23.25
C SER C 349 28.05 51.80 -22.33
N VAL C 350 29.20 51.18 -22.60
CA VAL C 350 29.55 49.93 -21.92
C VAL C 350 30.05 50.15 -20.49
N TYR C 351 30.71 51.27 -20.21
CA TYR C 351 31.32 51.42 -18.89
C TYR C 351 30.29 51.81 -17.83
N ALA C 352 29.19 52.43 -18.26
CA ALA C 352 28.17 52.95 -17.37
C ALA C 352 26.82 52.38 -17.77
N TRP C 353 26.77 51.06 -17.96
CA TRP C 353 25.54 50.37 -18.31
C TRP C 353 24.50 50.54 -17.20
N ASN C 354 23.31 50.99 -17.59
CA ASN C 354 22.26 51.32 -16.64
C ASN C 354 21.42 50.08 -16.36
N ARG C 355 21.17 49.83 -15.08
CA ARG C 355 20.25 48.77 -14.71
C ARG C 355 18.81 49.24 -14.93
N LYS C 356 18.07 48.48 -15.73
CA LYS C 356 16.69 48.76 -16.12
C LYS C 356 15.81 47.57 -15.75
N ARG C 357 15.92 47.19 -14.47
CA ARG C 357 15.17 46.10 -13.85
C ARG C 357 13.69 46.13 -14.19
N ILE C 358 13.19 45.01 -14.71
CA ILE C 358 11.81 44.87 -15.13
C ILE C 358 11.10 43.96 -14.14
N SER C 359 10.07 44.49 -13.48
CA SER C 359 9.27 43.72 -12.54
C SER C 359 7.82 44.15 -12.66
N ASN C 360 6.93 43.21 -12.34
CA ASN C 360 5.47 43.40 -12.44
C ASN C 360 5.05 43.81 -13.86
N CYS C 361 5.73 43.26 -14.85
CA CYS C 361 5.43 43.55 -16.25
C CYS C 361 5.34 42.21 -16.99
N VAL C 362 4.73 42.23 -18.17
CA VAL C 362 4.52 41.01 -18.96
C VAL C 362 5.30 41.15 -20.25
N ALA C 363 6.42 40.44 -20.35
CA ALA C 363 7.27 40.52 -21.52
C ALA C 363 6.60 39.85 -22.72
N ASP C 364 7.00 40.27 -23.91
CA ASP C 364 6.42 39.76 -25.15
C ASP C 364 7.39 38.90 -25.96
N TYR C 365 8.70 39.21 -25.91
CA TYR C 365 9.76 38.46 -26.59
C TYR C 365 9.56 38.33 -28.10
N SER C 366 8.79 39.24 -28.70
CA SER C 366 8.50 39.17 -30.13
C SER C 366 9.00 40.37 -30.90
N VAL C 367 8.72 41.59 -30.41
CA VAL C 367 9.25 42.78 -31.07
C VAL C 367 10.74 42.93 -30.79
N ILE C 368 11.25 42.24 -29.78
CA ILE C 368 12.69 42.18 -29.55
C ILE C 368 13.39 41.50 -30.73
N TYR C 369 12.89 40.33 -31.12
CA TYR C 369 13.52 39.58 -32.21
C TYR C 369 13.23 40.20 -33.56
N ASN C 370 12.09 40.88 -33.71
CA ASN C 370 11.68 41.44 -35.00
C ASN C 370 12.14 42.88 -35.18
N PHE C 371 13.22 43.29 -34.53
CA PHE C 371 13.75 44.64 -34.65
C PHE C 371 15.24 44.56 -34.95
N ALA C 372 15.65 45.10 -36.12
CA ALA C 372 17.01 45.28 -36.62
C ALA C 372 17.71 43.97 -36.94
N PRO C 373 18.58 43.95 -37.97
CA PRO C 373 19.37 42.73 -38.23
C PRO C 373 20.41 42.50 -37.14
N PHE C 374 20.22 41.46 -36.34
CA PHE C 374 21.09 41.22 -35.20
C PHE C 374 22.40 40.59 -35.64
N PHE C 375 23.51 41.12 -35.12
CA PHE C 375 24.81 40.52 -35.37
C PHE C 375 24.93 39.15 -34.71
N ALA C 376 24.43 39.02 -33.49
CA ALA C 376 24.54 37.76 -32.75
C ALA C 376 23.33 37.64 -31.84
N PHE C 377 22.45 36.69 -32.13
CA PHE C 377 21.29 36.38 -31.30
C PHE C 377 21.55 35.17 -30.41
N LYS C 378 22.79 35.03 -29.95
CA LYS C 378 23.16 33.90 -29.10
C LYS C 378 22.48 34.02 -27.74
N CYS C 379 21.97 32.90 -27.23
CA CYS C 379 21.26 32.85 -25.94
C CYS C 379 21.67 31.57 -25.25
N TYR C 380 22.64 31.67 -24.34
CA TYR C 380 23.10 30.52 -23.59
C TYR C 380 22.27 30.34 -22.32
N GLY C 381 22.14 29.08 -21.91
CA GLY C 381 21.32 28.74 -20.75
C GLY C 381 19.85 28.57 -21.04
N VAL C 382 19.22 29.58 -21.65
CA VAL C 382 17.81 29.53 -22.03
C VAL C 382 17.72 29.81 -23.53
N SER C 383 16.69 29.24 -24.16
CA SER C 383 16.48 29.46 -25.59
C SER C 383 15.46 30.57 -25.81
N PRO C 384 15.67 31.43 -26.82
CA PRO C 384 14.70 32.50 -27.08
C PRO C 384 13.37 32.01 -27.61
N THR C 385 13.31 30.80 -28.18
CA THR C 385 12.06 30.25 -28.65
C THR C 385 11.11 29.94 -27.50
N LYS C 386 11.64 29.38 -26.42
CA LYS C 386 10.84 29.06 -25.24
C LYS C 386 10.86 30.16 -24.19
N LEU C 387 11.46 31.31 -24.50
CA LEU C 387 11.49 32.43 -23.56
C LEU C 387 10.08 32.96 -23.26
N ASN C 388 9.22 32.98 -24.27
CA ASN C 388 7.84 33.42 -24.05
C ASN C 388 7.05 32.43 -23.21
N ASP C 389 7.46 31.17 -23.16
CA ASP C 389 6.79 30.18 -22.32
C ASP C 389 7.39 30.10 -20.92
N LEU C 390 8.68 30.37 -20.78
CA LEU C 390 9.31 30.35 -19.46
C LEU C 390 8.88 31.56 -18.64
N CYS C 391 8.72 31.37 -17.35
CA CYS C 391 8.34 32.42 -16.41
C CYS C 391 9.52 32.71 -15.50
N PHE C 392 9.80 34.00 -15.29
CA PHE C 392 10.89 34.43 -14.44
C PHE C 392 10.40 35.43 -13.40
N THR C 393 11.14 35.50 -12.29
CA THR C 393 10.78 36.44 -11.24
C THR C 393 11.19 37.86 -11.60
N ASN C 394 12.47 38.06 -11.90
CA ASN C 394 12.96 39.41 -12.19
C ASN C 394 13.79 39.42 -13.46
N VAL C 395 13.71 40.53 -14.18
CA VAL C 395 14.41 40.73 -15.45
C VAL C 395 15.23 42.00 -15.34
N TYR C 396 16.53 41.89 -15.62
CA TYR C 396 17.43 43.03 -15.76
C TYR C 396 17.76 43.22 -17.23
N ALA C 397 18.00 44.47 -17.61
CA ALA C 397 18.43 44.81 -18.96
C ALA C 397 19.62 45.74 -18.87
N ASP C 398 20.69 45.40 -19.58
CA ASP C 398 21.90 46.21 -19.60
C ASP C 398 22.30 46.54 -21.03
N SER C 399 22.91 47.71 -21.20
CA SER C 399 23.20 48.27 -22.52
C SER C 399 24.69 48.55 -22.63
N PHE C 400 25.30 48.05 -23.70
CA PHE C 400 26.72 48.26 -23.99
C PHE C 400 26.87 48.84 -25.38
N VAL C 401 27.94 49.62 -25.57
CA VAL C 401 28.35 50.08 -26.89
C VAL C 401 29.82 49.69 -27.05
N ILE C 402 30.08 48.67 -27.88
CA ILE C 402 31.41 48.12 -28.06
C ILE C 402 31.62 47.79 -29.53
N ARG C 403 32.88 47.54 -29.88
CA ARG C 403 33.23 47.22 -31.26
C ARG C 403 32.74 45.81 -31.61
N GLY C 404 32.71 45.54 -32.92
CA GLY C 404 32.28 44.23 -33.40
C GLY C 404 33.25 43.11 -33.09
N ASN C 405 34.52 43.43 -32.84
CA ASN C 405 35.46 42.45 -32.32
C ASN C 405 35.39 42.30 -30.81
N GLU C 406 34.56 43.09 -30.14
CA GLU C 406 34.41 43.03 -28.70
C GLU C 406 33.08 42.45 -28.24
N VAL C 407 32.12 42.26 -29.16
CA VAL C 407 30.85 41.67 -28.77
C VAL C 407 30.99 40.17 -28.53
N SER C 408 32.00 39.54 -29.13
CA SER C 408 32.28 38.13 -28.87
C SER C 408 32.99 37.92 -27.53
N GLN C 409 33.51 38.99 -26.93
CA GLN C 409 34.15 38.87 -25.62
C GLN C 409 33.13 38.68 -24.50
N ILE C 410 31.88 39.05 -24.71
CA ILE C 410 30.86 38.96 -23.67
C ILE C 410 30.37 37.52 -23.56
N ALA C 411 31.02 36.75 -22.70
CA ALA C 411 30.66 35.35 -22.47
C ALA C 411 31.21 34.94 -21.11
N PRO C 412 30.56 34.00 -20.42
CA PRO C 412 31.12 33.52 -19.15
C PRO C 412 32.44 32.79 -19.36
N GLY C 413 33.39 33.03 -18.47
CA GLY C 413 34.70 32.44 -18.57
C GLY C 413 35.61 33.05 -19.61
N GLN C 414 35.24 34.19 -20.17
CA GLN C 414 36.03 34.86 -21.20
C GLN C 414 36.47 36.22 -20.68
N THR C 415 37.72 36.58 -20.98
CA THR C 415 38.30 37.84 -20.57
C THR C 415 38.83 38.58 -21.80
N GLY C 416 39.10 39.87 -21.62
CA GLY C 416 39.58 40.68 -22.73
C GLY C 416 39.59 42.15 -22.37
N ASN C 417 39.51 42.99 -23.40
CA ASN C 417 39.46 44.43 -23.19
C ASN C 417 38.17 44.85 -22.49
N ILE C 418 37.06 44.20 -22.85
CA ILE C 418 35.75 44.57 -22.34
C ILE C 418 35.33 43.60 -21.24
N ALA C 419 35.70 42.33 -21.39
CA ALA C 419 35.20 41.27 -20.52
C ALA C 419 35.96 41.18 -19.20
N ASP C 420 36.99 42.00 -18.99
CA ASP C 420 37.76 41.98 -17.75
C ASP C 420 37.59 43.25 -16.92
N TYR C 421 37.44 44.41 -17.55
CA TYR C 421 37.37 45.67 -16.85
C TYR C 421 36.09 46.46 -17.09
N ASN C 422 35.40 46.23 -18.20
CA ASN C 422 34.17 46.96 -18.49
C ASN C 422 32.93 46.24 -17.99
N TYR C 423 32.89 44.91 -18.12
CA TYR C 423 31.74 44.14 -17.66
C TYR C 423 32.17 42.71 -17.38
N LYS C 424 31.53 42.08 -16.40
CA LYS C 424 31.78 40.69 -16.06
C LYS C 424 30.44 39.97 -15.94
N LEU C 425 30.43 38.69 -16.33
CA LEU C 425 29.22 37.89 -16.38
C LEU C 425 29.24 36.83 -15.29
N PRO C 426 28.20 36.72 -14.47
CA PRO C 426 28.08 35.58 -13.57
C PRO C 426 27.87 34.28 -14.34
N ASP C 427 28.36 33.18 -13.78
CA ASP C 427 28.29 31.89 -14.44
C ASP C 427 26.91 31.27 -14.40
N ASP C 428 26.00 31.78 -13.57
CA ASP C 428 24.61 31.33 -13.54
C ASP C 428 23.71 32.22 -14.39
N PHE C 429 24.24 32.81 -15.45
CA PHE C 429 23.47 33.71 -16.28
C PHE C 429 22.48 32.94 -17.14
N THR C 430 21.23 33.40 -17.13
CA THR C 430 20.16 32.85 -17.97
C THR C 430 19.58 34.02 -18.77
N GLY C 431 19.93 34.09 -20.04
CA GLY C 431 19.47 35.19 -20.86
C GLY C 431 20.16 35.19 -22.22
N CYS C 432 20.23 36.39 -22.81
CA CYS C 432 20.71 36.55 -24.17
C CYS C 432 21.77 37.65 -24.22
N VAL C 433 22.58 37.60 -25.28
CA VAL C 433 23.74 38.47 -25.45
C VAL C 433 23.58 39.26 -26.76
N ILE C 434 22.33 39.62 -27.07
CA ILE C 434 21.98 40.21 -28.35
C ILE C 434 22.73 41.52 -28.59
N ALA C 435 23.37 41.62 -29.75
CA ALA C 435 24.14 42.79 -30.14
C ALA C 435 23.62 43.31 -31.48
N TRP C 436 23.70 44.63 -31.68
CA TRP C 436 23.24 45.26 -32.90
C TRP C 436 24.39 45.37 -33.90
N ASN C 437 24.16 46.13 -34.97
CA ASN C 437 25.19 46.52 -35.92
C ASN C 437 25.02 48.00 -36.27
N SER C 438 24.80 48.83 -35.25
CA SER C 438 24.39 50.21 -35.43
C SER C 438 25.55 51.05 -35.90
N ASN C 439 25.63 51.28 -37.20
CA ASN C 439 26.59 52.22 -37.78
C ASN C 439 25.95 53.53 -38.22
N LYS C 440 24.65 53.52 -38.53
CA LYS C 440 23.97 54.73 -38.97
C LYS C 440 23.70 55.68 -37.80
N LEU C 441 23.22 55.15 -36.67
CA LEU C 441 22.86 56.00 -35.55
C LEU C 441 24.11 56.58 -34.88
N ASP C 442 25.09 55.74 -34.59
CA ASP C 442 26.35 56.16 -34.00
C ASP C 442 27.35 56.45 -35.12
N SER C 443 28.64 56.56 -34.77
CA SER C 443 29.74 56.78 -35.71
C SER C 443 29.56 58.08 -36.50
N LYS C 444 29.65 59.18 -35.75
CA LYS C 444 29.60 60.50 -36.35
C LYS C 444 30.80 60.71 -37.27
N PRO C 445 30.62 61.47 -38.36
CA PRO C 445 31.79 61.84 -39.19
C PRO C 445 32.85 62.62 -38.43
N SER C 446 32.44 63.47 -37.49
CA SER C 446 33.41 64.14 -36.64
C SER C 446 34.03 63.19 -35.63
N GLY C 447 33.33 62.11 -35.29
CA GLY C 447 33.85 61.11 -34.37
C GLY C 447 33.02 61.04 -33.11
N ASN C 448 32.63 59.82 -32.74
CA ASN C 448 31.91 59.58 -31.50
C ASN C 448 32.91 59.35 -30.37
N TYR C 449 33.62 60.42 -30.03
CA TYR C 449 34.62 60.37 -28.97
C TYR C 449 34.00 60.29 -27.58
N ASN C 450 32.69 60.53 -27.46
CA ASN C 450 32.00 60.27 -26.19
C ASN C 450 31.94 58.79 -25.88
N TYR C 451 32.06 57.92 -26.89
CA TYR C 451 32.13 56.48 -26.66
C TYR C 451 33.56 56.08 -26.32
N LEU C 452 33.74 55.48 -25.15
CA LEU C 452 35.06 55.06 -24.68
C LEU C 452 34.91 53.64 -24.12
N TYR C 453 36.01 53.10 -23.60
CA TYR C 453 35.96 51.84 -22.89
C TYR C 453 37.12 51.81 -21.89
N ARG C 454 36.93 51.06 -20.81
CA ARG C 454 37.93 50.98 -19.76
C ARG C 454 38.89 49.82 -20.01
N LEU C 455 40.18 50.12 -19.86
CA LEU C 455 41.21 49.08 -19.96
C LEU C 455 42.24 49.14 -18.84
N PHE C 456 42.06 50.00 -17.85
CA PHE C 456 42.92 50.04 -16.66
C PHE C 456 42.11 49.64 -15.44
N ARG C 457 42.60 48.65 -14.70
CA ARG C 457 42.04 48.28 -13.41
C ARG C 457 43.08 47.51 -12.62
N LYS C 458 43.02 47.66 -11.29
CA LYS C 458 43.94 46.97 -10.40
C LYS C 458 43.60 45.50 -10.24
N SER C 459 42.38 45.09 -10.59
CA SER C 459 41.95 43.71 -10.45
C SER C 459 40.84 43.44 -11.45
N LYS C 460 40.47 42.17 -11.57
CA LYS C 460 39.37 41.79 -12.44
C LYS C 460 38.04 42.28 -11.88
N LEU C 461 37.11 42.59 -12.78
CA LEU C 461 35.78 43.01 -12.39
C LEU C 461 35.01 41.85 -11.76
N LYS C 462 34.32 42.14 -10.66
CA LYS C 462 33.43 41.16 -10.08
C LYS C 462 32.19 41.01 -10.96
N PRO C 463 31.65 39.79 -11.09
CA PRO C 463 30.41 39.61 -11.85
C PRO C 463 29.25 40.39 -11.23
N PHE C 464 28.43 40.99 -12.12
CA PHE C 464 27.29 41.83 -11.75
C PHE C 464 27.71 42.99 -10.84
N GLU C 465 28.86 43.58 -11.13
CA GLU C 465 29.37 44.73 -10.38
C GLU C 465 29.76 45.84 -11.35
N ARG C 466 29.42 47.07 -10.98
CA ARG C 466 29.77 48.25 -11.76
C ARG C 466 30.74 49.10 -10.97
N ASP C 467 31.87 49.45 -11.59
CA ASP C 467 32.92 50.24 -10.96
C ASP C 467 33.20 51.46 -11.83
N ILE C 468 32.46 52.53 -11.60
CA ILE C 468 32.63 53.79 -12.31
C ILE C 468 33.42 54.73 -11.41
N SER C 469 34.69 54.95 -11.75
CA SER C 469 35.55 55.82 -10.96
C SER C 469 36.40 56.67 -11.90
N THR C 470 36.85 57.81 -11.38
CA THR C 470 37.71 58.72 -12.12
C THR C 470 39.09 58.84 -11.48
N GLU C 471 39.47 57.83 -10.70
CA GLU C 471 40.79 57.80 -10.08
C GLU C 471 41.85 57.56 -11.14
N ILE C 472 42.97 58.27 -11.03
CA ILE C 472 44.07 58.10 -11.96
C ILE C 472 44.74 56.76 -11.69
N TYR C 473 44.83 55.92 -12.71
CA TYR C 473 45.38 54.58 -12.55
C TYR C 473 46.91 54.65 -12.46
N GLN C 474 47.47 53.95 -11.48
CA GLN C 474 48.92 53.86 -11.32
C GLN C 474 49.40 52.66 -12.12
N ALA C 475 49.69 52.89 -13.40
CA ALA C 475 50.23 51.84 -14.25
C ALA C 475 51.73 51.65 -14.06
N GLY C 476 52.39 52.53 -13.33
CA GLY C 476 53.82 52.41 -13.09
C GLY C 476 54.16 52.20 -11.63
N ASN C 477 55.39 52.52 -11.26
CA ASN C 477 55.86 52.35 -9.89
C ASN C 477 55.65 53.60 -9.05
N LYS C 478 55.84 54.78 -9.63
CA LYS C 478 55.72 56.02 -8.88
C LYS C 478 54.25 56.33 -8.61
N PRO C 479 53.93 56.90 -7.44
CA PRO C 479 52.54 57.28 -7.16
C PRO C 479 52.09 58.46 -8.03
N CYS C 480 50.79 58.52 -8.27
CA CYS C 480 50.23 59.59 -9.09
C CYS C 480 50.02 60.86 -8.30
N ASN C 481 49.34 60.76 -7.14
CA ASN C 481 49.02 61.88 -6.26
C ASN C 481 48.23 62.97 -7.00
N GLY C 482 47.30 62.54 -7.84
CA GLY C 482 46.46 63.48 -8.60
C GLY C 482 46.97 63.85 -9.97
N VAL C 483 48.25 64.18 -10.08
CA VAL C 483 48.83 64.59 -11.35
C VAL C 483 49.26 63.36 -12.14
N ALA C 484 49.25 63.49 -13.46
CA ALA C 484 49.68 62.42 -14.35
C ALA C 484 51.21 62.35 -14.31
N GLY C 485 51.74 61.40 -13.54
CA GLY C 485 53.16 61.28 -13.35
C GLY C 485 53.85 60.54 -14.49
N PRO C 486 54.77 59.63 -14.14
CA PRO C 486 55.50 58.89 -15.19
C PRO C 486 54.61 57.95 -16.00
N ASN C 487 53.82 57.12 -15.34
CA ASN C 487 52.93 56.16 -15.99
C ASN C 487 51.54 56.21 -15.36
N CYS C 488 51.03 57.42 -15.16
CA CYS C 488 49.70 57.63 -14.59
C CYS C 488 48.77 58.14 -15.69
N TYR C 489 47.77 57.34 -16.03
CA TYR C 489 46.85 57.65 -17.12
C TYR C 489 45.41 57.38 -16.67
N SER C 490 44.47 58.02 -17.36
CA SER C 490 43.06 57.79 -17.08
C SER C 490 42.67 56.38 -17.52
N PRO C 491 41.76 55.71 -16.81
CA PRO C 491 41.38 54.34 -17.19
C PRO C 491 40.58 54.23 -18.48
N LEU C 492 40.15 55.34 -19.06
CA LEU C 492 39.31 55.34 -20.24
C LEU C 492 40.14 55.52 -21.50
N GLN C 493 39.71 54.87 -22.58
CA GLN C 493 40.30 55.06 -23.90
C GLN C 493 39.20 55.22 -24.92
N SER C 494 39.37 56.21 -25.82
CA SER C 494 38.33 56.58 -26.76
C SER C 494 38.21 55.57 -27.89
N TYR C 495 36.96 55.27 -28.26
CA TYR C 495 36.72 54.47 -29.46
C TYR C 495 36.97 55.29 -30.73
N GLY C 496 36.53 56.54 -30.73
CA GLY C 496 36.64 57.39 -31.90
C GLY C 496 35.82 56.88 -33.07
N PHE C 497 34.56 56.52 -32.79
CA PHE C 497 33.71 55.88 -33.79
C PHE C 497 33.39 56.83 -34.94
N ARG C 498 33.71 56.39 -36.15
CA ARG C 498 33.53 57.17 -37.36
C ARG C 498 33.11 56.22 -38.47
N PRO C 499 32.41 56.71 -39.55
CA PRO C 499 31.97 55.83 -40.62
C PRO C 499 33.04 55.49 -41.66
N THR C 500 34.24 55.16 -41.17
CA THR C 500 35.31 54.62 -41.99
C THR C 500 35.84 53.30 -41.42
N TYR C 501 35.23 52.79 -40.36
CA TYR C 501 35.76 51.63 -39.66
C TYR C 501 35.28 50.34 -40.32
N GLY C 502 35.85 49.23 -39.87
CA GLY C 502 35.57 47.92 -40.43
C GLY C 502 34.34 47.27 -39.83
N VAL C 503 34.20 45.97 -40.12
CA VAL C 503 33.06 45.20 -39.62
C VAL C 503 33.17 45.02 -38.10
N GLY C 504 34.36 44.64 -37.62
CA GLY C 504 34.59 44.41 -36.22
C GLY C 504 34.93 45.64 -35.40
N HIS C 505 34.88 46.82 -36.00
CA HIS C 505 35.25 48.06 -35.33
C HIS C 505 34.18 49.12 -35.40
N GLN C 506 33.05 48.83 -36.04
CA GLN C 506 31.91 49.73 -36.05
C GLN C 506 31.27 49.78 -34.67
N PRO C 507 30.48 50.82 -34.38
CA PRO C 507 29.70 50.82 -33.13
C PRO C 507 28.72 49.65 -33.11
N TYR C 508 28.65 49.00 -31.95
CA TYR C 508 27.86 47.80 -31.76
C TYR C 508 27.06 47.94 -30.47
N ARG C 509 25.73 47.93 -30.59
CA ARG C 509 24.84 48.13 -29.46
C ARG C 509 24.39 46.76 -28.93
N VAL C 510 24.78 46.46 -27.70
CA VAL C 510 24.50 45.17 -27.08
C VAL C 510 23.44 45.37 -26.01
N VAL C 511 22.31 44.71 -26.16
CA VAL C 511 21.26 44.69 -25.14
C VAL C 511 21.26 43.29 -24.54
N VAL C 512 21.64 43.17 -23.28
CA VAL C 512 21.69 41.88 -22.61
C VAL C 512 20.58 41.82 -21.57
N LEU C 513 19.86 40.70 -21.56
CA LEU C 513 18.76 40.48 -20.64
C LEU C 513 19.15 39.38 -19.66
N SER C 514 18.94 39.64 -18.38
CA SER C 514 19.22 38.69 -17.32
C SER C 514 17.90 38.29 -16.66
N PHE C 515 17.61 36.99 -16.64
CA PHE C 515 16.40 36.46 -16.05
C PHE C 515 16.76 35.69 -14.80
N GLU C 516 16.21 36.10 -13.66
CA GLU C 516 16.48 35.42 -12.39
C GLU C 516 15.18 34.91 -11.79
N LEU C 517 15.26 33.70 -11.24
CA LEU C 517 14.15 33.02 -10.58
C LEU C 517 14.59 32.62 -9.18
N LEU C 518 13.67 32.75 -8.22
CA LEU C 518 13.94 32.34 -6.85
C LEU C 518 12.63 31.87 -6.21
N HIS C 519 12.62 31.79 -4.88
CA HIS C 519 11.44 31.33 -4.15
C HIS C 519 10.26 32.29 -4.28
N ALA C 520 10.49 33.54 -4.66
CA ALA C 520 9.42 34.46 -4.94
C ALA C 520 8.66 34.02 -6.20
N PRO C 521 7.36 34.32 -6.30
CA PRO C 521 6.62 33.97 -7.51
C PRO C 521 7.10 34.76 -8.72
N ALA C 522 6.96 34.15 -9.89
CA ALA C 522 7.39 34.79 -11.13
C ALA C 522 6.49 35.96 -11.47
N THR C 523 7.10 37.09 -11.83
CA THR C 523 6.38 38.30 -12.15
C THR C 523 6.43 38.68 -13.62
N VAL C 524 7.43 38.23 -14.38
CA VAL C 524 7.54 38.54 -15.79
C VAL C 524 7.37 37.24 -16.58
N CYS C 525 6.36 37.22 -17.44
CA CYS C 525 6.06 36.07 -18.29
C CYS C 525 5.61 36.59 -19.66
N GLY C 526 5.15 35.67 -20.50
CA GLY C 526 4.58 36.03 -21.79
C GLY C 526 3.30 35.30 -22.17
N PRO C 527 2.39 35.05 -21.20
CA PRO C 527 1.38 34.00 -21.42
C PRO C 527 0.14 34.46 -22.17
N LYS C 528 0.18 35.61 -22.83
CA LYS C 528 -1.02 36.14 -23.48
C LYS C 528 -1.34 35.31 -24.72
N LYS C 529 -2.34 34.44 -24.59
CA LYS C 529 -2.85 33.64 -25.70
C LYS C 529 -4.24 33.16 -25.31
N SER C 530 -5.24 33.50 -26.11
CA SER C 530 -6.63 33.17 -25.78
C SER C 530 -7.41 33.01 -27.07
N THR C 531 -7.94 31.82 -27.30
CA THR C 531 -8.75 31.57 -28.47
C THR C 531 -10.17 32.09 -28.27
N ASN C 532 -10.87 32.30 -29.38
CA ASN C 532 -12.26 32.72 -29.32
C ASN C 532 -13.14 31.58 -28.83
N LEU C 533 -14.30 31.95 -28.29
CA LEU C 533 -15.19 31.02 -27.63
C LEU C 533 -16.41 30.72 -28.50
N VAL C 534 -17.05 29.59 -28.20
CA VAL C 534 -18.28 29.17 -28.88
C VAL C 534 -19.34 28.88 -27.82
N LYS C 535 -20.55 28.64 -28.29
CA LYS C 535 -21.68 28.40 -27.40
C LYS C 535 -22.50 27.23 -27.89
N ASN C 536 -23.21 26.59 -26.95
CA ASN C 536 -24.16 25.51 -27.21
C ASN C 536 -23.50 24.33 -27.92
N LYS C 537 -22.24 24.05 -27.58
CA LYS C 537 -21.49 22.97 -28.19
C LYS C 537 -20.77 22.18 -27.10
N CYS C 538 -20.69 20.87 -27.28
CA CYS C 538 -19.87 20.03 -26.43
C CYS C 538 -18.41 20.37 -26.68
N VAL C 539 -17.77 21.02 -25.72
CA VAL C 539 -16.44 21.60 -25.95
C VAL C 539 -15.65 21.52 -24.65
N ASN C 540 -14.35 21.26 -24.78
CA ASN C 540 -13.43 21.38 -23.66
C ASN C 540 -13.12 22.86 -23.45
N PHE C 541 -12.97 23.26 -22.19
CA PHE C 541 -12.66 24.65 -21.87
C PHE C 541 -11.53 24.70 -20.85
N ASN C 542 -10.73 25.76 -20.96
CA ASN C 542 -9.64 26.02 -20.03
C ASN C 542 -9.65 27.49 -19.67
N PHE C 543 -10.12 27.82 -18.47
CA PHE C 543 -10.21 29.19 -17.99
C PHE C 543 -9.26 29.37 -16.83
N ASN C 544 -8.29 30.29 -16.99
CA ASN C 544 -7.32 30.68 -15.96
C ASN C 544 -6.56 29.47 -15.40
N GLY C 545 -6.38 28.43 -16.21
CA GLY C 545 -5.72 27.23 -15.72
C GLY C 545 -6.67 26.10 -15.38
N LEU C 546 -7.85 26.43 -14.85
CA LEU C 546 -8.80 25.38 -14.49
C LEU C 546 -9.44 24.83 -15.77
N THR C 547 -9.49 23.51 -15.88
CA THR C 547 -9.94 22.84 -17.10
C THR C 547 -11.28 22.15 -16.85
N GLY C 548 -11.92 21.78 -17.96
CA GLY C 548 -13.15 21.02 -17.88
C GLY C 548 -13.74 20.84 -19.27
N THR C 549 -14.97 20.35 -19.30
CA THR C 549 -15.68 20.20 -20.57
C THR C 549 -17.17 20.36 -20.33
N GLY C 550 -17.89 20.62 -21.40
CA GLY C 550 -19.32 20.77 -21.34
C GLY C 550 -19.80 21.77 -22.39
N VAL C 551 -21.00 22.28 -22.19
CA VAL C 551 -21.58 23.28 -23.08
C VAL C 551 -21.83 24.56 -22.30
N LEU C 552 -21.98 25.65 -23.06
CA LEU C 552 -21.89 27.01 -22.56
C LEU C 552 -23.23 27.72 -22.68
N THR C 553 -23.44 28.69 -21.80
CA THR C 553 -24.64 29.52 -21.82
C THR C 553 -24.24 30.94 -21.45
N GLU C 554 -24.94 31.92 -22.01
CA GLU C 554 -24.61 33.33 -21.81
C GLU C 554 -24.94 33.76 -20.38
N SER C 555 -24.69 35.04 -20.08
CA SER C 555 -24.81 35.55 -18.72
C SER C 555 -26.27 35.73 -18.33
N ASN C 556 -26.64 35.22 -17.15
CA ASN C 556 -27.99 35.41 -16.62
C ASN C 556 -28.03 35.78 -15.15
N LYS C 557 -26.99 35.49 -14.36
CA LYS C 557 -27.05 35.67 -12.92
C LYS C 557 -26.57 37.06 -12.53
N LYS C 558 -26.32 37.25 -11.23
CA LYS C 558 -26.11 38.55 -10.60
C LYS C 558 -24.78 38.56 -9.83
N PHE C 559 -23.70 38.20 -10.54
CA PHE C 559 -22.36 38.18 -9.97
C PHE C 559 -21.99 39.53 -9.36
N LEU C 560 -21.12 39.48 -8.34
CA LEU C 560 -20.68 40.67 -7.65
C LEU C 560 -19.75 41.50 -8.56
N PRO C 561 -19.56 42.79 -8.24
CA PRO C 561 -18.57 43.58 -9.00
C PRO C 561 -17.17 42.99 -9.00
N PHE C 562 -16.75 42.36 -7.90
CA PHE C 562 -15.58 41.49 -7.91
C PHE C 562 -16.08 40.07 -7.61
N GLN C 563 -15.97 39.19 -8.61
CA GLN C 563 -16.10 37.73 -8.51
C GLN C 563 -15.65 37.13 -9.83
N GLN C 564 -15.17 35.89 -9.81
CA GLN C 564 -14.90 35.16 -11.04
C GLN C 564 -15.38 33.71 -11.03
N PHE C 565 -15.72 33.14 -9.88
CA PHE C 565 -15.97 31.71 -9.75
C PHE C 565 -17.36 31.52 -9.16
N GLY C 566 -18.18 30.72 -9.83
CA GLY C 566 -19.57 30.55 -9.44
C GLY C 566 -19.96 29.15 -9.01
N ARG C 567 -19.13 28.50 -8.21
CA ARG C 567 -19.38 27.13 -7.79
C ARG C 567 -20.62 27.04 -6.91
N ASP C 568 -21.41 26.00 -7.14
CA ASP C 568 -22.71 25.86 -6.50
C ASP C 568 -22.60 25.03 -5.21
N ILE C 569 -23.74 24.58 -4.69
CA ILE C 569 -23.77 23.77 -3.48
C ILE C 569 -23.10 22.42 -3.73
N ALA C 570 -23.26 21.87 -4.93
CA ALA C 570 -22.76 20.54 -5.27
C ALA C 570 -21.26 20.49 -5.54
N ASP C 571 -20.52 21.55 -5.19
CA ASP C 571 -19.08 21.67 -5.43
C ASP C 571 -18.71 21.41 -6.89
N THR C 572 -19.50 22.00 -7.79
CA THR C 572 -19.29 21.84 -9.23
C THR C 572 -19.18 23.22 -9.87
N THR C 573 -18.23 23.36 -10.78
CA THR C 573 -18.08 24.60 -11.53
C THR C 573 -19.24 24.76 -12.51
N ASP C 574 -20.00 25.84 -12.35
CA ASP C 574 -21.14 26.08 -13.22
C ASP C 574 -21.28 27.53 -13.67
N ALA C 575 -20.40 28.43 -13.23
CA ALA C 575 -20.49 29.84 -13.63
C ALA C 575 -19.08 30.41 -13.66
N VAL C 576 -18.67 30.92 -14.82
CA VAL C 576 -17.30 31.37 -15.03
C VAL C 576 -17.32 32.71 -15.75
N ARG C 577 -16.19 33.42 -15.69
CA ARG C 577 -15.99 34.67 -16.37
C ARG C 577 -14.85 34.56 -17.37
N ASP C 578 -15.00 35.24 -18.50
CA ASP C 578 -13.93 35.37 -19.48
C ASP C 578 -12.88 36.32 -18.93
N PRO C 579 -11.61 35.90 -18.80
CA PRO C 579 -10.61 36.79 -18.20
C PRO C 579 -10.29 38.03 -19.02
N GLN C 580 -10.51 38.02 -20.33
CA GLN C 580 -10.12 39.17 -21.15
C GLN C 580 -11.22 40.21 -21.25
N THR C 581 -12.48 39.79 -21.39
CA THR C 581 -13.62 40.69 -21.44
C THR C 581 -14.68 40.19 -20.47
N LEU C 582 -15.46 41.12 -19.91
CA LEU C 582 -16.38 40.81 -18.82
C LEU C 582 -17.56 40.02 -19.37
N GLU C 583 -17.34 38.73 -19.60
CA GLU C 583 -18.34 37.83 -20.14
C GLU C 583 -18.59 36.73 -19.11
N ILE C 584 -19.74 36.81 -18.43
CA ILE C 584 -20.15 35.77 -17.49
C ILE C 584 -20.76 34.62 -18.28
N LEU C 585 -20.33 33.40 -17.97
CA LEU C 585 -20.78 32.21 -18.67
C LEU C 585 -21.35 31.20 -17.69
N ASP C 586 -22.16 30.28 -18.21
CA ASP C 586 -22.71 29.17 -17.46
C ASP C 586 -22.22 27.87 -18.08
N ILE C 587 -21.77 26.95 -17.24
CA ILE C 587 -21.23 25.67 -17.68
C ILE C 587 -22.23 24.59 -17.30
N THR C 588 -22.65 23.79 -18.28
CA THR C 588 -23.42 22.58 -17.99
C THR C 588 -22.87 21.43 -18.83
N PRO C 589 -22.39 20.36 -18.21
CA PRO C 589 -21.69 19.32 -18.97
C PRO C 589 -22.61 18.54 -19.90
N CYS C 590 -22.02 17.97 -20.94
CA CYS C 590 -22.76 17.19 -21.92
C CYS C 590 -23.33 15.92 -21.27
N SER C 591 -24.61 15.66 -21.54
CA SER C 591 -25.31 14.56 -20.88
C SER C 591 -24.88 13.22 -21.44
N PHE C 592 -24.70 12.25 -20.56
CA PHE C 592 -24.44 10.88 -20.95
C PHE C 592 -25.77 10.18 -21.22
N GLY C 593 -25.69 8.89 -21.56
CA GLY C 593 -26.88 8.16 -21.97
C GLY C 593 -27.27 7.00 -21.10
N GLY C 594 -27.02 5.79 -21.60
CA GLY C 594 -27.56 4.58 -21.03
C GLY C 594 -28.53 3.96 -22.01
N VAL C 595 -28.07 2.96 -22.74
CA VAL C 595 -28.78 2.42 -23.91
C VAL C 595 -29.40 1.09 -23.54
N SER C 596 -30.66 0.91 -23.92
CA SER C 596 -31.38 -0.33 -23.67
C SER C 596 -31.98 -0.85 -24.97
N VAL C 597 -32.22 -2.16 -25.01
CA VAL C 597 -32.65 -2.85 -26.21
C VAL C 597 -34.03 -3.44 -25.97
N ILE C 598 -34.96 -3.13 -26.86
CA ILE C 598 -36.30 -3.73 -26.88
C ILE C 598 -36.30 -4.84 -27.92
N THR C 599 -36.65 -6.05 -27.50
CA THR C 599 -36.70 -7.18 -28.42
C THR C 599 -37.85 -8.09 -28.08
N PRO C 600 -38.50 -8.67 -29.10
CA PRO C 600 -39.41 -9.80 -28.87
C PRO C 600 -38.63 -11.10 -28.72
N GLY C 601 -39.34 -12.22 -28.72
CA GLY C 601 -38.68 -13.51 -28.62
C GLY C 601 -37.76 -13.77 -29.80
N THR C 602 -36.59 -14.35 -29.52
CA THR C 602 -35.67 -14.72 -30.58
C THR C 602 -36.25 -15.81 -31.46
N ASN C 603 -37.09 -16.68 -30.88
CA ASN C 603 -37.81 -17.66 -31.68
C ASN C 603 -38.85 -16.98 -32.57
N THR C 604 -39.31 -15.79 -32.20
CA THR C 604 -40.33 -15.09 -32.99
C THR C 604 -39.72 -14.36 -34.18
N SER C 605 -38.82 -13.41 -33.91
CA SER C 605 -38.26 -12.58 -34.97
C SER C 605 -36.91 -12.06 -34.51
N ASN C 606 -36.38 -11.08 -35.27
CA ASN C 606 -35.10 -10.46 -34.96
C ASN C 606 -35.15 -8.94 -35.00
N GLN C 607 -36.30 -8.34 -35.32
CA GLN C 607 -36.41 -6.89 -35.36
C GLN C 607 -36.38 -6.33 -33.93
N VAL C 608 -35.54 -5.32 -33.71
CA VAL C 608 -35.33 -4.77 -32.38
C VAL C 608 -35.55 -3.26 -32.41
N ALA C 609 -35.57 -2.67 -31.22
CA ALA C 609 -35.67 -1.23 -31.05
C ALA C 609 -34.66 -0.78 -30.01
N VAL C 610 -34.27 0.49 -30.09
CA VAL C 610 -33.20 1.03 -29.26
C VAL C 610 -33.74 2.21 -28.47
N LEU C 611 -33.53 2.22 -27.16
CA LEU C 611 -33.98 3.31 -26.31
C LEU C 611 -32.78 3.93 -25.62
N TYR C 612 -32.75 5.26 -25.56
CA TYR C 612 -31.74 6.00 -24.83
C TYR C 612 -32.41 6.65 -23.62
N GLN C 613 -31.88 6.37 -22.44
CA GLN C 613 -32.48 6.84 -21.19
C GLN C 613 -32.10 8.29 -20.94
N GLY C 614 -33.09 9.16 -20.81
CA GLY C 614 -32.88 10.55 -20.47
C GLY C 614 -32.42 11.44 -21.59
N VAL C 615 -31.90 10.88 -22.68
CA VAL C 615 -31.41 11.69 -23.79
C VAL C 615 -32.59 12.26 -24.57
N ASN C 616 -32.43 13.51 -25.01
CA ASN C 616 -33.49 14.23 -25.71
C ASN C 616 -33.24 14.16 -27.22
N CYS C 617 -34.28 13.83 -27.97
CA CYS C 617 -34.24 13.90 -29.43
C CYS C 617 -35.05 15.06 -29.99
N THR C 618 -36.26 15.26 -29.47
CA THR C 618 -37.18 16.34 -29.87
C THR C 618 -37.45 16.36 -31.38
N TRP C 633 -32.06 15.14 -31.72
CA TRP C 633 -30.94 15.85 -31.10
C TRP C 633 -29.84 14.88 -30.66
N ARG C 634 -28.62 15.17 -31.13
CA ARG C 634 -27.36 14.48 -30.80
C ARG C 634 -27.50 12.97 -30.65
N VAL C 635 -28.15 12.35 -31.63
CA VAL C 635 -28.31 10.91 -31.66
C VAL C 635 -27.77 10.33 -32.97
N TYR C 636 -26.73 10.96 -33.52
CA TYR C 636 -25.97 10.48 -34.67
C TYR C 636 -26.81 10.43 -35.93
N SER C 637 -27.79 9.53 -36.00
CA SER C 637 -28.60 9.36 -37.20
C SER C 637 -30.01 8.96 -36.80
N THR C 638 -30.79 8.51 -37.77
CA THR C 638 -32.19 8.17 -37.59
C THR C 638 -32.42 6.70 -37.95
N GLY C 639 -33.66 6.25 -37.76
CA GLY C 639 -34.06 4.91 -38.13
C GLY C 639 -35.44 4.89 -38.76
N SER C 640 -36.31 3.99 -38.29
CA SER C 640 -37.67 3.95 -38.81
C SER C 640 -38.49 5.13 -38.30
N ASN C 641 -38.39 5.42 -36.99
CA ASN C 641 -39.16 6.50 -36.38
C ASN C 641 -38.43 6.97 -35.13
N VAL C 642 -38.80 8.16 -34.68
CA VAL C 642 -38.23 8.78 -33.49
C VAL C 642 -39.37 9.20 -32.58
N PHE C 643 -39.31 8.80 -31.31
CA PHE C 643 -40.27 9.21 -30.30
C PHE C 643 -39.56 9.88 -29.14
N GLN C 644 -40.33 10.63 -28.35
CA GLN C 644 -39.81 11.56 -27.36
C GLN C 644 -40.50 11.38 -26.02
N THR C 645 -40.49 10.14 -25.52
CA THR C 645 -41.06 9.84 -24.20
C THR C 645 -40.34 10.60 -23.09
N ARG C 646 -40.98 10.67 -21.92
CA ARG C 646 -40.37 11.31 -20.76
C ARG C 646 -39.18 10.51 -20.26
N ALA C 647 -39.20 9.19 -20.42
CA ALA C 647 -38.08 8.36 -19.97
C ALA C 647 -36.86 8.55 -20.86
N GLY C 648 -37.06 8.83 -22.14
CA GLY C 648 -35.93 9.02 -23.04
C GLY C 648 -36.38 9.02 -24.48
N CYS C 649 -35.45 8.71 -25.36
CA CYS C 649 -35.69 8.73 -26.80
C CYS C 649 -35.68 7.32 -27.35
N LEU C 650 -36.76 6.95 -28.04
CA LEU C 650 -36.95 5.59 -28.53
C LEU C 650 -36.94 5.62 -30.05
N ILE C 651 -36.19 4.70 -30.66
CA ILE C 651 -36.13 4.56 -32.11
C ILE C 651 -36.33 3.10 -32.47
N GLY C 652 -36.81 2.88 -33.69
CA GLY C 652 -37.08 1.53 -34.17
C GLY C 652 -38.50 1.05 -33.96
N ALA C 653 -39.42 1.93 -33.54
CA ALA C 653 -40.80 1.53 -33.32
C ALA C 653 -41.70 2.72 -33.56
N GLU C 654 -42.98 2.43 -33.77
CA GLU C 654 -44.00 3.43 -34.01
C GLU C 654 -44.90 3.58 -32.80
N TYR C 655 -45.52 4.75 -32.67
CA TYR C 655 -46.45 5.03 -31.59
C TYR C 655 -47.86 5.07 -32.14
N VAL C 656 -48.79 4.41 -31.44
CA VAL C 656 -50.18 4.33 -31.85
C VAL C 656 -51.03 5.08 -30.83
N ASN C 657 -52.28 5.34 -31.21
CA ASN C 657 -53.25 5.98 -30.34
C ASN C 657 -54.17 4.98 -29.66
N ASN C 658 -53.90 3.69 -29.80
CA ASN C 658 -54.73 2.66 -29.19
C ASN C 658 -54.31 2.45 -27.74
N SER C 659 -54.85 1.42 -27.10
CA SER C 659 -54.50 1.10 -25.72
C SER C 659 -54.59 -0.40 -25.54
N TYR C 660 -53.50 -1.01 -25.09
CA TYR C 660 -53.45 -2.44 -24.82
C TYR C 660 -52.78 -2.66 -23.47
N GLU C 661 -52.74 -3.93 -23.06
CA GLU C 661 -52.04 -4.27 -21.83
C GLU C 661 -50.53 -4.21 -22.03
N CYS C 662 -49.81 -4.23 -20.92
CA CYS C 662 -48.36 -4.11 -20.94
C CYS C 662 -47.72 -5.48 -20.85
N ASP C 663 -46.78 -5.74 -21.75
CA ASP C 663 -45.93 -6.93 -21.70
C ASP C 663 -44.48 -6.58 -21.49
N ILE C 664 -43.97 -5.59 -22.22
CA ILE C 664 -42.61 -5.09 -22.02
C ILE C 664 -42.68 -3.64 -21.58
N PRO C 665 -42.41 -3.34 -20.32
CA PRO C 665 -42.53 -1.95 -19.85
C PRO C 665 -41.42 -1.05 -20.37
N ILE C 666 -41.72 0.24 -20.46
CA ILE C 666 -40.77 1.27 -20.87
C ILE C 666 -40.53 2.27 -19.75
N GLY C 667 -41.60 2.89 -19.27
CA GLY C 667 -41.50 3.91 -18.23
C GLY C 667 -42.49 5.02 -18.54
N ALA C 668 -42.95 5.69 -17.47
CA ALA C 668 -43.91 6.80 -17.54
C ALA C 668 -45.20 6.39 -18.27
N GLY C 669 -45.70 5.19 -17.96
CA GLY C 669 -46.92 4.70 -18.56
C GLY C 669 -46.83 4.40 -20.04
N ILE C 670 -45.66 3.96 -20.52
CA ILE C 670 -45.46 3.58 -21.91
C ILE C 670 -45.05 2.12 -21.94
N CYS C 671 -45.62 1.36 -22.88
CA CYS C 671 -45.27 -0.04 -23.05
C CYS C 671 -45.23 -0.38 -24.54
N ALA C 672 -44.31 -1.25 -24.91
CA ALA C 672 -44.12 -1.66 -26.28
C ALA C 672 -44.46 -3.13 -26.46
N SER C 673 -44.85 -3.49 -27.68
CA SER C 673 -45.24 -4.86 -28.00
C SER C 673 -44.96 -5.13 -29.46
N TYR C 674 -45.20 -6.36 -29.88
CA TYR C 674 -44.97 -6.80 -31.25
C TYR C 674 -46.30 -7.15 -31.90
N GLN C 675 -46.57 -6.57 -33.06
CA GLN C 675 -47.82 -6.81 -33.77
C GLN C 675 -47.65 -7.92 -34.82
N GLN C 690 -45.39 -7.87 -37.10
CA GLN C 690 -44.50 -7.50 -38.20
C GLN C 690 -43.74 -6.22 -37.89
N SER C 691 -44.11 -5.57 -36.78
CA SER C 691 -43.46 -4.34 -36.36
C SER C 691 -43.63 -4.18 -34.86
N ILE C 692 -42.78 -3.34 -34.28
CA ILE C 692 -42.82 -3.03 -32.85
C ILE C 692 -43.64 -1.75 -32.68
N ILE C 693 -44.59 -1.78 -31.76
CA ILE C 693 -45.50 -0.67 -31.53
C ILE C 693 -45.46 -0.29 -30.06
N ALA C 694 -45.27 1.00 -29.79
CA ALA C 694 -45.33 1.53 -28.44
C ALA C 694 -46.64 2.26 -28.23
N TYR C 695 -47.15 2.21 -27.01
CA TYR C 695 -48.44 2.80 -26.69
C TYR C 695 -48.49 3.13 -25.21
N THR C 696 -49.61 3.70 -24.79
CA THR C 696 -49.80 4.10 -23.41
C THR C 696 -50.48 3.00 -22.61
N MET C 697 -50.46 3.16 -21.29
CA MET C 697 -51.04 2.17 -20.39
C MET C 697 -52.55 2.08 -20.55
N SER C 698 -53.06 0.86 -20.48
CA SER C 698 -54.49 0.59 -20.37
C SER C 698 -54.66 -0.18 -19.05
N LEU C 699 -55.16 0.50 -18.03
CA LEU C 699 -55.26 -0.10 -16.70
C LEU C 699 -56.28 -1.24 -16.65
N GLY C 700 -57.20 -1.29 -17.58
CA GLY C 700 -58.18 -2.36 -17.61
C GLY C 700 -59.40 -1.94 -18.40
N ALA C 701 -60.35 -2.87 -18.48
CA ALA C 701 -61.60 -2.59 -19.15
C ALA C 701 -62.42 -1.59 -18.35
N GLU C 702 -62.98 -0.60 -19.05
CA GLU C 702 -63.78 0.42 -18.39
C GLU C 702 -65.12 -0.15 -17.97
N ASN C 703 -65.51 0.09 -16.72
CA ASN C 703 -66.76 -0.43 -16.19
C ASN C 703 -67.49 0.66 -15.42
N SER C 704 -68.81 0.66 -15.54
CA SER C 704 -69.68 1.51 -14.74
C SER C 704 -70.82 0.66 -14.23
N VAL C 705 -70.88 0.47 -12.91
CA VAL C 705 -71.92 -0.33 -12.28
C VAL C 705 -73.03 0.58 -11.82
N ALA C 706 -74.27 0.22 -12.14
CA ALA C 706 -75.42 1.08 -11.86
C ALA C 706 -75.70 1.12 -10.37
N TYR C 707 -75.89 2.31 -9.84
CA TYR C 707 -76.21 2.53 -8.44
C TYR C 707 -77.62 3.10 -8.32
N SER C 708 -78.37 2.60 -7.36
CA SER C 708 -79.71 3.12 -7.08
C SER C 708 -79.97 3.03 -5.59
N ASN C 709 -81.05 3.68 -5.17
CA ASN C 709 -81.46 3.62 -3.77
C ASN C 709 -82.02 2.25 -3.38
N ASN C 710 -82.45 1.45 -4.35
CA ASN C 710 -83.18 0.22 -4.06
C ASN C 710 -82.79 -0.92 -4.99
N SER C 711 -81.53 -0.98 -5.42
CA SER C 711 -81.08 -2.00 -6.38
C SER C 711 -80.16 -2.99 -5.68
N ILE C 712 -80.48 -4.28 -5.79
CA ILE C 712 -79.66 -5.34 -5.23
C ILE C 712 -79.27 -6.30 -6.36
N ALA C 713 -78.02 -6.73 -6.35
CA ALA C 713 -77.54 -7.78 -7.25
C ALA C 713 -77.28 -9.03 -6.42
N ILE C 714 -78.13 -10.03 -6.57
CA ILE C 714 -78.08 -11.26 -5.80
C ILE C 714 -77.58 -12.37 -6.71
N PRO C 715 -76.57 -13.14 -6.31
CA PRO C 715 -76.11 -14.26 -7.14
C PRO C 715 -77.05 -15.45 -7.06
N THR C 716 -77.03 -16.23 -8.14
CA THR C 716 -77.83 -17.44 -8.30
C THR C 716 -77.00 -18.70 -8.49
N ASN C 717 -75.95 -18.64 -9.29
CA ASN C 717 -75.07 -19.77 -9.53
C ASN C 717 -73.65 -19.42 -9.11
N PHE C 718 -72.81 -20.43 -9.01
CA PHE C 718 -71.48 -20.26 -8.44
C PHE C 718 -70.53 -21.29 -9.04
N THR C 719 -69.24 -21.02 -8.92
CA THR C 719 -68.20 -21.96 -9.29
C THR C 719 -67.21 -22.10 -8.14
N ILE C 720 -66.45 -23.19 -8.18
CA ILE C 720 -65.31 -23.38 -7.31
C ILE C 720 -64.06 -23.43 -8.20
N SER C 721 -62.91 -23.16 -7.58
CA SER C 721 -61.68 -23.05 -8.34
C SER C 721 -60.50 -23.38 -7.45
N VAL C 722 -59.36 -23.65 -8.09
CA VAL C 722 -58.11 -23.93 -7.41
C VAL C 722 -57.05 -22.98 -7.92
N THR C 723 -56.23 -22.47 -7.00
CA THR C 723 -55.12 -21.60 -7.33
C THR C 723 -53.84 -22.17 -6.72
N THR C 724 -52.71 -21.77 -7.29
CA THR C 724 -51.41 -22.27 -6.86
C THR C 724 -50.59 -21.13 -6.27
N GLU C 725 -49.86 -21.44 -5.19
CA GLU C 725 -48.97 -20.48 -4.57
C GLU C 725 -47.63 -21.13 -4.27
N ILE C 726 -46.57 -20.57 -4.83
CA ILE C 726 -45.21 -21.12 -4.70
C ILE C 726 -44.48 -20.30 -3.63
N LEU C 727 -43.94 -20.98 -2.63
CA LEU C 727 -43.21 -20.30 -1.57
C LEU C 727 -41.86 -20.97 -1.33
N PRO C 728 -40.76 -20.24 -1.44
CA PRO C 728 -39.47 -20.81 -1.04
C PRO C 728 -39.40 -20.98 0.46
N VAL C 729 -38.61 -21.97 0.89
CA VAL C 729 -38.50 -22.29 2.31
C VAL C 729 -37.07 -22.06 2.77
N SER C 730 -36.12 -22.78 2.16
CA SER C 730 -34.71 -22.66 2.51
C SER C 730 -33.87 -22.92 1.28
N MET C 731 -32.68 -22.33 1.26
CA MET C 731 -31.74 -22.52 0.17
C MET C 731 -30.62 -23.45 0.63
N THR C 732 -29.70 -23.74 -0.29
CA THR C 732 -28.67 -24.74 -0.05
C THR C 732 -27.66 -24.23 0.98
N LYS C 733 -27.36 -25.08 1.96
CA LYS C 733 -26.34 -24.75 2.94
C LYS C 733 -24.95 -24.82 2.31
N THR C 734 -24.01 -24.13 2.93
CA THR C 734 -22.64 -24.12 2.44
C THR C 734 -21.68 -23.88 3.60
N SER C 735 -20.43 -24.25 3.39
CA SER C 735 -19.37 -24.01 4.35
C SER C 735 -18.11 -23.60 3.59
N VAL C 736 -17.24 -22.86 4.28
CA VAL C 736 -16.05 -22.31 3.67
C VAL C 736 -14.85 -22.62 4.55
N ASP C 737 -13.67 -22.59 3.95
CA ASP C 737 -12.42 -22.79 4.66
C ASP C 737 -11.80 -21.43 4.98
N CYS C 738 -11.14 -21.36 6.13
CA CYS C 738 -10.49 -20.12 6.55
C CYS C 738 -9.23 -19.87 5.74
N THR C 739 -8.29 -20.81 5.77
CA THR C 739 -6.95 -20.60 5.24
C THR C 739 -6.76 -21.12 3.82
N MET C 740 -7.35 -22.26 3.47
CA MET C 740 -7.02 -22.91 2.20
C MET C 740 -7.57 -22.12 1.02
N TYR C 741 -8.71 -21.45 1.20
CA TYR C 741 -9.23 -20.59 0.13
C TYR C 741 -8.34 -19.37 -0.08
N ILE C 742 -7.93 -18.72 1.02
CA ILE C 742 -7.12 -17.52 0.90
C ILE C 742 -5.72 -17.85 0.44
N CYS C 743 -5.12 -18.88 1.02
CA CYS C 743 -3.74 -19.26 0.74
C CYS C 743 -3.67 -20.73 0.37
N GLY C 744 -2.79 -21.08 -0.56
CA GLY C 744 -2.62 -22.45 -0.96
C GLY C 744 -1.82 -23.27 0.03
N ASP C 745 -1.00 -24.19 -0.47
CA ASP C 745 -0.17 -25.02 0.40
C ASP C 745 1.17 -24.34 0.72
N SER C 746 1.09 -23.11 1.21
CA SER C 746 2.27 -22.34 1.62
C SER C 746 2.05 -21.86 3.05
N THR C 747 2.99 -22.20 3.94
CA THR C 747 2.86 -21.80 5.33
C THR C 747 3.10 -20.31 5.53
N GLU C 748 3.86 -19.69 4.62
CA GLU C 748 4.16 -18.27 4.74
C GLU C 748 2.90 -17.41 4.59
N CYS C 749 2.00 -17.80 3.69
CA CYS C 749 0.75 -17.07 3.55
C CYS C 749 -0.14 -17.25 4.77
N SER C 750 -0.09 -18.43 5.40
CA SER C 750 -0.82 -18.62 6.66
C SER C 750 -0.24 -17.75 7.77
N ASN C 751 1.09 -17.61 7.81
CA ASN C 751 1.71 -16.74 8.79
C ASN C 751 1.33 -15.28 8.55
N LEU C 752 1.25 -14.87 7.28
CA LEU C 752 0.80 -13.52 6.97
C LEU C 752 -0.67 -13.32 7.31
N LEU C 753 -1.48 -14.37 7.15
CA LEU C 753 -2.88 -14.31 7.58
C LEU C 753 -3.01 -14.22 9.10
N LEU C 754 -2.04 -14.79 9.82
CA LEU C 754 -2.04 -14.72 11.28
C LEU C 754 -1.87 -13.31 11.81
N GLN C 755 -1.40 -12.38 10.98
CA GLN C 755 -1.34 -10.97 11.38
C GLN C 755 -2.73 -10.42 11.65
N TYR C 756 -3.70 -10.76 10.80
CA TYR C 756 -5.09 -10.40 11.05
C TYR C 756 -5.70 -11.34 12.07
N GLY C 757 -5.74 -12.63 11.75
CA GLY C 757 -6.10 -13.66 12.72
C GLY C 757 -7.57 -13.78 13.02
N SER C 758 -8.13 -12.81 13.72
CA SER C 758 -9.51 -12.88 14.20
C SER C 758 -10.50 -12.34 13.18
N PHE C 759 -10.44 -12.87 11.96
CA PHE C 759 -11.36 -12.47 10.90
C PHE C 759 -12.18 -13.63 10.37
N CYS C 760 -11.55 -14.75 10.04
CA CYS C 760 -12.26 -15.88 9.47
C CYS C 760 -13.08 -16.67 10.49
N THR C 761 -12.77 -16.52 11.78
CA THR C 761 -13.55 -17.18 12.82
C THR C 761 -14.98 -16.65 12.84
N GLN C 762 -15.15 -15.33 12.70
CA GLN C 762 -16.48 -14.75 12.65
C GLN C 762 -17.23 -15.20 11.41
N LEU C 763 -16.52 -15.33 10.28
CA LEU C 763 -17.15 -15.81 9.05
C LEU C 763 -17.62 -17.25 9.21
N LYS C 764 -16.80 -18.11 9.83
CA LYS C 764 -17.19 -19.49 10.06
C LYS C 764 -18.38 -19.57 11.01
N ARG C 765 -18.38 -18.74 12.06
CA ARG C 765 -19.49 -18.73 13.00
C ARG C 765 -20.78 -18.28 12.33
N ALA C 766 -20.70 -17.25 11.48
CA ALA C 766 -21.87 -16.78 10.76
C ALA C 766 -22.39 -17.83 9.78
N LEU C 767 -21.48 -18.52 9.09
CA LEU C 767 -21.89 -19.55 8.15
C LEU C 767 -22.56 -20.72 8.87
N THR C 768 -22.01 -21.13 10.03
CA THR C 768 -22.63 -22.21 10.79
C THR C 768 -23.99 -21.79 11.33
N GLY C 769 -24.12 -20.54 11.77
CA GLY C 769 -25.42 -20.05 12.21
C GLY C 769 -26.44 -20.03 11.09
N ILE C 770 -26.01 -19.63 9.90
CA ILE C 770 -26.89 -19.64 8.73
C ILE C 770 -27.33 -21.08 8.42
N ALA C 771 -26.39 -22.02 8.49
CA ALA C 771 -26.71 -23.41 8.18
C ALA C 771 -27.70 -24.00 9.18
N VAL C 772 -27.50 -23.76 10.47
CA VAL C 772 -28.40 -24.33 11.46
C VAL C 772 -29.77 -23.63 11.41
N GLU C 773 -29.79 -22.33 11.10
CA GLU C 773 -31.05 -21.63 10.95
C GLU C 773 -31.84 -22.14 9.75
N GLN C 774 -31.15 -22.43 8.65
CA GLN C 774 -31.84 -22.98 7.48
C GLN C 774 -32.28 -24.42 7.72
N ASP C 775 -31.55 -25.17 8.53
CA ASP C 775 -32.03 -26.50 8.93
C ASP C 775 -33.29 -26.40 9.77
N LYS C 776 -33.36 -25.41 10.66
CA LYS C 776 -34.58 -25.18 11.44
C LYS C 776 -35.72 -24.68 10.56
N ASN C 777 -35.39 -23.99 9.46
CA ASN C 777 -36.40 -23.38 8.60
C ASN C 777 -37.26 -24.40 7.87
N THR C 778 -36.80 -25.64 7.75
CA THR C 778 -37.67 -26.69 7.25
C THR C 778 -38.41 -27.40 8.38
N GLN C 779 -37.74 -27.55 9.52
CA GLN C 779 -38.30 -28.34 10.61
C GLN C 779 -39.52 -27.67 11.23
N GLU C 780 -39.46 -26.36 11.48
CA GLU C 780 -40.61 -25.74 12.14
C GLU C 780 -41.75 -25.49 11.16
N VAL C 781 -41.47 -25.52 9.86
CA VAL C 781 -42.52 -25.32 8.85
C VAL C 781 -43.25 -26.63 8.59
N PHE C 782 -42.52 -27.71 8.37
CA PHE C 782 -43.16 -28.96 7.97
C PHE C 782 -43.64 -29.78 9.15
N ALA C 783 -42.81 -29.94 10.18
CA ALA C 783 -43.14 -30.81 11.31
C ALA C 783 -44.04 -30.06 12.30
N GLN C 784 -45.30 -29.93 11.92
CA GLN C 784 -46.31 -29.32 12.79
C GLN C 784 -47.16 -30.34 13.51
N VAL C 785 -47.13 -31.61 13.10
CA VAL C 785 -47.90 -32.67 13.74
C VAL C 785 -46.92 -33.76 14.15
N LYS C 786 -47.07 -34.23 15.40
CA LYS C 786 -46.18 -35.24 15.98
C LYS C 786 -46.85 -36.62 15.95
N GLN C 787 -47.64 -36.88 14.91
CA GLN C 787 -48.38 -38.13 14.84
C GLN C 787 -48.63 -38.41 13.35
N ILE C 788 -47.86 -39.34 12.79
CA ILE C 788 -47.97 -39.64 11.37
C ILE C 788 -49.22 -40.49 11.14
N TYR C 789 -50.12 -40.00 10.30
CA TYR C 789 -51.32 -40.73 9.93
C TYR C 789 -51.14 -41.36 8.55
N LYS C 790 -52.03 -42.31 8.24
CA LYS C 790 -52.04 -42.97 6.95
C LYS C 790 -53.46 -43.04 6.42
N THR C 791 -53.58 -43.04 5.09
CA THR C 791 -54.88 -43.08 4.46
C THR C 791 -55.48 -44.48 4.57
N PRO C 792 -56.81 -44.58 4.68
CA PRO C 792 -57.45 -45.90 4.61
C PRO C 792 -57.31 -46.48 3.22
N PRO C 793 -57.31 -47.81 3.10
CA PRO C 793 -57.10 -48.42 1.77
C PRO C 793 -58.23 -48.15 0.78
N ILE C 794 -59.47 -48.04 1.23
CA ILE C 794 -60.58 -47.78 0.35
C ILE C 794 -60.79 -46.26 0.26
N LYS C 795 -61.39 -45.82 -0.86
CA LYS C 795 -61.62 -44.41 -1.12
C LYS C 795 -63.11 -44.17 -1.34
N TYR C 796 -63.84 -43.99 -0.24
CA TYR C 796 -65.24 -43.59 -0.29
C TYR C 796 -65.40 -42.09 -0.10
N PHE C 797 -64.68 -41.30 -0.89
CA PHE C 797 -64.61 -39.86 -0.64
C PHE C 797 -65.69 -39.09 -1.39
N GLY C 798 -66.94 -39.55 -1.29
CA GLY C 798 -68.08 -38.83 -1.83
C GLY C 798 -68.05 -38.54 -3.31
N GLY C 799 -67.25 -39.28 -4.08
CA GLY C 799 -67.03 -38.98 -5.48
C GLY C 799 -65.86 -38.05 -5.76
N PHE C 800 -65.24 -37.49 -4.73
CA PHE C 800 -64.06 -36.66 -4.94
C PHE C 800 -62.87 -37.53 -5.33
N ASN C 801 -62.17 -37.15 -6.39
CA ASN C 801 -61.02 -37.90 -6.88
C ASN C 801 -59.75 -37.25 -6.33
N PHE C 802 -59.10 -37.93 -5.39
CA PHE C 802 -57.89 -37.43 -4.75
C PHE C 802 -56.64 -38.16 -5.23
N SER C 803 -56.71 -38.84 -6.37
CA SER C 803 -55.61 -39.70 -6.79
C SER C 803 -54.37 -38.91 -7.18
N GLN C 804 -54.55 -37.64 -7.53
CA GLN C 804 -53.42 -36.83 -7.97
C GLN C 804 -52.57 -36.30 -6.83
N ILE C 805 -53.08 -36.27 -5.60
CA ILE C 805 -52.39 -35.64 -4.48
C ILE C 805 -51.83 -36.66 -3.49
N LEU C 806 -52.54 -37.76 -3.26
CA LEU C 806 -52.01 -38.79 -2.38
C LEU C 806 -50.86 -39.52 -3.07
N PRO C 807 -49.91 -40.06 -2.32
CA PRO C 807 -48.79 -40.77 -2.94
C PRO C 807 -49.23 -42.04 -3.65
N ASP C 808 -48.54 -42.34 -4.76
CA ASP C 808 -48.85 -43.50 -5.57
C ASP C 808 -47.92 -44.64 -5.20
N PRO C 809 -48.44 -45.78 -4.74
CA PRO C 809 -47.55 -46.90 -4.39
C PRO C 809 -46.88 -47.55 -5.59
N SER C 810 -47.44 -47.38 -6.79
CA SER C 810 -46.84 -47.98 -7.98
C SER C 810 -45.49 -47.35 -8.31
N LYS C 811 -45.38 -46.04 -8.17
CA LYS C 811 -44.10 -45.37 -8.37
C LYS C 811 -43.14 -45.77 -7.26
N PRO C 812 -41.88 -46.08 -7.57
CA PRO C 812 -40.92 -46.46 -6.52
C PRO C 812 -40.69 -45.38 -5.48
N SER C 813 -40.71 -44.11 -5.89
CA SER C 813 -40.63 -43.00 -4.95
C SER C 813 -42.03 -42.68 -4.46
N LYS C 814 -42.23 -42.68 -3.14
CA LYS C 814 -43.55 -42.49 -2.57
C LYS C 814 -43.99 -41.04 -2.65
N ARG C 815 -44.26 -40.56 -3.87
CA ARG C 815 -44.63 -39.18 -4.13
C ARG C 815 -45.95 -39.15 -4.91
N SER C 816 -46.44 -37.94 -5.15
CA SER C 816 -47.65 -37.70 -5.92
C SER C 816 -47.29 -37.35 -7.35
N PRO C 817 -48.21 -37.53 -8.31
CA PRO C 817 -47.94 -37.12 -9.69
C PRO C 817 -47.64 -35.63 -9.83
N ILE C 818 -48.30 -34.81 -9.01
CA ILE C 818 -48.00 -33.38 -8.98
C ILE C 818 -46.56 -33.14 -8.51
N GLU C 819 -46.14 -33.92 -7.50
CA GLU C 819 -44.77 -33.83 -7.02
C GLU C 819 -43.78 -34.27 -8.09
N ASP C 820 -44.15 -35.28 -8.87
CA ASP C 820 -43.31 -35.72 -9.98
C ASP C 820 -43.18 -34.64 -11.05
N LEU C 821 -44.29 -33.97 -11.35
CA LEU C 821 -44.25 -32.87 -12.31
C LEU C 821 -43.40 -31.71 -11.80
N LEU C 822 -43.51 -31.39 -10.51
CA LEU C 822 -42.69 -30.32 -9.94
C LEU C 822 -41.22 -30.68 -9.92
N PHE C 823 -40.90 -31.95 -9.65
CA PHE C 823 -39.51 -32.39 -9.66
C PHE C 823 -38.95 -32.41 -11.08
N ASN C 824 -39.77 -32.73 -12.07
CA ASN C 824 -39.29 -32.83 -13.44
C ASN C 824 -39.05 -31.45 -14.05
N LYS C 825 -39.82 -30.45 -13.62
CA LYS C 825 -39.69 -29.10 -14.18
C LYS C 825 -38.55 -28.30 -13.56
N VAL C 826 -37.88 -28.84 -12.55
CA VAL C 826 -36.77 -28.13 -11.92
C VAL C 826 -35.49 -28.95 -12.06
N LEU C 849 -20.55 -29.47 -12.83
CA LEU C 849 -20.18 -28.17 -12.28
C LEU C 849 -20.20 -28.18 -10.76
N ILE C 850 -20.96 -29.13 -10.20
CA ILE C 850 -21.09 -29.22 -8.75
C ILE C 850 -19.79 -29.71 -8.12
N CYS C 851 -19.15 -30.71 -8.73
CA CYS C 851 -17.90 -31.25 -8.18
C CYS C 851 -16.76 -30.24 -8.30
N ALA C 852 -16.75 -29.45 -9.38
CA ALA C 852 -15.73 -28.41 -9.53
C ALA C 852 -15.88 -27.34 -8.45
N GLN C 853 -17.11 -26.98 -8.12
CA GLN C 853 -17.34 -26.04 -7.02
C GLN C 853 -16.98 -26.66 -5.68
N LYS C 854 -17.21 -27.98 -5.53
CA LYS C 854 -16.90 -28.66 -4.28
C LYS C 854 -15.39 -28.76 -4.07
N PHE C 855 -14.63 -28.90 -5.16
CA PHE C 855 -13.22 -29.26 -5.05
C PHE C 855 -12.33 -28.09 -4.62
N ASN C 856 -12.87 -26.87 -4.55
CA ASN C 856 -12.12 -25.73 -4.04
C ASN C 856 -12.52 -25.38 -2.61
N GLY C 857 -13.02 -26.36 -1.86
CA GLY C 857 -13.38 -26.15 -0.47
C GLY C 857 -14.66 -25.40 -0.26
N LEU C 858 -15.46 -25.22 -1.31
CA LEU C 858 -16.81 -24.65 -1.19
C LEU C 858 -17.75 -25.84 -1.08
N THR C 859 -17.78 -26.43 0.11
CA THR C 859 -18.49 -27.69 0.34
C THR C 859 -19.92 -27.39 0.79
N VAL C 860 -20.89 -27.90 0.05
CA VAL C 860 -22.27 -27.84 0.49
C VAL C 860 -22.54 -28.95 1.51
N LEU C 861 -23.60 -28.77 2.29
CA LEU C 861 -23.96 -29.77 3.27
C LEU C 861 -25.36 -30.29 2.99
N PRO C 862 -25.58 -31.59 3.12
CA PRO C 862 -26.92 -32.13 2.87
C PRO C 862 -27.89 -31.69 3.96
N PRO C 863 -29.17 -31.55 3.63
CA PRO C 863 -30.16 -31.24 4.67
C PRO C 863 -30.34 -32.40 5.61
N LEU C 864 -30.73 -32.07 6.86
CA LEU C 864 -30.96 -33.11 7.85
C LEU C 864 -32.14 -33.99 7.47
N LEU C 865 -33.21 -33.39 6.95
CA LEU C 865 -34.36 -34.14 6.48
C LEU C 865 -34.21 -34.39 4.98
N THR C 866 -34.32 -35.66 4.58
CA THR C 866 -34.27 -36.01 3.18
C THR C 866 -35.64 -35.80 2.55
N ASP C 867 -35.75 -36.11 1.26
CA ASP C 867 -36.99 -35.87 0.53
C ASP C 867 -38.08 -36.85 0.92
N GLU C 868 -37.72 -38.08 1.27
CA GLU C 868 -38.72 -39.10 1.58
C GLU C 868 -39.43 -38.80 2.90
N MET C 869 -38.70 -38.30 3.90
CA MET C 869 -39.37 -37.94 5.16
C MET C 869 -40.22 -36.69 4.99
N ILE C 870 -39.82 -35.77 4.10
CA ILE C 870 -40.67 -34.63 3.77
C ILE C 870 -41.95 -35.11 3.10
N ALA C 871 -41.83 -36.09 2.21
CA ALA C 871 -43.00 -36.68 1.57
C ALA C 871 -43.89 -37.38 2.59
N GLN C 872 -43.29 -38.04 3.58
CA GLN C 872 -44.06 -38.68 4.64
C GLN C 872 -44.81 -37.64 5.48
N TYR C 873 -44.16 -36.53 5.80
CA TYR C 873 -44.81 -35.46 6.55
C TYR C 873 -45.98 -34.87 5.79
N THR C 874 -45.78 -34.64 4.48
CA THR C 874 -46.87 -34.12 3.66
C THR C 874 -48.01 -35.12 3.55
N SER C 875 -47.69 -36.41 3.39
CA SER C 875 -48.73 -37.43 3.31
C SER C 875 -49.53 -37.52 4.60
N ALA C 876 -48.85 -37.38 5.75
CA ALA C 876 -49.54 -37.32 7.02
C ALA C 876 -50.44 -36.09 7.11
N LEU C 877 -49.97 -34.95 6.59
CA LEU C 877 -50.80 -33.75 6.60
C LEU C 877 -52.04 -33.91 5.74
N LEU C 878 -51.91 -34.48 4.54
CA LEU C 878 -53.07 -34.76 3.71
C LEU C 878 -54.02 -35.75 4.37
N ALA C 879 -53.49 -36.79 5.02
CA ALA C 879 -54.35 -37.75 5.69
C ALA C 879 -55.13 -37.10 6.83
N GLY C 880 -54.45 -36.26 7.63
CA GLY C 880 -55.13 -35.58 8.72
C GLY C 880 -56.17 -34.58 8.25
N THR C 881 -55.86 -33.84 7.18
CA THR C 881 -56.83 -32.86 6.69
C THR C 881 -57.93 -33.48 5.86
N ILE C 882 -57.77 -34.73 5.44
CA ILE C 882 -58.82 -35.40 4.66
C ILE C 882 -59.77 -36.17 5.57
N THR C 883 -59.24 -36.96 6.49
CA THR C 883 -60.08 -37.90 7.23
C THR C 883 -60.43 -37.45 8.64
N SER C 884 -59.78 -36.41 9.17
CA SER C 884 -60.07 -35.95 10.53
C SER C 884 -60.55 -34.51 10.56
N GLY C 885 -60.83 -33.91 9.42
CA GLY C 885 -61.24 -32.51 9.40
C GLY C 885 -60.07 -31.62 9.80
N TRP C 886 -60.32 -30.74 10.77
CA TRP C 886 -59.29 -29.85 11.30
C TRP C 886 -59.07 -30.03 12.79
N THR C 887 -59.64 -31.08 13.39
CA THR C 887 -59.53 -31.27 14.82
C THR C 887 -58.14 -31.73 15.24
N PHE C 888 -57.37 -32.31 14.32
CA PHE C 888 -56.04 -32.80 14.65
C PHE C 888 -55.04 -31.68 14.86
N GLY C 889 -55.35 -30.45 14.47
CA GLY C 889 -54.48 -29.33 14.73
C GLY C 889 -54.52 -28.80 16.15
N ALA C 890 -55.46 -29.28 16.96
CA ALA C 890 -55.61 -28.83 18.35
C ALA C 890 -55.28 -29.93 19.34
N GLY C 891 -55.93 -31.08 19.24
CA GLY C 891 -55.69 -32.18 20.14
C GLY C 891 -55.71 -33.52 19.45
N PRO C 892 -56.44 -34.48 20.03
CA PRO C 892 -56.56 -35.80 19.38
C PRO C 892 -57.38 -35.71 18.11
N ALA C 893 -56.94 -36.44 17.09
CA ALA C 893 -57.65 -36.45 15.83
C ALA C 893 -58.97 -37.20 15.96
N LEU C 894 -60.04 -36.59 15.44
CA LEU C 894 -61.37 -37.17 15.49
C LEU C 894 -61.82 -37.42 14.05
N GLN C 895 -62.17 -38.67 13.74
CA GLN C 895 -62.56 -39.01 12.38
C GLN C 895 -63.93 -38.45 12.05
N ILE C 896 -64.12 -38.13 10.78
CA ILE C 896 -65.36 -37.54 10.29
C ILE C 896 -65.45 -37.83 8.80
N PRO C 897 -66.61 -38.25 8.29
CA PRO C 897 -66.79 -38.39 6.85
C PRO C 897 -66.58 -37.08 6.12
N PHE C 898 -65.97 -37.18 4.94
CA PHE C 898 -65.62 -35.99 4.16
C PHE C 898 -66.83 -35.16 3.71
N PRO C 899 -67.95 -35.74 3.24
CA PRO C 899 -69.11 -34.89 2.89
C PRO C 899 -69.66 -34.04 4.02
N MET C 900 -69.70 -34.54 5.26
CA MET C 900 -70.23 -33.71 6.34
C MET C 900 -69.24 -32.64 6.75
N GLN C 901 -67.95 -32.85 6.45
CA GLN C 901 -66.96 -31.80 6.66
C GLN C 901 -67.24 -30.62 5.75
N MET C 902 -67.59 -30.90 4.49
CA MET C 902 -67.87 -29.83 3.52
C MET C 902 -69.10 -29.02 3.88
N ALA C 903 -70.07 -29.63 4.52
CA ALA C 903 -71.23 -28.87 4.98
C ALA C 903 -70.84 -27.85 6.05
N TYR C 904 -69.99 -28.28 6.99
CA TYR C 904 -69.56 -27.36 8.03
C TYR C 904 -68.55 -26.33 7.52
N ARG C 905 -67.86 -26.61 6.43
CA ARG C 905 -67.02 -25.61 5.77
C ARG C 905 -67.84 -24.62 4.96
N PHE C 906 -68.93 -25.06 4.33
CA PHE C 906 -69.88 -24.14 3.72
C PHE C 906 -70.57 -23.27 4.74
N ASN C 907 -70.82 -23.82 5.94
CA ASN C 907 -71.40 -23.04 7.02
C ASN C 907 -70.46 -21.94 7.51
N GLY C 908 -69.17 -22.05 7.23
CA GLY C 908 -68.22 -21.05 7.67
C GLY C 908 -68.17 -19.80 6.84
N ILE C 909 -68.82 -19.78 5.68
CA ILE C 909 -68.78 -18.61 4.80
C ILE C 909 -70.19 -18.07 4.58
N GLY C 910 -71.06 -18.27 5.57
CA GLY C 910 -72.43 -17.77 5.48
C GLY C 910 -73.28 -18.45 4.44
N VAL C 911 -73.12 -19.75 4.26
CA VAL C 911 -73.93 -20.53 3.32
C VAL C 911 -74.51 -21.71 4.09
N THR C 912 -75.82 -21.90 3.99
CA THR C 912 -76.48 -22.99 4.69
C THR C 912 -76.05 -24.34 4.11
N GLN C 913 -76.04 -25.35 4.97
CA GLN C 913 -75.45 -26.64 4.66
C GLN C 913 -76.28 -27.48 3.69
N ASN C 914 -77.54 -27.10 3.42
CA ASN C 914 -78.37 -27.90 2.53
C ASN C 914 -77.95 -27.78 1.07
N VAL C 915 -77.26 -26.68 0.70
CA VAL C 915 -76.84 -26.46 -0.68
C VAL C 915 -75.86 -27.54 -1.12
N LEU C 916 -74.90 -27.86 -0.25
CA LEU C 916 -73.90 -28.89 -0.52
C LEU C 916 -74.52 -30.27 -0.72
N TYR C 917 -75.39 -30.67 0.20
CA TYR C 917 -76.06 -31.96 0.09
C TYR C 917 -77.00 -32.02 -1.11
N GLU C 918 -77.50 -30.86 -1.54
CA GLU C 918 -78.33 -30.84 -2.74
C GLU C 918 -77.51 -30.97 -4.02
N ASN C 919 -76.31 -30.36 -4.05
CA ASN C 919 -75.56 -30.26 -5.30
C ASN C 919 -74.16 -30.86 -5.19
N GLN C 920 -73.99 -31.90 -4.35
CA GLN C 920 -72.67 -32.48 -4.15
C GLN C 920 -72.14 -33.17 -5.40
N LYS C 921 -73.03 -33.64 -6.27
CA LYS C 921 -72.59 -34.24 -7.53
C LYS C 921 -71.90 -33.18 -8.42
N LEU C 922 -72.54 -32.02 -8.54
CA LEU C 922 -71.94 -30.92 -9.29
C LEU C 922 -70.67 -30.42 -8.63
N ILE C 923 -70.65 -30.40 -7.29
CA ILE C 923 -69.46 -29.97 -6.56
C ILE C 923 -68.29 -30.91 -6.84
N ALA C 924 -68.55 -32.22 -6.79
CA ALA C 924 -67.51 -33.20 -7.06
C ALA C 924 -67.03 -33.13 -8.49
N ASN C 925 -67.95 -32.92 -9.44
CA ASN C 925 -67.55 -32.79 -10.85
C ASN C 925 -66.68 -31.56 -11.06
N GLN C 926 -67.04 -30.43 -10.45
CA GLN C 926 -66.24 -29.21 -10.56
C GLN C 926 -64.87 -29.40 -9.92
N PHE C 927 -64.82 -30.07 -8.77
CA PHE C 927 -63.55 -30.31 -8.09
C PHE C 927 -62.63 -31.20 -8.93
N ASN C 928 -63.20 -32.27 -9.51
CA ASN C 928 -62.41 -33.16 -10.35
C ASN C 928 -61.92 -32.46 -11.61
N SER C 929 -62.78 -31.62 -12.21
CA SER C 929 -62.37 -30.87 -13.40
C SER C 929 -61.25 -29.89 -13.09
N ALA C 930 -61.35 -29.17 -11.96
CA ALA C 930 -60.31 -28.23 -11.58
C ALA C 930 -58.99 -28.95 -11.26
N ILE C 931 -59.08 -30.10 -10.59
CA ILE C 931 -57.89 -30.88 -10.27
C ILE C 931 -57.22 -31.38 -11.55
N GLY C 932 -58.02 -31.83 -12.52
CA GLY C 932 -57.46 -32.24 -13.79
C GLY C 932 -56.85 -31.08 -14.57
N LYS C 933 -57.45 -29.90 -14.46
CA LYS C 933 -56.94 -28.75 -15.20
C LYS C 933 -55.67 -28.19 -14.59
N ILE C 934 -55.46 -28.38 -13.29
CA ILE C 934 -54.31 -27.75 -12.65
C ILE C 934 -52.99 -28.35 -13.13
N GLN C 935 -53.00 -29.60 -13.61
CA GLN C 935 -51.77 -30.26 -14.04
C GLN C 935 -51.19 -29.59 -15.28
N ASP C 936 -51.96 -29.56 -16.37
CA ASP C 936 -51.50 -28.86 -17.56
C ASP C 936 -51.54 -27.35 -17.39
N SER C 937 -52.24 -26.84 -16.37
CA SER C 937 -52.13 -25.41 -16.06
C SER C 937 -50.73 -25.06 -15.59
N LEU C 938 -50.17 -25.84 -14.66
CA LEU C 938 -48.80 -25.57 -14.24
C LEU C 938 -47.78 -26.04 -15.26
N SER C 939 -48.12 -27.07 -16.05
CA SER C 939 -47.17 -27.61 -17.01
C SER C 939 -47.17 -26.89 -18.35
N SER C 940 -48.11 -25.97 -18.57
CA SER C 940 -48.14 -25.24 -19.84
C SER C 940 -46.93 -24.32 -19.99
N THR C 941 -46.57 -23.61 -18.93
CA THR C 941 -45.45 -22.69 -18.98
C THR C 941 -44.56 -22.88 -17.75
N PRO C 942 -43.26 -22.68 -17.90
CA PRO C 942 -42.36 -22.71 -16.74
C PRO C 942 -42.21 -21.36 -16.04
N SER C 943 -43.09 -20.40 -16.32
CA SER C 943 -42.97 -19.08 -15.72
C SER C 943 -43.35 -19.11 -14.25
N ALA C 944 -44.26 -20.01 -13.86
CA ALA C 944 -44.72 -20.06 -12.48
C ALA C 944 -43.65 -20.61 -11.55
N LEU C 945 -42.84 -21.54 -12.04
CA LEU C 945 -41.85 -22.19 -11.19
C LEU C 945 -40.60 -21.32 -10.98
N GLY C 946 -40.51 -20.20 -11.69
CA GLY C 946 -39.37 -19.30 -11.59
C GLY C 946 -39.13 -18.75 -10.20
N LYS C 947 -40.21 -18.68 -9.40
CA LYS C 947 -40.10 -18.26 -8.00
C LYS C 947 -39.22 -19.18 -7.17
N LEU C 948 -39.00 -20.41 -7.62
CA LEU C 948 -37.97 -21.25 -7.03
C LEU C 948 -36.66 -21.21 -7.79
N GLN C 949 -36.71 -20.95 -9.09
CA GLN C 949 -35.50 -20.98 -9.92
C GLN C 949 -34.51 -19.90 -9.49
N ASP C 950 -35.01 -18.70 -9.20
CA ASP C 950 -34.15 -17.63 -8.71
C ASP C 950 -33.57 -17.94 -7.34
N VAL C 951 -34.16 -18.89 -6.61
CA VAL C 951 -33.53 -19.38 -5.38
C VAL C 951 -32.23 -20.10 -5.72
N VAL C 952 -32.23 -20.90 -6.77
CA VAL C 952 -31.10 -21.79 -7.03
C VAL C 952 -29.95 -21.04 -7.71
N ASN C 953 -30.21 -20.49 -8.90
CA ASN C 953 -29.13 -19.99 -9.75
C ASN C 953 -28.44 -18.78 -9.14
N HIS C 954 -29.21 -17.92 -8.48
CA HIS C 954 -28.61 -16.79 -7.75
C HIS C 954 -27.67 -17.29 -6.67
N ASN C 955 -28.03 -18.38 -6.00
CA ASN C 955 -27.06 -19.07 -5.14
C ASN C 955 -25.93 -19.65 -5.97
N ALA C 956 -26.27 -20.32 -7.09
CA ALA C 956 -25.29 -21.05 -7.86
C ALA C 956 -24.27 -20.13 -8.51
N GLN C 957 -24.72 -18.97 -8.98
CA GLN C 957 -23.77 -17.99 -9.51
C GLN C 957 -22.97 -17.31 -8.41
N ALA C 958 -23.47 -17.34 -7.17
CA ALA C 958 -22.79 -16.66 -6.07
C ALA C 958 -21.42 -17.26 -5.80
N LEU C 959 -21.30 -18.59 -5.87
CA LEU C 959 -19.98 -19.21 -5.84
C LEU C 959 -19.25 -18.97 -7.15
N ASN C 960 -19.98 -18.94 -8.26
CA ASN C 960 -19.36 -18.80 -9.58
C ASN C 960 -18.69 -17.44 -9.74
N THR C 961 -19.32 -16.39 -9.24
CA THR C 961 -18.66 -15.08 -9.22
C THR C 961 -17.61 -14.99 -8.12
N LEU C 962 -17.58 -15.95 -7.19
CA LEU C 962 -16.52 -15.98 -6.19
C LEU C 962 -15.30 -16.73 -6.71
N VAL C 963 -15.51 -17.94 -7.24
CA VAL C 963 -14.41 -18.78 -7.70
C VAL C 963 -13.70 -18.18 -8.90
N LYS C 964 -14.37 -17.30 -9.66
CA LYS C 964 -13.70 -16.61 -10.74
C LYS C 964 -12.78 -15.50 -10.24
N GLN C 965 -12.95 -15.06 -8.99
CA GLN C 965 -12.14 -13.97 -8.46
C GLN C 965 -10.77 -14.43 -7.98
N LEU C 966 -10.52 -15.73 -7.94
CA LEU C 966 -9.17 -16.20 -7.61
C LEU C 966 -8.16 -15.79 -8.66
N SER C 967 -8.53 -15.89 -9.94
CA SER C 967 -7.66 -15.49 -11.04
C SER C 967 -7.84 -14.00 -11.31
N SER C 968 -7.36 -13.20 -10.37
CA SER C 968 -7.46 -11.75 -10.45
C SER C 968 -6.15 -11.12 -10.00
N LYS C 969 -5.64 -10.19 -10.79
CA LYS C 969 -4.42 -9.46 -10.45
C LYS C 969 -4.80 -8.29 -9.57
N PHE C 970 -5.02 -8.57 -8.29
CA PHE C 970 -5.44 -7.56 -7.32
C PHE C 970 -4.24 -6.70 -6.93
N GLY C 971 -3.78 -5.90 -7.89
CA GLY C 971 -2.60 -5.08 -7.72
C GLY C 971 -1.30 -5.85 -7.70
N ALA C 972 -1.31 -7.15 -7.97
CA ALA C 972 -0.14 -8.00 -7.91
C ALA C 972 0.35 -8.33 -9.30
N ILE C 973 1.54 -8.93 -9.35
CA ILE C 973 2.13 -9.31 -10.63
C ILE C 973 1.35 -10.47 -11.25
N SER C 974 0.88 -11.41 -10.43
CA SER C 974 0.13 -12.55 -10.92
C SER C 974 -0.76 -13.07 -9.80
N SER C 975 -1.90 -13.65 -10.20
CA SER C 975 -2.82 -14.23 -9.23
C SER C 975 -2.30 -15.55 -8.69
N VAL C 976 -1.49 -16.27 -9.47
CA VAL C 976 -0.93 -17.54 -9.03
C VAL C 976 0.09 -17.29 -7.92
N LEU C 977 0.05 -18.13 -6.89
CA LEU C 977 0.80 -17.92 -5.66
C LEU C 977 2.27 -18.35 -5.78
N ASN C 978 2.49 -19.62 -6.07
CA ASN C 978 3.81 -20.22 -5.85
C ASN C 978 4.88 -19.69 -6.81
N ASP C 979 4.47 -19.15 -7.96
CA ASP C 979 5.46 -18.60 -8.88
C ASP C 979 6.06 -17.31 -8.35
N ILE C 980 5.31 -16.56 -7.53
CA ILE C 980 5.85 -15.37 -6.89
C ILE C 980 6.93 -15.76 -5.88
N LEU C 981 6.68 -16.83 -5.13
CA LEU C 981 7.69 -17.34 -4.19
C LEU C 981 8.90 -17.89 -4.92
N SER C 982 8.68 -18.58 -6.04
CA SER C 982 9.78 -19.17 -6.80
C SER C 982 10.58 -18.13 -7.56
N ARG C 983 9.98 -17.00 -7.91
CA ARG C 983 10.65 -15.98 -8.72
C ARG C 983 11.29 -14.89 -7.86
N LEU C 984 10.59 -14.40 -6.86
CA LEU C 984 11.05 -13.25 -6.10
C LEU C 984 11.81 -13.71 -4.85
N ASP C 985 12.14 -12.78 -3.98
CA ASP C 985 13.06 -12.98 -2.87
C ASP C 985 12.32 -12.44 -1.64
N PRO C 986 12.30 -13.18 -0.52
CA PRO C 986 11.23 -13.04 0.51
C PRO C 986 11.01 -11.64 1.08
N PRO C 987 12.03 -10.75 1.17
CA PRO C 987 11.70 -9.35 1.51
C PRO C 987 10.71 -8.66 0.56
N GLU C 988 10.78 -8.92 -0.76
CA GLU C 988 9.78 -8.33 -1.65
C GLU C 988 8.55 -9.22 -1.84
N ALA C 989 8.51 -10.38 -1.19
CA ALA C 989 7.33 -11.24 -1.24
C ALA C 989 6.14 -10.55 -0.57
N GLU C 990 6.32 -10.09 0.67
CA GLU C 990 5.25 -9.40 1.38
C GLU C 990 4.93 -8.06 0.72
N VAL C 991 5.89 -7.51 -0.02
CA VAL C 991 5.61 -6.36 -0.87
C VAL C 991 4.64 -6.77 -1.96
N GLN C 992 4.85 -7.95 -2.54
CA GLN C 992 3.94 -8.42 -3.59
C GLN C 992 2.68 -9.05 -3.02
N ILE C 993 2.80 -10.16 -2.31
CA ILE C 993 1.61 -10.85 -1.77
C ILE C 993 1.35 -10.26 -0.39
N ASP C 994 0.70 -9.13 -0.39
CA ASP C 994 -0.07 -8.64 0.76
C ASP C 994 -1.46 -8.23 0.34
N ARG C 995 -1.62 -7.69 -0.86
CA ARG C 995 -2.91 -7.21 -1.36
C ARG C 995 -3.77 -8.33 -1.93
N LEU C 996 -3.18 -9.47 -2.28
CA LEU C 996 -3.98 -10.62 -2.68
C LEU C 996 -4.83 -11.12 -1.51
N ILE C 997 -4.23 -11.18 -0.32
CA ILE C 997 -4.94 -11.60 0.88
C ILE C 997 -6.07 -10.63 1.19
N THR C 998 -5.79 -9.33 1.10
CA THR C 998 -6.81 -8.32 1.38
C THR C 998 -7.95 -8.38 0.36
N GLY C 999 -7.62 -8.54 -0.92
CA GLY C 999 -8.65 -8.61 -1.95
C GLY C 999 -9.54 -9.83 -1.79
N ARG C 1000 -8.93 -10.99 -1.53
CA ARG C 1000 -9.73 -12.19 -1.27
C ARG C 1000 -10.54 -12.06 0.01
N LEU C 1001 -10.02 -11.34 1.00
CA LEU C 1001 -10.75 -11.09 2.23
C LEU C 1001 -11.98 -10.22 1.97
N GLN C 1002 -11.84 -9.17 1.16
CA GLN C 1002 -12.99 -8.34 0.82
C GLN C 1002 -14.01 -9.12 -0.02
N SER C 1003 -13.55 -9.99 -0.91
CA SER C 1003 -14.46 -10.82 -1.67
C SER C 1003 -15.25 -11.75 -0.75
N LEU C 1004 -14.57 -12.37 0.23
CA LEU C 1004 -15.24 -13.23 1.20
C LEU C 1004 -16.23 -12.44 2.05
N GLN C 1005 -15.84 -11.23 2.47
CA GLN C 1005 -16.72 -10.39 3.27
C GLN C 1005 -17.97 -10.00 2.50
N THR C 1006 -17.81 -9.63 1.23
CA THR C 1006 -18.96 -9.28 0.39
C THR C 1006 -19.88 -10.48 0.19
N TYR C 1007 -19.30 -11.66 -0.04
CA TYR C 1007 -20.10 -12.86 -0.22
C TYR C 1007 -20.88 -13.21 1.05
N VAL C 1008 -20.23 -13.10 2.21
CA VAL C 1008 -20.90 -13.41 3.47
C VAL C 1008 -22.02 -12.42 3.75
N THR C 1009 -21.77 -11.13 3.50
CA THR C 1009 -22.80 -10.11 3.70
C THR C 1009 -24.00 -10.33 2.77
N GLN C 1010 -23.73 -10.64 1.51
CA GLN C 1010 -24.82 -10.90 0.56
C GLN C 1010 -25.60 -12.15 0.95
N GLN C 1011 -24.90 -13.18 1.43
CA GLN C 1011 -25.58 -14.39 1.89
C GLN C 1011 -26.48 -14.10 3.08
N LEU C 1012 -26.01 -13.27 4.02
CA LEU C 1012 -26.85 -12.89 5.16
C LEU C 1012 -28.07 -12.09 4.71
N ILE C 1013 -27.88 -11.19 3.75
CA ILE C 1013 -28.97 -10.38 3.22
C ILE C 1013 -30.04 -11.26 2.60
N ARG C 1014 -29.62 -12.24 1.79
CA ARG C 1014 -30.57 -13.15 1.17
C ARG C 1014 -31.24 -14.05 2.21
N ALA C 1015 -30.47 -14.50 3.22
CA ALA C 1015 -31.01 -15.41 4.22
C ALA C 1015 -32.06 -14.73 5.09
N ALA C 1016 -31.93 -13.42 5.31
CA ALA C 1016 -32.93 -12.71 6.11
C ALA C 1016 -34.32 -12.76 5.45
N GLU C 1017 -34.39 -12.41 4.16
CA GLU C 1017 -35.69 -12.44 3.49
C GLU C 1017 -36.13 -13.87 3.21
N ILE C 1018 -35.20 -14.80 3.06
CA ILE C 1018 -35.57 -16.22 2.95
C ILE C 1018 -36.25 -16.69 4.24
N ARG C 1019 -35.71 -16.30 5.39
CA ARG C 1019 -36.32 -16.63 6.67
C ARG C 1019 -37.67 -15.96 6.83
N ALA C 1020 -37.81 -14.73 6.35
CA ALA C 1020 -39.11 -14.06 6.40
C ALA C 1020 -40.15 -14.80 5.55
N SER C 1021 -39.75 -15.23 4.35
CA SER C 1021 -40.66 -16.00 3.50
C SER C 1021 -41.00 -17.34 4.13
N ALA C 1022 -40.03 -17.97 4.81
CA ALA C 1022 -40.29 -19.22 5.49
C ALA C 1022 -41.26 -19.04 6.65
N ASN C 1023 -41.15 -17.92 7.36
CA ASN C 1023 -42.10 -17.62 8.43
C ASN C 1023 -43.50 -17.40 7.89
N LEU C 1024 -43.60 -16.71 6.75
CA LEU C 1024 -44.90 -16.54 6.11
C LEU C 1024 -45.48 -17.88 5.67
N ALA C 1025 -44.63 -18.76 5.15
CA ALA C 1025 -45.07 -20.09 4.75
C ALA C 1025 -45.53 -20.90 5.95
N ALA C 1026 -44.85 -20.77 7.10
CA ALA C 1026 -45.29 -21.45 8.31
C ALA C 1026 -46.62 -20.91 8.79
N THR C 1027 -46.83 -19.61 8.68
CA THR C 1027 -48.12 -19.02 9.05
C THR C 1027 -49.24 -19.54 8.15
N LYS C 1028 -48.97 -19.64 6.84
CA LYS C 1028 -49.98 -20.18 5.93
C LYS C 1028 -50.20 -21.67 6.16
N MET C 1029 -49.17 -22.39 6.59
CA MET C 1029 -49.33 -23.78 7.01
C MET C 1029 -50.25 -23.88 8.21
N SER C 1030 -50.09 -23.00 9.18
CA SER C 1030 -50.88 -23.08 10.40
C SER C 1030 -52.32 -22.63 10.17
N GLU C 1031 -52.54 -21.63 9.33
CA GLU C 1031 -53.84 -21.00 9.21
C GLU C 1031 -54.68 -21.54 8.06
N CYS C 1032 -54.12 -21.57 6.85
CA CYS C 1032 -54.90 -21.98 5.68
C CYS C 1032 -55.19 -23.48 5.69
N VAL C 1033 -54.24 -24.28 6.18
CA VAL C 1033 -54.37 -25.74 6.10
C VAL C 1033 -55.13 -26.30 7.29
N LEU C 1034 -54.71 -25.95 8.51
CA LEU C 1034 -55.29 -26.52 9.71
C LEU C 1034 -56.59 -25.85 10.12
N GLY C 1035 -57.07 -24.87 9.36
CA GLY C 1035 -58.33 -24.22 9.67
C GLY C 1035 -58.83 -23.48 8.45
N GLN C 1036 -60.01 -22.87 8.60
CA GLN C 1036 -60.62 -22.08 7.55
C GLN C 1036 -60.48 -20.62 7.95
N SER C 1037 -59.44 -19.96 7.43
CA SER C 1037 -59.16 -18.59 7.82
C SER C 1037 -60.18 -17.62 7.22
N LYS C 1038 -60.52 -16.59 7.98
CA LYS C 1038 -61.49 -15.59 7.54
C LYS C 1038 -60.84 -14.32 7.00
N ARG C 1039 -59.51 -14.27 6.94
CA ARG C 1039 -58.85 -13.11 6.37
C ARG C 1039 -59.05 -13.08 4.87
N VAL C 1040 -59.37 -11.91 4.34
CA VAL C 1040 -59.63 -11.77 2.91
C VAL C 1040 -58.32 -11.90 2.14
N ASP C 1041 -58.36 -12.68 1.05
CA ASP C 1041 -57.31 -12.78 0.04
C ASP C 1041 -56.07 -13.53 0.55
N PHE C 1042 -56.06 -13.88 1.84
CA PHE C 1042 -54.89 -14.53 2.42
C PHE C 1042 -54.73 -15.97 1.94
N CYS C 1043 -55.82 -16.74 1.96
CA CYS C 1043 -55.78 -18.16 1.61
C CYS C 1043 -56.39 -18.42 0.24
N GLY C 1044 -56.14 -17.52 -0.71
CA GLY C 1044 -56.61 -17.69 -2.07
C GLY C 1044 -57.31 -16.44 -2.56
N LYS C 1045 -58.11 -16.60 -3.60
CA LYS C 1045 -58.89 -15.50 -4.17
C LYS C 1045 -60.36 -15.76 -3.91
N GLY C 1046 -61.03 -14.79 -3.30
CA GLY C 1046 -62.41 -14.97 -2.93
C GLY C 1046 -62.55 -15.69 -1.60
N TYR C 1047 -63.76 -16.23 -1.39
CA TYR C 1047 -64.03 -16.99 -0.18
C TYR C 1047 -63.27 -18.30 -0.21
N HIS C 1048 -62.52 -18.57 0.85
CA HIS C 1048 -61.60 -19.70 0.91
C HIS C 1048 -62.28 -20.90 1.54
N LEU C 1049 -62.14 -22.07 0.90
CA LEU C 1049 -62.68 -23.31 1.42
C LEU C 1049 -61.60 -24.22 2.00
N MET C 1050 -60.56 -24.54 1.24
CA MET C 1050 -59.51 -25.44 1.71
C MET C 1050 -58.16 -25.06 1.12
N SER C 1051 -57.14 -25.81 1.52
CA SER C 1051 -55.84 -25.72 0.90
C SER C 1051 -55.13 -27.07 1.02
N PHE C 1052 -54.25 -27.35 0.07
CA PHE C 1052 -53.44 -28.55 0.07
C PHE C 1052 -51.97 -28.18 0.00
N PRO C 1053 -51.12 -28.84 0.77
CA PRO C 1053 -49.68 -28.65 0.61
C PRO C 1053 -49.06 -29.72 -0.29
N GLN C 1054 -48.05 -29.29 -1.05
CA GLN C 1054 -47.21 -30.22 -1.80
C GLN C 1054 -45.77 -29.75 -1.70
N SER C 1055 -44.86 -30.72 -1.55
CA SER C 1055 -43.45 -30.39 -1.44
C SER C 1055 -42.88 -29.98 -2.79
N ALA C 1056 -41.70 -29.38 -2.76
CA ALA C 1056 -41.01 -28.96 -3.96
C ALA C 1056 -39.53 -28.83 -3.62
N PRO C 1057 -38.63 -28.98 -4.62
CA PRO C 1057 -37.19 -28.78 -4.35
C PRO C 1057 -36.89 -27.41 -3.78
N HIS C 1058 -36.48 -27.40 -2.50
CA HIS C 1058 -36.23 -26.19 -1.72
C HIS C 1058 -37.46 -25.28 -1.67
N GLY C 1059 -38.65 -25.87 -1.52
CA GLY C 1059 -39.82 -25.02 -1.41
C GLY C 1059 -41.09 -25.82 -1.20
N VAL C 1060 -42.20 -25.08 -1.11
CA VAL C 1060 -43.52 -25.66 -0.94
C VAL C 1060 -44.46 -24.99 -1.92
N VAL C 1061 -45.55 -25.69 -2.23
CA VAL C 1061 -46.60 -25.14 -3.07
C VAL C 1061 -47.94 -25.42 -2.41
N PHE C 1062 -48.87 -24.49 -2.58
CA PHE C 1062 -50.20 -24.57 -1.99
C PHE C 1062 -51.25 -24.60 -3.10
N LEU C 1063 -52.20 -25.51 -2.98
CA LEU C 1063 -53.36 -25.57 -3.85
C LEU C 1063 -54.55 -25.08 -3.03
N HIS C 1064 -54.94 -23.82 -3.26
CA HIS C 1064 -56.07 -23.23 -2.55
C HIS C 1064 -57.35 -23.54 -3.30
N VAL C 1065 -58.31 -24.15 -2.60
CA VAL C 1065 -59.63 -24.43 -3.15
C VAL C 1065 -60.56 -23.34 -2.63
N THR C 1066 -61.01 -22.46 -3.51
CA THR C 1066 -61.86 -21.33 -3.18
C THR C 1066 -63.17 -21.40 -3.95
N TYR C 1067 -64.09 -20.51 -3.58
CA TYR C 1067 -65.45 -20.49 -4.10
C TYR C 1067 -65.81 -19.07 -4.50
N VAL C 1068 -66.41 -18.91 -5.69
CA VAL C 1068 -66.82 -17.60 -6.17
C VAL C 1068 -68.23 -17.67 -6.75
N PRO C 1069 -69.01 -16.60 -6.71
CA PRO C 1069 -70.31 -16.59 -7.40
C PRO C 1069 -70.13 -16.44 -8.90
N ALA C 1070 -71.18 -16.84 -9.63
CA ALA C 1070 -71.10 -16.82 -11.09
C ALA C 1070 -72.09 -15.86 -11.74
N GLN C 1071 -73.38 -16.04 -11.45
CA GLN C 1071 -74.44 -15.29 -12.11
C GLN C 1071 -75.19 -14.44 -11.11
N GLU C 1072 -75.71 -13.29 -11.57
CA GLU C 1072 -76.37 -12.35 -10.69
C GLU C 1072 -77.65 -11.83 -11.34
N LYS C 1073 -78.59 -11.42 -10.49
CA LYS C 1073 -79.84 -10.82 -10.94
C LYS C 1073 -80.19 -9.64 -10.04
N ASN C 1074 -80.85 -8.64 -10.62
CA ASN C 1074 -81.18 -7.41 -9.92
C ASN C 1074 -82.60 -7.44 -9.38
N PHE C 1075 -82.77 -6.89 -8.18
CA PHE C 1075 -84.05 -6.90 -7.48
C PHE C 1075 -84.21 -5.60 -6.70
N THR C 1076 -85.42 -5.39 -6.19
CA THR C 1076 -85.81 -4.22 -5.43
C THR C 1076 -85.90 -4.58 -3.95
N THR C 1077 -85.49 -3.65 -3.09
CA THR C 1077 -85.35 -3.91 -1.66
C THR C 1077 -86.08 -2.86 -0.84
N ALA C 1078 -85.94 -2.99 0.47
CA ALA C 1078 -86.40 -2.07 1.51
C ALA C 1078 -85.71 -2.45 2.81
N PRO C 1079 -85.30 -1.48 3.64
CA PRO C 1079 -84.58 -1.82 4.87
C PRO C 1079 -85.40 -2.56 5.91
N ALA C 1080 -86.72 -2.42 5.89
CA ALA C 1080 -87.57 -3.04 6.89
C ALA C 1080 -88.96 -3.23 6.30
N ILE C 1081 -89.80 -3.96 7.03
CA ILE C 1081 -91.17 -4.24 6.59
C ILE C 1081 -92.14 -3.69 7.62
N CYS C 1082 -93.08 -2.87 7.16
CA CYS C 1082 -94.07 -2.29 8.08
C CYS C 1082 -95.28 -3.21 8.16
N HIS C 1083 -95.64 -3.58 9.39
CA HIS C 1083 -96.83 -4.41 9.60
C HIS C 1083 -97.43 -4.08 10.96
N ASP C 1084 -98.73 -3.72 10.94
CA ASP C 1084 -99.48 -3.36 12.15
C ASP C 1084 -98.83 -2.20 12.90
N GLY C 1085 -98.29 -1.24 12.15
CA GLY C 1085 -97.55 -0.14 12.76
C GLY C 1085 -96.24 -0.53 13.39
N LYS C 1086 -95.69 -1.68 13.05
CA LYS C 1086 -94.47 -2.20 13.65
C LYS C 1086 -93.43 -2.41 12.56
N ALA C 1087 -92.20 -1.99 12.85
CA ALA C 1087 -91.09 -2.27 11.95
C ALA C 1087 -90.61 -3.70 12.14
N HIS C 1088 -90.26 -4.35 11.03
CA HIS C 1088 -89.77 -5.72 11.04
C HIS C 1088 -88.43 -5.76 10.33
N PHE C 1089 -87.43 -6.32 11.01
CA PHE C 1089 -86.07 -6.40 10.53
C PHE C 1089 -85.68 -7.87 10.38
N PRO C 1090 -85.01 -8.24 9.29
CA PRO C 1090 -84.70 -9.66 9.07
C PRO C 1090 -83.65 -10.15 10.05
N ARG C 1091 -83.92 -11.32 10.64
CA ARG C 1091 -82.96 -11.92 11.56
C ARG C 1091 -81.67 -12.31 10.84
N GLU C 1092 -81.79 -12.83 9.62
CA GLU C 1092 -80.62 -13.14 8.80
C GLU C 1092 -81.06 -13.16 7.35
N GLY C 1093 -80.68 -12.14 6.59
CA GLY C 1093 -80.98 -12.11 5.17
C GLY C 1093 -81.25 -10.74 4.57
N VAL C 1094 -81.65 -10.74 3.31
CA VAL C 1094 -81.93 -9.53 2.54
C VAL C 1094 -83.37 -9.60 2.08
N PHE C 1095 -84.11 -8.50 2.26
CA PHE C 1095 -85.45 -8.38 1.72
C PHE C 1095 -85.38 -8.04 0.23
N VAL C 1096 -86.00 -8.89 -0.59
CA VAL C 1096 -85.98 -8.72 -2.04
C VAL C 1096 -87.39 -8.92 -2.58
N SER C 1097 -87.62 -8.46 -3.80
CA SER C 1097 -88.91 -8.63 -4.45
C SER C 1097 -88.71 -8.78 -5.95
N ASN C 1098 -89.54 -9.63 -6.56
CA ASN C 1098 -89.57 -9.77 -8.01
C ASN C 1098 -90.54 -8.83 -8.68
N GLY C 1099 -91.25 -8.00 -7.90
CA GLY C 1099 -92.22 -7.08 -8.45
C GLY C 1099 -93.58 -7.20 -7.79
N THR C 1100 -93.95 -8.41 -7.39
CA THR C 1100 -95.25 -8.67 -6.80
C THR C 1100 -95.15 -9.11 -5.34
N HIS C 1101 -94.38 -10.15 -5.06
CA HIS C 1101 -94.25 -10.66 -3.70
C HIS C 1101 -92.89 -10.32 -3.13
N TRP C 1102 -92.80 -10.35 -1.80
CA TRP C 1102 -91.58 -10.04 -1.07
C TRP C 1102 -91.05 -11.28 -0.37
N PHE C 1103 -89.73 -11.42 -0.37
CA PHE C 1103 -89.06 -12.59 0.19
C PHE C 1103 -87.81 -12.14 0.93
N VAL C 1104 -87.25 -13.07 1.71
CA VAL C 1104 -85.99 -12.86 2.41
C VAL C 1104 -85.02 -13.97 2.00
N THR C 1105 -83.81 -13.58 1.61
CA THR C 1105 -82.77 -14.52 1.22
C THR C 1105 -81.53 -14.29 2.10
N GLN C 1106 -80.43 -14.94 1.72
CA GLN C 1106 -79.13 -14.63 2.28
C GLN C 1106 -78.30 -13.88 1.25
N ARG C 1107 -77.06 -13.57 1.62
CA ARG C 1107 -76.24 -12.62 0.87
C ARG C 1107 -75.32 -13.27 -0.14
N ASN C 1108 -75.41 -14.59 -0.34
CA ASN C 1108 -74.53 -15.24 -1.31
C ASN C 1108 -75.25 -16.24 -2.19
N PHE C 1109 -76.58 -16.33 -2.13
CA PHE C 1109 -77.35 -17.24 -2.95
C PHE C 1109 -78.77 -16.73 -3.03
N TYR C 1110 -79.52 -17.28 -3.98
CA TYR C 1110 -80.90 -16.85 -4.22
C TYR C 1110 -81.85 -17.97 -3.83
N GLU C 1111 -82.28 -17.95 -2.57
CA GLU C 1111 -83.32 -18.86 -2.08
C GLU C 1111 -84.41 -18.02 -1.42
N PRO C 1112 -85.45 -17.65 -2.15
CA PRO C 1112 -86.54 -16.89 -1.54
C PRO C 1112 -87.35 -17.72 -0.56
N GLN C 1113 -87.88 -17.04 0.47
CA GLN C 1113 -88.78 -17.67 1.42
C GLN C 1113 -89.90 -16.70 1.77
N ILE C 1114 -91.01 -17.26 2.23
CA ILE C 1114 -92.16 -16.45 2.63
C ILE C 1114 -91.86 -15.79 3.96
N ILE C 1115 -92.23 -14.51 4.07
CA ILE C 1115 -92.02 -13.76 5.31
C ILE C 1115 -92.94 -14.34 6.39
N THR C 1116 -92.34 -14.71 7.51
CA THR C 1116 -93.06 -15.35 8.61
C THR C 1116 -92.54 -14.67 9.87
N THR C 1117 -93.10 -15.01 11.04
CA THR C 1117 -92.68 -14.36 12.28
C THR C 1117 -91.25 -14.72 12.66
N ASP C 1118 -90.82 -15.96 12.39
CA ASP C 1118 -89.59 -16.46 12.98
C ASP C 1118 -88.33 -15.99 12.26
N ASN C 1119 -88.42 -15.51 11.03
CA ASN C 1119 -87.21 -15.06 10.35
C ASN C 1119 -86.94 -13.57 10.52
N THR C 1120 -87.76 -12.86 11.30
CA THR C 1120 -87.60 -11.43 11.51
C THR C 1120 -87.84 -11.11 12.99
N PHE C 1121 -87.64 -9.85 13.34
CA PHE C 1121 -87.88 -9.38 14.70
C PHE C 1121 -88.34 -7.93 14.66
N VAL C 1122 -89.00 -7.51 15.73
CA VAL C 1122 -89.70 -6.24 15.78
C VAL C 1122 -89.02 -5.35 16.83
N SER C 1123 -88.69 -4.11 16.43
CA SER C 1123 -88.12 -3.14 17.35
C SER C 1123 -88.50 -1.75 16.86
N GLY C 1124 -89.55 -1.18 17.46
CA GLY C 1124 -89.97 0.17 17.17
C GLY C 1124 -91.31 0.22 16.45
N ASN C 1125 -91.59 1.39 15.89
CA ASN C 1125 -92.83 1.65 15.17
C ASN C 1125 -92.51 2.01 13.71
N CYS C 1126 -93.53 2.43 12.98
CA CYS C 1126 -93.47 2.53 11.53
C CYS C 1126 -93.38 3.98 11.03
N ASP C 1127 -92.63 4.83 11.74
CA ASP C 1127 -92.52 6.22 11.29
C ASP C 1127 -91.09 6.74 11.31
N VAL C 1128 -90.25 6.17 12.18
CA VAL C 1128 -88.90 6.71 12.37
C VAL C 1128 -88.00 6.34 11.19
N VAL C 1129 -88.16 5.14 10.65
CA VAL C 1129 -87.25 4.63 9.62
C VAL C 1129 -87.60 5.25 8.28
N ILE C 1130 -86.65 5.17 7.33
CA ILE C 1130 -86.84 5.68 5.98
C ILE C 1130 -86.73 4.51 5.01
N GLY C 1131 -87.71 4.40 4.11
CA GLY C 1131 -87.69 3.37 3.10
C GLY C 1131 -88.53 2.14 3.39
N ILE C 1132 -89.35 2.17 4.44
CA ILE C 1132 -90.18 1.01 4.76
C ILE C 1132 -91.31 0.89 3.75
N VAL C 1133 -91.86 -0.32 3.65
CA VAL C 1133 -92.98 -0.61 2.75
C VAL C 1133 -93.96 -1.51 3.48
N ASN C 1134 -95.25 -1.23 3.32
CA ASN C 1134 -96.28 -2.04 3.93
C ASN C 1134 -96.33 -3.43 3.29
N ASN C 1135 -96.49 -4.45 4.12
CA ASN C 1135 -96.55 -5.84 3.65
C ASN C 1135 -97.30 -6.65 4.71
N THR C 1136 -97.22 -7.97 4.58
CA THR C 1136 -97.90 -8.88 5.50
C THR C 1136 -96.91 -9.93 6.00
N VAL C 1137 -97.20 -10.45 7.19
CA VAL C 1137 -96.38 -11.47 7.83
C VAL C 1137 -97.30 -12.59 8.31
N TYR C 1138 -97.03 -13.82 7.85
CA TYR C 1138 -97.83 -14.96 8.25
C TYR C 1138 -97.47 -15.39 9.67
N ASP C 1139 -98.49 -15.78 10.43
CA ASP C 1139 -98.30 -16.27 11.79
C ASP C 1139 -98.63 -17.77 11.83
N PRO C 1140 -97.66 -18.63 12.18
CA PRO C 1140 -97.91 -20.07 12.30
C PRO C 1140 -98.60 -20.44 13.60
N GLN D 14 15.11 63.86 10.28
CA GLN D 14 15.33 64.10 11.70
C GLN D 14 14.46 63.19 12.56
N CYS D 15 14.32 63.54 13.83
CA CYS D 15 13.57 62.71 14.76
C CYS D 15 13.00 63.58 15.88
N VAL D 16 11.78 63.25 16.31
CA VAL D 16 11.15 63.89 17.46
C VAL D 16 10.86 62.80 18.49
N ASN D 17 11.41 62.96 19.69
CA ASN D 17 11.12 62.10 20.82
C ASN D 17 10.79 62.98 22.02
N LEU D 18 9.61 62.79 22.60
CA LEU D 18 9.15 63.60 23.71
C LEU D 18 9.51 62.94 25.03
N ILE D 19 10.25 63.66 25.87
CA ILE D 19 10.51 63.19 27.23
C ILE D 19 9.23 63.20 28.05
N THR D 20 8.33 64.14 27.78
CA THR D 20 7.04 64.23 28.46
C THR D 20 6.11 63.15 27.90
N ARG D 21 6.33 61.92 28.38
CA ARG D 21 5.50 60.78 28.00
C ARG D 21 4.70 60.34 29.22
N THR D 22 3.38 60.31 29.07
CA THR D 22 2.50 59.91 30.17
C THR D 22 1.26 59.20 29.64
N GLN D 26 -6.58 49.93 28.96
CA GLN D 26 -6.61 51.14 28.15
C GLN D 26 -8.03 51.32 27.59
N SER D 27 -8.98 51.49 28.50
CA SER D 27 -10.40 51.76 28.21
C SER D 27 -10.98 50.72 27.25
N TYR D 28 -10.99 49.47 27.71
CA TYR D 28 -11.42 48.36 26.88
C TYR D 28 -12.91 48.41 26.62
N THR D 29 -13.31 47.94 25.44
CA THR D 29 -14.73 47.81 25.13
C THR D 29 -15.01 46.50 24.41
N ASN D 30 -16.25 46.30 23.98
CA ASN D 30 -16.74 45.01 23.51
C ASN D 30 -17.01 45.05 22.02
N SER D 31 -16.49 44.05 21.31
CA SER D 31 -16.80 43.84 19.90
C SER D 31 -17.84 42.73 19.82
N PHE D 32 -19.03 43.08 19.31
CA PHE D 32 -20.14 42.14 19.24
C PHE D 32 -20.09 41.29 17.96
N THR D 33 -20.27 41.94 16.80
CA THR D 33 -20.41 41.27 15.51
C THR D 33 -19.57 41.94 14.44
N ARG D 34 -18.30 42.21 14.75
CA ARG D 34 -17.40 42.85 13.80
C ARG D 34 -16.29 41.89 13.39
N GLY D 35 -15.69 42.20 12.24
CA GLY D 35 -14.56 41.44 11.74
C GLY D 35 -14.92 40.20 10.95
N VAL D 36 -15.71 40.37 9.89
CA VAL D 36 -16.10 39.27 9.01
C VAL D 36 -15.83 39.71 7.56
N TYR D 37 -15.10 38.87 6.83
CA TYR D 37 -14.76 39.17 5.44
C TYR D 37 -15.12 37.98 4.56
N TYR D 38 -15.08 38.21 3.25
CA TYR D 38 -15.26 37.12 2.29
C TYR D 38 -14.03 36.23 2.32
N PRO D 39 -14.19 34.92 2.55
CA PRO D 39 -13.02 34.06 2.71
C PRO D 39 -12.29 33.73 1.42
N ASP D 40 -12.95 33.87 0.27
CA ASP D 40 -12.33 33.49 -1.00
C ASP D 40 -12.97 34.30 -2.12
N LYS D 41 -12.69 33.92 -3.36
CA LYS D 41 -13.17 34.61 -4.54
C LYS D 41 -14.17 33.77 -5.32
N VAL D 42 -14.89 32.89 -4.64
CA VAL D 42 -15.93 32.07 -5.25
C VAL D 42 -17.28 32.69 -4.91
N PHE D 43 -18.29 32.35 -5.71
CA PHE D 43 -19.64 32.87 -5.51
C PHE D 43 -20.61 31.72 -5.30
N ARG D 44 -21.39 31.81 -4.23
CA ARG D 44 -22.45 30.87 -3.94
C ARG D 44 -23.68 31.66 -3.52
N SER D 45 -24.86 31.10 -3.80
CA SER D 45 -26.11 31.83 -3.60
C SER D 45 -27.06 31.03 -2.74
N SER D 46 -27.57 31.67 -1.67
CA SER D 46 -28.65 31.15 -0.83
C SER D 46 -28.30 29.81 -0.19
N VAL D 47 -27.05 29.65 0.24
CA VAL D 47 -26.57 28.44 0.85
C VAL D 47 -25.76 28.79 2.09
N LEU D 48 -25.25 27.76 2.77
CA LEU D 48 -24.47 27.91 3.98
C LEU D 48 -23.27 26.97 3.92
N HIS D 49 -22.16 27.41 4.51
CA HIS D 49 -20.95 26.60 4.57
C HIS D 49 -20.11 27.09 5.75
N SER D 50 -19.17 26.24 6.16
CA SER D 50 -18.31 26.52 7.30
C SER D 50 -16.86 26.47 6.88
N THR D 51 -16.03 27.31 7.50
CA THR D 51 -14.61 27.37 7.19
C THR D 51 -13.80 27.40 8.48
N GLN D 52 -12.67 26.69 8.46
CA GLN D 52 -11.70 26.73 9.56
C GLN D 52 -10.69 27.83 9.23
N ASP D 53 -10.93 29.03 9.75
CA ASP D 53 -10.15 30.19 9.37
C ASP D 53 -9.99 31.11 10.57
N LEU D 54 -9.14 32.11 10.42
CA LEU D 54 -8.84 33.05 11.49
C LEU D 54 -9.70 34.30 11.32
N PHE D 55 -10.54 34.55 12.32
CA PHE D 55 -11.45 35.69 12.32
C PHE D 55 -11.28 36.52 13.59
N LEU D 56 -12.15 37.50 13.78
CA LEU D 56 -12.26 38.20 15.06
C LEU D 56 -13.37 37.54 15.87
N PRO D 57 -13.07 37.02 17.06
CA PRO D 57 -14.11 36.33 17.85
C PRO D 57 -15.22 37.27 18.29
N PHE D 58 -16.42 36.71 18.38
CA PHE D 58 -17.59 37.49 18.78
C PHE D 58 -17.53 37.83 20.26
N PHE D 59 -17.95 39.05 20.59
CA PHE D 59 -18.04 39.57 21.95
C PHE D 59 -16.67 39.51 22.65
N SER D 60 -15.73 40.26 22.09
CA SER D 60 -14.35 40.20 22.55
C SER D 60 -13.89 41.56 23.06
N ASN D 61 -12.90 41.52 23.95
CA ASN D 61 -12.31 42.75 24.45
C ASN D 61 -11.41 43.37 23.40
N VAL D 62 -11.69 44.61 23.03
CA VAL D 62 -10.84 45.38 22.11
C VAL D 62 -10.41 46.65 22.81
N THR D 63 -9.27 47.19 22.38
CA THR D 63 -8.66 48.34 23.03
C THR D 63 -9.08 49.62 22.33
N TRP D 64 -10.13 50.27 22.84
CA TRP D 64 -10.49 51.61 22.40
C TRP D 64 -9.52 52.58 23.04
N PHE D 65 -8.74 53.27 22.23
CA PHE D 65 -7.68 54.14 22.74
C PHE D 65 -8.28 55.43 23.28
N HIS D 66 -7.41 56.39 23.61
CA HIS D 66 -7.81 57.66 24.22
C HIS D 66 -8.72 58.44 23.29
N ALA D 67 -9.97 58.65 23.69
CA ALA D 67 -11.02 59.04 22.76
C ALA D 67 -11.07 60.53 22.45
N ILE D 68 -9.92 61.12 22.11
CA ILE D 68 -9.81 62.47 21.56
C ILE D 68 -8.77 62.40 20.46
N HIS D 69 -9.03 63.11 19.36
CA HIS D 69 -8.10 63.24 18.22
C HIS D 69 -7.78 61.89 17.58
N LYS D 77 -1.62 68.63 20.82
CA LYS D 77 -2.33 68.38 22.06
C LYS D 77 -2.02 67.01 22.67
N ARG D 78 -1.90 65.98 21.83
CA ARG D 78 -1.68 64.63 22.32
C ARG D 78 -1.03 63.76 21.24
N PHE D 79 0.05 63.06 21.64
CA PHE D 79 0.97 62.44 20.69
C PHE D 79 1.72 61.33 21.43
N ASP D 80 1.36 60.08 21.16
CA ASP D 80 1.79 58.92 21.93
C ASP D 80 2.77 58.05 21.14
N ASN D 81 3.52 57.24 21.89
CA ASN D 81 4.46 56.26 21.33
C ASN D 81 4.20 54.89 21.93
N PRO D 82 3.16 54.19 21.46
CA PRO D 82 2.94 52.82 21.91
C PRO D 82 3.77 51.85 21.09
N ALA D 83 3.62 50.56 21.42
CA ALA D 83 4.27 49.47 20.68
C ALA D 83 3.23 48.39 20.43
N LEU D 84 2.51 48.53 19.33
CA LEU D 84 1.46 47.56 19.00
C LEU D 84 2.07 46.32 18.36
N PRO D 85 1.88 45.13 18.94
CA PRO D 85 2.47 43.93 18.37
C PRO D 85 1.59 43.35 17.27
N PHE D 86 2.22 42.93 16.17
CA PHE D 86 1.52 42.25 15.09
C PHE D 86 1.61 40.74 15.30
N ASN D 87 0.47 40.07 15.29
CA ASN D 87 0.42 38.64 15.51
C ASN D 87 -0.69 38.04 14.67
N ASP D 88 -0.30 37.26 13.65
CA ASP D 88 -1.16 36.55 12.69
C ASP D 88 -2.37 37.38 12.24
N GLY D 89 -2.08 38.59 11.75
CA GLY D 89 -3.12 39.45 11.24
C GLY D 89 -3.68 40.38 12.28
N VAL D 90 -4.11 41.56 11.86
CA VAL D 90 -4.64 42.58 12.77
C VAL D 90 -5.90 43.17 12.16
N TYR D 91 -6.95 43.29 12.96
CA TYR D 91 -8.19 43.93 12.56
C TYR D 91 -8.16 45.37 13.07
N PHE D 92 -8.30 46.34 12.16
CA PHE D 92 -8.28 47.75 12.52
C PHE D 92 -9.60 48.39 12.12
N ALA D 93 -10.11 49.27 12.99
CA ALA D 93 -11.33 50.00 12.69
C ALA D 93 -11.32 51.29 13.48
N SER D 94 -11.55 52.41 12.82
CA SER D 94 -11.52 53.72 13.48
C SER D 94 -12.44 54.66 12.71
N THR D 95 -13.64 54.89 13.25
CA THR D 95 -14.51 55.91 12.67
C THR D 95 -13.99 57.30 13.02
N GLU D 96 -13.61 58.05 11.99
CA GLU D 96 -12.99 59.34 12.18
C GLU D 96 -13.12 60.11 10.88
N LYS D 97 -12.96 61.43 10.96
CA LYS D 97 -12.97 62.30 9.81
C LYS D 97 -11.60 62.93 9.62
N SER D 98 -11.41 63.51 8.43
CA SER D 98 -10.26 64.29 8.00
C SER D 98 -8.97 63.47 7.85
N ASN D 99 -9.02 62.17 8.18
CA ASN D 99 -7.96 61.20 7.90
C ASN D 99 -6.61 61.63 8.48
N ILE D 100 -6.61 62.00 9.77
CA ILE D 100 -5.36 62.39 10.40
C ILE D 100 -4.48 61.17 10.63
N ILE D 101 -5.06 60.00 10.82
CA ILE D 101 -4.30 58.78 10.98
C ILE D 101 -4.04 58.17 9.60
N ARG D 102 -2.77 58.03 9.22
CA ARG D 102 -2.52 57.68 7.83
C ARG D 102 -1.55 56.52 7.62
N GLY D 103 -0.48 56.43 8.41
CA GLY D 103 0.63 55.58 8.05
C GLY D 103 0.52 54.16 8.57
N TRP D 104 1.46 53.33 8.11
CA TRP D 104 1.51 51.93 8.53
C TRP D 104 2.96 51.45 8.42
N ILE D 105 3.55 51.08 9.55
CA ILE D 105 4.92 50.60 9.61
C ILE D 105 4.90 49.20 10.20
N PHE D 106 5.55 48.25 9.53
CA PHE D 106 5.57 46.86 9.94
C PHE D 106 7.02 46.40 10.00
N GLY D 107 7.34 45.55 10.96
CA GLY D 107 8.70 45.04 11.00
C GLY D 107 8.97 44.26 12.28
N THR D 108 10.26 44.00 12.50
CA THR D 108 10.74 43.29 13.67
C THR D 108 11.47 44.21 14.64
N THR D 109 12.47 44.96 14.15
CA THR D 109 13.15 45.96 14.97
C THR D 109 13.29 47.32 14.31
N LEU D 110 13.17 47.40 12.97
CA LEU D 110 13.15 48.65 12.22
C LEU D 110 14.40 49.50 12.43
N ASP D 111 15.56 48.86 12.61
CA ASP D 111 16.80 49.56 12.94
C ASP D 111 17.96 49.00 12.12
N SER D 112 17.75 48.85 10.82
CA SER D 112 18.73 48.38 9.83
C SER D 112 19.28 47.00 10.13
N LYS D 113 18.57 46.18 10.91
CA LYS D 113 19.04 44.84 11.25
C LYS D 113 18.23 43.78 10.52
N THR D 114 16.91 43.83 10.61
CA THR D 114 16.02 42.90 9.91
C THR D 114 15.12 43.67 8.96
N GLN D 115 14.43 42.93 8.11
CA GLN D 115 13.63 43.52 7.04
C GLN D 115 12.42 44.25 7.60
N SER D 116 12.06 45.37 6.96
CA SER D 116 10.97 46.21 7.40
C SER D 116 10.09 46.58 6.20
N LEU D 117 8.85 46.99 6.48
CA LEU D 117 7.88 47.30 5.44
C LEU D 117 7.16 48.60 5.79
N LEU D 118 6.96 49.44 4.78
CA LEU D 118 6.36 50.76 4.95
C LEU D 118 5.20 50.90 3.97
N ILE D 119 4.03 51.28 4.49
CA ILE D 119 2.87 51.65 3.70
C ILE D 119 2.46 53.05 4.11
N VAL D 120 2.39 53.96 3.14
CA VAL D 120 1.80 55.28 3.38
C VAL D 120 0.65 55.48 2.40
N ASN D 121 -0.42 56.09 2.90
CA ASN D 121 -1.73 56.09 2.26
C ASN D 121 -2.28 57.50 2.16
N ASN D 122 -1.48 58.41 1.61
CA ASN D 122 -1.87 59.81 1.50
C ASN D 122 -3.01 59.99 0.51
N ALA D 123 -3.46 61.25 0.37
CA ALA D 123 -4.64 61.53 -0.44
C ALA D 123 -4.37 61.36 -1.93
N THR D 124 -3.18 61.77 -2.39
CA THR D 124 -2.90 61.70 -3.82
C THR D 124 -2.63 60.28 -4.29
N ASN D 125 -1.90 59.49 -3.51
CA ASN D 125 -1.48 58.17 -3.93
C ASN D 125 -1.15 57.35 -2.70
N VAL D 126 -0.70 56.11 -2.92
CA VAL D 126 -0.16 55.26 -1.86
C VAL D 126 1.22 54.79 -2.29
N VAL D 127 2.09 54.60 -1.30
CA VAL D 127 3.44 54.10 -1.54
C VAL D 127 3.68 52.89 -0.64
N ILE D 128 4.18 51.83 -1.24
CA ILE D 128 4.47 50.57 -0.56
C ILE D 128 5.92 50.22 -0.82
N LYS D 129 6.70 50.09 0.25
CA LYS D 129 8.12 49.76 0.16
C LYS D 129 8.44 48.64 1.14
N VAL D 130 9.43 47.82 0.81
CA VAL D 130 10.05 46.93 1.77
C VAL D 130 11.55 47.28 1.82
N CYS D 131 11.99 47.79 2.97
CA CYS D 131 13.32 48.39 3.05
C CYS D 131 13.87 48.12 4.45
N GLU D 132 14.91 48.87 4.81
CA GLU D 132 15.61 48.73 6.10
C GLU D 132 15.72 50.08 6.79
N PHE D 133 14.60 50.79 6.90
CA PHE D 133 14.59 52.18 7.31
C PHE D 133 14.94 52.34 8.79
N GLN D 134 15.36 53.56 9.15
CA GLN D 134 15.62 53.94 10.54
C GLN D 134 14.39 54.67 11.06
N PHE D 135 13.36 53.90 11.38
CA PHE D 135 12.14 54.49 11.91
C PHE D 135 12.36 55.01 13.32
N CYS D 136 11.79 56.16 13.62
CA CYS D 136 11.94 56.80 14.92
C CYS D 136 11.17 56.02 15.98
N ASN D 137 11.48 56.33 17.24
CA ASN D 137 10.67 55.82 18.34
C ASN D 137 9.25 56.35 18.25
N ASP D 138 9.09 57.62 17.88
CA ASP D 138 7.79 58.22 17.59
C ASP D 138 7.90 59.05 16.32
N PRO D 139 7.79 58.42 15.15
CA PRO D 139 7.89 59.17 13.89
C PRO D 139 6.69 60.08 13.65
N PHE D 140 6.77 60.95 12.66
CA PHE D 140 5.68 61.89 12.42
C PHE D 140 5.68 62.30 10.96
N LEU D 141 4.47 62.46 10.42
CA LEU D 141 4.28 62.88 9.04
C LEU D 141 4.33 64.40 8.94
N ASP D 142 4.08 64.91 7.74
CA ASP D 142 4.08 66.35 7.51
C ASP D 142 2.72 66.94 7.91
N VAL D 143 2.57 68.24 7.65
CA VAL D 143 1.34 68.93 7.99
C VAL D 143 0.35 68.83 6.84
N TYR D 145 1.20 74.62 7.56
CA TYR D 145 -0.12 75.25 7.70
C TYR D 145 -0.40 76.10 6.46
N GLN D 146 -1.47 76.89 6.50
CA GLN D 146 -1.82 77.66 5.32
C GLN D 146 -1.18 79.05 5.36
N LYS D 147 -1.60 79.87 6.32
CA LYS D 147 -1.08 81.22 6.57
C LYS D 147 -0.95 82.07 5.31
N ASN D 148 -2.09 82.42 4.70
CA ASN D 148 -2.18 83.23 3.48
C ASN D 148 -1.49 82.55 2.29
N ASN D 149 -1.55 81.22 2.24
CA ASN D 149 -1.07 80.47 1.09
C ASN D 149 -2.10 79.42 0.69
N LYS D 150 -2.98 79.07 1.63
CA LYS D 150 -4.16 78.20 1.48
C LYS D 150 -3.81 76.73 1.23
N SER D 151 -2.52 76.44 1.08
CA SER D 151 -2.02 75.07 0.93
C SER D 151 -1.14 74.79 2.13
N TRP D 152 -1.07 73.54 2.55
CA TRP D 152 -0.22 73.16 3.67
C TRP D 152 1.24 73.16 3.27
N MET D 153 2.01 74.14 3.79
CA MET D 153 3.46 74.13 3.60
C MET D 153 4.04 72.95 4.34
N GLU D 154 4.47 71.94 3.57
CA GLU D 154 5.05 70.73 4.11
C GLU D 154 6.35 71.05 4.84
N SER D 155 6.35 70.87 6.16
CA SER D 155 7.49 71.25 6.99
C SER D 155 8.60 70.20 6.97
N GLU D 156 8.32 68.98 7.43
CA GLU D 156 9.34 67.95 7.52
C GLU D 156 8.75 66.57 7.26
N PHE D 157 9.60 65.56 7.14
CA PHE D 157 9.15 64.21 6.81
C PHE D 157 9.78 63.21 7.76
N ARG D 158 9.67 63.46 9.05
CA ARG D 158 10.35 62.67 10.07
C ARG D 158 9.71 61.31 10.28
N VAL D 159 9.92 60.38 9.35
CA VAL D 159 9.45 59.01 9.48
C VAL D 159 10.58 58.00 9.40
N TYR D 160 11.46 58.13 8.40
CA TYR D 160 12.62 57.27 8.29
C TYR D 160 13.93 58.06 8.29
N SER D 161 14.00 59.15 7.52
CA SER D 161 15.08 60.13 7.51
C SER D 161 16.44 59.59 7.08
N SER D 162 16.55 58.29 6.77
CA SER D 162 17.83 57.65 6.46
C SER D 162 17.55 56.25 5.94
N ALA D 163 18.64 55.55 5.59
CA ALA D 163 18.66 54.12 5.24
C ALA D 163 17.78 53.82 4.03
N ASN D 164 18.13 54.46 2.91
CA ASN D 164 17.45 54.25 1.64
C ASN D 164 18.18 53.26 0.74
N ASN D 165 18.84 52.27 1.34
CA ASN D 165 19.65 51.29 0.62
C ASN D 165 18.83 50.13 0.07
N CYS D 166 17.53 50.31 -0.12
CA CYS D 166 16.64 49.24 -0.53
C CYS D 166 16.34 49.30 -2.02
N THR D 167 15.71 48.24 -2.53
CA THR D 167 15.56 48.00 -3.96
C THR D 167 14.14 47.57 -4.31
N PHE D 168 13.14 48.28 -3.80
CA PHE D 168 11.75 47.92 -4.06
C PHE D 168 10.93 49.16 -4.37
N GLU D 169 9.87 48.95 -5.15
CA GLU D 169 8.91 50.01 -5.49
C GLU D 169 7.55 49.38 -5.71
N TYR D 170 6.50 50.06 -5.24
CA TYR D 170 5.12 49.59 -5.43
C TYR D 170 4.18 50.77 -5.26
N VAL D 171 3.51 51.17 -6.34
CA VAL D 171 2.54 52.26 -6.33
C VAL D 171 1.25 51.75 -6.96
N SER D 172 0.12 52.10 -6.34
CA SER D 172 -1.19 51.72 -6.85
C SER D 172 -2.12 52.93 -6.70
N GLN D 173 -3.42 52.69 -6.84
CA GLN D 173 -4.42 53.74 -6.67
C GLN D 173 -4.46 54.20 -5.22
N PRO D 174 -4.82 55.46 -4.96
CA PRO D 174 -5.01 55.90 -3.58
C PRO D 174 -6.11 55.11 -2.89
N PHE D 175 -5.85 54.74 -1.64
CA PHE D 175 -6.63 53.71 -0.97
C PHE D 175 -7.90 54.27 -0.33
N LEU D 176 -7.75 55.17 0.62
CA LEU D 176 -8.84 55.53 1.51
C LEU D 176 -9.82 56.47 0.84
N MET D 177 -10.97 56.64 1.49
CA MET D 177 -11.98 57.60 1.08
C MET D 177 -11.47 59.01 1.36
N ASP D 178 -12.07 59.99 0.68
CA ASP D 178 -11.59 61.37 0.74
C ASP D 178 -11.71 61.95 2.15
N LEU D 179 -10.83 62.90 2.44
CA LEU D 179 -10.65 63.46 3.78
C LEU D 179 -11.26 64.86 3.86
N GLU D 180 -11.05 65.50 5.01
CA GLU D 180 -11.57 66.82 5.36
C GLU D 180 -13.09 66.87 5.33
N GLY D 181 -13.72 65.76 5.71
CA GLY D 181 -15.17 65.74 5.85
C GLY D 181 -15.57 66.35 7.17
N LYS D 182 -16.44 67.36 7.12
CA LYS D 182 -16.86 68.12 8.30
C LYS D 182 -18.38 68.07 8.43
N GLU D 183 -18.93 66.86 8.30
CA GLU D 183 -20.36 66.67 8.46
C GLU D 183 -20.78 66.88 9.91
N GLY D 184 -22.05 67.28 10.10
CA GLY D 184 -22.56 67.51 11.44
C GLY D 184 -22.63 66.23 12.26
N ASN D 185 -22.84 65.10 11.62
CA ASN D 185 -22.87 63.80 12.26
C ASN D 185 -21.78 62.89 11.70
N PHE D 186 -21.38 61.92 12.51
CA PHE D 186 -20.36 60.96 12.09
C PHE D 186 -20.86 60.12 10.93
N LYS D 187 -20.03 60.02 9.88
CA LYS D 187 -20.41 59.34 8.66
C LYS D 187 -19.59 58.09 8.40
N ASN D 188 -18.27 58.20 8.29
CA ASN D 188 -17.43 57.15 7.75
C ASN D 188 -16.91 56.23 8.85
N LEU D 189 -16.92 54.92 8.57
CA LEU D 189 -16.15 53.94 9.32
C LEU D 189 -15.31 53.16 8.33
N ARG D 190 -14.00 53.14 8.54
CA ARG D 190 -13.06 52.45 7.67
C ARG D 190 -12.51 51.24 8.38
N GLU D 191 -12.74 50.06 7.81
CA GLU D 191 -12.45 48.79 8.44
C GLU D 191 -11.46 48.02 7.59
N PHE D 192 -10.36 47.58 8.19
CA PHE D 192 -9.32 46.86 7.46
C PHE D 192 -8.92 45.61 8.23
N VAL D 193 -8.49 44.61 7.45
CA VAL D 193 -7.94 43.37 7.99
C VAL D 193 -6.58 43.15 7.31
N PHE D 194 -5.55 42.96 8.12
CA PHE D 194 -4.18 42.80 7.65
C PHE D 194 -3.80 41.33 7.89
N LYS D 195 -3.66 40.56 6.82
CA LYS D 195 -3.40 39.13 6.93
C LYS D 195 -2.05 38.82 6.30
N ASN D 196 -1.00 38.70 7.12
CA ASN D 196 0.33 38.37 6.64
C ASN D 196 0.55 36.87 6.81
N ILE D 197 0.24 36.11 5.76
CA ILE D 197 0.39 34.67 5.76
C ILE D 197 1.13 34.25 4.50
N ASP D 198 1.98 33.22 4.63
CA ASP D 198 2.65 32.54 3.52
C ASP D 198 3.65 33.46 2.79
N GLY D 199 3.91 34.64 3.35
CA GLY D 199 4.62 35.65 2.58
C GLY D 199 3.78 36.14 1.41
N TYR D 200 2.48 36.22 1.60
CA TYR D 200 1.51 36.59 0.58
C TYR D 200 0.52 37.60 1.14
N PHE D 201 1.06 38.67 1.72
CA PHE D 201 0.32 39.60 2.58
C PHE D 201 -0.92 40.17 1.89
N LYS D 202 -2.05 40.10 2.59
CA LYS D 202 -3.36 40.40 2.04
C LYS D 202 -4.01 41.54 2.81
N ILE D 203 -4.72 42.40 2.07
CA ILE D 203 -5.43 43.55 2.62
C ILE D 203 -6.91 43.36 2.36
N TYR D 204 -7.73 43.46 3.41
CA TYR D 204 -9.18 43.47 3.28
C TYR D 204 -9.70 44.82 3.74
N SER D 205 -10.61 45.40 2.97
CA SER D 205 -11.04 46.77 3.21
C SER D 205 -12.56 46.88 3.14
N LYS D 206 -13.08 47.90 3.85
CA LYS D 206 -14.50 48.22 3.80
C LYS D 206 -14.68 49.66 4.25
N HIS D 207 -15.49 50.42 3.53
CA HIS D 207 -15.89 51.75 3.94
C HIS D 207 -17.39 51.77 4.10
N THR D 208 -17.87 52.12 5.30
CA THR D 208 -19.30 52.02 5.55
C THR D 208 -19.86 53.26 6.23
N PRO D 209 -21.04 53.72 5.83
CA PRO D 209 -21.71 54.81 6.55
C PRO D 209 -22.63 54.36 7.66
N ILE D 210 -22.34 54.79 8.90
CA ILE D 210 -23.26 54.62 10.03
C ILE D 210 -23.38 55.96 10.73
N ASN D 211 -24.61 56.37 11.04
CA ASN D 211 -24.88 57.66 11.65
C ASN D 211 -25.65 57.42 12.95
N LEU D 212 -24.93 57.04 14.01
CA LEU D 212 -25.58 56.88 15.31
C LEU D 212 -24.71 57.45 16.43
N GLU D 213 -23.44 57.71 16.13
CA GLU D 213 -22.53 58.48 16.99
C GLU D 213 -22.31 57.84 18.35
N ARG D 214 -22.09 56.52 18.37
CA ARG D 214 -21.82 55.83 19.64
C ARG D 214 -21.00 54.57 19.35
N ASP D 215 -19.69 54.66 19.57
CA ASP D 215 -18.75 53.55 19.61
C ASP D 215 -18.86 52.58 18.43
N LEU D 216 -18.72 51.29 18.70
CA LEU D 216 -18.92 50.27 17.67
C LEU D 216 -20.41 50.05 17.48
N PRO D 217 -20.94 50.20 16.28
CA PRO D 217 -22.38 50.03 16.07
C PRO D 217 -22.79 48.56 16.13
N GLN D 218 -24.07 48.35 16.38
CA GLN D 218 -24.67 47.02 16.36
C GLN D 218 -25.22 46.77 14.96
N GLY D 219 -24.48 46.01 14.17
CA GLY D 219 -24.86 45.76 12.80
C GLY D 219 -23.97 44.71 12.18
N PHE D 220 -24.11 44.51 10.88
CA PHE D 220 -23.29 43.50 10.21
C PHE D 220 -23.04 43.90 8.77
N SER D 221 -21.78 43.78 8.36
CA SER D 221 -21.38 43.97 6.97
C SER D 221 -20.08 43.21 6.75
N ALA D 222 -19.77 42.95 5.49
CA ALA D 222 -18.62 42.14 5.12
C ALA D 222 -17.49 43.01 4.58
N LEU D 223 -16.31 42.41 4.46
CA LEU D 223 -15.11 43.08 3.99
C LEU D 223 -14.60 42.38 2.75
N GLU D 224 -14.00 43.16 1.83
CA GLU D 224 -13.57 42.63 0.55
C GLU D 224 -12.06 42.72 0.38
N PRO D 225 -11.45 41.78 -0.32
CA PRO D 225 -10.00 41.86 -0.59
C PRO D 225 -9.68 42.56 -1.90
N LEU D 226 -8.58 43.31 -1.88
CA LEU D 226 -8.12 43.99 -3.09
C LEU D 226 -6.62 43.92 -3.33
N VAL D 227 -5.78 43.69 -2.33
CA VAL D 227 -4.32 43.78 -2.50
C VAL D 227 -3.68 42.53 -1.92
N ASP D 228 -2.94 41.80 -2.77
CA ASP D 228 -2.03 40.73 -2.36
C ASP D 228 -0.63 41.12 -2.77
N LEU D 229 0.31 41.07 -1.82
CA LEU D 229 1.71 41.39 -2.09
C LEU D 229 2.58 40.24 -1.63
N PRO D 230 3.25 39.53 -2.53
CA PRO D 230 4.23 38.52 -2.10
C PRO D 230 5.62 39.11 -1.87
N ILE D 231 6.06 39.14 -0.61
CA ILE D 231 7.44 39.54 -0.31
C ILE D 231 8.15 38.50 0.56
N GLY D 232 7.52 38.10 1.67
CA GLY D 232 8.12 37.13 2.57
C GLY D 232 8.88 37.81 3.70
N ILE D 233 8.29 37.85 4.88
CA ILE D 233 8.85 38.62 6.00
C ILE D 233 8.20 38.14 7.29
N ASN D 234 8.85 38.40 8.42
CA ASN D 234 8.29 38.19 9.74
C ASN D 234 8.02 39.54 10.38
N ILE D 235 6.78 39.79 10.75
CA ILE D 235 6.37 41.05 11.36
C ILE D 235 6.01 40.77 12.82
N THR D 236 6.75 41.39 13.73
CA THR D 236 6.46 41.30 15.15
C THR D 236 5.88 42.57 15.73
N ARG D 237 5.99 43.69 15.02
CA ARG D 237 5.49 44.97 15.50
C ARG D 237 4.96 45.78 14.33
N PHE D 238 3.89 46.54 14.59
CA PHE D 238 3.36 47.49 13.64
C PHE D 238 2.91 48.74 14.38
N GLN D 239 2.97 49.87 13.68
CA GLN D 239 2.61 51.15 14.28
C GLN D 239 2.12 52.08 13.19
N THR D 240 1.10 52.86 13.51
CA THR D 240 0.48 53.74 12.52
C THR D 240 0.91 55.18 12.76
N LEU D 241 0.85 55.98 11.69
CA LEU D 241 1.41 57.32 11.67
C LEU D 241 0.30 58.37 11.58
N LEU D 242 0.48 59.47 12.28
CA LEU D 242 -0.50 60.54 12.40
C LEU D 242 -0.14 61.68 11.44
N ALA D 243 -1.16 62.44 11.04
CA ALA D 243 -0.92 63.61 10.21
C ALA D 243 -0.66 64.82 11.10
N LEU D 244 -0.68 66.01 10.49
CA LEU D 244 -0.32 67.30 11.09
C LEU D 244 1.16 67.31 11.51
N HIS D 245 1.62 68.43 12.04
CA HIS D 245 3.03 68.59 12.36
C HIS D 245 3.15 69.68 13.42
N ARG D 246 4.37 70.21 13.57
CA ARG D 246 4.69 71.38 14.37
C ARG D 246 3.71 72.51 14.11
N SER D 247 3.23 73.17 15.17
CA SER D 247 2.41 74.37 15.03
C SER D 247 3.21 75.44 14.31
N TYR D 248 2.53 76.20 13.44
CA TYR D 248 3.23 77.06 12.50
C TYR D 248 3.80 78.30 13.18
N LEU D 249 4.36 79.21 12.38
CA LEU D 249 5.25 80.28 12.84
C LEU D 249 6.38 79.66 13.63
N THR D 250 7.21 78.86 12.94
CA THR D 250 8.29 78.00 13.42
C THR D 250 9.16 78.56 14.55
N PRO D 251 9.54 79.88 14.59
CA PRO D 251 10.28 80.39 15.76
C PRO D 251 9.56 80.22 17.09
N VAL D 252 8.24 80.37 17.14
CA VAL D 252 7.50 80.23 18.38
C VAL D 252 6.70 78.93 18.36
N ASP D 253 6.61 78.29 19.53
CA ASP D 253 5.92 77.01 19.81
C ASP D 253 6.12 75.98 18.70
N SER D 254 7.40 75.60 18.51
CA SER D 254 7.72 74.59 17.51
C SER D 254 7.09 73.25 17.86
N SER D 255 7.54 72.61 18.95
CA SER D 255 6.86 71.39 19.40
C SER D 255 7.00 71.30 20.93
N SER D 256 6.03 71.88 21.63
CA SER D 256 5.75 71.48 23.02
C SER D 256 4.27 71.78 23.27
N GLY D 257 3.42 70.81 22.96
CA GLY D 257 2.01 70.91 23.30
C GLY D 257 1.37 69.56 23.58
N TRP D 258 2.15 68.49 23.51
CA TRP D 258 1.62 67.16 23.26
C TRP D 258 1.90 66.24 24.43
N THR D 259 1.04 65.22 24.57
CA THR D 259 1.15 64.21 25.61
C THR D 259 0.86 62.84 25.01
N ALA D 260 1.17 61.79 25.77
CA ALA D 260 1.08 60.42 25.25
C ALA D 260 -0.38 59.93 25.27
N GLY D 261 -1.17 60.50 24.36
CA GLY D 261 -2.56 60.11 24.23
C GLY D 261 -3.10 60.05 22.80
N ALA D 262 -2.22 59.74 21.83
CA ALA D 262 -2.28 60.20 20.44
C ALA D 262 -3.67 60.35 19.82
N ALA D 263 -4.44 59.27 19.73
CA ALA D 263 -5.69 59.32 18.98
C ALA D 263 -6.63 58.22 19.48
N ALA D 264 -7.76 58.08 18.79
CA ALA D 264 -8.79 57.10 19.11
C ALA D 264 -8.93 56.13 17.94
N TYR D 265 -8.74 54.84 18.21
CA TYR D 265 -8.88 53.80 17.20
C TYR D 265 -9.12 52.47 17.89
N TYR D 266 -9.54 51.49 17.10
CA TYR D 266 -9.90 50.18 17.60
C TYR D 266 -9.03 49.13 16.94
N VAL D 267 -8.37 48.31 17.76
CA VAL D 267 -7.43 47.29 17.32
C VAL D 267 -7.85 45.96 17.92
N GLY D 268 -7.94 44.93 17.08
CA GLY D 268 -8.27 43.60 17.54
C GLY D 268 -7.41 42.56 16.86
N TYR D 269 -7.41 41.36 17.45
CA TYR D 269 -6.59 40.26 16.99
C TYR D 269 -7.45 39.08 16.59
N LEU D 270 -6.88 38.22 15.75
CA LEU D 270 -7.62 37.16 15.08
C LEU D 270 -7.22 35.80 15.62
N GLN D 271 -8.17 34.88 15.65
CA GLN D 271 -7.95 33.51 16.09
C GLN D 271 -8.53 32.54 15.09
N PRO D 272 -7.88 31.38 14.88
CA PRO D 272 -8.40 30.36 13.96
C PRO D 272 -9.45 29.47 14.61
N ARG D 273 -10.71 29.66 14.20
CA ARG D 273 -11.83 28.85 14.66
C ARG D 273 -12.76 28.60 13.46
N THR D 274 -13.96 28.13 13.74
CA THR D 274 -14.94 27.81 12.69
C THR D 274 -16.09 28.80 12.77
N PHE D 275 -16.43 29.40 11.63
CA PHE D 275 -17.29 30.58 11.58
C PHE D 275 -18.33 30.44 10.46
N LEU D 276 -19.12 29.36 10.53
CA LEU D 276 -20.21 29.05 9.60
C LEU D 276 -21.03 30.28 9.20
N LEU D 277 -21.19 30.46 7.90
CA LEU D 277 -21.68 31.68 7.28
C LEU D 277 -23.10 31.47 6.75
N LYS D 278 -23.67 32.55 6.21
CA LYS D 278 -24.93 32.46 5.49
C LYS D 278 -24.90 33.41 4.31
N TYR D 279 -25.17 32.87 3.11
CA TYR D 279 -25.21 33.66 1.89
C TYR D 279 -26.66 33.88 1.46
N ASN D 280 -26.90 35.04 0.85
CA ASN D 280 -28.23 35.33 0.31
C ASN D 280 -28.28 34.88 -1.16
N GLU D 281 -29.36 35.24 -1.85
CA GLU D 281 -29.47 34.94 -3.27
C GLU D 281 -28.63 35.88 -4.13
N ASN D 282 -28.14 36.98 -3.58
CA ASN D 282 -27.19 37.82 -4.31
C ASN D 282 -25.75 37.53 -3.94
N GLY D 283 -25.49 36.58 -3.06
CA GLY D 283 -24.14 36.21 -2.70
C GLY D 283 -23.51 37.05 -1.62
N THR D 284 -24.21 38.08 -1.13
CA THR D 284 -23.67 38.91 -0.06
C THR D 284 -23.79 38.18 1.27
N ILE D 285 -22.73 38.22 2.07
CA ILE D 285 -22.77 37.61 3.39
C ILE D 285 -23.66 38.44 4.30
N THR D 286 -24.75 37.84 4.76
CA THR D 286 -25.74 38.56 5.55
C THR D 286 -25.76 38.16 7.02
N ASP D 287 -25.36 36.95 7.36
CA ASP D 287 -25.36 36.52 8.75
C ASP D 287 -24.25 35.50 8.96
N ALA D 288 -23.83 35.39 10.22
CA ALA D 288 -22.77 34.47 10.59
C ALA D 288 -22.93 34.06 12.04
N VAL D 289 -22.39 32.88 12.38
CA VAL D 289 -22.39 32.38 13.74
C VAL D 289 -20.98 31.93 14.10
N ASP D 290 -20.74 31.81 15.40
CA ASP D 290 -19.49 31.28 15.93
C ASP D 290 -19.73 29.91 16.52
N CYS D 291 -18.83 28.98 16.23
CA CYS D 291 -18.96 27.61 16.71
C CYS D 291 -18.19 27.35 18.01
N ALA D 292 -17.57 28.39 18.58
CA ALA D 292 -16.90 28.27 19.87
C ALA D 292 -17.61 29.03 20.98
N LEU D 293 -18.76 29.62 20.69
CA LEU D 293 -19.55 30.35 21.67
C LEU D 293 -20.45 29.38 22.43
N ASP D 294 -21.49 29.90 23.09
CA ASP D 294 -22.52 29.20 23.86
C ASP D 294 -23.04 27.96 23.15
N PRO D 295 -23.42 26.90 23.88
CA PRO D 295 -23.68 25.60 23.25
C PRO D 295 -24.82 25.59 22.24
N LEU D 296 -25.75 26.55 22.28
CA LEU D 296 -26.75 26.62 21.23
C LEU D 296 -26.13 27.03 19.90
N SER D 297 -25.08 27.85 19.93
CA SER D 297 -24.37 28.19 18.70
C SER D 297 -23.59 26.99 18.18
N GLU D 298 -23.05 26.17 19.08
CA GLU D 298 -22.41 24.93 18.66
C GLU D 298 -23.42 23.96 18.05
N THR D 299 -24.63 23.93 18.61
CA THR D 299 -25.70 23.11 18.03
C THR D 299 -26.09 23.61 16.64
N LYS D 300 -26.16 24.92 16.46
CA LYS D 300 -26.42 25.49 15.13
C LYS D 300 -25.31 25.15 14.16
N CYS D 301 -24.06 25.19 14.63
CA CYS D 301 -22.92 24.82 13.79
C CYS D 301 -22.96 23.35 13.39
N THR D 302 -23.36 22.49 14.32
CA THR D 302 -23.41 21.06 14.01
C THR D 302 -24.58 20.72 13.09
N LEU D 303 -25.72 21.38 13.28
CA LEU D 303 -26.93 21.07 12.53
C LEU D 303 -26.95 21.70 11.14
N LYS D 304 -25.96 22.56 10.82
CA LYS D 304 -25.87 23.24 9.53
C LYS D 304 -27.12 24.07 9.25
N SER D 305 -27.67 24.71 10.27
CA SER D 305 -28.89 25.48 10.15
C SER D 305 -28.86 26.61 11.17
N PHE D 306 -29.80 27.53 11.01
CA PHE D 306 -29.89 28.70 11.88
C PHE D 306 -30.99 28.60 12.92
N THR D 307 -31.88 27.61 12.82
CA THR D 307 -32.99 27.45 13.75
C THR D 307 -33.15 25.97 14.06
N VAL D 308 -32.54 25.52 15.15
CA VAL D 308 -32.71 24.15 15.61
C VAL D 308 -34.11 23.97 16.16
N GLU D 309 -34.66 22.77 16.03
CA GLU D 309 -36.07 22.56 16.37
C GLU D 309 -36.27 22.36 17.87
N LYS D 310 -35.76 21.24 18.40
CA LYS D 310 -35.95 20.83 19.79
C LYS D 310 -35.20 19.53 20.01
N GLY D 311 -34.99 19.21 21.28
CA GLY D 311 -34.61 17.87 21.67
C GLY D 311 -33.13 17.68 21.91
N ILE D 312 -32.76 16.40 22.02
CA ILE D 312 -31.39 16.00 22.28
C ILE D 312 -30.55 16.18 21.02
N TYR D 313 -29.39 16.80 21.16
CA TYR D 313 -28.42 16.90 20.07
C TYR D 313 -27.06 16.43 20.59
N GLN D 314 -26.08 16.41 19.70
CA GLN D 314 -24.78 15.82 20.01
C GLN D 314 -23.66 16.80 19.74
N THR D 315 -22.69 16.82 20.64
CA THR D 315 -21.45 17.60 20.48
C THR D 315 -20.30 16.66 20.82
N SER D 316 -19.11 17.22 21.04
CA SER D 316 -17.92 16.43 21.31
C SER D 316 -17.96 15.88 22.74
N ASN D 317 -16.87 15.25 23.16
CA ASN D 317 -16.79 14.60 24.45
C ASN D 317 -16.11 15.50 25.46
N PHE D 318 -15.96 15.00 26.69
CA PHE D 318 -15.32 15.77 27.75
C PHE D 318 -13.80 15.70 27.63
N ARG D 319 -13.26 14.48 27.71
CA ARG D 319 -11.82 14.18 27.55
C ARG D 319 -10.99 14.95 28.60
N VAL D 320 -11.20 14.55 29.85
CA VAL D 320 -10.46 15.16 30.96
C VAL D 320 -8.97 14.86 30.82
N GLN D 321 -8.16 15.91 30.89
CA GLN D 321 -6.74 15.80 30.60
C GLN D 321 -5.96 15.38 31.84
N PRO D 322 -4.83 14.68 31.66
CA PRO D 322 -3.96 14.39 32.81
C PRO D 322 -3.30 15.64 33.34
N THR D 323 -2.96 15.61 34.63
CA THR D 323 -2.38 16.78 35.28
C THR D 323 -0.87 16.85 35.07
N GLU D 324 -0.15 15.79 35.44
CA GLU D 324 1.30 15.76 35.29
C GLU D 324 1.70 14.37 34.80
N SER D 325 2.99 14.07 34.87
CA SER D 325 3.53 12.78 34.46
C SER D 325 4.52 12.28 35.51
N ILE D 326 4.44 10.99 35.81
CA ILE D 326 5.27 10.35 36.82
C ILE D 326 6.02 9.19 36.17
N VAL D 327 7.33 9.26 36.19
CA VAL D 327 8.18 8.14 35.77
C VAL D 327 8.66 7.42 37.02
N ARG D 328 8.68 6.08 36.99
CA ARG D 328 9.01 5.33 38.18
C ARG D 328 9.71 4.05 37.76
N PHE D 329 10.99 3.95 38.11
CA PHE D 329 11.91 2.86 37.82
C PHE D 329 12.59 2.48 39.12
N PRO D 330 13.10 1.24 39.26
CA PRO D 330 13.59 0.79 40.57
C PRO D 330 14.77 1.60 41.09
N ASN D 331 14.84 1.71 42.41
CA ASN D 331 15.74 2.65 43.07
C ASN D 331 17.18 2.13 43.04
N ILE D 332 18.08 2.89 43.66
CA ILE D 332 19.48 2.50 43.78
C ILE D 332 19.55 1.32 44.75
N THR D 333 19.89 0.14 44.23
CA THR D 333 19.88 -1.08 45.02
C THR D 333 21.25 -1.74 45.13
N ASN D 334 21.94 -1.94 44.01
CA ASN D 334 23.28 -2.50 44.01
C ASN D 334 24.30 -1.37 44.04
N LEU D 335 25.58 -1.72 43.89
CA LEU D 335 26.65 -0.74 44.02
C LEU D 335 27.70 -0.95 42.94
N CYS D 336 28.48 0.09 42.71
CA CYS D 336 29.64 0.04 41.83
C CYS D 336 30.83 0.59 42.60
N PRO D 337 31.94 -0.16 42.71
CA PRO D 337 33.08 0.29 43.51
C PRO D 337 34.03 1.24 42.77
N PHE D 338 33.45 2.26 42.13
CA PHE D 338 34.25 3.27 41.45
C PHE D 338 35.04 4.12 42.43
N HIS D 339 34.57 4.26 43.67
CA HIS D 339 35.36 4.90 44.71
C HIS D 339 36.63 4.10 45.00
N GLU D 340 36.51 2.77 45.03
CA GLU D 340 37.69 1.93 45.19
C GLU D 340 38.55 1.91 43.94
N VAL D 341 37.95 2.17 42.77
CA VAL D 341 38.74 2.27 41.55
C VAL D 341 39.59 3.54 41.58
N PHE D 342 38.99 4.67 41.94
CA PHE D 342 39.71 5.94 41.97
C PHE D 342 40.51 6.12 43.26
N ASN D 343 39.82 6.18 44.40
CA ASN D 343 40.46 6.43 45.69
C ASN D 343 41.05 5.12 46.22
N ALA D 344 42.18 4.74 45.62
CA ALA D 344 42.88 3.51 45.98
C ALA D 344 44.31 3.84 46.36
N THR D 345 44.70 3.42 47.56
CA THR D 345 46.08 3.54 48.00
C THR D 345 46.94 2.53 47.25
N THR D 346 48.22 2.88 47.04
CA THR D 346 49.21 2.10 46.29
C THR D 346 48.71 1.84 44.86
N PHE D 347 48.64 2.94 44.11
CA PHE D 347 48.11 2.91 42.76
C PHE D 347 48.95 2.03 41.84
N ALA D 348 48.28 1.37 40.90
CA ALA D 348 48.95 0.49 39.96
C ALA D 348 49.82 1.29 39.00
N SER D 349 51.02 0.78 38.75
CA SER D 349 51.97 1.44 37.88
C SER D 349 51.55 1.29 36.41
N VAL D 350 52.19 2.09 35.55
CA VAL D 350 51.83 2.11 34.14
C VAL D 350 52.29 0.84 33.42
N TYR D 351 53.31 0.14 33.93
CA TYR D 351 53.76 -1.07 33.24
C TYR D 351 52.92 -2.28 33.61
N ALA D 352 52.30 -2.26 34.79
CA ALA D 352 51.52 -3.39 35.28
C ALA D 352 50.12 -2.95 35.65
N TRP D 353 49.46 -2.23 34.75
CA TRP D 353 48.10 -1.76 34.99
C TRP D 353 47.15 -2.95 35.08
N ASN D 354 46.29 -2.92 36.10
CA ASN D 354 45.41 -4.03 36.41
C ASN D 354 44.07 -3.85 35.72
N ARG D 355 43.62 -4.89 35.01
CA ARG D 355 42.29 -4.88 34.44
C ARG D 355 41.25 -5.06 35.54
N LYS D 356 40.23 -4.22 35.50
CA LYS D 356 39.19 -4.14 36.52
C LYS D 356 37.81 -4.24 35.88
N ARG D 357 37.62 -5.31 35.10
CA ARG D 357 36.40 -5.57 34.34
C ARG D 357 35.15 -5.44 35.20
N ILE D 358 34.31 -4.47 34.84
CA ILE D 358 33.15 -4.08 35.63
C ILE D 358 31.89 -4.55 34.90
N SER D 359 31.04 -5.28 35.61
CA SER D 359 29.77 -5.73 35.08
C SER D 359 28.75 -5.81 36.20
N ASN D 360 27.48 -5.59 35.84
CA ASN D 360 26.34 -5.66 36.76
C ASN D 360 26.50 -4.71 37.95
N CYS D 361 26.85 -3.46 37.65
CA CYS D 361 26.90 -2.43 38.68
C CYS D 361 26.06 -1.22 38.26
N VAL D 362 26.15 -0.13 39.00
CA VAL D 362 25.36 1.06 38.71
C VAL D 362 26.16 2.06 37.89
N ALA D 363 27.48 2.09 38.12
CA ALA D 363 28.43 2.99 37.43
C ALA D 363 27.99 4.46 37.53
N ASP D 364 27.96 4.96 38.76
CA ASP D 364 27.55 6.33 39.04
C ASP D 364 28.61 7.28 38.52
N TYR D 365 28.34 7.93 37.39
CA TYR D 365 29.26 8.91 36.81
C TYR D 365 29.00 10.31 37.37
N SER D 366 28.95 10.40 38.68
CA SER D 366 28.85 11.65 39.43
C SER D 366 29.87 11.74 40.55
N VAL D 367 30.13 10.63 41.25
CA VAL D 367 31.19 10.62 42.24
C VAL D 367 32.55 10.61 41.57
N ILE D 368 32.61 10.15 40.31
CA ILE D 368 33.85 10.19 39.54
C ILE D 368 34.25 11.62 39.24
N TYR D 369 33.30 12.42 38.75
CA TYR D 369 33.61 13.79 38.37
C TYR D 369 33.83 14.68 39.59
N ASN D 370 33.19 14.37 40.71
CA ASN D 370 33.27 15.19 41.91
C ASN D 370 34.37 14.75 42.86
N PHE D 371 35.42 14.11 42.35
CA PHE D 371 36.53 13.64 43.17
C PHE D 371 37.84 14.12 42.54
N ALA D 372 38.49 15.09 43.21
CA ALA D 372 39.81 15.66 42.92
C ALA D 372 39.81 16.49 41.63
N PRO D 373 40.59 17.58 41.58
CA PRO D 373 40.69 18.35 40.33
C PRO D 373 41.46 17.61 39.26
N PHE D 374 40.77 17.18 38.21
CA PHE D 374 41.39 16.40 37.14
C PHE D 374 42.22 17.30 36.24
N PHE D 375 43.47 16.91 36.01
CA PHE D 375 44.30 17.60 35.02
C PHE D 375 43.77 17.37 33.61
N ALA D 376 43.45 16.12 33.29
CA ALA D 376 42.93 15.77 31.97
C ALA D 376 41.60 15.06 32.15
N PHE D 377 40.54 15.60 31.55
CA PHE D 377 39.24 14.97 31.58
C PHE D 377 38.83 14.58 30.17
N LYS D 378 39.76 13.96 29.43
CA LYS D 378 39.55 13.64 28.03
C LYS D 378 38.59 12.47 27.88
N CYS D 379 37.30 12.72 28.09
CA CYS D 379 36.27 11.71 27.90
C CYS D 379 35.69 11.85 26.49
N TYR D 380 36.49 11.42 25.52
CA TYR D 380 36.14 11.58 24.11
C TYR D 380 35.21 10.45 23.68
N GLY D 381 34.87 10.43 22.40
CA GLY D 381 33.88 9.51 21.87
C GLY D 381 32.47 10.02 22.11
N VAL D 382 31.99 9.91 23.35
CA VAL D 382 30.72 10.49 23.77
C VAL D 382 31.02 11.37 24.97
N SER D 383 30.18 12.39 25.16
CA SER D 383 30.39 13.34 26.25
C SER D 383 30.21 12.68 27.61
N PRO D 384 31.03 13.04 28.60
CA PRO D 384 30.88 12.45 29.94
C PRO D 384 29.58 12.82 30.63
N THR D 385 28.94 13.93 30.24
CA THR D 385 27.64 14.27 30.80
C THR D 385 26.56 13.30 30.32
N LYS D 386 26.74 12.71 29.15
CA LYS D 386 25.82 11.73 28.59
C LYS D 386 26.21 10.30 28.97
N LEU D 387 27.31 10.13 29.70
CA LEU D 387 27.79 8.79 30.05
C LEU D 387 26.82 8.05 30.96
N ASN D 388 26.12 8.78 31.84
CA ASN D 388 25.13 8.15 32.70
C ASN D 388 23.91 7.67 31.90
N ASP D 389 23.53 8.41 30.85
CA ASP D 389 22.41 8.00 30.02
C ASP D 389 22.76 6.84 29.08
N LEU D 390 24.04 6.63 28.81
CA LEU D 390 24.45 5.56 27.92
C LEU D 390 24.38 4.21 28.61
N CYS D 391 24.49 3.15 27.81
CA CYS D 391 24.55 1.78 28.28
C CYS D 391 25.71 1.07 27.61
N PHE D 392 26.42 0.25 28.38
CA PHE D 392 27.55 -0.51 27.87
C PHE D 392 27.45 -1.95 28.35
N THR D 393 27.94 -2.88 27.52
CA THR D 393 27.99 -4.28 27.93
C THR D 393 29.06 -4.53 28.97
N ASN D 394 30.26 -3.96 28.77
CA ASN D 394 31.32 -4.20 29.73
C ASN D 394 32.18 -2.96 29.90
N VAL D 395 32.73 -2.80 31.10
CA VAL D 395 33.55 -1.66 31.47
C VAL D 395 34.85 -2.18 32.07
N TYR D 396 35.98 -1.69 31.56
CA TYR D 396 37.29 -1.94 32.11
C TYR D 396 37.84 -0.68 32.78
N ALA D 397 38.61 -0.86 33.85
CA ALA D 397 39.26 0.23 34.53
C ALA D 397 40.75 -0.08 34.66
N ASP D 398 41.59 0.85 34.26
CA ASP D 398 43.04 0.68 34.34
C ASP D 398 43.66 1.90 35.00
N SER D 399 44.79 1.67 35.68
CA SER D 399 45.43 2.67 36.50
C SER D 399 46.88 2.86 36.06
N PHE D 400 47.25 4.11 35.79
CA PHE D 400 48.63 4.47 35.46
C PHE D 400 49.13 5.50 36.46
N VAL D 401 50.44 5.54 36.65
CA VAL D 401 51.12 6.63 37.36
C VAL D 401 52.24 7.10 36.44
N ILE D 402 52.05 8.28 35.83
CA ILE D 402 52.98 8.81 34.85
C ILE D 402 53.16 10.30 35.09
N ARG D 403 54.18 10.86 34.44
CA ARG D 403 54.48 12.28 34.58
C ARG D 403 53.42 13.13 33.89
N GLY D 404 53.40 14.42 34.26
CA GLY D 404 52.44 15.34 33.68
C GLY D 404 52.68 15.67 32.23
N ASN D 405 53.91 15.47 31.74
CA ASN D 405 54.19 15.57 30.31
C ASN D 405 53.88 14.27 29.58
N GLU D 406 53.46 13.23 30.29
CA GLU D 406 53.16 11.94 29.70
C GLU D 406 51.68 11.59 29.69
N VAL D 407 50.84 12.37 30.38
CA VAL D 407 49.41 12.09 30.38
C VAL D 407 48.78 12.48 29.05
N SER D 408 49.39 13.43 28.33
CA SER D 408 48.93 13.79 27.00
C SER D 408 49.32 12.77 25.94
N GLN D 409 50.24 11.86 26.25
CA GLN D 409 50.65 10.84 25.30
C GLN D 409 49.59 9.77 25.12
N ILE D 410 48.72 9.56 26.11
CA ILE D 410 47.72 8.49 26.05
C ILE D 410 46.58 8.92 25.15
N ALA D 411 46.65 8.53 23.88
CA ALA D 411 45.62 8.84 22.89
C ALA D 411 45.80 7.88 21.73
N PRO D 412 44.73 7.53 21.01
CA PRO D 412 44.88 6.71 19.81
C PRO D 412 45.69 7.43 18.74
N GLY D 413 46.54 6.67 18.05
CA GLY D 413 47.38 7.26 17.01
C GLY D 413 48.51 8.11 17.52
N GLN D 414 48.92 7.95 18.78
CA GLN D 414 50.00 8.73 19.36
C GLN D 414 51.07 7.78 19.89
N THR D 415 52.33 8.17 19.72
CA THR D 415 53.47 7.39 20.19
C THR D 415 54.37 8.26 21.05
N GLY D 416 55.14 7.60 21.91
CA GLY D 416 56.02 8.33 22.82
C GLY D 416 56.68 7.41 23.82
N ASN D 417 57.08 7.99 24.95
CA ASN D 417 57.69 7.19 26.02
C ASN D 417 56.70 6.21 26.62
N ILE D 418 55.45 6.63 26.79
CA ILE D 418 54.42 5.81 27.43
C ILE D 418 53.52 5.20 26.36
N ALA D 419 53.30 5.95 25.27
CA ALA D 419 52.31 5.57 24.27
C ALA D 419 52.82 4.53 23.28
N ASP D 420 54.08 4.12 23.36
CA ASP D 420 54.63 3.13 22.44
C ASP D 420 55.03 1.83 23.10
N TYR D 421 55.49 1.87 24.35
CA TYR D 421 55.95 0.66 25.04
C TYR D 421 55.28 0.39 26.37
N ASN D 422 54.66 1.38 27.01
CA ASN D 422 53.99 1.18 28.28
C ASN D 422 52.51 0.89 28.13
N TYR D 423 51.82 1.56 27.21
CA TYR D 423 50.40 1.35 26.98
C TYR D 423 50.04 1.80 25.58
N LYS D 424 49.08 1.10 24.97
CA LYS D 424 48.59 1.45 23.65
C LYS D 424 47.07 1.31 23.62
N LEU D 425 46.41 2.23 22.91
CA LEU D 425 44.96 2.25 22.80
C LEU D 425 44.52 1.93 21.37
N PRO D 426 43.40 1.23 21.21
CA PRO D 426 42.84 1.04 19.86
C PRO D 426 42.27 2.34 19.31
N ASP D 427 42.15 2.39 17.98
CA ASP D 427 41.62 3.58 17.33
C ASP D 427 40.11 3.71 17.52
N ASP D 428 39.41 2.62 17.81
CA ASP D 428 37.98 2.65 18.11
C ASP D 428 37.70 2.69 19.61
N PHE D 429 38.61 3.29 20.38
CA PHE D 429 38.46 3.32 21.82
C PHE D 429 37.36 4.30 22.24
N THR D 430 36.46 3.83 23.10
CA THR D 430 35.42 4.67 23.69
C THR D 430 35.63 4.68 25.19
N GLY D 431 35.86 5.86 25.75
CA GLY D 431 36.10 5.95 27.18
C GLY D 431 36.71 7.27 27.58
N CYS D 432 37.49 7.23 28.66
CA CYS D 432 38.02 8.43 29.29
C CYS D 432 39.51 8.28 29.54
N VAL D 433 40.19 9.42 29.59
CA VAL D 433 41.64 9.50 29.83
C VAL D 433 41.79 10.30 31.12
N ILE D 434 40.88 10.06 32.06
CA ILE D 434 40.83 10.81 33.32
C ILE D 434 42.13 10.63 34.09
N ALA D 435 42.80 11.75 34.39
CA ALA D 435 44.06 11.75 35.11
C ALA D 435 43.96 12.66 36.33
N TRP D 436 44.71 12.32 37.37
CA TRP D 436 44.72 13.07 38.61
C TRP D 436 45.85 14.11 38.60
N ASN D 437 46.05 14.73 39.75
CA ASN D 437 47.20 15.61 40.01
C ASN D 437 47.78 15.28 41.39
N SER D 438 48.00 14.00 41.64
CA SER D 438 48.35 13.51 42.98
C SER D 438 49.84 13.74 43.24
N ASN D 439 50.14 14.71 44.10
CA ASN D 439 51.50 14.93 44.57
C ASN D 439 51.70 14.56 46.03
N LYS D 440 50.65 14.64 46.85
CA LYS D 440 50.77 14.35 48.27
C LYS D 440 50.88 12.85 48.55
N LEU D 441 50.08 12.04 47.85
CA LEU D 441 50.07 10.60 48.11
C LEU D 441 51.34 9.94 47.62
N ASP D 442 51.75 10.25 46.39
CA ASP D 442 53.00 9.74 45.83
C ASP D 442 54.12 10.73 46.13
N SER D 443 55.26 10.57 45.45
CA SER D 443 56.42 11.46 45.52
C SER D 443 56.96 11.56 46.94
N LYS D 444 57.51 10.44 47.39
CA LYS D 444 58.13 10.37 48.72
C LYS D 444 59.33 11.32 48.79
N PRO D 445 59.57 11.92 49.97
CA PRO D 445 60.78 12.74 50.14
C PRO D 445 62.08 11.98 49.92
N SER D 446 62.13 10.70 50.30
CA SER D 446 63.28 9.87 50.01
C SER D 446 63.31 9.40 48.57
N GLY D 447 62.24 9.61 47.81
CA GLY D 447 62.19 9.20 46.42
C GLY D 447 61.26 8.04 46.19
N ASN D 448 60.19 8.26 45.42
CA ASN D 448 59.24 7.20 45.07
C ASN D 448 59.80 6.41 43.89
N TYR D 449 60.84 5.63 44.17
CA TYR D 449 61.54 4.86 43.16
C TYR D 449 60.81 3.58 42.78
N ASN D 450 59.71 3.24 43.48
CA ASN D 450 58.89 2.11 43.07
C ASN D 450 58.19 2.38 41.74
N TYR D 451 57.94 3.64 41.41
CA TYR D 451 57.32 4.01 40.15
C TYR D 451 58.38 4.05 39.06
N LEU D 452 58.16 3.26 38.01
CA LEU D 452 59.05 3.22 36.85
C LEU D 452 58.20 3.32 35.59
N TYR D 453 58.86 3.20 34.44
CA TYR D 453 58.15 3.06 33.17
C TYR D 453 59.06 2.40 32.16
N ARG D 454 58.45 1.67 31.23
CA ARG D 454 59.20 0.96 30.20
C ARG D 454 59.44 1.86 28.99
N LEU D 455 60.69 1.89 28.55
CA LEU D 455 61.09 2.66 27.37
C LEU D 455 61.97 1.86 26.42
N PHE D 456 62.18 0.57 26.67
CA PHE D 456 62.82 -0.34 25.75
C PHE D 456 61.84 -1.42 25.32
N ARG D 457 61.70 -1.62 24.01
CA ARG D 457 60.93 -2.74 23.47
C ARG D 457 61.39 -2.99 22.04
N LYS D 458 61.31 -4.26 21.63
CA LYS D 458 61.70 -4.63 20.28
C LYS D 458 60.68 -4.20 19.23
N SER D 459 59.46 -3.91 19.64
CA SER D 459 58.40 -3.53 18.71
C SER D 459 57.39 -2.66 19.45
N LYS D 460 56.50 -2.06 18.67
CA LYS D 460 55.42 -1.24 19.24
C LYS D 460 54.44 -2.12 19.99
N LEU D 461 53.87 -1.57 21.06
CA LEU D 461 52.88 -2.29 21.85
C LEU D 461 51.58 -2.41 21.07
N LYS D 462 51.02 -3.62 21.04
CA LYS D 462 49.70 -3.82 20.48
C LYS D 462 48.65 -3.16 21.38
N PRO D 463 47.61 -2.56 20.79
CA PRO D 463 46.53 -2.00 21.63
C PRO D 463 45.85 -3.06 22.48
N PHE D 464 45.53 -2.67 23.73
CA PHE D 464 44.92 -3.53 24.73
C PHE D 464 45.75 -4.80 24.98
N GLU D 465 47.07 -4.64 25.00
CA GLU D 465 47.99 -5.74 25.26
C GLU D 465 48.98 -5.31 26.33
N ARG D 466 49.21 -6.20 27.30
CA ARG D 466 50.16 -5.96 28.38
C ARG D 466 51.38 -6.85 28.17
N ASP D 467 52.57 -6.25 28.26
CA ASP D 467 53.83 -6.95 28.05
C ASP D 467 54.68 -6.77 29.31
N ILE D 468 54.55 -7.71 30.24
CA ILE D 468 55.31 -7.70 31.48
C ILE D 468 56.38 -8.79 31.39
N SER D 469 57.65 -8.39 31.41
CA SER D 469 58.75 -9.33 31.31
C SER D 469 59.98 -8.72 31.95
N THR D 470 60.95 -9.57 32.26
CA THR D 470 62.21 -9.15 32.84
C THR D 470 63.40 -9.57 31.97
N GLU D 471 63.15 -9.75 30.67
CA GLU D 471 64.22 -10.11 29.74
C GLU D 471 65.13 -8.92 29.51
N ILE D 472 66.43 -9.19 29.44
CA ILE D 472 67.42 -8.14 29.20
C ILE D 472 67.30 -7.69 27.75
N TYR D 473 67.07 -6.40 27.54
CA TYR D 473 66.89 -5.86 26.20
C TYR D 473 68.23 -5.74 25.49
N GLN D 474 68.27 -6.21 24.25
CA GLN D 474 69.48 -6.12 23.42
C GLN D 474 69.39 -4.82 22.60
N ALA D 475 69.89 -3.74 23.18
CA ALA D 475 69.90 -2.47 22.47
C ALA D 475 71.07 -2.35 21.51
N GLY D 476 72.08 -3.22 21.64
CA GLY D 476 73.23 -3.18 20.76
C GLY D 476 73.27 -4.34 19.78
N ASN D 477 74.47 -4.69 19.33
CA ASN D 477 74.66 -5.81 18.41
C ASN D 477 75.01 -7.11 19.12
N LYS D 478 75.83 -7.05 20.17
CA LYS D 478 76.24 -8.25 20.87
C LYS D 478 75.08 -8.79 21.71
N PRO D 479 74.85 -10.10 21.70
CA PRO D 479 73.80 -10.68 22.54
C PRO D 479 74.12 -10.55 24.02
N CYS D 480 73.07 -10.40 24.83
CA CYS D 480 73.26 -10.24 26.26
C CYS D 480 73.55 -11.59 26.93
N ASN D 481 72.73 -12.60 26.62
CA ASN D 481 72.87 -13.96 27.15
C ASN D 481 72.83 -13.99 28.68
N GLY D 482 72.02 -13.12 29.27
CA GLY D 482 71.86 -13.10 30.71
C GLY D 482 72.56 -11.95 31.40
N VAL D 483 73.78 -11.64 30.96
CA VAL D 483 74.58 -10.58 31.58
C VAL D 483 74.37 -9.29 30.79
N ALA D 484 74.56 -8.17 31.47
CA ALA D 484 74.40 -6.86 30.87
C ALA D 484 75.75 -6.32 30.40
N GLY D 485 75.70 -5.18 29.71
CA GLY D 485 76.89 -4.55 29.20
C GLY D 485 76.69 -3.07 28.95
N PRO D 486 77.56 -2.48 28.12
CA PRO D 486 77.40 -1.05 27.77
C PRO D 486 76.12 -0.76 27.00
N ASN D 487 75.55 -1.74 26.31
CA ASN D 487 74.30 -1.55 25.58
C ASN D 487 73.21 -2.49 26.06
N CYS D 488 73.56 -3.64 26.64
CA CYS D 488 72.56 -4.53 27.21
C CYS D 488 72.05 -3.95 28.52
N TYR D 489 70.74 -3.73 28.60
CA TYR D 489 70.13 -3.11 29.77
C TYR D 489 68.72 -3.67 29.96
N SER D 490 68.13 -3.37 31.13
CA SER D 490 66.77 -3.67 31.56
C SER D 490 65.79 -2.75 30.86
N PRO D 491 64.58 -3.22 30.55
CA PRO D 491 63.61 -2.38 29.81
C PRO D 491 62.97 -1.28 30.64
N LEU D 492 63.25 -1.19 31.93
CA LEU D 492 62.62 -0.23 32.82
C LEU D 492 63.52 0.98 33.03
N GLN D 493 62.90 2.09 33.41
CA GLN D 493 63.62 3.28 33.85
C GLN D 493 62.85 3.93 34.99
N SER D 494 63.59 4.35 36.02
CA SER D 494 62.98 4.84 37.26
C SER D 494 62.49 6.28 37.10
N TYR D 495 61.30 6.55 37.64
CA TYR D 495 60.81 7.91 37.70
C TYR D 495 61.52 8.72 38.76
N GLY D 496 61.73 8.13 39.94
CA GLY D 496 62.35 8.83 41.05
C GLY D 496 61.52 9.98 41.57
N PHE D 497 60.22 9.74 41.76
CA PHE D 497 59.29 10.79 42.13
C PHE D 497 59.59 11.33 43.53
N ARG D 498 59.49 12.65 43.67
CA ARG D 498 59.87 13.34 44.90
C ARG D 498 59.16 14.69 44.92
N PRO D 499 59.01 15.33 46.10
CA PRO D 499 58.35 16.65 46.15
C PRO D 499 59.28 17.80 45.76
N THR D 500 59.90 17.66 44.58
CA THR D 500 60.71 18.73 43.99
C THR D 500 60.45 18.91 42.50
N TYR D 501 59.77 17.96 41.84
CA TYR D 501 59.59 18.00 40.41
C TYR D 501 58.56 19.05 40.01
N GLY D 502 58.53 19.37 38.72
CA GLY D 502 57.66 20.40 38.20
C GLY D 502 56.25 19.91 37.96
N VAL D 503 55.50 20.70 37.19
CA VAL D 503 54.10 20.36 36.89
C VAL D 503 54.03 19.16 35.97
N GLY D 504 54.87 19.14 34.93
CA GLY D 504 54.86 18.06 33.96
C GLY D 504 55.64 16.82 34.36
N HIS D 505 56.24 16.82 35.56
CA HIS D 505 57.05 15.71 36.02
C HIS D 505 56.60 15.19 37.37
N GLN D 506 55.58 15.80 37.97
CA GLN D 506 54.97 15.33 39.20
C GLN D 506 54.26 14.00 38.94
N PRO D 507 54.10 13.16 39.96
CA PRO D 507 53.25 11.96 39.80
C PRO D 507 51.83 12.33 39.38
N TYR D 508 51.31 11.55 38.42
CA TYR D 508 50.00 11.80 37.82
C TYR D 508 49.27 10.46 37.74
N ARG D 509 48.14 10.35 38.43
CA ARG D 509 47.38 9.11 38.49
C ARG D 509 46.28 9.15 37.43
N VAL D 510 46.40 8.29 36.43
CA VAL D 510 45.46 8.24 35.31
C VAL D 510 44.54 7.05 35.52
N VAL D 511 43.25 7.33 35.66
CA VAL D 511 42.23 6.29 35.74
C VAL D 511 41.51 6.26 34.40
N VAL D 512 41.82 5.27 33.58
CA VAL D 512 41.25 5.17 32.23
C VAL D 512 40.15 4.11 32.24
N LEU D 513 38.98 4.49 31.73
CA LEU D 513 37.83 3.59 31.63
C LEU D 513 37.59 3.25 30.18
N SER D 514 37.26 1.98 29.92
CA SER D 514 36.97 1.49 28.59
C SER D 514 35.56 0.92 28.58
N PHE D 515 34.74 1.36 27.64
CA PHE D 515 33.36 0.91 27.52
C PHE D 515 33.20 0.17 26.21
N GLU D 516 32.69 -1.07 26.28
CA GLU D 516 32.47 -1.87 25.09
C GLU D 516 31.02 -2.35 25.04
N LEU D 517 30.45 -2.30 23.84
CA LEU D 517 29.10 -2.78 23.56
C LEU D 517 29.16 -3.72 22.37
N LEU D 518 28.32 -4.75 22.39
CA LEU D 518 28.24 -5.73 21.32
C LEU D 518 26.82 -6.30 21.31
N HIS D 519 26.63 -7.43 20.64
CA HIS D 519 25.33 -8.09 20.54
C HIS D 519 24.80 -8.58 21.89
N ALA D 520 25.66 -8.67 22.91
CA ALA D 520 25.19 -8.94 24.26
C ALA D 520 24.34 -7.77 24.76
N PRO D 521 23.35 -8.05 25.62
CA PRO D 521 22.50 -6.96 26.12
C PRO D 521 23.24 -6.02 27.05
N ALA D 522 22.63 -4.85 27.25
CA ALA D 522 23.22 -3.82 28.09
C ALA D 522 23.29 -4.27 29.55
N THR D 523 24.44 -4.03 30.18
CA THR D 523 24.69 -4.47 31.54
C THR D 523 24.97 -3.33 32.50
N VAL D 524 25.85 -2.40 32.13
CA VAL D 524 26.36 -1.39 33.04
C VAL D 524 25.81 -0.04 32.58
N CYS D 525 24.80 0.46 33.28
CA CYS D 525 24.20 1.77 32.98
C CYS D 525 23.87 2.48 34.28
N GLY D 526 23.94 3.81 34.25
CA GLY D 526 23.50 4.64 35.36
C GLY D 526 22.01 4.92 35.27
N PRO D 527 21.28 4.70 36.38
CA PRO D 527 19.81 4.77 36.31
C PRO D 527 19.22 6.14 35.99
N LYS D 528 19.48 7.14 36.83
CA LYS D 528 18.91 8.49 36.72
C LYS D 528 17.38 8.43 36.61
N LYS D 529 16.74 7.91 37.66
CA LYS D 529 15.31 7.59 37.64
C LYS D 529 14.68 7.99 38.97
N SER D 530 13.48 7.43 39.19
CA SER D 530 12.80 7.36 40.48
C SER D 530 12.47 8.74 41.05
N THR D 531 11.57 9.42 40.35
CA THR D 531 10.92 10.61 40.93
C THR D 531 9.68 10.20 41.72
N ASN D 532 9.14 11.16 42.46
CA ASN D 532 8.02 10.90 43.36
C ASN D 532 6.73 10.65 42.57
N LEU D 533 5.77 9.99 43.22
CA LEU D 533 4.49 9.65 42.62
C LEU D 533 3.35 10.23 43.44
N VAL D 534 2.17 10.30 42.81
CA VAL D 534 0.96 10.81 43.43
C VAL D 534 -0.15 9.75 43.30
N LYS D 535 -1.32 10.07 43.86
CA LYS D 535 -2.44 9.14 43.85
C LYS D 535 -3.73 9.91 43.61
N ASN D 536 -4.73 9.18 43.09
CA ASN D 536 -6.10 9.67 42.90
C ASN D 536 -6.16 10.91 42.02
N LYS D 537 -5.28 10.97 41.02
CA LYS D 537 -5.22 12.10 40.10
C LYS D 537 -5.12 11.58 38.67
N CYS D 538 -5.72 12.32 37.74
CA CYS D 538 -5.51 12.06 36.33
C CYS D 538 -4.07 12.39 35.99
N VAL D 539 -3.25 11.37 35.74
CA VAL D 539 -1.81 11.55 35.64
C VAL D 539 -1.28 10.54 34.63
N ASN D 540 -0.29 10.97 33.85
CA ASN D 540 0.48 10.05 33.01
C ASN D 540 1.49 9.30 33.88
N PHE D 541 1.79 8.07 33.51
CA PHE D 541 2.73 7.26 34.26
C PHE D 541 3.59 6.44 33.32
N ASN D 542 4.80 6.14 33.79
CA ASN D 542 5.74 5.25 33.11
C ASN D 542 6.30 4.30 34.15
N PHE D 543 6.09 3.00 33.94
CA PHE D 543 6.48 1.96 34.90
C PHE D 543 7.26 0.88 34.16
N ASN D 544 8.59 0.97 34.20
CA ASN D 544 9.52 -0.02 33.66
C ASN D 544 9.23 -0.33 32.19
N GLY D 545 9.45 0.68 31.34
CA GLY D 545 9.10 0.48 29.95
C GLY D 545 7.72 1.01 29.63
N LEU D 546 6.72 0.12 29.73
CA LEU D 546 5.33 0.43 29.42
C LEU D 546 4.84 1.68 30.13
N THR D 547 4.08 2.50 29.41
CA THR D 547 3.57 3.77 29.88
C THR D 547 2.05 3.74 29.88
N GLY D 548 1.45 4.89 30.18
CA GLY D 548 0.02 5.02 30.11
C GLY D 548 -0.42 6.27 30.86
N THR D 549 -1.73 6.32 31.12
CA THR D 549 -2.29 7.42 31.90
C THR D 549 -3.54 6.95 32.61
N GLY D 550 -3.94 7.70 33.62
CA GLY D 550 -5.12 7.39 34.39
C GLY D 550 -4.94 7.79 35.84
N VAL D 551 -5.76 7.19 36.69
CA VAL D 551 -5.70 7.45 38.12
C VAL D 551 -5.33 6.17 38.85
N LEU D 552 -4.81 6.36 40.06
CA LEU D 552 -4.13 5.34 40.85
C LEU D 552 -4.94 5.00 42.10
N THR D 553 -4.84 3.75 42.50
CA THR D 553 -5.51 3.26 43.70
C THR D 553 -4.54 2.32 44.42
N GLU D 554 -4.66 2.23 45.75
CA GLU D 554 -3.76 1.37 46.52
C GLU D 554 -4.08 -0.11 46.29
N SER D 555 -3.21 -0.95 46.84
CA SER D 555 -3.29 -2.39 46.63
C SER D 555 -4.48 -2.97 47.38
N ASN D 556 -5.21 -3.87 46.73
CA ASN D 556 -6.31 -4.59 47.37
C ASN D 556 -6.20 -6.08 47.08
N LYS D 557 -5.60 -6.43 45.94
CA LYS D 557 -5.38 -7.82 45.61
C LYS D 557 -4.04 -8.31 46.16
N LYS D 558 -3.94 -9.63 46.34
CA LYS D 558 -2.80 -10.22 47.02
C LYS D 558 -1.62 -10.51 46.11
N PHE D 559 -1.86 -10.68 44.79
CA PHE D 559 -0.84 -10.96 43.79
C PHE D 559 -0.07 -12.26 44.04
N LEU D 560 0.85 -12.59 43.16
CA LEU D 560 1.82 -13.63 43.50
C LEU D 560 3.09 -12.97 43.99
N PRO D 561 3.86 -13.62 44.88
CA PRO D 561 5.14 -13.04 45.31
C PRO D 561 6.13 -12.81 44.18
N PHE D 562 6.13 -13.68 43.18
CA PHE D 562 6.98 -13.51 41.99
C PHE D 562 6.17 -12.88 40.86
N GLN D 563 5.67 -11.67 41.13
CA GLN D 563 4.83 -11.01 40.14
C GLN D 563 4.91 -9.50 40.29
N GLN D 564 4.93 -8.79 39.16
CA GLN D 564 4.86 -7.33 39.11
C GLN D 564 3.74 -6.82 38.23
N PHE D 565 3.02 -7.69 37.52
CA PHE D 565 2.12 -7.28 36.45
C PHE D 565 0.80 -8.02 36.60
N GLY D 566 -0.30 -7.27 36.65
CA GLY D 566 -1.62 -7.83 36.89
C GLY D 566 -2.65 -7.60 35.79
N ARG D 567 -2.26 -7.79 34.53
CA ARG D 567 -3.16 -7.52 33.42
C ARG D 567 -4.36 -8.47 33.42
N ASP D 568 -5.53 -7.91 33.12
CA ASP D 568 -6.81 -8.59 33.31
C ASP D 568 -7.21 -9.35 32.04
N ILE D 569 -8.48 -9.77 31.98
CA ILE D 569 -9.00 -10.52 30.84
C ILE D 569 -9.01 -9.65 29.58
N ALA D 570 -9.29 -8.36 29.73
CA ALA D 570 -9.42 -7.45 28.60
C ALA D 570 -8.08 -6.98 28.03
N ASP D 571 -6.97 -7.63 28.43
CA ASP D 571 -5.61 -7.28 28.00
C ASP D 571 -5.30 -5.81 28.25
N THR D 572 -5.70 -5.34 29.43
CA THR D 572 -5.50 -3.95 29.84
C THR D 572 -4.70 -3.89 31.13
N THR D 573 -3.70 -3.02 31.14
CA THR D 573 -2.88 -2.82 32.34
C THR D 573 -3.72 -2.15 33.43
N ASP D 574 -3.99 -2.89 34.50
CA ASP D 574 -4.80 -2.37 35.59
C ASP D 574 -4.24 -2.69 36.97
N ALA D 575 -3.15 -3.43 37.07
CA ALA D 575 -2.57 -3.79 38.37
C ALA D 575 -1.06 -3.84 38.20
N VAL D 576 -0.37 -2.84 38.75
CA VAL D 576 1.08 -2.74 38.64
C VAL D 576 1.66 -2.60 40.04
N ARG D 577 2.94 -2.94 40.16
CA ARG D 577 3.67 -2.85 41.42
C ARG D 577 4.61 -1.65 41.40
N ASP D 578 5.14 -1.33 42.57
CA ASP D 578 6.18 -0.31 42.67
C ASP D 578 7.51 -0.91 42.25
N PRO D 579 8.21 -0.28 41.30
CA PRO D 579 9.56 -0.78 40.94
C PRO D 579 10.55 -0.74 42.09
N GLN D 580 10.49 0.26 42.96
CA GLN D 580 11.48 0.39 44.01
C GLN D 580 11.07 -0.34 45.30
N THR D 581 9.95 0.04 45.89
CA THR D 581 9.44 -0.61 47.08
C THR D 581 8.40 -1.65 46.68
N LEU D 582 7.74 -2.25 47.67
CA LEU D 582 6.71 -3.26 47.40
C LEU D 582 5.33 -2.65 47.59
N GLU D 583 4.94 -1.79 46.65
CA GLU D 583 3.61 -1.18 46.62
C GLU D 583 2.92 -1.59 45.34
N ILE D 584 1.86 -2.38 45.46
CA ILE D 584 1.04 -2.72 44.29
C ILE D 584 -0.01 -1.62 44.10
N LEU D 585 -0.33 -1.33 42.84
CA LEU D 585 -1.24 -0.24 42.51
C LEU D 585 -2.29 -0.71 41.52
N ASP D 586 -3.40 0.04 41.49
CA ASP D 586 -4.50 -0.21 40.57
C ASP D 586 -4.63 0.99 39.64
N ILE D 587 -4.79 0.73 38.35
CA ILE D 587 -4.89 1.76 37.33
C ILE D 587 -6.30 1.76 36.79
N THR D 588 -6.97 2.93 36.82
CA THR D 588 -8.22 3.11 36.09
C THR D 588 -8.08 4.38 35.27
N PRO D 589 -8.11 4.30 33.94
CA PRO D 589 -7.98 5.52 33.12
C PRO D 589 -9.14 6.48 33.33
N CYS D 590 -8.85 7.76 33.14
CA CYS D 590 -9.84 8.82 33.37
C CYS D 590 -10.97 8.71 32.37
N SER D 591 -12.20 8.85 32.89
CA SER D 591 -13.39 8.58 32.10
C SER D 591 -13.63 9.68 31.07
N PHE D 592 -14.08 9.27 29.88
CA PHE D 592 -14.45 10.21 28.84
C PHE D 592 -15.88 10.69 29.08
N GLY D 593 -16.35 11.60 28.22
CA GLY D 593 -17.65 12.19 28.44
C GLY D 593 -18.67 11.90 27.36
N GLY D 594 -18.96 12.91 26.55
CA GLY D 594 -20.06 12.87 25.61
C GLY D 594 -21.12 13.86 26.03
N VAL D 595 -21.13 15.04 25.40
CA VAL D 595 -21.93 16.18 25.84
C VAL D 595 -23.14 16.30 24.94
N SER D 596 -24.30 16.51 25.56
CA SER D 596 -25.55 16.70 24.83
C SER D 596 -26.20 18.01 25.26
N VAL D 597 -26.95 18.60 24.36
CA VAL D 597 -27.53 19.92 24.55
C VAL D 597 -29.04 19.79 24.63
N ILE D 598 -29.63 20.33 25.70
CA ILE D 598 -31.07 20.38 25.89
C ILE D 598 -31.54 21.78 25.54
N THR D 599 -32.47 21.88 24.59
CA THR D 599 -32.97 23.19 24.20
C THR D 599 -34.45 23.15 23.85
N PRO D 600 -35.18 24.22 24.14
CA PRO D 600 -36.52 24.37 23.57
C PRO D 600 -36.45 24.91 22.16
N GLY D 601 -37.60 25.29 21.60
CA GLY D 601 -37.61 25.83 20.25
C GLY D 601 -36.84 27.14 20.16
N THR D 602 -36.12 27.30 19.05
CA THR D 602 -35.39 28.54 18.81
C THR D 602 -36.34 29.72 18.64
N ASN D 603 -37.53 29.46 18.10
CA ASN D 603 -38.58 30.47 18.05
C ASN D 603 -39.08 30.84 19.44
N THR D 604 -38.92 29.96 20.42
CA THR D 604 -39.41 30.20 21.77
C THR D 604 -38.43 31.01 22.61
N SER D 605 -37.21 30.50 22.80
CA SER D 605 -36.24 31.15 23.65
C SER D 605 -34.85 30.72 23.22
N ASN D 606 -33.85 31.04 24.06
CA ASN D 606 -32.47 30.66 23.81
C ASN D 606 -31.78 30.03 25.02
N GLN D 607 -32.47 29.88 26.14
CA GLN D 607 -31.87 29.25 27.31
C GLN D 607 -31.70 27.76 27.07
N VAL D 608 -30.51 27.23 27.39
CA VAL D 608 -30.17 25.84 27.11
C VAL D 608 -29.69 25.17 28.40
N ALA D 609 -29.50 23.86 28.30
CA ALA D 609 -28.94 23.06 29.38
C ALA D 609 -27.95 22.07 28.80
N VAL D 610 -27.04 21.58 29.64
CA VAL D 610 -25.95 20.73 29.19
C VAL D 610 -25.95 19.45 30.01
N LEU D 611 -25.92 18.31 29.33
CA LEU D 611 -25.84 17.00 29.98
C LEU D 611 -24.52 16.34 29.61
N TYR D 612 -23.76 15.94 30.64
CA TYR D 612 -22.57 15.14 30.47
C TYR D 612 -22.94 13.68 30.76
N GLN D 613 -22.79 12.82 29.76
CA GLN D 613 -23.26 11.45 29.86
C GLN D 613 -22.24 10.59 30.59
N GLY D 614 -22.70 9.89 31.62
CA GLY D 614 -21.83 8.97 32.34
C GLY D 614 -20.75 9.63 33.16
N VAL D 615 -20.90 10.90 33.51
CA VAL D 615 -19.91 11.64 34.28
C VAL D 615 -20.52 12.04 35.61
N ASN D 616 -19.82 11.72 36.70
CA ASN D 616 -20.30 12.04 38.03
C ASN D 616 -19.99 13.48 38.38
N CYS D 617 -20.91 14.12 39.11
CA CYS D 617 -20.69 15.44 39.67
C CYS D 617 -20.70 15.45 41.20
N THR D 618 -21.61 14.68 41.80
CA THR D 618 -21.76 14.54 43.26
C THR D 618 -21.94 15.89 43.97
N TRP D 633 -17.87 17.25 40.51
CA TRP D 633 -16.73 16.39 40.26
C TRP D 633 -16.23 16.54 38.82
N ARG D 634 -14.99 17.02 38.69
CA ARG D 634 -14.22 17.20 37.44
C ARG D 634 -15.07 17.69 36.27
N VAL D 635 -15.82 18.77 36.53
CA VAL D 635 -16.63 19.40 35.49
C VAL D 635 -16.29 20.89 35.36
N TYR D 636 -15.02 21.22 35.61
CA TYR D 636 -14.45 22.55 35.38
C TYR D 636 -15.07 23.61 36.28
N SER D 637 -16.35 23.90 36.13
CA SER D 637 -16.98 24.95 36.92
C SER D 637 -18.45 24.59 37.12
N THR D 638 -19.25 25.56 37.56
CA THR D 638 -20.65 25.36 37.88
C THR D 638 -21.52 26.27 37.02
N GLY D 639 -22.83 26.18 37.22
CA GLY D 639 -23.79 27.01 36.52
C GLY D 639 -24.95 27.40 37.41
N SER D 640 -26.17 27.28 36.90
CA SER D 640 -27.35 27.58 37.71
C SER D 640 -27.58 26.49 38.75
N ASN D 641 -27.51 25.23 38.35
CA ASN D 641 -27.76 24.11 39.24
C ASN D 641 -27.02 22.89 38.73
N VAL D 642 -26.87 21.90 39.61
CA VAL D 642 -26.19 20.65 39.29
C VAL D 642 -27.09 19.50 39.74
N PHE D 643 -27.34 18.56 38.83
CA PHE D 643 -28.11 17.36 39.13
C PHE D 643 -27.29 16.13 38.75
N GLN D 644 -27.51 15.05 39.51
CA GLN D 644 -26.67 13.86 39.42
C GLN D 644 -27.50 12.62 39.14
N THR D 645 -28.31 12.67 38.08
CA THR D 645 -29.10 11.52 37.67
C THR D 645 -28.19 10.37 37.20
N ARG D 646 -28.81 9.21 37.00
CA ARG D 646 -28.05 8.01 36.61
C ARG D 646 -27.46 8.14 35.22
N ALA D 647 -28.09 8.92 34.34
CA ALA D 647 -27.55 9.11 32.99
C ALA D 647 -26.25 9.90 33.01
N GLY D 648 -26.14 10.86 33.91
CA GLY D 648 -24.93 11.68 33.98
C GLY D 648 -25.17 12.92 34.83
N CYS D 649 -24.39 13.94 34.54
CA CYS D 649 -24.46 15.21 35.26
C CYS D 649 -25.18 16.25 34.41
N LEU D 650 -26.22 16.86 34.98
CA LEU D 650 -27.05 17.82 34.26
C LEU D 650 -26.87 19.21 34.86
N ILE D 651 -26.59 20.19 34.01
CA ILE D 651 -26.41 21.56 34.47
C ILE D 651 -27.28 22.47 33.60
N GLY D 652 -27.69 23.59 34.19
CA GLY D 652 -28.55 24.54 33.51
C GLY D 652 -30.03 24.32 33.70
N ALA D 653 -30.43 23.43 34.62
CA ALA D 653 -31.84 23.15 34.83
C ALA D 653 -32.05 22.78 36.29
N GLU D 654 -33.30 22.96 36.73
CA GLU D 654 -33.70 22.63 38.10
C GLU D 654 -34.54 21.35 38.10
N TYR D 655 -34.51 20.67 39.24
CA TYR D 655 -35.28 19.44 39.42
C TYR D 655 -36.45 19.71 40.36
N VAL D 656 -37.63 19.22 39.98
CA VAL D 656 -38.85 19.42 40.75
C VAL D 656 -39.33 18.08 41.25
N ASN D 657 -40.28 18.12 42.19
CA ASN D 657 -40.90 16.94 42.75
C ASN D 657 -42.25 16.64 42.11
N ASN D 658 -42.62 17.36 41.06
CA ASN D 658 -43.89 17.15 40.39
C ASN D 658 -43.76 16.00 39.39
N SER D 659 -44.79 15.80 38.57
CA SER D 659 -44.77 14.76 37.55
C SER D 659 -45.58 15.22 36.36
N TYR D 660 -44.97 15.23 35.18
CA TYR D 660 -45.64 15.61 33.95
C TYR D 660 -45.27 14.60 32.87
N GLU D 661 -45.84 14.78 31.68
CA GLU D 661 -45.52 13.93 30.56
C GLU D 661 -44.14 14.28 30.01
N CYS D 662 -43.61 13.39 29.17
CA CYS D 662 -42.29 13.54 28.60
C CYS D 662 -42.37 14.14 27.21
N ASP D 663 -41.58 15.18 26.96
CA ASP D 663 -41.41 15.73 25.63
C ASP D 663 -39.98 15.61 25.13
N ILE D 664 -39.00 15.93 25.97
CA ILE D 664 -37.59 15.76 25.66
C ILE D 664 -37.00 14.76 26.65
N PRO D 665 -36.78 13.52 26.24
CA PRO D 665 -36.26 12.52 27.17
C PRO D 665 -34.79 12.73 27.48
N ILE D 666 -34.39 12.32 28.67
CA ILE D 666 -33.00 12.36 29.12
C ILE D 666 -32.44 10.96 29.29
N GLY D 667 -33.13 10.12 30.04
CA GLY D 667 -32.67 8.76 30.32
C GLY D 667 -33.01 8.39 31.75
N ALA D 668 -33.19 7.09 31.98
CA ALA D 668 -33.53 6.52 33.29
C ALA D 668 -34.79 7.16 33.89
N GLY D 669 -35.80 7.34 33.06
CA GLY D 669 -37.05 7.92 33.51
C GLY D 669 -36.97 9.36 33.92
N ILE D 670 -36.13 10.15 33.27
CA ILE D 670 -35.98 11.58 33.53
C ILE D 670 -36.29 12.33 32.24
N CYS D 671 -37.12 13.37 32.35
CA CYS D 671 -37.47 14.18 31.18
C CYS D 671 -37.47 15.65 31.57
N ALA D 672 -37.05 16.50 30.64
CA ALA D 672 -36.95 17.93 30.86
C ALA D 672 -37.92 18.67 29.95
N SER D 673 -38.35 19.85 30.40
CA SER D 673 -39.29 20.68 29.66
C SER D 673 -39.04 22.14 30.00
N TYR D 674 -39.80 23.01 29.34
CA TYR D 674 -39.68 24.45 29.51
C TYR D 674 -40.96 24.98 30.16
N GLN D 675 -40.81 25.73 31.23
CA GLN D 675 -41.94 26.28 31.96
C GLN D 675 -42.14 27.76 31.65
N GLN D 690 -39.96 30.15 31.53
CA GLN D 690 -38.85 31.04 31.82
C GLN D 690 -37.66 30.27 32.37
N SER D 691 -37.82 28.95 32.53
CA SER D 691 -36.74 28.12 33.03
C SER D 691 -36.94 26.69 32.53
N ILE D 692 -35.85 25.92 32.54
CA ILE D 692 -35.86 24.53 32.13
C ILE D 692 -35.95 23.68 33.39
N ILE D 693 -36.93 22.78 33.43
CA ILE D 693 -37.19 21.95 34.60
C ILE D 693 -37.10 20.49 34.20
N ALA D 694 -36.35 19.71 34.97
CA ALA D 694 -36.26 18.28 34.80
C ALA D 694 -37.07 17.58 35.89
N TYR D 695 -37.67 16.44 35.54
CA TYR D 695 -38.54 15.72 36.47
C TYR D 695 -38.57 14.25 36.08
N THR D 696 -39.29 13.47 36.86
CA THR D 696 -39.41 12.03 36.66
C THR D 696 -40.61 11.70 35.77
N MET D 697 -40.64 10.46 35.32
CA MET D 697 -41.71 10.00 34.43
C MET D 697 -43.06 9.98 35.14
N SER D 698 -44.10 10.33 34.40
CA SER D 698 -45.48 10.14 34.80
C SER D 698 -46.14 9.30 33.71
N LEU D 699 -46.39 8.03 34.01
CA LEU D 699 -46.87 7.09 33.00
C LEU D 699 -48.30 7.39 32.57
N GLY D 700 -49.03 8.18 33.34
CA GLY D 700 -50.40 8.53 32.98
C GLY D 700 -51.19 8.86 34.23
N ALA D 701 -52.46 9.19 34.00
CA ALA D 701 -53.36 9.48 35.11
C ALA D 701 -53.66 8.21 35.89
N GLU D 702 -53.56 8.30 37.21
CA GLU D 702 -53.83 7.15 38.05
C GLU D 702 -55.32 6.85 38.08
N ASN D 703 -55.68 5.59 37.84
CA ASN D 703 -57.07 5.18 37.75
C ASN D 703 -57.30 3.94 38.60
N SER D 704 -58.40 3.93 39.32
CA SER D 704 -58.87 2.74 40.03
C SER D 704 -60.30 2.48 39.62
N VAL D 705 -60.56 1.28 39.12
CA VAL D 705 -61.89 0.88 38.65
C VAL D 705 -62.49 -0.08 39.66
N ALA D 706 -63.73 0.18 40.05
CA ALA D 706 -64.37 -0.59 41.11
C ALA D 706 -64.74 -1.98 40.60
N TYR D 707 -64.37 -3.00 41.36
CA TYR D 707 -64.69 -4.38 41.04
C TYR D 707 -65.65 -4.94 42.08
N SER D 708 -66.64 -5.69 41.62
CA SER D 708 -67.59 -6.34 42.52
C SER D 708 -67.98 -7.68 41.93
N ASN D 709 -68.71 -8.46 42.72
CA ASN D 709 -69.22 -9.73 42.25
C ASN D 709 -70.44 -9.58 41.36
N ASN D 710 -71.07 -8.41 41.33
CA ASN D 710 -72.30 -8.24 40.59
C ASN D 710 -72.41 -6.89 39.89
N SER D 711 -71.31 -6.20 39.64
CA SER D 711 -71.35 -4.88 39.03
C SER D 711 -70.95 -4.97 37.56
N ILE D 712 -71.80 -4.44 36.68
CA ILE D 712 -71.54 -4.45 35.25
C ILE D 712 -71.80 -3.06 34.69
N ALA D 713 -70.83 -2.53 33.95
CA ALA D 713 -70.96 -1.22 33.30
C ALA D 713 -71.38 -1.44 31.85
N ILE D 714 -72.53 -0.88 31.49
CA ILE D 714 -73.11 -1.04 30.16
C ILE D 714 -73.13 0.34 29.49
N PRO D 715 -72.64 0.47 28.26
CA PRO D 715 -72.69 1.76 27.56
C PRO D 715 -74.08 2.07 27.04
N THR D 716 -74.32 3.37 26.89
CA THR D 716 -75.59 3.91 26.40
C THR D 716 -75.42 4.70 25.11
N ASN D 717 -74.46 5.63 25.06
CA ASN D 717 -74.19 6.42 23.87
C ASN D 717 -72.83 6.05 23.30
N PHE D 718 -72.55 6.56 22.11
CA PHE D 718 -71.37 6.16 21.38
C PHE D 718 -70.96 7.26 20.42
N THR D 719 -69.71 7.20 19.96
CA THR D 719 -69.22 8.09 18.91
C THR D 719 -68.55 7.25 17.82
N ILE D 720 -68.40 7.87 16.66
CA ILE D 720 -67.59 7.32 15.58
C ILE D 720 -66.43 8.29 15.34
N SER D 721 -65.36 7.77 14.76
CA SER D 721 -64.15 8.57 14.60
C SER D 721 -63.39 8.11 13.37
N VAL D 722 -62.49 8.97 12.92
CA VAL D 722 -61.61 8.68 11.79
C VAL D 722 -60.18 8.89 12.24
N THR D 723 -59.32 7.93 11.96
CA THR D 723 -57.90 8.02 12.26
C THR D 723 -57.10 7.93 10.96
N THR D 724 -55.89 8.48 10.99
CA THR D 724 -55.01 8.49 9.83
C THR D 724 -53.85 7.54 10.06
N GLU D 725 -53.42 6.89 8.98
CA GLU D 725 -52.30 5.95 9.08
C GLU D 725 -51.46 6.06 7.82
N ILE D 726 -50.23 6.55 7.96
CA ILE D 726 -49.36 6.85 6.82
C ILE D 726 -48.33 5.73 6.70
N LEU D 727 -48.24 5.13 5.51
CA LEU D 727 -47.32 4.03 5.26
C LEU D 727 -46.50 4.31 4.01
N PRO D 728 -45.17 4.26 4.10
CA PRO D 728 -44.35 4.33 2.89
C PRO D 728 -44.48 3.05 2.07
N VAL D 729 -44.28 3.18 0.77
CA VAL D 729 -44.43 2.05 -0.14
C VAL D 729 -43.12 1.78 -0.85
N SER D 730 -42.62 2.78 -1.59
CA SER D 730 -41.40 2.64 -2.37
C SER D 730 -40.63 3.95 -2.33
N MET D 731 -39.32 3.86 -2.57
CA MET D 731 -38.48 5.04 -2.64
C MET D 731 -38.12 5.33 -4.10
N THR D 732 -37.23 6.29 -4.29
CA THR D 732 -36.80 6.67 -5.63
C THR D 732 -35.81 5.64 -6.17
N LYS D 733 -36.04 5.19 -7.39
CA LYS D 733 -35.11 4.29 -8.04
C LYS D 733 -33.86 5.06 -8.46
N THR D 734 -32.76 4.32 -8.62
CA THR D 734 -31.51 4.93 -9.04
C THR D 734 -30.67 3.92 -9.80
N SER D 735 -29.75 4.44 -10.60
CA SER D 735 -28.77 3.64 -11.32
C SER D 735 -27.47 4.43 -11.39
N VAL D 736 -26.36 3.71 -11.51
CA VAL D 736 -25.04 4.32 -11.53
C VAL D 736 -24.21 3.65 -12.63
N ASP D 737 -23.19 4.39 -13.09
CA ASP D 737 -22.23 3.87 -14.04
C ASP D 737 -20.95 3.56 -13.27
N CYS D 738 -20.46 2.33 -13.41
CA CYS D 738 -19.32 1.88 -12.60
C CYS D 738 -17.99 2.39 -13.13
N THR D 739 -17.97 3.00 -14.31
CA THR D 739 -16.75 3.59 -14.87
C THR D 739 -16.71 5.10 -14.74
N MET D 740 -17.83 5.78 -14.99
CA MET D 740 -17.87 7.23 -14.91
C MET D 740 -17.65 7.72 -13.50
N TYR D 741 -18.20 7.01 -12.51
CA TYR D 741 -18.01 7.42 -11.13
C TYR D 741 -16.56 7.20 -10.68
N ILE D 742 -16.01 6.03 -10.97
CA ILE D 742 -14.66 5.70 -10.51
C ILE D 742 -13.62 6.51 -11.30
N CYS D 743 -13.81 6.61 -12.61
CA CYS D 743 -12.81 7.20 -13.49
C CYS D 743 -13.44 8.29 -14.34
N GLY D 744 -12.63 9.28 -14.70
CA GLY D 744 -13.09 10.30 -15.63
C GLY D 744 -12.94 9.85 -17.07
N ASP D 745 -12.49 10.76 -17.93
CA ASP D 745 -12.25 10.44 -19.34
C ASP D 745 -10.80 10.03 -19.56
N SER D 746 -10.33 9.05 -18.77
CA SER D 746 -8.98 8.52 -18.90
C SER D 746 -9.06 7.02 -19.06
N THR D 747 -8.45 6.50 -20.13
CA THR D 747 -8.51 5.07 -20.40
C THR D 747 -7.64 4.27 -19.44
N GLU D 748 -6.59 4.88 -18.91
CA GLU D 748 -5.67 4.17 -18.02
C GLU D 748 -6.35 3.80 -16.70
N CYS D 749 -7.25 4.66 -16.22
CA CYS D 749 -8.01 4.33 -15.02
C CYS D 749 -8.91 3.14 -15.26
N SER D 750 -9.51 3.04 -16.46
CA SER D 750 -10.29 1.86 -16.81
C SER D 750 -9.42 0.63 -16.94
N ASN D 751 -8.19 0.78 -17.46
CA ASN D 751 -7.27 -0.35 -17.57
C ASN D 751 -6.89 -0.88 -16.19
N LEU D 752 -6.63 0.01 -15.25
CA LEU D 752 -6.35 -0.44 -13.88
C LEU D 752 -7.59 -0.91 -13.15
N LEU D 753 -8.78 -0.45 -13.56
CA LEU D 753 -10.02 -1.01 -13.02
C LEU D 753 -10.26 -2.42 -13.52
N LEU D 754 -9.76 -2.73 -14.73
CA LEU D 754 -9.90 -4.07 -15.30
C LEU D 754 -9.16 -5.13 -14.51
N GLN D 755 -8.24 -4.74 -13.63
CA GLN D 755 -7.59 -5.71 -12.75
C GLN D 755 -8.59 -6.37 -11.81
N TYR D 756 -9.52 -5.59 -11.27
CA TYR D 756 -10.59 -6.17 -10.46
C TYR D 756 -11.70 -6.71 -11.34
N GLY D 757 -12.35 -5.84 -12.11
CA GLY D 757 -13.27 -6.26 -13.15
C GLY D 757 -14.62 -6.77 -12.69
N SER D 758 -14.64 -7.80 -11.86
CA SER D 758 -15.85 -8.53 -11.51
C SER D 758 -16.61 -7.93 -10.33
N PHE D 759 -16.43 -6.64 -10.05
CA PHE D 759 -17.11 -5.99 -8.94
C PHE D 759 -18.34 -5.22 -9.37
N CYS D 760 -18.16 -4.27 -10.30
CA CYS D 760 -19.27 -3.39 -10.61
C CYS D 760 -20.33 -4.05 -11.48
N THR D 761 -20.02 -5.19 -12.10
CA THR D 761 -21.06 -5.99 -12.72
C THR D 761 -22.05 -6.49 -11.67
N GLN D 762 -21.53 -6.98 -10.54
CA GLN D 762 -22.38 -7.37 -9.41
C GLN D 762 -23.10 -6.15 -8.84
N LEU D 763 -22.41 -5.01 -8.78
CA LEU D 763 -23.04 -3.79 -8.27
C LEU D 763 -24.22 -3.36 -9.15
N LYS D 764 -24.03 -3.39 -10.47
CA LYS D 764 -25.09 -3.03 -11.40
C LYS D 764 -26.24 -4.03 -11.34
N ARG D 765 -25.93 -5.32 -11.19
CA ARG D 765 -26.97 -6.33 -11.07
C ARG D 765 -27.80 -6.11 -9.80
N ALA D 766 -27.13 -5.80 -8.68
CA ALA D 766 -27.85 -5.51 -7.45
C ALA D 766 -28.70 -4.26 -7.58
N LEU D 767 -28.16 -3.21 -8.22
CA LEU D 767 -28.90 -1.96 -8.37
C LEU D 767 -30.14 -2.15 -9.24
N THR D 768 -30.01 -2.88 -10.35
CA THR D 768 -31.18 -3.10 -11.20
C THR D 768 -32.16 -4.07 -10.55
N GLY D 769 -31.68 -4.96 -9.67
CA GLY D 769 -32.60 -5.77 -8.90
C GLY D 769 -33.44 -4.95 -7.94
N ILE D 770 -32.81 -4.00 -7.24
CA ILE D 770 -33.56 -3.09 -6.37
C ILE D 770 -34.51 -2.23 -7.19
N ALA D 771 -34.08 -1.81 -8.39
CA ALA D 771 -34.93 -0.97 -9.23
C ALA D 771 -36.19 -1.72 -9.68
N VAL D 772 -36.02 -2.96 -10.17
CA VAL D 772 -37.18 -3.70 -10.63
C VAL D 772 -38.06 -4.12 -9.45
N GLU D 773 -37.45 -4.35 -8.27
CA GLU D 773 -38.25 -4.68 -7.09
C GLU D 773 -39.07 -3.47 -6.64
N GLN D 774 -38.49 -2.28 -6.68
CA GLN D 774 -39.24 -1.07 -6.32
C GLN D 774 -40.32 -0.75 -7.34
N ASP D 775 -40.09 -1.07 -8.62
CA ASP D 775 -41.17 -0.97 -9.60
C ASP D 775 -42.27 -1.97 -9.31
N LYS D 776 -41.90 -3.17 -8.87
CA LYS D 776 -42.88 -4.20 -8.57
C LYS D 776 -43.71 -3.89 -7.33
N ASN D 777 -43.11 -3.18 -6.36
CA ASN D 777 -43.69 -3.06 -5.02
C ASN D 777 -45.05 -2.37 -5.04
N THR D 778 -45.19 -1.31 -5.83
CA THR D 778 -46.46 -0.58 -5.84
C THR D 778 -47.55 -1.34 -6.57
N GLN D 779 -47.20 -2.34 -7.38
CA GLN D 779 -48.17 -2.98 -8.26
C GLN D 779 -49.17 -3.81 -7.46
N GLU D 780 -48.70 -4.67 -6.55
CA GLU D 780 -49.65 -5.45 -5.76
C GLU D 780 -50.26 -4.64 -4.64
N VAL D 781 -49.66 -3.51 -4.28
CA VAL D 781 -50.27 -2.63 -3.28
C VAL D 781 -51.48 -1.92 -3.87
N PHE D 782 -51.37 -1.39 -5.08
CA PHE D 782 -52.45 -0.61 -5.68
C PHE D 782 -53.28 -1.43 -6.65
N ALA D 783 -52.66 -2.02 -7.66
CA ALA D 783 -53.39 -2.74 -8.71
C ALA D 783 -53.81 -4.10 -8.17
N GLN D 784 -54.93 -4.12 -7.47
CA GLN D 784 -55.52 -5.35 -6.96
C GLN D 784 -56.85 -5.70 -7.60
N VAL D 785 -57.53 -4.76 -8.23
CA VAL D 785 -58.78 -5.00 -8.95
C VAL D 785 -58.49 -4.87 -10.44
N LYS D 786 -58.97 -5.85 -11.22
CA LYS D 786 -58.74 -5.90 -12.66
C LYS D 786 -59.91 -5.33 -13.44
N GLN D 787 -60.71 -4.46 -12.82
CA GLN D 787 -61.89 -3.90 -13.49
C GLN D 787 -62.10 -2.51 -12.91
N ILE D 788 -61.63 -1.48 -13.63
CA ILE D 788 -61.71 -0.12 -13.13
C ILE D 788 -63.15 0.37 -13.20
N TYR D 789 -63.63 0.90 -12.08
CA TYR D 789 -65.00 1.40 -11.97
C TYR D 789 -65.02 2.93 -11.98
N LYS D 790 -66.22 3.49 -12.08
CA LYS D 790 -66.42 4.92 -11.99
C LYS D 790 -67.64 5.20 -11.13
N THR D 791 -67.64 6.37 -10.51
CA THR D 791 -68.74 6.76 -9.64
C THR D 791 -69.95 7.19 -10.47
N PRO D 792 -71.16 6.94 -9.96
CA PRO D 792 -72.37 7.49 -10.59
C PRO D 792 -72.39 9.00 -10.45
N PRO D 793 -73.07 9.72 -11.36
CA PRO D 793 -73.07 11.19 -11.29
C PRO D 793 -73.77 11.76 -10.07
N ILE D 794 -74.99 11.29 -9.78
CA ILE D 794 -75.71 11.78 -8.61
C ILE D 794 -75.18 11.09 -7.36
N LYS D 795 -75.39 11.73 -6.20
CA LYS D 795 -74.91 11.23 -4.92
C LYS D 795 -76.06 11.27 -3.92
N TYR D 796 -76.87 10.21 -3.90
CA TYR D 796 -77.91 10.02 -2.89
C TYR D 796 -77.39 9.13 -1.77
N PHE D 797 -76.27 9.52 -1.19
CA PHE D 797 -75.55 8.64 -0.26
C PHE D 797 -76.06 8.79 1.17
N GLY D 798 -77.38 8.75 1.36
CA GLY D 798 -77.98 8.75 2.67
C GLY D 798 -77.66 9.94 3.55
N GLY D 799 -77.26 11.06 2.95
CA GLY D 799 -76.79 12.20 3.70
C GLY D 799 -75.31 12.22 4.00
N PHE D 800 -74.59 11.14 3.69
CA PHE D 800 -73.14 11.13 3.86
C PHE D 800 -72.48 12.02 2.82
N ASN D 801 -71.47 12.76 3.23
CA ASN D 801 -70.72 13.62 2.33
C ASN D 801 -69.39 12.98 2.00
N PHE D 802 -69.11 12.79 0.72
CA PHE D 802 -67.88 12.17 0.27
C PHE D 802 -67.07 13.07 -0.65
N SER D 803 -67.38 14.38 -0.70
CA SER D 803 -66.78 15.25 -1.69
C SER D 803 -65.29 15.47 -1.42
N GLN D 804 -64.85 15.24 -0.19
CA GLN D 804 -63.45 15.45 0.14
C GLN D 804 -62.55 14.34 -0.39
N ILE D 805 -63.09 13.14 -0.62
CA ILE D 805 -62.27 11.99 -0.98
C ILE D 805 -62.42 11.62 -2.46
N LEU D 806 -63.60 11.81 -3.04
CA LEU D 806 -63.76 11.52 -4.46
C LEU D 806 -63.04 12.59 -5.28
N PRO D 807 -62.56 12.24 -6.48
CA PRO D 807 -61.85 13.22 -7.30
C PRO D 807 -62.76 14.36 -7.76
N ASP D 808 -62.19 15.56 -7.82
CA ASP D 808 -62.92 16.75 -8.19
C ASP D 808 -62.69 17.04 -9.67
N PRO D 809 -63.74 17.05 -10.51
CA PRO D 809 -63.52 17.34 -11.93
C PRO D 809 -63.14 18.78 -12.21
N SER D 810 -63.42 19.71 -11.28
CA SER D 810 -63.08 21.11 -11.49
C SER D 810 -61.58 21.33 -11.50
N LYS D 811 -60.86 20.65 -10.61
CA LYS D 811 -59.40 20.72 -10.61
C LYS D 811 -58.86 20.04 -11.86
N PRO D 812 -57.88 20.63 -12.55
CA PRO D 812 -57.33 19.98 -13.76
C PRO D 812 -56.69 18.63 -13.50
N SER D 813 -56.06 18.44 -12.34
CA SER D 813 -55.55 17.14 -11.94
C SER D 813 -56.67 16.37 -11.25
N LYS D 814 -56.96 15.17 -11.75
CA LYS D 814 -58.09 14.40 -11.23
C LYS D 814 -57.77 13.79 -9.88
N ARG D 815 -57.65 14.63 -8.85
CA ARG D 815 -57.31 14.22 -7.50
C ARG D 815 -58.36 14.72 -6.53
N SER D 816 -58.15 14.45 -5.25
CA SER D 816 -59.03 14.84 -4.16
C SER D 816 -58.37 16.00 -3.41
N PRO D 817 -59.16 16.84 -2.72
CA PRO D 817 -58.57 17.93 -1.92
C PRO D 817 -57.62 17.44 -0.84
N ILE D 818 -57.89 16.26 -0.29
CA ILE D 818 -56.96 15.64 0.65
C ILE D 818 -55.63 15.33 -0.04
N GLU D 819 -55.71 14.81 -1.27
CA GLU D 819 -54.51 14.53 -2.04
C GLU D 819 -53.77 15.81 -2.39
N ASP D 820 -54.50 16.89 -2.66
CA ASP D 820 -53.89 18.18 -2.93
C ASP D 820 -53.16 18.71 -1.68
N LEU D 821 -53.77 18.54 -0.51
CA LEU D 821 -53.13 18.94 0.74
C LEU D 821 -51.85 18.13 0.99
N LEU D 822 -51.91 16.82 0.73
CA LEU D 822 -50.72 15.98 0.91
C LEU D 822 -49.62 16.35 -0.07
N PHE D 823 -49.99 16.68 -1.31
CA PHE D 823 -49.00 17.09 -2.30
C PHE D 823 -48.38 18.43 -1.94
N ASN D 824 -49.18 19.34 -1.36
CA ASN D 824 -48.65 20.64 -0.98
C ASN D 824 -47.76 20.54 0.25
N LYS D 825 -48.10 19.68 1.20
CA LYS D 825 -47.33 19.58 2.43
C LYS D 825 -46.05 18.76 2.28
N VAL D 826 -45.83 18.13 1.14
CA VAL D 826 -44.63 17.34 0.89
C VAL D 826 -43.81 18.02 -0.19
N THR D 827 -42.55 18.31 0.13
CA THR D 827 -41.65 18.96 -0.82
C THR D 827 -40.76 17.94 -1.53
N ILE D 850 -29.97 18.96 -8.01
CA ILE D 850 -30.72 17.83 -8.56
C ILE D 850 -30.13 17.43 -9.91
N CYS D 851 -29.98 18.43 -10.80
CA CYS D 851 -29.37 18.16 -12.10
C CYS D 851 -27.89 17.84 -11.96
N ALA D 852 -27.21 18.47 -11.00
CA ALA D 852 -25.81 18.12 -10.72
C ALA D 852 -25.69 16.71 -10.18
N GLN D 853 -26.67 16.26 -9.40
CA GLN D 853 -26.72 14.85 -9.00
C GLN D 853 -26.94 13.96 -10.22
N LYS D 854 -27.75 14.40 -11.17
CA LYS D 854 -27.97 13.68 -12.42
C LYS D 854 -26.77 13.75 -13.36
N PHE D 855 -25.79 14.60 -13.08
CA PHE D 855 -24.72 14.89 -14.03
C PHE D 855 -23.36 14.33 -13.61
N ASN D 856 -23.32 13.32 -12.73
CA ASN D 856 -22.07 12.73 -12.30
C ASN D 856 -22.11 11.21 -12.36
N GLY D 857 -22.79 10.67 -13.36
CA GLY D 857 -22.87 9.23 -13.52
C GLY D 857 -23.95 8.56 -12.72
N LEU D 858 -24.72 9.30 -11.93
CA LEU D 858 -25.83 8.76 -11.16
C LEU D 858 -27.11 9.30 -11.77
N THR D 859 -28.02 8.40 -12.15
CA THR D 859 -29.30 8.78 -12.72
C THR D 859 -30.44 8.23 -11.88
N VAL D 860 -31.56 8.93 -11.93
CA VAL D 860 -32.81 8.43 -11.35
C VAL D 860 -33.69 7.95 -12.50
N LEU D 861 -34.58 7.02 -12.18
CA LEU D 861 -35.47 6.51 -13.20
C LEU D 861 -36.91 6.80 -12.84
N PRO D 862 -37.74 7.21 -13.80
CA PRO D 862 -39.14 7.47 -13.49
C PRO D 862 -39.87 6.17 -13.18
N PRO D 863 -40.88 6.22 -12.31
CA PRO D 863 -41.68 5.03 -12.06
C PRO D 863 -42.48 4.64 -13.28
N LEU D 864 -42.75 3.33 -13.38
CA LEU D 864 -43.55 2.83 -14.51
C LEU D 864 -44.96 3.37 -14.46
N LEU D 865 -45.55 3.44 -13.26
CA LEU D 865 -46.87 4.02 -13.09
C LEU D 865 -46.71 5.49 -12.70
N THR D 866 -47.39 6.36 -13.43
CA THR D 866 -47.41 7.78 -13.12
C THR D 866 -48.44 8.07 -12.03
N ASP D 867 -48.60 9.35 -11.70
CA ASP D 867 -49.53 9.73 -10.65
C ASP D 867 -50.98 9.64 -11.10
N GLU D 868 -51.25 9.86 -12.39
CA GLU D 868 -52.62 9.82 -12.87
C GLU D 868 -53.20 8.42 -12.85
N MET D 869 -52.40 7.41 -13.21
CA MET D 869 -52.91 6.05 -13.24
C MET D 869 -53.13 5.51 -11.84
N ILE D 870 -52.25 5.82 -10.89
CA ILE D 870 -52.49 5.38 -9.52
C ILE D 870 -53.64 6.17 -8.90
N ALA D 871 -53.84 7.42 -9.33
CA ALA D 871 -55.03 8.16 -8.93
C ALA D 871 -56.31 7.49 -9.45
N GLN D 872 -56.26 7.00 -10.69
CA GLN D 872 -57.39 6.28 -11.25
C GLN D 872 -57.64 4.97 -10.50
N TYR D 873 -56.57 4.29 -10.11
CA TYR D 873 -56.69 3.06 -9.33
C TYR D 873 -57.35 3.32 -7.99
N THR D 874 -56.92 4.39 -7.30
CA THR D 874 -57.53 4.74 -6.03
C THR D 874 -58.99 5.15 -6.21
N SER D 875 -59.30 5.91 -7.26
CA SER D 875 -60.67 6.31 -7.52
C SER D 875 -61.56 5.10 -7.78
N ALA D 876 -61.05 4.12 -8.52
CA ALA D 876 -61.78 2.87 -8.71
C ALA D 876 -61.96 2.13 -7.39
N LEU D 877 -60.96 2.18 -6.51
CA LEU D 877 -61.08 1.52 -5.22
C LEU D 877 -62.18 2.14 -4.36
N LEU D 878 -62.22 3.49 -4.29
CA LEU D 878 -63.32 4.13 -3.56
C LEU D 878 -64.67 3.86 -4.21
N ALA D 879 -64.73 3.86 -5.54
CA ALA D 879 -65.98 3.57 -6.23
C ALA D 879 -66.49 2.17 -5.90
N GLY D 880 -65.59 1.19 -5.93
CA GLY D 880 -66.00 -0.17 -5.60
C GLY D 880 -66.39 -0.34 -4.14
N THR D 881 -65.65 0.28 -3.22
CA THR D 881 -65.98 0.13 -1.81
C THR D 881 -67.15 1.00 -1.39
N ILE D 882 -67.59 1.95 -2.22
CA ILE D 882 -68.75 2.77 -1.90
C ILE D 882 -70.02 2.17 -2.48
N THR D 883 -70.00 1.80 -3.76
CA THR D 883 -71.25 1.44 -4.42
C THR D 883 -71.47 -0.06 -4.55
N SER D 884 -70.46 -0.89 -4.30
CA SER D 884 -70.61 -2.34 -4.42
C SER D 884 -70.37 -3.07 -3.11
N GLY D 885 -70.23 -2.35 -2.00
CA GLY D 885 -69.95 -3.02 -0.74
C GLY D 885 -68.54 -3.58 -0.72
N TRP D 886 -68.42 -4.85 -0.33
CA TRP D 886 -67.14 -5.53 -0.32
C TRP D 886 -67.13 -6.77 -1.21
N THR D 887 -68.17 -6.97 -2.03
CA THR D 887 -68.26 -8.17 -2.82
C THR D 887 -67.33 -8.14 -4.03
N PHE D 888 -66.85 -6.96 -4.41
CA PHE D 888 -66.01 -6.86 -5.60
C PHE D 888 -64.60 -7.37 -5.35
N GLY D 889 -64.21 -7.63 -4.10
CA GLY D 889 -62.93 -8.24 -3.83
C GLY D 889 -62.86 -9.73 -4.02
N ALA D 890 -63.99 -10.37 -4.29
CA ALA D 890 -64.05 -11.81 -4.49
C ALA D 890 -64.38 -12.19 -5.93
N GLY D 891 -65.48 -11.68 -6.48
CA GLY D 891 -65.87 -11.98 -7.83
C GLY D 891 -66.49 -10.79 -8.52
N PRO D 892 -67.64 -11.01 -9.17
CA PRO D 892 -68.35 -9.89 -9.82
C PRO D 892 -68.89 -8.91 -8.79
N ALA D 893 -68.77 -7.62 -9.09
CA ALA D 893 -69.27 -6.59 -8.19
C ALA D 893 -70.79 -6.58 -8.17
N LEU D 894 -71.36 -6.51 -6.98
CA LEU D 894 -72.80 -6.48 -6.78
C LEU D 894 -73.15 -5.16 -6.09
N GLN D 895 -74.05 -4.39 -6.70
CA GLN D 895 -74.39 -3.08 -6.16
C GLN D 895 -75.30 -3.22 -4.95
N ILE D 896 -75.03 -2.40 -3.93
CA ILE D 896 -75.74 -2.41 -2.66
C ILE D 896 -75.89 -0.96 -2.22
N PRO D 897 -77.09 -0.53 -1.80
CA PRO D 897 -77.23 0.83 -1.25
C PRO D 897 -76.41 1.02 0.01
N PHE D 898 -75.91 2.25 0.19
CA PHE D 898 -74.97 2.52 1.28
C PHE D 898 -75.54 2.33 2.68
N PRO D 899 -76.78 2.71 3.01
CA PRO D 899 -77.30 2.33 4.34
C PRO D 899 -77.36 0.83 4.60
N MET D 900 -77.61 0.02 3.56
CA MET D 900 -77.61 -1.42 3.72
C MET D 900 -76.22 -1.90 4.12
N GLN D 901 -75.20 -1.37 3.46
CA GLN D 901 -73.81 -1.73 3.76
C GLN D 901 -73.42 -1.27 5.16
N MET D 902 -73.86 -0.07 5.55
CA MET D 902 -73.54 0.44 6.88
C MET D 902 -74.18 -0.41 7.97
N ALA D 903 -75.43 -0.83 7.75
CA ALA D 903 -76.09 -1.72 8.69
C ALA D 903 -75.41 -3.08 8.75
N TYR D 904 -74.92 -3.56 7.60
CA TYR D 904 -74.27 -4.86 7.61
C TYR D 904 -72.89 -4.80 8.25
N ARG D 905 -72.23 -3.64 8.21
CA ARG D 905 -71.00 -3.46 8.99
C ARG D 905 -71.30 -3.31 10.47
N PHE D 906 -72.44 -2.70 10.83
CA PHE D 906 -72.87 -2.67 12.22
C PHE D 906 -73.17 -4.06 12.74
N ASN D 907 -73.70 -4.93 11.88
CA ASN D 907 -73.99 -6.30 12.27
C ASN D 907 -72.73 -7.10 12.54
N GLY D 908 -71.58 -6.67 12.01
CA GLY D 908 -70.35 -7.39 12.19
C GLY D 908 -69.61 -7.15 13.49
N ILE D 909 -70.12 -6.28 14.36
CA ILE D 909 -69.46 -5.98 15.62
C ILE D 909 -70.42 -6.26 16.77
N GLY D 910 -71.35 -7.17 16.55
CA GLY D 910 -72.32 -7.53 17.59
C GLY D 910 -73.29 -6.43 17.92
N VAL D 911 -73.73 -5.67 16.93
CA VAL D 911 -74.73 -4.61 17.12
C VAL D 911 -75.86 -4.85 16.14
N THR D 912 -77.09 -4.87 16.64
CA THR D 912 -78.25 -5.10 15.80
C THR D 912 -78.46 -3.96 14.82
N GLN D 913 -79.00 -4.29 13.65
CA GLN D 913 -79.08 -3.36 12.53
C GLN D 913 -80.11 -2.26 12.73
N ASN D 914 -81.01 -2.37 13.70
CA ASN D 914 -82.04 -1.36 13.88
C ASN D 914 -81.47 -0.05 14.42
N VAL D 915 -80.32 -0.10 15.09
CA VAL D 915 -79.72 1.10 15.68
C VAL D 915 -79.35 2.10 14.59
N LEU D 916 -78.75 1.61 13.51
CA LEU D 916 -78.32 2.47 12.41
C LEU D 916 -79.50 3.09 11.69
N TYR D 917 -80.53 2.30 11.40
CA TYR D 917 -81.71 2.83 10.72
C TYR D 917 -82.48 3.78 11.63
N GLU D 918 -82.33 3.62 12.95
CA GLU D 918 -82.96 4.55 13.87
C GLU D 918 -82.20 5.86 13.99
N ASN D 919 -80.87 5.82 13.88
CA ASN D 919 -80.06 7.00 14.18
C ASN D 919 -79.13 7.40 13.04
N GLN D 920 -79.54 7.12 11.79
CA GLN D 920 -78.68 7.38 10.64
C GLN D 920 -78.44 8.87 10.43
N LYS D 921 -79.38 9.72 10.87
CA LYS D 921 -79.16 11.16 10.77
C LYS D 921 -78.00 11.59 11.64
N LEU D 922 -77.98 11.14 12.89
CA LEU D 922 -76.87 11.44 13.79
C LEU D 922 -75.58 10.80 13.31
N ILE D 923 -75.68 9.59 12.73
CA ILE D 923 -74.49 8.93 12.18
C ILE D 923 -73.90 9.74 11.03
N ALA D 924 -74.75 10.24 10.14
CA ALA D 924 -74.28 11.03 9.01
C ALA D 924 -73.69 12.35 9.47
N ASN D 925 -74.30 12.98 10.49
CA ASN D 925 -73.76 14.23 11.02
C ASN D 925 -72.39 14.01 11.66
N GLN D 926 -72.26 12.93 12.44
CA GLN D 926 -70.96 12.61 13.05
C GLN D 926 -69.92 12.30 11.99
N PHE D 927 -70.30 11.57 10.95
CA PHE D 927 -69.37 11.25 9.87
C PHE D 927 -68.91 12.50 9.14
N ASN D 928 -69.84 13.42 8.85
CA ASN D 928 -69.49 14.66 8.17
C ASN D 928 -68.57 15.53 9.02
N SER D 929 -68.87 15.64 10.32
CA SER D 929 -68.02 16.43 11.21
C SER D 929 -66.63 15.83 11.34
N ALA D 930 -66.56 14.50 11.47
CA ALA D 930 -65.26 13.83 11.60
C ALA D 930 -64.45 13.95 10.32
N ILE D 931 -65.11 13.89 9.16
CA ILE D 931 -64.42 14.08 7.89
C ILE D 931 -63.91 15.51 7.76
N GLY D 932 -64.73 16.49 8.15
CA GLY D 932 -64.32 17.87 8.07
C GLY D 932 -63.20 18.23 9.02
N LYS D 933 -63.10 17.53 10.15
CA LYS D 933 -62.01 17.79 11.08
C LYS D 933 -60.65 17.36 10.54
N ILE D 934 -60.61 16.40 9.62
CA ILE D 934 -59.34 15.78 9.27
C ILE D 934 -58.47 16.71 8.41
N GLN D 935 -59.07 17.66 7.70
CA GLN D 935 -58.28 18.59 6.89
C GLN D 935 -57.43 19.50 7.77
N ASP D 936 -58.06 20.14 8.75
CA ASP D 936 -57.31 20.96 9.70
C ASP D 936 -56.46 20.12 10.64
N SER D 937 -56.85 18.86 10.89
CA SER D 937 -55.98 17.98 11.67
C SER D 937 -54.68 17.69 10.94
N LEU D 938 -54.74 17.47 9.63
CA LEU D 938 -53.53 17.26 8.85
C LEU D 938 -52.75 18.56 8.69
N SER D 939 -53.43 19.67 8.46
CA SER D 939 -52.76 20.94 8.21
C SER D 939 -52.28 21.63 9.48
N SER D 940 -52.64 21.12 10.66
CA SER D 940 -52.21 21.77 11.90
C SER D 940 -50.72 21.61 12.13
N THR D 941 -50.20 20.40 11.96
CA THR D 941 -48.79 20.13 12.18
C THR D 941 -48.23 19.29 11.04
N PRO D 942 -46.97 19.52 10.66
CA PRO D 942 -46.33 18.67 9.64
C PRO D 942 -45.64 17.44 10.21
N SER D 943 -45.91 17.07 11.46
CA SER D 943 -45.17 15.99 12.11
C SER D 943 -45.46 14.64 11.49
N ALA D 944 -46.74 14.32 11.29
CA ALA D 944 -47.12 12.98 10.81
C ALA D 944 -46.61 12.73 9.40
N LEU D 945 -46.65 13.76 8.55
CA LEU D 945 -46.12 13.63 7.20
C LEU D 945 -44.60 13.42 7.19
N GLY D 946 -43.93 13.68 8.31
CA GLY D 946 -42.54 13.33 8.48
C GLY D 946 -42.28 11.85 8.30
N LYS D 947 -43.30 11.02 8.53
CA LYS D 947 -43.23 9.59 8.29
C LYS D 947 -42.94 9.26 6.82
N LEU D 948 -43.22 10.20 5.92
CA LEU D 948 -42.75 10.09 4.54
C LEU D 948 -41.51 10.91 4.26
N GLN D 949 -41.30 12.00 5.02
CA GLN D 949 -40.18 12.90 4.75
C GLN D 949 -38.84 12.19 4.95
N ASP D 950 -38.76 11.34 5.98
CA ASP D 950 -37.54 10.57 6.22
C ASP D 950 -37.27 9.59 5.09
N VAL D 951 -38.30 9.23 4.32
CA VAL D 951 -38.07 8.41 3.14
C VAL D 951 -37.29 9.19 2.09
N VAL D 952 -37.55 10.49 1.97
CA VAL D 952 -36.97 11.27 0.88
C VAL D 952 -35.56 11.71 1.21
N ASN D 953 -35.39 12.50 2.28
CA ASN D 953 -34.13 13.20 2.52
C ASN D 953 -33.01 12.22 2.86
N HIS D 954 -33.33 11.13 3.57
CA HIS D 954 -32.33 10.09 3.82
C HIS D 954 -31.84 9.49 2.51
N ASN D 955 -32.74 9.32 1.54
CA ASN D 955 -32.29 8.98 0.18
C ASN D 955 -31.52 10.15 -0.42
N ALA D 956 -32.03 11.37 -0.25
CA ALA D 956 -31.45 12.53 -0.91
C ALA D 956 -30.06 12.84 -0.37
N GLN D 957 -29.85 12.64 0.93
CA GLN D 957 -28.50 12.79 1.47
C GLN D 957 -27.60 11.62 1.13
N ALA D 958 -28.19 10.47 0.75
CA ALA D 958 -27.41 9.25 0.54
C ALA D 958 -26.43 9.39 -0.61
N LEU D 959 -26.86 10.03 -1.71
CA LEU D 959 -25.91 10.34 -2.77
C LEU D 959 -25.11 11.59 -2.43
N ASN D 960 -25.68 12.47 -1.58
CA ASN D 960 -25.01 13.73 -1.25
C ASN D 960 -23.73 13.47 -0.45
N THR D 961 -23.78 12.53 0.48
CA THR D 961 -22.56 12.12 1.16
C THR D 961 -21.65 11.28 0.26
N LEU D 962 -22.19 10.76 -0.85
CA LEU D 962 -21.34 10.02 -1.78
C LEU D 962 -20.67 10.96 -2.78
N VAL D 963 -21.44 11.90 -3.34
CA VAL D 963 -20.88 12.84 -4.30
C VAL D 963 -19.89 13.80 -3.64
N LYS D 964 -20.00 14.00 -2.32
CA LYS D 964 -18.99 14.77 -1.61
C LYS D 964 -17.71 13.98 -1.38
N GLN D 965 -17.76 12.66 -1.53
CA GLN D 965 -16.58 11.83 -1.31
C GLN D 965 -15.62 11.82 -2.50
N LEU D 966 -15.99 12.46 -3.61
CA LEU D 966 -15.08 12.58 -4.74
C LEU D 966 -13.87 13.42 -4.37
N SER D 967 -14.10 14.57 -3.72
CA SER D 967 -13.01 15.45 -3.31
C SER D 967 -12.47 14.96 -1.97
N SER D 968 -11.63 13.93 -2.03
CA SER D 968 -11.05 13.33 -0.84
C SER D 968 -9.66 12.83 -1.16
N LYS D 969 -8.71 13.15 -0.29
CA LYS D 969 -7.33 12.67 -0.43
C LYS D 969 -7.22 11.33 0.28
N PHE D 970 -7.61 10.28 -0.44
CA PHE D 970 -7.58 8.91 0.11
C PHE D 970 -6.15 8.36 0.07
N GLY D 971 -5.28 8.99 0.84
CA GLY D 971 -3.86 8.70 0.81
C GLY D 971 -3.14 9.23 -0.41
N ALA D 972 -3.81 9.95 -1.30
CA ALA D 972 -3.24 10.43 -2.54
C ALA D 972 -2.85 11.89 -2.42
N ILE D 973 -2.10 12.36 -3.42
CA ILE D 973 -1.67 13.75 -3.45
C ILE D 973 -2.84 14.69 -3.69
N SER D 974 -3.77 14.29 -4.56
CA SER D 974 -4.93 15.11 -4.86
C SER D 974 -6.07 14.21 -5.32
N SER D 975 -7.29 14.68 -5.09
CA SER D 975 -8.47 13.94 -5.53
C SER D 975 -8.68 14.05 -7.04
N VAL D 976 -8.29 15.19 -7.64
CA VAL D 976 -8.39 15.37 -9.07
C VAL D 976 -7.40 14.43 -9.76
N LEU D 977 -7.84 13.82 -10.86
CA LEU D 977 -7.12 12.70 -11.47
C LEU D 977 -6.11 13.13 -12.52
N ASN D 978 -6.52 13.95 -13.49
CA ASN D 978 -5.70 14.21 -14.66
C ASN D 978 -4.46 15.04 -14.35
N ASP D 979 -4.48 15.84 -13.28
CA ASP D 979 -3.29 16.60 -12.93
C ASP D 979 -2.18 15.70 -12.40
N ILE D 980 -2.54 14.54 -11.83
CA ILE D 980 -1.54 13.56 -11.43
C ILE D 980 -0.84 12.98 -12.65
N LEU D 981 -1.61 12.70 -13.70
CA LEU D 981 -1.02 12.26 -14.96
C LEU D 981 -0.16 13.34 -15.60
N SER D 982 -0.63 14.58 -15.55
CA SER D 982 0.11 15.70 -16.14
C SER D 982 1.34 16.10 -15.34
N ARG D 983 1.40 15.72 -14.05
CA ARG D 983 2.51 16.12 -13.19
C ARG D 983 3.51 14.99 -12.96
N LEU D 984 3.03 13.79 -12.63
CA LEU D 984 3.91 12.69 -12.27
C LEU D 984 4.39 11.96 -13.52
N ASP D 985 5.12 10.88 -13.33
CA ASP D 985 5.77 10.12 -14.39
C ASP D 985 5.17 8.71 -14.35
N PRO D 986 4.69 8.19 -15.48
CA PRO D 986 3.61 7.15 -15.46
C PRO D 986 3.90 5.89 -14.66
N PRO D 987 5.15 5.39 -14.54
CA PRO D 987 5.36 4.25 -13.63
C PRO D 987 5.11 4.53 -12.15
N GLU D 988 5.06 5.78 -11.69
CA GLU D 988 4.69 6.02 -10.30
C GLU D 988 3.29 6.61 -10.12
N ALA D 989 2.52 6.77 -11.20
CA ALA D 989 1.15 7.27 -11.06
C ALA D 989 0.23 6.22 -10.46
N GLU D 990 0.57 4.94 -10.63
CA GLU D 990 -0.29 3.85 -10.18
C GLU D 990 -0.45 3.81 -8.67
N VAL D 991 0.58 4.24 -7.93
CA VAL D 991 0.52 4.16 -6.47
C VAL D 991 -0.46 5.17 -5.89
N GLN D 992 -0.89 6.15 -6.67
CA GLN D 992 -1.99 7.04 -6.30
C GLN D 992 -3.30 6.63 -6.94
N ILE D 993 -3.24 6.15 -8.18
CA ILE D 993 -4.45 5.73 -8.90
C ILE D 993 -5.13 4.58 -8.19
N ASP D 994 -4.33 3.59 -7.71
CA ASP D 994 -4.91 2.41 -7.09
C ASP D 994 -5.58 2.75 -5.76
N ARG D 995 -4.99 3.63 -4.96
CA ARG D 995 -5.59 3.96 -3.67
C ARG D 995 -6.84 4.81 -3.86
N LEU D 996 -6.82 5.72 -4.85
CA LEU D 996 -8.05 6.45 -5.18
C LEU D 996 -9.16 5.50 -5.65
N ILE D 997 -8.80 4.52 -6.48
CA ILE D 997 -9.76 3.56 -7.00
C ILE D 997 -10.35 2.72 -5.87
N THR D 998 -9.49 2.25 -4.95
CA THR D 998 -9.97 1.41 -3.86
C THR D 998 -10.83 2.21 -2.89
N GLY D 999 -10.48 3.46 -2.63
CA GLY D 999 -11.31 4.28 -1.75
C GLY D 999 -12.68 4.55 -2.34
N ARG D 1000 -12.74 4.88 -3.64
CA ARG D 1000 -14.03 5.09 -4.29
C ARG D 1000 -14.83 3.79 -4.39
N LEU D 1001 -14.14 2.65 -4.54
CA LEU D 1001 -14.81 1.37 -4.56
C LEU D 1001 -15.41 1.04 -3.20
N GLN D 1002 -14.69 1.35 -2.11
CA GLN D 1002 -15.23 1.15 -0.78
C GLN D 1002 -16.44 2.04 -0.52
N SER D 1003 -16.39 3.28 -1.00
CA SER D 1003 -17.54 4.18 -0.88
C SER D 1003 -18.75 3.63 -1.63
N LEU D 1004 -18.53 3.12 -2.85
CA LEU D 1004 -19.61 2.52 -3.62
C LEU D 1004 -20.19 1.29 -2.93
N GLN D 1005 -19.31 0.45 -2.38
CA GLN D 1005 -19.76 -0.76 -1.69
C GLN D 1005 -20.60 -0.42 -0.47
N THR D 1006 -20.17 0.58 0.31
CA THR D 1006 -20.92 1.00 1.47
C THR D 1006 -22.28 1.56 1.08
N TYR D 1007 -22.32 2.36 0.01
CA TYR D 1007 -23.59 2.93 -0.45
C TYR D 1007 -24.54 1.84 -0.91
N VAL D 1008 -24.05 0.86 -1.66
CA VAL D 1008 -24.88 -0.23 -2.16
C VAL D 1008 -25.42 -1.06 -1.00
N THR D 1009 -24.57 -1.36 -0.02
CA THR D 1009 -25.00 -2.14 1.14
C THR D 1009 -26.07 -1.39 1.94
N GLN D 1010 -25.88 -0.08 2.15
CA GLN D 1010 -26.87 0.69 2.89
C GLN D 1010 -28.19 0.78 2.13
N GLN D 1011 -28.12 0.88 0.80
CA GLN D 1011 -29.34 0.89 -0.02
C GLN D 1011 -30.08 -0.43 0.11
N LEU D 1012 -29.35 -1.55 0.14
CA LEU D 1012 -29.99 -2.85 0.33
C LEU D 1012 -30.65 -2.95 1.70
N ILE D 1013 -29.98 -2.43 2.74
CA ILE D 1013 -30.53 -2.45 4.09
C ILE D 1013 -31.83 -1.66 4.15
N ARG D 1014 -31.85 -0.48 3.53
CA ARG D 1014 -33.08 0.32 3.50
C ARG D 1014 -34.17 -0.36 2.67
N ALA D 1015 -33.80 -0.98 1.55
CA ALA D 1015 -34.78 -1.59 0.66
C ALA D 1015 -35.47 -2.78 1.31
N ALA D 1016 -34.76 -3.51 2.18
CA ALA D 1016 -35.37 -4.66 2.86
C ALA D 1016 -36.55 -4.24 3.73
N GLU D 1017 -36.35 -3.25 4.60
CA GLU D 1017 -37.43 -2.81 5.47
C GLU D 1017 -38.48 -2.02 4.70
N ILE D 1018 -38.09 -1.35 3.61
CA ILE D 1018 -39.08 -0.70 2.76
C ILE D 1018 -40.02 -1.73 2.14
N ARG D 1019 -39.45 -2.86 1.67
CA ARG D 1019 -40.27 -3.93 1.12
C ARG D 1019 -41.16 -4.56 2.19
N ALA D 1020 -40.65 -4.69 3.42
CA ALA D 1020 -41.47 -5.21 4.51
C ALA D 1020 -42.65 -4.29 4.80
N SER D 1021 -42.41 -2.97 4.83
CA SER D 1021 -43.49 -2.02 5.04
C SER D 1021 -44.49 -2.05 3.88
N ALA D 1022 -44.00 -2.22 2.66
CA ALA D 1022 -44.89 -2.32 1.51
C ALA D 1022 -45.76 -3.56 1.58
N ASN D 1023 -45.19 -4.68 2.04
CA ASN D 1023 -45.98 -5.91 2.23
C ASN D 1023 -47.05 -5.72 3.29
N LEU D 1024 -46.71 -5.03 4.39
CA LEU D 1024 -47.69 -4.74 5.42
C LEU D 1024 -48.80 -3.84 4.87
N ALA D 1025 -48.44 -2.84 4.05
CA ALA D 1025 -49.42 -1.96 3.44
C ALA D 1025 -50.34 -2.72 2.50
N ALA D 1026 -49.77 -3.68 1.76
CA ALA D 1026 -50.58 -4.53 0.88
C ALA D 1026 -51.55 -5.38 1.69
N THR D 1027 -51.10 -5.88 2.84
CA THR D 1027 -51.99 -6.64 3.72
C THR D 1027 -53.14 -5.77 4.24
N LYS D 1028 -52.84 -4.53 4.60
CA LYS D 1028 -53.89 -3.63 5.08
C LYS D 1028 -54.83 -3.22 3.95
N MET D 1029 -54.31 -3.14 2.72
CA MET D 1029 -55.17 -2.97 1.55
C MET D 1029 -56.11 -4.15 1.38
N SER D 1030 -55.60 -5.37 1.59
CA SER D 1030 -56.41 -6.56 1.38
C SER D 1030 -57.49 -6.69 2.46
N GLU D 1031 -57.15 -6.42 3.71
CA GLU D 1031 -58.06 -6.74 4.80
C GLU D 1031 -58.91 -5.56 5.23
N CYS D 1032 -58.27 -4.43 5.55
CA CYS D 1032 -59.01 -3.29 6.10
C CYS D 1032 -59.89 -2.60 5.07
N VAL D 1033 -59.62 -2.76 3.78
CA VAL D 1033 -60.36 -2.04 2.75
C VAL D 1033 -61.41 -2.95 2.13
N LEU D 1034 -60.97 -4.09 1.60
CA LEU D 1034 -61.86 -5.01 0.89
C LEU D 1034 -62.73 -5.84 1.83
N GLY D 1035 -62.52 -5.74 3.14
CA GLY D 1035 -63.35 -6.44 4.09
C GLY D 1035 -63.40 -5.74 5.43
N GLN D 1036 -64.02 -6.37 6.42
CA GLN D 1036 -64.08 -5.84 7.78
C GLN D 1036 -63.33 -6.82 8.68
N SER D 1037 -62.05 -6.55 8.91
CA SER D 1037 -61.22 -7.45 9.70
C SER D 1037 -61.60 -7.38 11.16
N LYS D 1038 -61.59 -8.53 11.82
CA LYS D 1038 -61.94 -8.64 13.23
C LYS D 1038 -60.72 -8.65 14.14
N ARG D 1039 -59.52 -8.49 13.58
CA ARG D 1039 -58.32 -8.37 14.41
C ARG D 1039 -58.35 -7.07 15.19
N VAL D 1040 -58.00 -7.17 16.48
CA VAL D 1040 -58.01 -5.99 17.34
C VAL D 1040 -56.88 -5.06 16.97
N ASP D 1041 -57.19 -3.77 16.84
CA ASP D 1041 -56.25 -2.65 16.71
C ASP D 1041 -55.56 -2.63 15.34
N PHE D 1042 -55.80 -3.65 14.52
CA PHE D 1042 -55.12 -3.73 13.23
C PHE D 1042 -55.63 -2.69 12.24
N CYS D 1043 -56.94 -2.47 12.20
CA CYS D 1043 -57.55 -1.56 11.24
C CYS D 1043 -58.06 -0.29 11.91
N GLY D 1044 -57.32 0.22 12.90
CA GLY D 1044 -57.69 1.44 13.58
C GLY D 1044 -57.66 1.25 15.07
N LYS D 1045 -58.40 2.10 15.78
CA LYS D 1045 -58.51 2.04 17.22
C LYS D 1045 -59.95 1.72 17.60
N GLY D 1046 -60.14 0.69 18.42
CA GLY D 1046 -61.47 0.26 18.78
C GLY D 1046 -62.06 -0.65 17.72
N TYR D 1047 -63.39 -0.78 17.78
CA TYR D 1047 -64.10 -1.58 16.80
C TYR D 1047 -64.08 -0.89 15.45
N HIS D 1048 -63.69 -1.63 14.42
CA HIS D 1048 -63.43 -1.07 13.09
C HIS D 1048 -64.64 -1.23 12.18
N LEU D 1049 -64.95 -0.18 11.45
CA LEU D 1049 -66.08 -0.17 10.53
C LEU D 1049 -65.63 -0.20 9.07
N MET D 1050 -64.81 0.76 8.63
CA MET D 1050 -64.27 0.71 7.28
C MET D 1050 -62.95 1.47 7.22
N SER D 1051 -62.43 1.60 5.99
CA SER D 1051 -61.23 2.36 5.74
C SER D 1051 -61.25 2.84 4.30
N PHE D 1052 -60.59 3.97 4.07
CA PHE D 1052 -60.49 4.54 2.73
C PHE D 1052 -59.03 4.84 2.40
N PRO D 1053 -58.59 4.49 1.20
CA PRO D 1053 -57.20 4.77 0.82
C PRO D 1053 -57.04 6.10 0.10
N GLN D 1054 -55.88 6.74 0.31
CA GLN D 1054 -55.52 7.94 -0.44
C GLN D 1054 -54.05 7.83 -0.82
N SER D 1055 -53.72 8.27 -2.03
CA SER D 1055 -52.35 8.24 -2.48
C SER D 1055 -51.53 9.35 -1.81
N ALA D 1056 -50.21 9.21 -1.91
CA ALA D 1056 -49.28 10.20 -1.39
C ALA D 1056 -47.96 10.04 -2.12
N PRO D 1057 -47.15 11.11 -2.21
CA PRO D 1057 -45.84 10.97 -2.85
C PRO D 1057 -44.97 9.92 -2.18
N HIS D 1058 -44.74 8.83 -2.93
CA HIS D 1058 -44.03 7.64 -2.45
C HIS D 1058 -44.68 7.05 -1.20
N GLY D 1059 -46.01 7.00 -1.17
CA GLY D 1059 -46.65 6.39 -0.01
C GLY D 1059 -48.15 6.35 -0.14
N VAL D 1060 -48.79 5.76 0.88
CA VAL D 1060 -50.23 5.64 0.95
C VAL D 1060 -50.66 6.09 2.35
N VAL D 1061 -51.93 6.49 2.46
CA VAL D 1061 -52.50 6.86 3.75
C VAL D 1061 -53.90 6.28 3.86
N PHE D 1062 -54.18 5.65 5.00
CA PHE D 1062 -55.47 5.06 5.29
C PHE D 1062 -56.25 5.99 6.21
N LEU D 1063 -57.54 6.14 5.92
CA LEU D 1063 -58.48 6.78 6.81
C LEU D 1063 -59.36 5.67 7.40
N HIS D 1064 -59.12 5.34 8.67
CA HIS D 1064 -59.86 4.29 9.34
C HIS D 1064 -61.09 4.90 10.01
N VAL D 1065 -62.28 4.46 9.60
CA VAL D 1065 -63.53 4.84 10.23
C VAL D 1065 -63.86 3.76 11.25
N THR D 1066 -63.78 4.12 12.53
CA THR D 1066 -63.99 3.22 13.65
C THR D 1066 -65.09 3.75 14.57
N TYR D 1067 -65.49 2.90 15.51
CA TYR D 1067 -66.60 3.17 16.41
C TYR D 1067 -66.19 2.89 17.85
N VAL D 1068 -66.56 3.77 18.77
CA VAL D 1068 -66.24 3.59 20.18
C VAL D 1068 -67.45 3.95 21.05
N PRO D 1069 -67.60 3.33 22.22
CA PRO D 1069 -68.67 3.76 23.14
C PRO D 1069 -68.34 5.06 23.84
N ALA D 1070 -69.36 5.76 24.36
CA ALA D 1070 -69.13 7.06 24.98
C ALA D 1070 -69.48 7.08 26.47
N GLN D 1071 -70.71 6.75 26.79
CA GLN D 1071 -71.22 6.87 28.16
C GLN D 1071 -71.58 5.51 28.72
N GLU D 1072 -71.44 5.36 30.04
CA GLU D 1072 -71.66 4.07 30.68
C GLU D 1072 -72.47 4.25 31.95
N LYS D 1073 -73.18 3.20 32.33
CA LYS D 1073 -73.92 3.16 33.58
C LYS D 1073 -73.76 1.80 34.23
N ASN D 1074 -73.71 1.79 35.56
CA ASN D 1074 -73.49 0.56 36.31
C ASN D 1074 -74.81 -0.08 36.70
N PHE D 1075 -74.82 -1.41 36.72
CA PHE D 1075 -76.02 -2.17 37.01
C PHE D 1075 -75.64 -3.44 37.78
N THR D 1076 -76.66 -4.05 38.38
CA THR D 1076 -76.51 -5.29 39.13
C THR D 1076 -76.92 -6.46 38.24
N THR D 1077 -76.11 -7.52 38.25
CA THR D 1077 -76.24 -8.63 37.32
C THR D 1077 -76.39 -9.95 38.08
N ALA D 1078 -76.60 -11.02 37.30
CA ALA D 1078 -76.68 -12.39 37.79
C ALA D 1078 -76.45 -13.30 36.59
N PRO D 1079 -75.69 -14.39 36.74
CA PRO D 1079 -75.32 -15.19 35.56
C PRO D 1079 -76.45 -16.03 34.99
N ALA D 1080 -77.51 -16.30 35.76
CA ALA D 1080 -78.61 -17.12 35.27
C ALA D 1080 -79.86 -16.76 36.06
N ILE D 1081 -80.99 -17.35 35.64
CA ILE D 1081 -82.28 -17.03 36.25
C ILE D 1081 -82.99 -18.32 36.64
N CYS D 1082 -83.43 -18.41 37.89
CA CYS D 1082 -84.25 -19.54 38.32
C CYS D 1082 -85.69 -19.34 37.90
N HIS D 1083 -86.30 -20.42 37.40
CA HIS D 1083 -87.75 -20.44 37.17
C HIS D 1083 -88.22 -21.87 37.20
N ASP D 1084 -89.16 -22.16 38.11
CA ASP D 1084 -89.72 -23.50 38.33
C ASP D 1084 -88.62 -24.52 38.62
N GLY D 1085 -87.61 -24.10 39.39
CA GLY D 1085 -86.47 -24.96 39.66
C GLY D 1085 -85.61 -25.24 38.45
N LYS D 1086 -85.65 -24.38 37.45
CA LYS D 1086 -84.92 -24.57 36.20
C LYS D 1086 -83.99 -23.38 36.00
N ALA D 1087 -82.74 -23.68 35.63
CA ALA D 1087 -81.81 -22.62 35.29
C ALA D 1087 -82.10 -22.09 33.89
N HIS D 1088 -81.96 -20.78 33.72
CA HIS D 1088 -82.18 -20.11 32.45
C HIS D 1088 -80.95 -19.28 32.12
N PHE D 1089 -80.41 -19.50 30.92
CA PHE D 1089 -79.23 -18.85 30.41
C PHE D 1089 -79.60 -18.01 29.19
N PRO D 1090 -79.14 -16.76 29.10
CA PRO D 1090 -79.54 -15.91 27.98
C PRO D 1090 -78.93 -16.40 26.68
N ARG D 1091 -79.73 -16.35 25.61
CA ARG D 1091 -79.26 -16.74 24.29
C ARG D 1091 -78.22 -15.76 23.79
N GLU D 1092 -78.57 -14.49 23.70
CA GLU D 1092 -77.66 -13.42 23.32
C GLU D 1092 -77.96 -12.19 24.15
N GLY D 1093 -77.11 -11.90 25.12
CA GLY D 1093 -77.25 -10.71 25.93
C GLY D 1093 -76.82 -10.97 27.36
N VAL D 1094 -76.92 -9.92 28.17
CA VAL D 1094 -76.56 -9.94 29.57
C VAL D 1094 -77.80 -9.64 30.39
N PHE D 1095 -77.92 -10.31 31.54
CA PHE D 1095 -78.99 -10.01 32.49
C PHE D 1095 -78.57 -8.84 33.37
N VAL D 1096 -79.41 -7.81 33.40
CA VAL D 1096 -79.17 -6.60 34.19
C VAL D 1096 -80.45 -6.22 34.90
N SER D 1097 -80.32 -5.34 35.89
CA SER D 1097 -81.48 -4.86 36.62
C SER D 1097 -81.24 -3.43 37.07
N ASN D 1098 -82.31 -2.63 37.05
CA ASN D 1098 -82.27 -1.27 37.57
C ASN D 1098 -82.58 -1.22 39.06
N GLY D 1099 -82.89 -2.35 39.67
CA GLY D 1099 -83.20 -2.40 41.09
C GLY D 1099 -84.48 -3.14 41.39
N THR D 1100 -85.47 -3.01 40.50
CA THR D 1100 -86.77 -3.65 40.70
C THR D 1100 -87.03 -4.73 39.64
N HIS D 1101 -86.97 -4.39 38.36
CA HIS D 1101 -87.22 -5.34 37.30
C HIS D 1101 -85.91 -5.81 36.68
N TRP D 1102 -85.96 -7.00 36.09
CA TRP D 1102 -84.81 -7.60 35.42
C TRP D 1102 -85.04 -7.58 33.91
N PHE D 1103 -83.95 -7.37 33.17
CA PHE D 1103 -83.99 -7.30 31.72
C PHE D 1103 -82.76 -7.99 31.15
N VAL D 1104 -82.77 -8.19 29.84
CA VAL D 1104 -81.61 -8.71 29.12
C VAL D 1104 -81.30 -7.78 27.95
N THR D 1105 -80.04 -7.36 27.85
CA THR D 1105 -79.59 -6.48 26.78
C THR D 1105 -78.50 -7.17 25.97
N GLN D 1106 -77.89 -6.42 25.06
CA GLN D 1106 -76.70 -6.91 24.38
C GLN D 1106 -75.46 -6.29 25.00
N ARG D 1107 -74.31 -6.50 24.37
CA ARG D 1107 -73.02 -6.35 25.02
C ARG D 1107 -72.35 -5.00 24.72
N ASN D 1108 -72.95 -4.16 23.89
CA ASN D 1108 -72.34 -2.87 23.58
C ASN D 1108 -73.35 -1.73 23.55
N PHE D 1109 -74.58 -1.95 23.99
CA PHE D 1109 -75.60 -0.91 23.98
C PHE D 1109 -76.63 -1.24 25.05
N TYR D 1110 -77.38 -0.23 25.47
CA TYR D 1110 -78.36 -0.40 26.55
C TYR D 1110 -79.76 -0.38 25.95
N GLU D 1111 -80.24 -1.56 25.56
CA GLU D 1111 -81.63 -1.76 25.16
C GLU D 1111 -82.22 -2.87 26.01
N PRO D 1112 -82.99 -2.55 27.04
CA PRO D 1112 -83.60 -3.60 27.86
C PRO D 1112 -84.83 -4.21 27.19
N GLN D 1113 -85.02 -5.51 27.44
CA GLN D 1113 -86.21 -6.21 27.00
C GLN D 1113 -86.69 -7.12 28.13
N ILE D 1114 -87.98 -7.45 28.09
CA ILE D 1114 -88.55 -8.35 29.08
C ILE D 1114 -88.09 -9.77 28.78
N ILE D 1115 -87.76 -10.52 29.83
CA ILE D 1115 -87.29 -11.89 29.65
C ILE D 1115 -88.46 -12.76 29.24
N THR D 1116 -88.32 -13.42 28.09
CA THR D 1116 -89.36 -14.26 27.52
C THR D 1116 -88.75 -15.64 27.29
N THR D 1117 -89.53 -16.56 26.71
CA THR D 1117 -89.01 -17.90 26.49
C THR D 1117 -87.98 -17.94 25.35
N ASP D 1118 -88.10 -17.05 24.37
CA ASP D 1118 -87.31 -17.19 23.16
C ASP D 1118 -85.91 -16.59 23.26
N ASN D 1119 -85.64 -15.75 24.24
CA ASN D 1119 -84.31 -15.17 24.36
C ASN D 1119 -83.42 -15.89 25.37
N THR D 1120 -83.87 -17.01 25.91
CA THR D 1120 -83.07 -17.81 26.84
C THR D 1120 -83.27 -19.28 26.55
N PHE D 1121 -82.46 -20.11 27.21
CA PHE D 1121 -82.57 -21.55 27.09
C PHE D 1121 -82.29 -22.19 28.43
N VAL D 1122 -82.78 -23.42 28.61
CA VAL D 1122 -82.79 -24.10 29.88
C VAL D 1122 -81.90 -25.34 29.78
N SER D 1123 -80.97 -25.47 30.73
CA SER D 1123 -80.12 -26.67 30.81
C SER D 1123 -79.74 -26.86 32.27
N GLY D 1124 -80.48 -27.72 32.96
CA GLY D 1124 -80.19 -28.02 34.34
C GLY D 1124 -81.25 -27.57 35.33
N ASN D 1125 -80.90 -27.54 36.60
CA ASN D 1125 -81.81 -27.18 37.68
C ASN D 1125 -81.11 -26.25 38.67
N CYS D 1126 -81.88 -25.76 39.64
CA CYS D 1126 -81.48 -24.64 40.49
C CYS D 1126 -80.79 -25.11 41.77
N ASP D 1127 -79.72 -25.89 41.62
CA ASP D 1127 -78.96 -26.30 42.79
C ASP D 1127 -77.45 -26.26 42.62
N VAL D 1128 -76.92 -26.13 41.39
CA VAL D 1128 -75.49 -26.24 41.16
C VAL D 1128 -74.82 -24.89 40.90
N VAL D 1129 -75.46 -24.00 40.14
CA VAL D 1129 -74.86 -22.73 39.76
C VAL D 1129 -74.81 -21.79 40.96
N ILE D 1130 -73.98 -20.75 40.88
CA ILE D 1130 -73.81 -19.77 41.94
C ILE D 1130 -74.27 -18.42 41.44
N GLY D 1131 -74.96 -17.67 42.29
CA GLY D 1131 -75.39 -16.33 41.95
C GLY D 1131 -76.69 -16.25 41.19
N ILE D 1132 -77.45 -17.35 41.09
CA ILE D 1132 -78.72 -17.32 40.39
C ILE D 1132 -79.74 -16.54 41.22
N VAL D 1133 -80.72 -15.97 40.53
CA VAL D 1133 -81.74 -15.11 41.16
C VAL D 1133 -83.11 -15.62 40.71
N ASN D 1134 -84.00 -15.84 41.69
CA ASN D 1134 -85.38 -16.20 41.37
C ASN D 1134 -86.07 -15.06 40.65
N ASN D 1135 -86.77 -15.38 39.56
CA ASN D 1135 -87.43 -14.37 38.75
C ASN D 1135 -88.57 -15.03 37.98
N THR D 1136 -89.19 -14.27 37.10
CA THR D 1136 -90.32 -14.74 36.32
C THR D 1136 -90.03 -14.67 34.83
N VAL D 1137 -90.81 -15.43 34.06
CA VAL D 1137 -90.71 -15.45 32.60
C VAL D 1137 -92.13 -15.40 32.05
N TYR D 1138 -92.24 -15.00 30.79
CA TYR D 1138 -93.53 -14.92 30.11
C TYR D 1138 -93.58 -15.93 28.96
N ASP D 1139 -94.73 -16.58 28.80
CA ASP D 1139 -94.95 -17.54 27.73
C ASP D 1139 -95.92 -16.95 26.72
N PRO D 1140 -95.50 -16.72 25.47
CA PRO D 1140 -96.40 -16.21 24.43
C PRO D 1140 -97.30 -17.29 23.85
N GLN E 14 43.40 -34.65 36.99
CA GLN E 14 43.38 -36.06 36.61
C GLN E 14 41.98 -36.47 36.14
N CYS E 15 41.83 -37.73 35.74
CA CYS E 15 40.58 -38.21 35.18
C CYS E 15 40.32 -39.63 35.66
N VAL E 16 39.04 -39.94 35.88
CA VAL E 16 38.61 -41.29 36.24
C VAL E 16 37.73 -41.81 35.11
N ASN E 17 38.16 -42.91 34.51
CA ASN E 17 37.41 -43.59 33.46
C ASN E 17 37.36 -45.07 33.77
N LEU E 18 36.18 -45.65 33.76
CA LEU E 18 35.99 -47.06 34.10
C LEU E 18 35.94 -47.87 32.82
N ILE E 19 36.88 -48.83 32.70
CA ILE E 19 36.81 -49.80 31.61
C ILE E 19 35.61 -50.72 31.79
N THR E 20 35.27 -51.04 33.04
CA THR E 20 34.13 -51.90 33.36
C THR E 20 32.86 -51.09 33.20
N ARG E 21 32.41 -50.95 31.95
CA ARG E 21 31.19 -50.26 31.61
C ARG E 21 30.15 -51.27 31.13
N THR E 22 28.99 -51.27 31.78
CA THR E 22 27.92 -52.20 31.42
C THR E 22 26.55 -51.59 31.70
N GLN E 26 15.44 -47.99 28.35
CA GLN E 26 16.02 -47.91 29.69
C GLN E 26 14.88 -47.66 30.69
N SER E 27 14.18 -48.75 31.01
CA SER E 27 13.12 -48.82 32.03
C SER E 27 12.11 -47.68 31.91
N TYR E 28 11.44 -47.64 30.76
CA TYR E 28 10.55 -46.52 30.44
C TYR E 28 9.32 -46.55 31.32
N THR E 29 8.72 -45.37 31.50
CA THR E 29 7.47 -45.25 32.25
C THR E 29 6.67 -44.10 31.67
N ASN E 30 5.58 -43.74 32.33
CA ASN E 30 4.60 -42.80 31.79
C ASN E 30 4.59 -41.53 32.62
N SER E 31 4.62 -40.38 31.93
CA SER E 31 4.48 -39.07 32.56
C SER E 31 3.07 -38.57 32.26
N PHE E 32 2.23 -38.49 33.29
CA PHE E 32 0.82 -38.18 33.10
C PHE E 32 0.56 -36.68 33.03
N THR E 33 0.78 -35.96 34.15
CA THR E 33 0.43 -34.55 34.28
C THR E 33 1.59 -33.76 34.86
N ARG E 34 2.79 -33.95 34.33
CA ARG E 34 3.96 -33.24 34.82
C ARG E 34 4.48 -32.29 33.75
N GLY E 35 5.35 -31.37 34.20
CA GLY E 35 6.00 -30.43 33.30
C GLY E 35 5.13 -29.27 32.87
N VAL E 36 4.64 -28.50 33.83
CA VAL E 36 3.84 -27.31 33.55
C VAL E 36 4.40 -26.16 34.37
N TYR E 37 4.73 -25.05 33.70
CA TYR E 37 5.28 -23.88 34.36
C TYR E 37 4.51 -22.64 33.95
N TYR E 38 4.70 -21.58 34.73
CA TYR E 38 4.09 -20.28 34.40
C TYR E 38 4.71 -19.75 33.12
N PRO E 39 3.90 -19.35 32.13
CA PRO E 39 4.48 -18.99 30.82
C PRO E 39 5.24 -17.70 30.83
N ASP E 40 4.80 -16.71 31.60
CA ASP E 40 5.45 -15.40 31.64
C ASP E 40 5.14 -14.72 32.97
N LYS E 41 5.52 -13.45 33.06
CA LYS E 41 5.40 -12.68 34.30
C LYS E 41 4.15 -11.81 34.25
N VAL E 42 3.00 -12.43 34.52
CA VAL E 42 1.74 -11.72 34.60
C VAL E 42 0.90 -12.36 35.71
N PHE E 43 -0.06 -11.58 36.22
CA PHE E 43 -1.06 -12.07 37.16
C PHE E 43 -2.42 -12.01 36.49
N ARG E 44 -3.07 -13.16 36.38
CA ARG E 44 -4.43 -13.25 35.85
C ARG E 44 -5.28 -14.01 36.86
N SER E 45 -6.52 -13.56 37.04
CA SER E 45 -7.40 -14.08 38.08
C SER E 45 -8.62 -14.74 37.44
N SER E 46 -8.73 -16.06 37.64
CA SER E 46 -9.93 -16.84 37.29
C SER E 46 -10.28 -16.75 35.81
N VAL E 47 -9.27 -16.77 34.95
CA VAL E 47 -9.51 -16.76 33.50
C VAL E 47 -8.84 -17.97 32.87
N LEU E 48 -9.03 -18.14 31.56
CA LEU E 48 -8.44 -19.22 30.80
C LEU E 48 -7.90 -18.68 29.49
N HIS E 49 -6.74 -19.18 29.07
CA HIS E 49 -6.12 -18.71 27.85
C HIS E 49 -5.16 -19.77 27.32
N SER E 50 -4.84 -19.66 26.03
CA SER E 50 -4.00 -20.62 25.33
C SER E 50 -2.84 -19.90 24.67
N THR E 51 -1.64 -20.51 24.78
CA THR E 51 -0.42 -19.92 24.24
C THR E 51 0.33 -20.93 23.40
N GLN E 52 1.17 -20.42 22.51
CA GLN E 52 2.11 -21.22 21.72
C GLN E 52 3.37 -21.47 22.56
N ASP E 53 3.29 -22.48 23.42
CA ASP E 53 4.29 -22.68 24.46
C ASP E 53 4.99 -24.02 24.31
N LEU E 54 6.26 -24.04 24.73
CA LEU E 54 7.12 -25.21 24.67
C LEU E 54 6.99 -25.96 26.00
N PHE E 55 6.23 -27.04 26.00
CA PHE E 55 5.91 -27.77 27.23
C PHE E 55 6.26 -29.24 27.08
N LEU E 56 5.98 -30.00 28.14
CA LEU E 56 6.10 -31.45 28.11
C LEU E 56 4.75 -32.05 27.76
N PRO E 57 4.66 -32.87 26.71
CA PRO E 57 3.36 -33.46 26.33
C PRO E 57 2.81 -34.38 27.40
N PHE E 58 1.48 -34.42 27.49
CA PHE E 58 0.80 -35.26 28.47
C PHE E 58 0.92 -36.73 28.10
N PHE E 59 1.03 -37.57 29.14
CA PHE E 59 1.12 -39.02 29.02
C PHE E 59 2.27 -39.45 28.11
N SER E 60 3.42 -38.83 28.30
CA SER E 60 4.56 -39.09 27.44
C SER E 60 5.39 -40.26 27.98
N ASN E 61 6.23 -40.80 27.09
CA ASN E 61 7.14 -41.88 27.48
C ASN E 61 8.39 -41.24 28.08
N VAL E 62 8.55 -41.38 29.40
CA VAL E 62 9.63 -40.74 30.13
C VAL E 62 10.63 -41.82 30.56
N THR E 63 11.91 -41.54 30.33
CA THR E 63 12.97 -42.48 30.62
C THR E 63 13.35 -42.40 32.10
N TRP E 64 13.07 -43.46 32.85
CA TRP E 64 13.50 -43.59 34.23
C TRP E 64 14.77 -44.44 34.23
N PHE E 65 15.85 -43.91 34.78
CA PHE E 65 17.12 -44.60 34.73
C PHE E 65 17.18 -45.72 35.77
N HIS E 66 18.36 -46.30 35.92
CA HIS E 66 18.57 -47.44 36.83
C HIS E 66 18.30 -47.05 38.27
N ALA E 67 17.32 -47.70 38.89
CA ALA E 67 16.80 -47.27 40.18
C ALA E 67 17.65 -47.75 41.35
N ILE E 68 18.97 -47.57 41.28
CA ILE E 68 19.89 -47.81 42.39
C ILE E 68 20.80 -46.61 42.48
N HIS E 69 20.99 -46.10 43.70
CA HIS E 69 21.84 -44.94 44.01
C HIS E 69 21.43 -43.70 43.21
N LYS E 77 29.37 -48.91 43.37
CA LYS E 77 28.37 -49.77 42.78
C LYS E 77 27.89 -49.28 41.42
N ARG E 78 27.21 -48.13 41.41
CA ARG E 78 26.52 -47.65 40.22
C ARG E 78 27.17 -46.35 39.76
N PHE E 79 27.77 -46.37 38.56
CA PHE E 79 28.56 -45.24 38.07
C PHE E 79 28.56 -45.31 36.54
N ASP E 80 27.68 -44.55 35.91
CA ASP E 80 27.44 -44.65 34.47
C ASP E 80 27.99 -43.44 33.74
N ASN E 81 28.28 -43.63 32.45
CA ASN E 81 28.74 -42.58 31.54
C ASN E 81 27.87 -42.56 30.29
N PRO E 82 26.64 -42.07 30.40
CA PRO E 82 25.80 -41.97 29.20
C PRO E 82 26.07 -40.69 28.44
N ALA E 83 25.31 -40.45 27.37
CA ALA E 83 25.41 -39.21 26.60
C ALA E 83 23.99 -38.69 26.39
N LEU E 84 23.56 -37.78 27.25
CA LEU E 84 22.21 -37.25 27.19
C LEU E 84 22.19 -36.01 26.30
N PRO E 85 21.56 -36.06 25.13
CA PRO E 85 21.57 -34.90 24.22
C PRO E 85 20.57 -33.85 24.66
N PHE E 86 21.06 -32.65 24.96
CA PHE E 86 20.17 -31.54 25.29
C PHE E 86 19.46 -31.07 24.03
N ASN E 87 18.13 -31.19 24.01
CA ASN E 87 17.33 -30.81 22.86
C ASN E 87 16.22 -29.88 23.33
N ASP E 88 16.22 -28.65 22.79
CA ASP E 88 15.24 -27.56 22.95
C ASP E 88 14.59 -27.49 24.33
N GLY E 89 15.40 -27.58 25.39
CA GLY E 89 14.88 -27.54 26.74
C GLY E 89 14.62 -28.92 27.30
N VAL E 90 15.04 -29.14 28.54
CA VAL E 90 14.98 -30.46 29.17
C VAL E 90 14.27 -30.34 30.51
N TYR E 91 13.33 -31.23 30.77
CA TYR E 91 12.65 -31.30 32.06
C TYR E 91 13.29 -32.41 32.89
N PHE E 92 13.89 -32.04 34.01
CA PHE E 92 14.56 -32.98 34.90
C PHE E 92 13.77 -33.06 36.20
N ALA E 93 13.59 -34.28 36.71
CA ALA E 93 12.89 -34.47 37.97
C ALA E 93 13.36 -35.78 38.58
N SER E 94 13.91 -35.73 39.79
CA SER E 94 14.41 -36.90 40.47
C SER E 94 13.99 -36.85 41.93
N THR E 95 13.26 -37.87 42.37
CA THR E 95 13.03 -38.04 43.80
C THR E 95 14.26 -38.68 44.42
N GLU E 96 14.83 -38.01 45.41
CA GLU E 96 16.08 -38.41 46.04
C GLU E 96 16.25 -37.58 47.30
N LYS E 97 17.03 -38.10 48.23
CA LYS E 97 17.42 -37.36 49.42
C LYS E 97 18.92 -37.18 49.43
N SER E 98 19.36 -36.20 50.24
CA SER E 98 20.75 -35.86 50.55
C SER E 98 21.55 -35.35 49.34
N ASN E 99 20.90 -35.10 48.19
CA ASN E 99 21.48 -34.36 47.07
C ASN E 99 22.77 -34.99 46.54
N ILE E 100 22.73 -36.32 46.38
CA ILE E 100 23.89 -37.04 45.90
C ILE E 100 24.20 -36.70 44.45
N ILE E 101 23.18 -36.46 43.64
CA ILE E 101 23.36 -35.92 42.29
C ILE E 101 23.35 -34.39 42.37
N ARG E 102 24.39 -33.73 41.85
CA ARG E 102 24.49 -32.31 42.15
C ARG E 102 24.77 -31.39 40.96
N GLY E 103 25.53 -31.79 39.95
CA GLY E 103 26.05 -30.86 38.97
C GLY E 103 25.30 -30.85 37.65
N TRP E 104 25.73 -29.95 36.76
CA TRP E 104 25.13 -29.80 35.45
C TRP E 104 26.19 -29.28 34.49
N ILE E 105 26.61 -30.10 33.52
CA ILE E 105 27.54 -29.69 32.48
C ILE E 105 26.78 -29.65 31.17
N PHE E 106 26.75 -28.47 30.55
CA PHE E 106 26.11 -28.28 29.27
C PHE E 106 27.20 -27.96 28.24
N GLY E 107 27.01 -28.39 27.00
CA GLY E 107 28.00 -28.09 26.00
C GLY E 107 27.69 -28.72 24.66
N THR E 108 28.64 -28.55 23.73
CA THR E 108 28.57 -29.11 22.39
C THR E 108 29.63 -30.18 22.17
N THR E 109 30.90 -29.84 22.39
CA THR E 109 31.99 -30.80 22.26
C THR E 109 32.79 -31.00 23.54
N LEU E 110 32.89 -29.97 24.39
CA LEU E 110 33.50 -30.03 25.72
C LEU E 110 34.98 -30.44 25.67
N ASP E 111 35.67 -30.17 24.58
CA ASP E 111 37.06 -30.62 24.39
C ASP E 111 37.92 -29.52 23.81
N SER E 112 37.84 -28.33 24.42
CA SER E 112 38.59 -27.13 24.03
C SER E 112 38.33 -26.69 22.60
N LYS E 113 37.15 -27.01 22.06
CA LYS E 113 36.78 -26.63 20.70
C LYS E 113 35.58 -25.70 20.66
N THR E 114 34.49 -26.07 21.34
CA THR E 114 33.30 -25.24 21.39
C THR E 114 33.02 -24.85 22.84
N GLN E 115 32.33 -23.72 22.99
CA GLN E 115 32.07 -23.16 24.30
C GLN E 115 31.10 -24.03 25.09
N SER E 116 31.30 -24.06 26.42
CA SER E 116 30.55 -24.95 27.30
C SER E 116 30.17 -24.20 28.57
N LEU E 117 29.20 -24.75 29.29
CA LEU E 117 28.64 -24.12 30.48
C LEU E 117 28.65 -25.10 31.65
N LEU E 118 28.87 -24.54 32.85
CA LEU E 118 28.97 -25.29 34.08
C LEU E 118 28.04 -24.72 35.13
N ILE E 119 27.26 -25.57 35.78
CA ILE E 119 26.51 -25.24 36.97
C ILE E 119 26.90 -26.22 38.05
N VAL E 120 27.48 -25.73 39.15
CA VAL E 120 27.74 -26.57 40.31
C VAL E 120 26.92 -26.01 41.46
N ASN E 121 26.33 -26.91 42.25
CA ASN E 121 25.21 -26.58 43.14
C ASN E 121 25.47 -27.08 44.55
N ASN E 122 26.64 -26.75 45.09
CA ASN E 122 27.06 -27.21 46.40
C ASN E 122 26.20 -26.61 47.52
N ALA E 123 26.49 -27.02 48.76
CA ALA E 123 25.68 -26.59 49.90
C ALA E 123 25.88 -25.12 50.21
N THR E 124 27.11 -24.63 50.09
CA THR E 124 27.38 -23.23 50.42
C THR E 124 26.78 -22.29 49.38
N ASN E 125 26.98 -22.59 48.10
CA ASN E 125 26.59 -21.67 47.05
C ASN E 125 26.45 -22.45 45.74
N VAL E 126 26.32 -21.71 44.64
CA VAL E 126 26.37 -22.27 43.30
C VAL E 126 27.35 -21.44 42.48
N VAL E 127 28.02 -22.10 41.54
CA VAL E 127 28.90 -21.42 40.58
C VAL E 127 28.40 -21.70 39.18
N ILE E 128 28.25 -20.65 38.39
CA ILE E 128 27.89 -20.71 36.98
C ILE E 128 29.08 -20.19 36.19
N LYS E 129 29.56 -20.99 35.26
CA LYS E 129 30.72 -20.64 34.44
C LYS E 129 30.42 -20.93 32.98
N VAL E 130 31.12 -20.21 32.11
CA VAL E 130 31.18 -20.56 30.69
C VAL E 130 32.66 -20.61 30.29
N CYS E 131 33.09 -21.77 29.81
CA CYS E 131 34.51 -22.05 29.64
C CYS E 131 34.70 -23.01 28.48
N GLU E 132 35.94 -23.49 28.33
CA GLU E 132 36.35 -24.47 27.33
C GLU E 132 37.05 -25.64 28.03
N PHE E 133 36.41 -26.14 29.07
CA PHE E 133 37.05 -27.10 29.98
C PHE E 133 37.18 -28.48 29.34
N GLN E 134 38.15 -29.24 29.84
CA GLN E 134 38.38 -30.62 29.40
C GLN E 134 37.66 -31.57 30.34
N PHE E 135 36.35 -31.73 30.11
CA PHE E 135 35.55 -32.59 30.96
C PHE E 135 35.88 -34.05 30.72
N CYS E 136 35.82 -34.85 31.78
CA CYS E 136 36.10 -36.27 31.68
C CYS E 136 34.97 -36.98 30.95
N ASN E 137 35.27 -38.19 30.46
CA ASN E 137 34.24 -39.04 29.88
C ASN E 137 33.22 -39.43 30.95
N ASP E 138 33.69 -39.73 32.16
CA ASP E 138 32.82 -40.00 33.31
C ASP E 138 33.32 -39.17 34.49
N PRO E 139 32.95 -37.89 34.54
CA PRO E 139 33.48 -37.03 35.61
C PRO E 139 32.83 -37.30 36.95
N PHE E 140 33.67 -37.51 37.96
CA PHE E 140 33.26 -37.83 39.31
C PHE E 140 34.42 -37.59 40.27
N LEU E 141 34.15 -37.56 41.57
CA LEU E 141 35.21 -37.53 42.57
C LEU E 141 35.48 -38.96 43.03
N ASP E 142 36.66 -39.48 42.72
CA ASP E 142 37.01 -40.85 43.09
C ASP E 142 37.13 -40.99 44.60
N VAL E 143 36.27 -41.83 45.17
CA VAL E 143 36.12 -41.91 46.61
C VAL E 143 36.27 -43.33 47.11
N TYR E 145 35.36 -42.04 50.34
CA TYR E 145 36.64 -42.42 50.92
C TYR E 145 36.81 -41.81 52.30
N GLN E 146 35.80 -41.05 52.72
CA GLN E 146 35.91 -40.17 53.87
C GLN E 146 35.41 -40.84 55.15
N LYS E 147 36.29 -40.90 56.15
CA LYS E 147 35.94 -41.26 57.50
C LYS E 147 36.70 -40.34 58.44
N ASN E 148 36.21 -40.26 59.68
CA ASN E 148 36.82 -39.54 60.80
C ASN E 148 36.86 -38.02 60.59
N ASN E 149 37.13 -37.29 61.68
CA ASN E 149 37.43 -35.85 61.72
C ASN E 149 36.21 -34.96 61.47
N LYS E 150 35.07 -35.56 61.09
CA LYS E 150 33.78 -34.90 60.91
C LYS E 150 33.80 -33.75 59.91
N SER E 151 34.85 -33.63 59.12
CA SER E 151 35.05 -32.45 58.28
C SER E 151 34.96 -32.78 56.81
N TRP E 152 34.95 -31.73 55.98
CA TRP E 152 34.92 -31.90 54.53
C TRP E 152 36.31 -32.31 54.05
N MET E 153 36.57 -33.62 53.99
CA MET E 153 37.80 -34.13 53.43
C MET E 153 37.65 -34.33 51.93
N GLU E 154 37.94 -33.26 51.18
CA GLU E 154 37.83 -33.31 49.72
C GLU E 154 38.99 -34.11 49.14
N SER E 155 38.65 -35.06 48.26
CA SER E 155 39.68 -35.87 47.61
C SER E 155 40.30 -35.12 46.43
N GLU E 156 39.48 -34.82 45.42
CA GLU E 156 39.93 -34.11 44.23
C GLU E 156 38.79 -33.25 43.74
N PHE E 157 39.11 -32.15 43.05
CA PHE E 157 38.09 -31.34 42.38
C PHE E 157 38.07 -31.73 40.90
N ARG E 158 37.67 -32.98 40.67
CA ARG E 158 37.78 -33.60 39.36
C ARG E 158 36.54 -33.26 38.52
N VAL E 159 36.54 -32.07 37.94
CA VAL E 159 35.50 -31.68 36.98
C VAL E 159 36.15 -31.42 35.63
N TYR E 160 37.26 -30.70 35.63
CA TYR E 160 37.87 -30.24 34.39
C TYR E 160 39.35 -30.57 34.30
N SER E 161 40.06 -30.42 35.42
CA SER E 161 41.47 -30.74 35.60
C SER E 161 42.44 -29.91 34.73
N SER E 162 41.92 -29.01 33.89
CA SER E 162 42.74 -28.27 32.93
C SER E 162 41.87 -27.21 32.24
N ALA E 163 42.51 -26.45 31.34
CA ALA E 163 41.85 -25.59 30.34
C ALA E 163 41.06 -24.44 30.96
N ASN E 164 41.72 -23.68 31.84
CA ASN E 164 41.08 -22.58 32.55
C ASN E 164 41.30 -21.23 31.87
N ASN E 165 41.31 -21.19 30.53
CA ASN E 165 41.56 -19.97 29.78
C ASN E 165 40.33 -19.07 29.64
N CYS E 166 39.23 -19.38 30.33
CA CYS E 166 38.01 -18.62 30.18
C CYS E 166 38.04 -17.32 30.98
N THR E 167 37.08 -16.44 30.68
CA THR E 167 36.93 -15.15 31.37
C THR E 167 35.44 -14.96 31.66
N PHE E 168 34.99 -15.45 32.81
CA PHE E 168 33.59 -15.30 33.23
C PHE E 168 33.47 -15.58 34.72
N GLU E 169 32.47 -14.95 35.34
CA GLU E 169 32.12 -15.24 36.73
C GLU E 169 30.62 -15.01 36.91
N TYR E 170 30.01 -15.80 37.78
CA TYR E 170 28.61 -15.62 38.17
C TYR E 170 28.38 -16.34 39.48
N VAL E 171 27.76 -15.64 40.45
CA VAL E 171 27.51 -16.17 41.78
C VAL E 171 26.10 -15.78 42.20
N SER E 172 25.36 -16.76 42.72
CA SER E 172 24.02 -16.51 43.28
C SER E 172 23.81 -17.43 44.47
N GLN E 173 22.59 -17.40 45.02
CA GLN E 173 22.14 -18.15 46.19
C GLN E 173 21.90 -19.61 45.82
N PRO E 174 22.17 -20.56 46.72
CA PRO E 174 21.90 -21.97 46.40
C PRO E 174 20.41 -22.27 46.25
N PHE E 175 20.05 -22.78 45.07
CA PHE E 175 18.65 -23.06 44.78
C PHE E 175 18.18 -24.34 45.44
N LEU E 176 19.08 -25.28 45.67
CA LEU E 176 18.69 -26.65 46.01
C LEU E 176 18.18 -26.74 47.45
N MET E 177 17.17 -27.60 47.63
CA MET E 177 16.73 -27.96 48.97
C MET E 177 17.84 -28.72 49.67
N ASP E 178 17.99 -28.49 50.97
CA ASP E 178 19.19 -28.88 51.70
C ASP E 178 19.34 -30.40 51.76
N LEU E 179 20.60 -30.84 51.87
CA LEU E 179 20.97 -32.23 51.78
C LEU E 179 21.04 -32.86 53.17
N GLU E 180 21.55 -34.11 53.21
CA GLU E 180 21.62 -34.96 54.41
C GLU E 180 20.23 -35.16 55.02
N GLY E 181 19.22 -35.28 54.17
CA GLY E 181 17.88 -35.60 54.64
C GLY E 181 17.71 -37.10 54.74
N LYS E 182 17.36 -37.56 55.94
CA LYS E 182 17.21 -38.99 56.23
C LYS E 182 15.83 -39.27 56.81
N GLU E 183 14.80 -38.71 56.16
CA GLU E 183 13.43 -38.92 56.60
C GLU E 183 12.99 -40.35 56.33
N GLY E 184 12.10 -40.85 57.19
CA GLY E 184 11.61 -42.21 57.02
C GLY E 184 10.68 -42.35 55.82
N ASN E 185 10.05 -41.26 55.42
CA ASN E 185 9.19 -41.22 54.25
C ASN E 185 9.78 -40.28 53.22
N PHE E 186 9.64 -40.65 51.94
CA PHE E 186 10.19 -39.85 50.85
C PHE E 186 9.47 -38.52 50.75
N LYS E 187 10.23 -37.43 50.89
CA LYS E 187 9.66 -36.11 51.06
C LYS E 187 9.82 -35.23 49.83
N ASN E 188 11.05 -35.05 49.34
CA ASN E 188 11.35 -34.00 48.37
C ASN E 188 11.09 -34.46 46.95
N LEU E 189 10.45 -33.60 46.17
CA LEU E 189 10.40 -33.70 44.72
C LEU E 189 10.93 -32.39 44.16
N ARG E 190 12.03 -32.47 43.41
CA ARG E 190 12.69 -31.29 42.86
C ARG E 190 12.67 -31.40 41.34
N GLU E 191 11.87 -30.55 40.69
CA GLU E 191 11.76 -30.56 39.24
C GLU E 191 12.22 -29.23 38.68
N PHE E 192 13.05 -29.30 37.64
CA PHE E 192 13.57 -28.14 36.96
C PHE E 192 13.33 -28.26 35.47
N VAL E 193 13.14 -27.11 34.83
CA VAL E 193 13.00 -27.01 33.38
C VAL E 193 14.09 -26.08 32.88
N PHE E 194 14.89 -26.57 31.94
CA PHE E 194 16.02 -25.83 31.40
C PHE E 194 15.68 -25.44 29.97
N LYS E 195 15.48 -24.14 29.72
CA LYS E 195 15.06 -23.65 28.41
C LYS E 195 16.14 -22.72 27.87
N ASN E 196 16.93 -23.22 26.92
CA ASN E 196 17.99 -22.42 26.29
C ASN E 196 17.44 -21.84 25.00
N ILE E 197 16.88 -20.64 25.10
CA ILE E 197 16.28 -19.95 23.97
C ILE E 197 16.85 -18.54 23.88
N ASP E 198 17.01 -18.03 22.66
CA ASP E 198 17.35 -16.63 22.36
C ASP E 198 18.78 -16.28 22.81
N GLY E 199 19.53 -17.27 23.29
CA GLY E 199 20.78 -16.97 23.97
C GLY E 199 20.56 -16.34 25.33
N TYR E 200 19.39 -16.59 25.93
CA TYR E 200 18.95 -15.97 27.16
C TYR E 200 18.41 -17.06 28.09
N PHE E 201 19.23 -18.10 28.30
CA PHE E 201 18.78 -19.37 28.85
C PHE E 201 18.19 -19.20 30.26
N LYS E 202 17.08 -19.90 30.50
CA LYS E 202 16.27 -19.73 31.69
C LYS E 202 16.08 -21.05 32.42
N ILE E 203 15.91 -20.94 33.74
CA ILE E 203 15.68 -22.08 34.62
C ILE E 203 14.36 -21.88 35.35
N TYR E 204 13.50 -22.89 35.31
CA TYR E 204 12.31 -22.95 36.14
C TYR E 204 12.52 -24.03 37.20
N SER E 205 12.11 -23.76 38.43
CA SER E 205 12.36 -24.66 39.54
C SER E 205 11.10 -24.87 40.36
N LYS E 206 11.01 -26.04 40.98
CA LYS E 206 9.91 -26.33 41.90
C LYS E 206 10.36 -27.42 42.87
N HIS E 207 10.30 -27.10 44.17
CA HIS E 207 10.49 -28.06 45.24
C HIS E 207 9.14 -28.30 45.91
N THR E 208 8.79 -29.57 46.11
CA THR E 208 7.45 -29.87 46.60
C THR E 208 7.41 -31.17 47.41
N PRO E 209 6.65 -31.18 48.51
CA PRO E 209 6.49 -32.43 49.27
C PRO E 209 5.36 -33.31 48.77
N ILE E 210 5.70 -34.51 48.30
CA ILE E 210 4.73 -35.54 48.01
C ILE E 210 5.17 -36.81 48.70
N ASN E 211 4.27 -37.41 49.48
CA ASN E 211 4.60 -38.57 50.31
C ASN E 211 3.68 -39.72 49.94
N LEU E 212 4.07 -40.48 48.92
CA LEU E 212 3.42 -41.75 48.61
C LEU E 212 4.39 -42.83 48.17
N GLU E 213 5.65 -42.50 47.87
CA GLU E 213 6.75 -43.45 47.70
C GLU E 213 6.52 -44.40 46.51
N ARG E 214 6.00 -43.84 45.40
CA ARG E 214 5.81 -44.66 44.20
C ARG E 214 5.86 -43.73 42.98
N ASP E 215 7.02 -43.72 42.30
CA ASP E 215 7.32 -43.04 41.04
C ASP E 215 6.74 -41.64 40.92
N LEU E 216 6.28 -41.28 39.72
CA LEU E 216 5.69 -39.97 39.50
C LEU E 216 4.29 -39.94 40.07
N PRO E 217 3.98 -39.04 41.00
CA PRO E 217 2.65 -39.00 41.60
C PRO E 217 1.60 -38.47 40.64
N GLN E 218 0.35 -38.81 40.92
CA GLN E 218 -0.79 -38.31 40.15
C GLN E 218 -1.28 -37.04 40.85
N GLY E 219 -0.80 -35.89 40.37
CA GLY E 219 -1.16 -34.62 40.96
C GLY E 219 -0.80 -33.50 40.00
N PHE E 220 -0.94 -32.26 40.49
CA PHE E 220 -0.64 -31.12 39.65
C PHE E 220 -0.07 -29.98 40.46
N SER E 221 1.03 -29.41 39.97
CA SER E 221 1.63 -28.21 40.53
C SER E 221 2.43 -27.53 39.42
N ALA E 222 2.72 -26.26 39.61
CA ALA E 222 3.37 -25.45 38.59
C ALA E 222 4.82 -25.17 38.98
N LEU E 223 5.55 -24.56 38.05
CA LEU E 223 6.97 -24.27 38.22
C LEU E 223 7.18 -22.78 38.02
N GLU E 224 8.05 -22.18 38.83
CA GLU E 224 8.26 -20.74 38.85
C GLU E 224 9.63 -20.39 38.28
N PRO E 225 9.76 -19.21 37.64
CA PRO E 225 11.06 -18.82 37.06
C PRO E 225 11.94 -18.06 38.02
N LEU E 226 13.24 -18.37 38.05
CA LEU E 226 14.11 -17.75 39.03
C LEU E 226 15.41 -17.21 38.45
N VAL E 227 15.95 -17.81 37.39
CA VAL E 227 17.23 -17.38 36.83
C VAL E 227 17.11 -17.30 35.31
N ASP E 228 17.34 -16.11 34.76
CA ASP E 228 17.57 -15.90 33.33
C ASP E 228 18.98 -15.40 33.14
N LEU E 229 19.68 -15.93 32.14
CA LEU E 229 21.08 -15.56 31.90
C LEU E 229 21.33 -15.39 30.41
N PRO E 230 21.70 -14.20 29.95
CA PRO E 230 22.10 -14.03 28.54
C PRO E 230 23.57 -14.34 28.30
N ILE E 231 23.87 -15.46 27.64
CA ILE E 231 25.25 -15.77 27.27
C ILE E 231 25.39 -15.97 25.76
N GLY E 232 24.38 -16.58 25.12
CA GLY E 232 24.45 -16.81 23.69
C GLY E 232 25.37 -17.94 23.29
N ILE E 233 25.00 -19.17 23.66
CA ILE E 233 25.86 -20.34 23.49
C ILE E 233 25.08 -21.42 22.75
N ASN E 234 25.81 -22.41 22.25
CA ASN E 234 25.24 -23.58 21.57
C ASN E 234 25.43 -24.79 22.46
N ILE E 235 24.33 -25.47 22.80
CA ILE E 235 24.36 -26.68 23.61
C ILE E 235 23.71 -27.81 22.81
N THR E 236 24.42 -28.93 22.71
CA THR E 236 23.89 -30.15 22.12
C THR E 236 23.74 -31.29 23.11
N ARG E 237 24.73 -31.49 23.97
CA ARG E 237 24.73 -32.56 24.96
C ARG E 237 24.84 -31.97 26.35
N PHE E 238 24.07 -32.51 27.29
CA PHE E 238 24.12 -32.08 28.67
C PHE E 238 24.33 -33.30 29.57
N GLN E 239 25.13 -33.12 30.62
CA GLN E 239 25.45 -34.20 31.54
C GLN E 239 25.45 -33.65 32.97
N THR E 240 25.21 -34.55 33.93
CA THR E 240 25.13 -34.19 35.33
C THR E 240 26.12 -35.04 36.13
N LEU E 241 26.64 -34.47 37.23
CA LEU E 241 27.71 -35.10 37.99
C LEU E 241 27.21 -35.52 39.36
N LEU E 242 27.66 -36.70 39.77
CA LEU E 242 27.30 -37.37 41.01
C LEU E 242 28.23 -36.89 42.12
N ALA E 243 27.84 -37.10 43.37
CA ALA E 243 28.65 -36.64 44.50
C ALA E 243 28.38 -37.41 45.78
N LEU E 244 29.33 -38.27 46.20
CA LEU E 244 29.21 -39.03 47.43
C LEU E 244 30.61 -39.54 47.79
N HIS E 245 30.77 -39.91 49.07
CA HIS E 245 31.94 -40.64 49.55
C HIS E 245 31.55 -42.08 49.79
N ARG E 246 32.33 -43.01 49.24
CA ARG E 246 32.05 -44.44 49.34
C ARG E 246 32.77 -45.09 50.52
N SER E 247 33.57 -44.31 51.26
CA SER E 247 34.30 -44.77 52.45
C SER E 247 35.27 -45.91 52.14
N TYR E 248 36.07 -45.74 51.09
CA TYR E 248 37.12 -46.72 50.77
C TYR E 248 38.41 -46.51 51.56
N LEU E 249 38.56 -45.37 52.24
CA LEU E 249 39.75 -45.06 53.06
C LEU E 249 41.04 -45.08 52.24
N THR E 250 41.14 -44.10 51.33
CA THR E 250 42.24 -43.63 50.47
C THR E 250 43.09 -44.73 49.81
N PRO E 251 44.18 -45.41 50.43
CA PRO E 251 44.95 -46.33 49.56
C PRO E 251 44.20 -47.58 49.12
N VAL E 252 43.49 -48.24 50.03
CA VAL E 252 42.84 -49.51 49.73
C VAL E 252 41.57 -49.27 48.93
N ASP E 253 41.40 -50.03 47.84
CA ASP E 253 40.21 -50.02 46.97
C ASP E 253 39.89 -48.62 46.44
N SER E 254 40.85 -47.98 45.81
CA SER E 254 40.71 -46.57 45.45
C SER E 254 39.63 -46.33 44.39
N SER E 255 39.67 -47.07 43.28
CA SER E 255 38.73 -46.80 42.20
C SER E 255 38.20 -48.05 41.51
N SER E 256 37.82 -49.08 42.27
CA SER E 256 37.21 -50.26 41.64
C SER E 256 36.12 -50.80 42.56
N GLY E 257 34.91 -50.26 42.39
CA GLY E 257 33.73 -50.82 43.04
C GLY E 257 32.46 -50.69 42.24
N TRP E 258 32.54 -50.16 41.03
CA TRP E 258 31.41 -49.52 40.37
C TRP E 258 31.13 -50.13 39.01
N THR E 259 29.91 -49.89 38.51
CA THR E 259 29.50 -50.26 37.16
C THR E 259 28.49 -49.25 36.65
N ALA E 260 28.16 -49.35 35.36
CA ALA E 260 27.42 -48.30 34.64
C ALA E 260 25.92 -48.40 34.93
N GLY E 261 25.54 -47.95 36.12
CA GLY E 261 24.15 -47.93 36.53
C GLY E 261 23.73 -46.74 37.37
N ALA E 262 24.32 -45.57 37.11
CA ALA E 262 24.61 -44.52 38.10
C ALA E 262 23.52 -44.23 39.13
N ALA E 263 22.36 -43.74 38.70
CA ALA E 263 21.40 -43.22 39.67
C ALA E 263 20.00 -43.25 39.07
N ALA E 264 19.02 -42.92 39.90
CA ALA E 264 17.60 -42.90 39.54
C ALA E 264 17.16 -41.46 39.35
N TYR E 265 16.73 -41.13 38.14
CA TYR E 265 16.25 -39.80 37.82
C TYR E 265 15.35 -39.87 36.59
N TYR E 266 14.61 -38.80 36.37
CA TYR E 266 13.64 -38.73 35.28
C TYR E 266 13.98 -37.58 34.35
N VAL E 267 14.08 -37.87 33.06
CA VAL E 267 14.46 -36.90 32.05
C VAL E 267 13.40 -36.91 30.96
N GLY E 268 12.91 -35.74 30.61
CA GLY E 268 11.90 -35.63 29.57
C GLY E 268 12.21 -34.48 28.62
N TYR E 269 11.71 -34.62 27.40
CA TYR E 269 11.93 -33.64 26.35
C TYR E 269 10.65 -32.84 26.11
N LEU E 270 10.79 -31.71 25.44
CA LEU E 270 9.72 -30.73 25.33
C LEU E 270 9.39 -30.45 23.87
N GLN E 271 8.10 -30.27 23.59
CA GLN E 271 7.59 -29.93 22.27
C GLN E 271 6.78 -28.64 22.35
N PRO E 272 6.81 -27.81 21.30
CA PRO E 272 5.98 -26.59 21.30
C PRO E 272 4.58 -26.82 20.74
N ARG E 273 3.56 -26.66 21.59
CA ARG E 273 2.16 -26.86 21.21
C ARG E 273 1.32 -25.85 22.00
N THR E 274 0.01 -26.08 22.07
CA THR E 274 -0.88 -25.24 22.86
C THR E 274 -1.36 -26.03 24.08
N PHE E 275 -1.28 -25.39 25.25
CA PHE E 275 -1.47 -26.04 26.54
C PHE E 275 -2.38 -25.18 27.42
N LEU E 276 -3.58 -24.88 26.89
CA LEU E 276 -4.61 -24.05 27.52
C LEU E 276 -4.73 -24.28 29.03
N LEU E 277 -4.67 -23.19 29.78
CA LEU E 277 -4.50 -23.20 31.21
C LEU E 277 -5.80 -22.85 31.92
N LYS E 278 -5.78 -22.91 33.25
CA LYS E 278 -6.87 -22.42 34.07
C LYS E 278 -6.29 -21.77 35.31
N TYR E 279 -6.65 -20.51 35.55
CA TYR E 279 -6.20 -19.77 36.70
C TYR E 279 -7.28 -19.74 37.76
N ASN E 280 -6.87 -19.67 39.02
CA ASN E 280 -7.80 -19.54 40.12
C ASN E 280 -8.00 -18.06 40.44
N GLU E 281 -8.64 -17.77 41.58
CA GLU E 281 -8.75 -16.39 42.04
C GLU E 281 -7.43 -15.89 42.61
N ASN E 282 -6.51 -16.79 42.94
CA ASN E 282 -5.23 -16.40 43.52
C ASN E 282 -4.12 -16.30 42.49
N GLY E 283 -4.40 -16.60 41.22
CA GLY E 283 -3.42 -16.54 40.17
C GLY E 283 -2.60 -17.79 39.98
N THR E 284 -2.79 -18.81 40.83
CA THR E 284 -2.02 -20.04 40.70
C THR E 284 -2.64 -20.93 39.63
N ILE E 285 -1.80 -21.56 38.82
CA ILE E 285 -2.29 -22.48 37.80
C ILE E 285 -2.75 -23.76 38.48
N THR E 286 -4.06 -24.03 38.41
CA THR E 286 -4.64 -25.19 39.07
C THR E 286 -4.94 -26.35 38.12
N ASP E 287 -5.23 -26.06 36.85
CA ASP E 287 -5.55 -27.12 35.90
C ASP E 287 -5.09 -26.72 34.52
N ALA E 288 -4.87 -27.73 33.67
CA ALA E 288 -4.42 -27.50 32.30
C ALA E 288 -4.84 -28.68 31.45
N VAL E 289 -4.99 -28.41 30.15
CA VAL E 289 -5.32 -29.43 29.16
C VAL E 289 -4.33 -29.34 28.01
N ASP E 290 -4.25 -30.43 27.26
CA ASP E 290 -3.45 -30.50 26.04
C ASP E 290 -4.38 -30.61 24.84
N CYS E 291 -4.10 -29.81 23.81
CA CYS E 291 -4.97 -29.73 22.66
C CYS E 291 -4.60 -30.72 21.56
N ALA E 292 -3.47 -31.41 21.69
CA ALA E 292 -3.06 -32.42 20.73
C ALA E 292 -3.46 -33.83 21.13
N LEU E 293 -4.18 -33.98 22.24
CA LEU E 293 -4.63 -35.27 22.74
C LEU E 293 -5.95 -35.63 22.06
N ASP E 294 -6.68 -36.59 22.64
CA ASP E 294 -8.00 -37.10 22.24
C ASP E 294 -8.96 -35.98 21.83
N PRO E 295 -9.87 -36.24 20.88
CA PRO E 295 -10.65 -35.14 20.28
C PRO E 295 -11.56 -34.39 21.26
N LEU E 296 -11.92 -34.96 22.40
CA LEU E 296 -12.66 -34.19 23.39
C LEU E 296 -11.79 -33.09 24.00
N SER E 297 -10.48 -33.33 24.12
CA SER E 297 -9.59 -32.27 24.56
C SER E 297 -9.46 -31.18 23.51
N GLU E 298 -9.49 -31.56 22.23
CA GLU E 298 -9.49 -30.55 21.17
C GLU E 298 -10.80 -29.76 21.17
N THR E 299 -11.91 -30.41 21.51
CA THR E 299 -13.18 -29.71 21.64
C THR E 299 -13.14 -28.72 22.81
N LYS E 300 -12.53 -29.12 23.92
CA LYS E 300 -12.35 -28.20 25.04
C LYS E 300 -11.44 -27.04 24.65
N CYS E 301 -10.43 -27.32 23.84
CA CYS E 301 -9.52 -26.29 23.35
C CYS E 301 -10.26 -25.28 22.48
N THR E 302 -11.14 -25.77 21.59
CA THR E 302 -11.85 -24.89 20.69
C THR E 302 -12.94 -24.10 21.43
N LEU E 303 -13.60 -24.73 22.40
CA LEU E 303 -14.71 -24.08 23.09
C LEU E 303 -14.29 -23.13 24.18
N LYS E 304 -12.98 -23.07 24.50
CA LYS E 304 -12.43 -22.21 25.54
C LYS E 304 -13.09 -22.48 26.90
N SER E 305 -13.35 -23.74 27.18
CA SER E 305 -14.02 -24.14 28.42
C SER E 305 -13.59 -25.55 28.79
N PHE E 306 -13.89 -25.94 30.02
CA PHE E 306 -13.53 -27.25 30.52
C PHE E 306 -14.65 -28.27 30.43
N THR E 307 -15.91 -27.83 30.43
CA THR E 307 -17.05 -28.74 30.35
C THR E 307 -17.85 -28.39 29.09
N VAL E 308 -17.61 -29.14 28.02
CA VAL E 308 -18.44 -28.99 26.83
C VAL E 308 -19.82 -29.59 27.11
N GLU E 309 -20.85 -29.03 26.49
CA GLU E 309 -22.20 -29.42 26.85
C GLU E 309 -22.64 -30.68 26.13
N LYS E 310 -22.80 -30.60 24.81
CA LYS E 310 -23.32 -31.68 23.96
C LYS E 310 -23.31 -31.21 22.52
N GLY E 311 -23.48 -32.15 21.61
CA GLY E 311 -23.78 -31.82 20.23
C GLY E 311 -22.58 -31.85 19.30
N ILE E 312 -22.84 -31.43 18.08
CA ILE E 312 -21.83 -31.37 17.02
C ILE E 312 -20.98 -30.13 17.22
N TYR E 313 -19.66 -30.31 17.13
CA TYR E 313 -18.72 -29.21 17.19
C TYR E 313 -17.81 -29.28 15.96
N GLN E 314 -16.87 -28.34 15.87
CA GLN E 314 -16.05 -28.19 14.68
C GLN E 314 -14.57 -28.20 15.05
N THR E 315 -13.77 -28.81 14.18
CA THR E 315 -12.32 -28.86 14.30
C THR E 315 -11.75 -28.60 12.91
N SER E 316 -10.46 -28.91 12.72
CA SER E 316 -9.79 -28.65 11.46
C SER E 316 -10.23 -29.66 10.40
N ASN E 317 -9.61 -29.59 9.22
CA ASN E 317 -9.96 -30.43 8.10
C ASN E 317 -9.01 -31.63 8.03
N PHE E 318 -9.27 -32.51 7.06
CA PHE E 318 -8.42 -33.68 6.89
C PHE E 318 -7.13 -33.32 6.16
N ARG E 319 -7.26 -32.79 4.94
CA ARG E 319 -6.15 -32.33 4.10
C ARG E 319 -5.15 -33.46 3.84
N VAL E 320 -5.62 -34.46 3.09
CA VAL E 320 -4.77 -35.60 2.75
C VAL E 320 -3.61 -35.14 1.87
N GLN E 321 -2.41 -35.56 2.25
CA GLN E 321 -1.19 -35.06 1.62
C GLN E 321 -0.83 -35.87 0.38
N PRO E 322 -0.17 -35.26 -0.59
CA PRO E 322 0.36 -36.03 -1.72
C PRO E 322 1.48 -36.97 -1.28
N THR E 323 1.58 -38.10 -1.99
CA THR E 323 2.56 -39.12 -1.63
C THR E 323 3.95 -38.76 -2.16
N GLU E 324 4.06 -38.52 -3.46
CA GLU E 324 5.33 -38.19 -4.09
C GLU E 324 5.08 -37.10 -5.12
N SER E 325 6.09 -36.85 -5.96
CA SER E 325 6.00 -35.86 -7.03
C SER E 325 6.54 -36.46 -8.32
N ILE E 326 5.82 -36.25 -9.41
CA ILE E 326 6.17 -36.76 -10.73
C ILE E 326 6.26 -35.59 -11.69
N VAL E 327 7.43 -35.39 -12.28
CA VAL E 327 7.61 -34.47 -13.39
C VAL E 327 7.56 -35.28 -14.67
N ARG E 328 7.06 -34.68 -15.75
CA ARG E 328 7.01 -35.36 -17.03
C ARG E 328 7.11 -34.33 -18.14
N PHE E 329 7.99 -34.59 -19.09
CA PHE E 329 8.37 -33.64 -20.13
C PHE E 329 8.47 -34.41 -21.45
N PRO E 330 8.68 -33.75 -22.61
CA PRO E 330 8.90 -34.51 -23.85
C PRO E 330 10.19 -35.33 -23.86
N ASN E 331 10.44 -36.02 -24.96
CA ASN E 331 11.52 -37.01 -25.06
C ASN E 331 12.27 -36.75 -26.35
N ILE E 332 13.10 -37.74 -26.74
CA ILE E 332 13.96 -37.77 -27.93
C ILE E 332 15.15 -36.84 -27.77
N THR E 333 14.86 -35.57 -27.42
CA THR E 333 15.87 -34.52 -27.21
C THR E 333 16.77 -34.33 -28.42
N ASN E 334 16.16 -34.39 -29.61
CA ASN E 334 16.63 -33.83 -30.88
C ASN E 334 18.11 -34.07 -31.15
N LEU E 335 18.51 -35.33 -31.36
CA LEU E 335 19.92 -35.67 -31.50
C LEU E 335 20.53 -35.05 -32.75
N CYS E 336 21.31 -33.99 -32.58
CA CYS E 336 22.10 -33.29 -33.57
C CYS E 336 23.55 -33.74 -33.49
N PRO E 337 24.22 -33.92 -34.64
CA PRO E 337 25.48 -34.67 -34.65
C PRO E 337 26.67 -33.97 -34.00
N PHE E 338 26.69 -33.96 -32.65
CA PHE E 338 27.92 -33.62 -31.95
C PHE E 338 28.99 -34.69 -32.12
N HIS E 339 28.59 -35.93 -32.40
CA HIS E 339 29.55 -36.97 -32.73
C HIS E 339 30.30 -36.65 -34.01
N GLU E 340 29.59 -36.10 -35.01
CA GLU E 340 30.24 -35.64 -36.23
C GLU E 340 30.96 -34.31 -36.03
N VAL E 341 30.74 -33.63 -34.92
CA VAL E 341 31.53 -32.45 -34.59
C VAL E 341 32.87 -32.87 -33.98
N PHE E 342 32.83 -33.75 -32.99
CA PHE E 342 34.06 -34.19 -32.33
C PHE E 342 34.75 -35.31 -33.11
N ASN E 343 34.08 -36.46 -33.24
CA ASN E 343 34.65 -37.62 -33.92
C ASN E 343 34.44 -37.49 -35.43
N ALA E 344 35.20 -36.57 -36.02
CA ALA E 344 35.12 -36.29 -37.45
C ALA E 344 36.43 -36.70 -38.12
N THR E 345 36.32 -37.59 -39.10
CA THR E 345 37.47 -37.94 -39.93
C THR E 345 37.86 -36.74 -40.79
N THR E 346 39.17 -36.56 -40.98
CA THR E 346 39.77 -35.41 -41.66
C THR E 346 39.35 -34.10 -40.96
N PHE E 347 39.86 -33.98 -39.74
CA PHE E 347 39.53 -32.86 -38.86
C PHE E 347 39.91 -31.52 -39.50
N ALA E 348 39.07 -30.51 -39.26
CA ALA E 348 39.27 -29.21 -39.88
C ALA E 348 40.52 -28.53 -39.33
N SER E 349 41.31 -27.96 -40.24
CA SER E 349 42.55 -27.30 -39.86
C SER E 349 42.25 -25.99 -39.14
N VAL E 350 43.25 -25.51 -38.38
CA VAL E 350 43.10 -24.29 -37.60
C VAL E 350 43.02 -23.06 -38.50
N TYR E 351 43.66 -23.06 -39.67
CA TYR E 351 43.61 -21.88 -40.52
C TYR E 351 42.33 -21.82 -41.35
N ALA E 352 41.64 -22.95 -41.47
CA ALA E 352 40.42 -23.02 -42.27
C ALA E 352 39.29 -23.62 -41.45
N TRP E 353 39.09 -23.10 -40.23
CA TRP E 353 38.08 -23.64 -39.34
C TRP E 353 36.68 -23.41 -39.90
N ASN E 354 35.90 -24.48 -39.97
CA ASN E 354 34.60 -24.46 -40.62
C ASN E 354 33.52 -24.00 -39.64
N ARG E 355 32.46 -23.41 -40.18
CA ARG E 355 31.34 -22.99 -39.35
C ARG E 355 30.33 -24.12 -39.26
N LYS E 356 30.04 -24.55 -38.04
CA LYS E 356 29.05 -25.57 -37.72
C LYS E 356 28.04 -25.01 -36.74
N ARG E 357 27.51 -23.83 -37.09
CA ARG E 357 26.48 -23.15 -36.32
C ARG E 357 25.28 -24.05 -36.07
N ILE E 358 24.99 -24.27 -34.80
CA ILE E 358 24.01 -25.25 -34.36
C ILE E 358 22.70 -24.53 -34.12
N SER E 359 21.65 -24.98 -34.79
CA SER E 359 20.31 -24.44 -34.58
C SER E 359 19.30 -25.57 -34.68
N ASN E 360 18.13 -25.33 -34.09
CA ASN E 360 17.00 -26.25 -33.98
C ASN E 360 17.39 -27.68 -33.59
N CYS E 361 18.17 -27.83 -32.52
CA CYS E 361 18.45 -29.14 -31.93
C CYS E 361 18.61 -28.98 -30.42
N VAL E 362 18.80 -30.11 -29.76
CA VAL E 362 19.09 -30.15 -28.32
C VAL E 362 20.54 -30.60 -28.17
N ALA E 363 21.35 -29.77 -27.53
CA ALA E 363 22.77 -30.10 -27.36
C ALA E 363 22.94 -31.13 -26.26
N ASP E 364 23.54 -32.26 -26.61
CA ASP E 364 23.76 -33.38 -25.68
C ASP E 364 25.15 -33.21 -25.08
N TYR E 365 25.21 -32.47 -23.97
CA TYR E 365 26.47 -32.21 -23.30
C TYR E 365 27.03 -33.45 -22.61
N SER E 366 26.21 -34.47 -22.40
CA SER E 366 26.67 -35.70 -21.76
C SER E 366 27.64 -36.46 -22.65
N VAL E 367 27.26 -36.65 -23.93
CA VAL E 367 28.11 -37.44 -24.82
C VAL E 367 29.34 -36.68 -25.27
N ILE E 368 29.37 -35.36 -25.10
CA ILE E 368 30.56 -34.58 -25.40
C ILE E 368 31.68 -34.93 -24.43
N TYR E 369 31.39 -34.95 -23.13
CA TYR E 369 32.40 -35.24 -22.12
C TYR E 369 32.80 -36.71 -22.11
N ASN E 370 31.92 -37.61 -22.55
CA ASN E 370 32.16 -39.05 -22.46
C ASN E 370 32.84 -39.61 -23.70
N PHE E 371 33.61 -38.80 -24.43
CA PHE E 371 34.33 -39.25 -25.61
C PHE E 371 35.75 -38.72 -25.56
N ALA E 372 36.73 -39.65 -25.60
CA ALA E 372 38.17 -39.46 -25.69
C ALA E 372 38.77 -38.81 -24.45
N PRO E 373 40.01 -39.17 -24.08
CA PRO E 373 40.68 -38.47 -22.96
C PRO E 373 41.04 -37.05 -23.32
N PHE E 374 40.33 -36.09 -22.73
CA PHE E 374 40.52 -34.68 -23.09
C PHE E 374 41.78 -34.13 -22.44
N PHE E 375 42.60 -33.44 -23.24
CA PHE E 375 43.77 -32.77 -22.70
C PHE E 375 43.36 -31.61 -21.80
N ALA E 376 42.33 -30.86 -22.20
CA ALA E 376 41.87 -29.71 -21.43
C ALA E 376 40.37 -29.56 -21.64
N PHE E 377 39.59 -29.72 -20.56
CA PHE E 377 38.15 -29.54 -20.60
C PHE E 377 37.75 -28.20 -19.98
N LYS E 378 38.54 -27.16 -20.25
CA LYS E 378 38.23 -25.83 -19.74
C LYS E 378 36.98 -25.29 -20.41
N CYS E 379 36.07 -24.73 -19.62
CA CYS E 379 34.84 -24.13 -20.12
C CYS E 379 34.63 -22.84 -19.32
N TYR E 380 35.00 -21.71 -19.91
CA TYR E 380 35.03 -20.45 -19.20
C TYR E 380 33.65 -19.79 -19.18
N GLY E 381 33.43 -18.97 -18.16
CA GLY E 381 32.18 -18.24 -18.02
C GLY E 381 31.10 -19.02 -17.28
N VAL E 382 30.77 -20.21 -17.78
CA VAL E 382 29.71 -21.04 -17.20
C VAL E 382 30.29 -22.40 -16.87
N SER E 383 29.57 -23.14 -16.03
CA SER E 383 30.00 -24.47 -15.63
C SER E 383 29.63 -25.49 -16.72
N PRO E 384 30.59 -26.30 -17.19
CA PRO E 384 30.24 -27.37 -18.15
C PRO E 384 29.28 -28.40 -17.56
N THR E 385 29.31 -28.63 -16.25
CA THR E 385 28.33 -29.49 -15.63
C THR E 385 26.94 -28.87 -15.67
N LYS E 386 26.86 -27.54 -15.53
CA LYS E 386 25.61 -26.82 -15.62
C LYS E 386 25.27 -26.38 -17.04
N LEU E 387 26.08 -26.79 -18.02
CA LEU E 387 25.80 -26.47 -19.41
C LEU E 387 24.51 -27.12 -19.90
N ASN E 388 24.18 -28.30 -19.37
CA ASN E 388 22.91 -28.95 -19.69
C ASN E 388 21.72 -28.22 -19.09
N ASP E 389 21.94 -27.39 -18.06
CA ASP E 389 20.92 -26.54 -17.49
C ASP E 389 20.97 -25.13 -18.04
N LEU E 390 22.13 -24.48 -17.99
CA LEU E 390 22.30 -23.16 -18.59
C LEU E 390 22.27 -23.29 -20.10
N CYS E 391 21.15 -22.90 -20.71
CA CYS E 391 20.95 -23.09 -22.14
C CYS E 391 20.73 -21.73 -22.81
N PHE E 392 21.06 -21.69 -24.10
CA PHE E 392 21.20 -20.43 -24.81
C PHE E 392 20.43 -20.43 -26.13
N THR E 393 20.64 -19.41 -26.96
CA THR E 393 19.96 -19.32 -28.24
C THR E 393 20.73 -20.04 -29.35
N ASN E 394 21.96 -19.63 -29.60
CA ASN E 394 22.70 -20.18 -30.73
C ASN E 394 24.07 -20.69 -30.30
N VAL E 395 24.50 -21.76 -30.96
CA VAL E 395 25.74 -22.47 -30.67
C VAL E 395 26.58 -22.53 -31.94
N TYR E 396 27.85 -22.15 -31.82
CA TYR E 396 28.82 -22.28 -32.90
C TYR E 396 29.85 -23.33 -32.52
N ALA E 397 30.27 -24.14 -33.49
CA ALA E 397 31.26 -25.18 -33.28
C ALA E 397 32.38 -25.01 -34.30
N ASP E 398 33.62 -24.94 -33.81
CA ASP E 398 34.78 -24.81 -34.69
C ASP E 398 35.84 -25.83 -34.31
N SER E 399 36.64 -26.23 -35.31
CA SER E 399 37.59 -27.32 -35.18
C SER E 399 38.98 -26.88 -35.61
N PHE E 400 39.98 -27.18 -34.79
CA PHE E 400 41.38 -26.87 -35.06
C PHE E 400 42.22 -28.12 -34.90
N VAL E 401 43.39 -28.12 -35.54
CA VAL E 401 44.44 -29.09 -35.28
C VAL E 401 45.72 -28.30 -35.01
N ILE E 402 46.14 -28.26 -33.74
CA ILE E 402 47.30 -27.48 -33.32
C ILE E 402 48.13 -28.32 -32.35
N ARG E 403 49.36 -27.84 -32.10
CA ARG E 403 50.28 -28.56 -31.24
C ARG E 403 49.85 -28.48 -29.79
N GLY E 404 50.40 -29.38 -28.96
CA GLY E 404 50.07 -29.42 -27.55
C GLY E 404 50.57 -28.23 -26.75
N ASN E 405 51.67 -27.61 -27.19
CA ASN E 405 52.09 -26.34 -26.60
C ASN E 405 51.27 -25.17 -27.11
N GLU E 406 50.43 -25.40 -28.12
CA GLU E 406 49.64 -24.34 -28.73
C GLU E 406 48.19 -24.33 -28.28
N VAL E 407 47.71 -25.39 -27.64
CA VAL E 407 46.33 -25.43 -27.18
C VAL E 407 46.11 -24.60 -25.92
N SER E 408 47.18 -24.30 -25.18
CA SER E 408 47.06 -23.44 -24.00
C SER E 408 46.97 -21.97 -24.37
N GLN E 409 47.22 -21.61 -25.64
CA GLN E 409 47.16 -20.22 -26.06
C GLN E 409 45.74 -19.78 -26.38
N ILE E 410 44.79 -20.70 -26.44
CA ILE E 410 43.40 -20.35 -26.71
C ILE E 410 42.74 -19.87 -25.43
N ALA E 411 42.76 -18.55 -25.21
CA ALA E 411 42.15 -17.92 -24.06
C ALA E 411 41.94 -16.45 -24.39
N PRO E 412 40.88 -15.82 -23.86
CA PRO E 412 40.70 -14.38 -24.06
C PRO E 412 41.83 -13.59 -23.42
N GLY E 413 42.23 -12.50 -24.07
CA GLY E 413 43.29 -11.67 -23.56
C GLY E 413 44.69 -12.25 -23.70
N GLN E 414 44.85 -13.25 -24.55
CA GLN E 414 46.15 -13.88 -24.78
C GLN E 414 46.62 -13.58 -26.20
N THR E 415 47.93 -13.54 -26.39
CA THR E 415 48.55 -13.38 -27.70
C THR E 415 49.68 -14.38 -27.83
N GLY E 416 50.02 -14.68 -29.09
CA GLY E 416 51.08 -15.64 -29.35
C GLY E 416 51.01 -16.15 -30.77
N ASN E 417 51.36 -17.43 -30.94
CA ASN E 417 51.25 -18.05 -32.25
C ASN E 417 49.79 -18.19 -32.67
N ILE E 418 48.94 -18.75 -31.82
CA ILE E 418 47.58 -19.13 -32.18
C ILE E 418 46.58 -18.05 -31.81
N ALA E 419 46.86 -17.28 -30.77
CA ALA E 419 45.89 -16.34 -30.25
C ALA E 419 45.92 -14.97 -30.93
N ASP E 420 46.72 -14.80 -31.98
CA ASP E 420 46.88 -13.50 -32.61
C ASP E 420 46.44 -13.44 -34.06
N TYR E 421 46.57 -14.53 -34.83
CA TYR E 421 46.33 -14.47 -36.26
C TYR E 421 45.30 -15.46 -36.79
N ASN E 422 44.88 -16.45 -36.01
CA ASN E 422 44.00 -17.49 -36.52
C ASN E 422 42.76 -17.71 -35.68
N TYR E 423 42.81 -17.39 -34.38
CA TYR E 423 41.62 -17.45 -33.54
C TYR E 423 41.75 -16.42 -32.43
N LYS E 424 41.11 -15.26 -32.62
CA LYS E 424 41.02 -14.25 -31.59
C LYS E 424 39.66 -14.37 -30.90
N LEU E 425 39.67 -14.25 -29.58
CA LEU E 425 38.47 -14.46 -28.80
C LEU E 425 37.91 -13.13 -28.30
N PRO E 426 36.61 -12.90 -28.41
CA PRO E 426 36.00 -11.75 -27.75
C PRO E 426 36.06 -11.90 -26.25
N ASP E 427 36.02 -10.76 -25.55
CA ASP E 427 36.07 -10.78 -24.10
C ASP E 427 34.75 -11.21 -23.46
N ASP E 428 33.67 -11.29 -24.23
CA ASP E 428 32.39 -11.80 -23.75
C ASP E 428 32.09 -13.18 -24.33
N PHE E 429 33.12 -13.88 -24.78
CA PHE E 429 32.96 -15.20 -25.38
C PHE E 429 32.76 -16.22 -24.26
N THR E 430 31.65 -16.94 -24.32
CA THR E 430 31.33 -18.00 -23.38
C THR E 430 31.19 -19.32 -24.13
N GLY E 431 31.75 -20.37 -23.55
CA GLY E 431 31.70 -21.66 -24.18
C GLY E 431 32.84 -22.55 -23.68
N CYS E 432 33.30 -23.42 -24.56
CA CYS E 432 34.30 -24.42 -24.20
C CYS E 432 35.41 -24.45 -25.25
N VAL E 433 36.61 -24.80 -24.81
CA VAL E 433 37.82 -24.75 -25.62
C VAL E 433 38.47 -26.13 -25.67
N ILE E 434 37.65 -27.18 -25.73
CA ILE E 434 38.11 -28.54 -25.44
C ILE E 434 39.16 -28.99 -26.45
N ALA E 435 40.20 -29.66 -25.96
CA ALA E 435 41.30 -30.14 -26.79
C ALA E 435 41.46 -31.64 -26.64
N TRP E 436 41.73 -32.32 -27.75
CA TRP E 436 41.95 -33.76 -27.75
C TRP E 436 43.42 -34.07 -27.50
N ASN E 437 43.77 -35.35 -27.68
CA ASN E 437 45.15 -35.82 -27.69
C ASN E 437 45.36 -36.74 -28.88
N SER E 438 44.88 -36.32 -30.05
CA SER E 438 44.80 -37.19 -31.23
C SER E 438 46.16 -37.39 -31.90
N ASN E 439 46.82 -38.50 -31.59
CA ASN E 439 48.03 -38.89 -32.29
C ASN E 439 47.82 -40.03 -33.27
N LYS E 440 46.82 -40.88 -33.03
CA LYS E 440 46.60 -42.05 -33.88
C LYS E 440 45.98 -41.65 -35.22
N LEU E 441 44.99 -40.76 -35.20
CA LEU E 441 44.29 -40.38 -36.43
C LEU E 441 45.18 -39.52 -37.32
N ASP E 442 45.81 -38.51 -36.75
CA ASP E 442 46.71 -37.62 -37.48
C ASP E 442 48.14 -38.17 -37.37
N SER E 443 49.13 -37.34 -37.74
CA SER E 443 50.56 -37.65 -37.61
C SER E 443 50.94 -38.89 -38.43
N LYS E 444 50.83 -38.74 -39.75
CA LYS E 444 51.25 -39.79 -40.66
C LYS E 444 52.75 -40.01 -40.56
N PRO E 445 53.21 -41.26 -40.73
CA PRO E 445 54.66 -41.52 -40.79
C PRO E 445 55.37 -40.78 -41.92
N SER E 446 54.71 -40.61 -43.07
CA SER E 446 55.28 -39.80 -44.13
C SER E 446 55.24 -38.31 -43.79
N GLY E 447 54.33 -37.92 -42.90
CA GLY E 447 54.23 -36.53 -42.49
C GLY E 447 52.89 -35.94 -42.89
N ASN E 448 52.21 -35.33 -41.91
CA ASN E 448 50.97 -34.62 -42.16
C ASN E 448 51.29 -33.18 -42.58
N TYR E 449 51.93 -33.06 -43.74
CA TYR E 449 52.30 -31.76 -44.28
C TYR E 449 51.10 -30.98 -44.81
N ASN E 450 49.94 -31.63 -44.96
CA ASN E 450 48.70 -30.90 -45.23
C ASN E 450 48.30 -30.05 -44.03
N TYR E 451 48.66 -30.48 -42.82
CA TYR E 451 48.47 -29.67 -41.63
C TYR E 451 49.56 -28.62 -41.56
N LEU E 452 49.17 -27.35 -41.66
CA LEU E 452 50.11 -26.24 -41.58
C LEU E 452 49.61 -25.28 -40.50
N TYR E 453 50.29 -24.14 -40.40
CA TYR E 453 49.78 -23.05 -39.57
C TYR E 453 50.27 -21.74 -40.16
N ARG E 454 49.40 -20.72 -40.18
CA ARG E 454 49.80 -19.40 -40.64
C ARG E 454 50.00 -18.48 -39.42
N LEU E 455 51.22 -17.96 -39.29
CA LEU E 455 51.56 -17.03 -38.22
C LEU E 455 52.13 -15.72 -38.78
N PHE E 456 51.88 -15.44 -40.05
CA PHE E 456 52.24 -14.17 -40.67
C PHE E 456 50.97 -13.35 -40.92
N ARG E 457 51.00 -12.10 -40.45
CA ARG E 457 49.88 -11.19 -40.69
C ARG E 457 50.33 -9.74 -40.58
N LYS E 458 49.65 -8.84 -41.29
CA LYS E 458 49.96 -7.43 -41.22
C LYS E 458 49.44 -6.79 -39.93
N SER E 459 48.44 -7.40 -39.29
CA SER E 459 47.85 -6.85 -38.08
C SER E 459 47.22 -7.98 -37.29
N LYS E 460 46.79 -7.65 -36.07
CA LYS E 460 46.10 -8.62 -35.24
C LYS E 460 44.72 -8.96 -35.81
N LEU E 461 44.36 -10.23 -35.71
CA LEU E 461 43.09 -10.68 -36.25
C LEU E 461 41.94 -10.24 -35.35
N LYS E 462 40.85 -9.78 -35.97
CA LYS E 462 39.66 -9.38 -35.23
C LYS E 462 39.01 -10.61 -34.60
N PRO E 463 38.43 -10.50 -33.40
CA PRO E 463 37.72 -11.63 -32.80
C PRO E 463 36.56 -12.11 -33.68
N PHE E 464 36.43 -13.44 -33.76
CA PHE E 464 35.42 -14.12 -34.58
C PHE E 464 35.46 -13.67 -36.04
N GLU E 465 36.67 -13.59 -36.60
CA GLU E 465 36.88 -13.20 -37.98
C GLU E 465 37.73 -14.26 -38.68
N ARG E 466 37.51 -14.41 -39.99
CA ARG E 466 38.24 -15.39 -40.79
C ARG E 466 39.01 -14.66 -41.88
N ASP E 467 40.30 -14.94 -41.98
CA ASP E 467 41.17 -14.33 -42.98
C ASP E 467 41.84 -15.45 -43.77
N ILE E 468 41.15 -15.94 -44.79
CA ILE E 468 41.65 -17.00 -45.65
C ILE E 468 42.11 -16.36 -46.95
N SER E 469 43.40 -16.03 -47.02
CA SER E 469 43.97 -15.37 -48.17
C SER E 469 45.29 -16.04 -48.54
N THR E 470 45.67 -15.92 -49.82
CA THR E 470 46.92 -16.48 -50.32
C THR E 470 47.84 -15.38 -50.84
N GLU E 471 47.71 -14.18 -50.30
CA GLU E 471 48.58 -13.07 -50.69
C GLU E 471 49.97 -13.27 -50.13
N ILE E 472 50.98 -12.92 -50.93
CA ILE E 472 52.37 -13.03 -50.50
C ILE E 472 52.64 -11.94 -49.46
N TYR E 473 53.09 -12.34 -48.29
CA TYR E 473 53.32 -11.41 -47.19
C TYR E 473 54.60 -10.63 -47.42
N GLN E 474 54.53 -9.31 -47.25
CA GLN E 474 55.70 -8.44 -47.37
C GLN E 474 56.32 -8.28 -46.00
N ALA E 475 57.16 -9.24 -45.62
CA ALA E 475 57.86 -9.15 -44.35
C ALA E 475 59.02 -8.16 -44.38
N GLY E 476 59.52 -7.84 -45.56
CA GLY E 476 60.63 -6.90 -45.67
C GLY E 476 60.22 -5.52 -46.12
N ASN E 477 61.14 -4.78 -46.71
CA ASN E 477 60.87 -3.44 -47.22
C ASN E 477 60.48 -3.44 -48.69
N LYS E 478 61.12 -4.27 -49.51
CA LYS E 478 60.81 -4.30 -50.93
C LYS E 478 59.46 -4.98 -51.16
N PRO E 479 58.63 -4.44 -52.07
CA PRO E 479 57.37 -5.11 -52.39
C PRO E 479 57.60 -6.45 -53.10
N CYS E 480 56.73 -7.42 -52.79
CA CYS E 480 56.85 -8.73 -53.38
C CYS E 480 56.44 -8.72 -54.85
N ASN E 481 55.30 -8.07 -55.16
CA ASN E 481 54.73 -7.98 -56.51
C ASN E 481 54.51 -9.36 -57.13
N GLY E 482 54.03 -10.30 -56.32
CA GLY E 482 53.78 -11.66 -56.78
C GLY E 482 54.92 -12.64 -56.57
N VAL E 483 56.14 -12.24 -56.93
CA VAL E 483 57.30 -13.11 -56.76
C VAL E 483 57.83 -13.00 -55.33
N ALA E 484 58.43 -14.08 -54.85
CA ALA E 484 58.94 -14.13 -53.49
C ALA E 484 60.40 -13.68 -53.46
N GLY E 485 60.98 -13.65 -52.26
CA GLY E 485 62.35 -13.24 -52.07
C GLY E 485 62.93 -13.74 -50.77
N PRO E 486 64.08 -13.18 -50.37
CA PRO E 486 64.68 -13.57 -49.08
C PRO E 486 63.85 -13.17 -47.87
N ASN E 487 62.96 -12.19 -48.02
CA ASN E 487 62.03 -11.82 -46.96
C ASN E 487 60.57 -11.96 -47.35
N CYS E 488 60.25 -11.88 -48.64
CA CYS E 488 58.89 -12.12 -49.11
C CYS E 488 58.60 -13.61 -49.05
N TYR E 489 57.70 -14.01 -48.15
CA TYR E 489 57.39 -15.41 -47.93
C TYR E 489 55.88 -15.60 -47.90
N SER E 490 55.47 -16.85 -48.13
CA SER E 490 54.07 -17.23 -47.97
C SER E 490 53.69 -17.16 -46.49
N PRO E 491 52.43 -16.85 -46.17
CA PRO E 491 52.03 -16.73 -44.76
C PRO E 491 52.00 -18.05 -44.00
N LEU E 492 52.22 -19.19 -44.66
CA LEU E 492 52.05 -20.49 -44.02
C LEU E 492 53.40 -21.08 -43.61
N GLN E 493 53.34 -22.04 -42.67
CA GLN E 493 54.50 -22.78 -42.21
C GLN E 493 54.05 -24.19 -41.85
N SER E 494 54.76 -25.19 -42.35
CA SER E 494 54.34 -26.58 -42.22
C SER E 494 54.52 -27.09 -40.80
N TYR E 495 53.48 -27.74 -40.27
CA TYR E 495 53.60 -28.44 -39.00
C TYR E 495 54.50 -29.66 -39.15
N GLY E 496 54.30 -30.43 -40.22
CA GLY E 496 55.04 -31.66 -40.43
C GLY E 496 54.76 -32.73 -39.39
N PHE E 497 53.48 -32.93 -39.09
CA PHE E 497 53.09 -33.84 -38.01
C PHE E 497 53.46 -35.28 -38.34
N ARG E 498 53.99 -35.98 -37.35
CA ARG E 498 54.55 -37.31 -37.53
C ARG E 498 54.55 -38.02 -36.18
N PRO E 499 54.62 -39.37 -36.16
CA PRO E 499 54.65 -40.08 -34.86
C PRO E 499 56.04 -40.11 -34.23
N THR E 500 56.66 -38.94 -34.12
CA THR E 500 57.93 -38.78 -33.43
C THR E 500 57.95 -37.56 -32.51
N TYR E 501 56.99 -36.65 -32.62
CA TYR E 501 56.99 -35.42 -31.86
C TYR E 501 56.63 -35.68 -30.40
N GLY E 502 56.88 -34.69 -29.56
CA GLY E 502 56.65 -34.82 -28.13
C GLY E 502 55.21 -34.61 -27.74
N VAL E 503 54.99 -34.38 -26.45
CA VAL E 503 53.64 -34.18 -25.93
C VAL E 503 53.08 -32.85 -26.42
N GLY E 504 53.89 -31.80 -26.35
CA GLY E 504 53.45 -30.47 -26.74
C GLY E 504 53.53 -30.15 -28.20
N HIS E 505 53.94 -31.11 -29.03
CA HIS E 505 54.10 -30.90 -30.47
C HIS E 505 53.33 -31.93 -31.29
N GLN E 506 52.69 -32.88 -30.63
CA GLN E 506 51.82 -33.86 -31.26
C GLN E 506 50.58 -33.16 -31.80
N PRO E 507 49.95 -33.69 -32.86
CA PRO E 507 48.66 -33.15 -33.29
C PRO E 507 47.62 -33.18 -32.18
N TYR E 508 46.87 -32.08 -32.08
CA TYR E 508 45.89 -31.85 -31.02
C TYR E 508 44.62 -31.33 -31.64
N ARG E 509 43.53 -32.08 -31.51
CA ARG E 509 42.25 -31.69 -32.07
C ARG E 509 41.48 -30.85 -31.07
N VAL E 510 41.11 -29.64 -31.46
CA VAL E 510 40.46 -28.67 -30.57
C VAL E 510 39.07 -28.40 -31.11
N VAL E 511 38.05 -28.74 -30.33
CA VAL E 511 36.68 -28.33 -30.60
C VAL E 511 36.36 -27.17 -29.66
N VAL E 512 36.02 -26.03 -30.23
CA VAL E 512 35.59 -24.88 -29.47
C VAL E 512 34.11 -24.64 -29.72
N LEU E 513 33.36 -24.48 -28.65
CA LEU E 513 31.93 -24.23 -28.69
C LEU E 513 31.67 -22.83 -28.15
N SER E 514 30.96 -22.03 -28.95
CA SER E 514 30.59 -20.67 -28.58
C SER E 514 29.09 -20.61 -28.37
N PHE E 515 28.67 -19.95 -27.29
CA PHE E 515 27.28 -19.87 -26.90
C PHE E 515 26.84 -18.41 -26.87
N GLU E 516 25.71 -18.12 -27.52
CA GLU E 516 25.17 -16.77 -27.48
C GLU E 516 23.69 -16.80 -27.14
N LEU E 517 23.27 -15.87 -26.29
CA LEU E 517 21.89 -15.66 -25.89
C LEU E 517 21.54 -14.19 -26.11
N LEU E 518 20.33 -13.93 -26.60
CA LEU E 518 19.89 -12.57 -26.87
C LEU E 518 18.38 -12.50 -26.66
N HIS E 519 17.76 -11.44 -27.19
CA HIS E 519 16.32 -11.27 -27.07
C HIS E 519 15.52 -12.33 -27.83
N ALA E 520 16.15 -13.01 -28.78
CA ALA E 520 15.52 -14.16 -29.42
C ALA E 520 15.34 -15.27 -28.41
N PRO E 521 14.30 -16.11 -28.57
CA PRO E 521 14.09 -17.21 -27.62
C PRO E 521 15.20 -18.25 -27.70
N ALA E 522 15.38 -18.96 -26.59
CA ALA E 522 16.42 -20.00 -26.51
C ALA E 522 16.07 -21.15 -27.42
N THR E 523 16.88 -21.35 -28.46
CA THR E 523 16.64 -22.37 -29.48
C THR E 523 17.29 -23.71 -29.12
N VAL E 524 18.53 -23.69 -28.65
CA VAL E 524 19.24 -24.89 -28.25
C VAL E 524 19.14 -25.00 -26.74
N CYS E 525 18.37 -25.95 -26.27
CA CYS E 525 18.15 -26.15 -24.84
C CYS E 525 18.08 -27.65 -24.58
N GLY E 526 17.59 -28.05 -23.40
CA GLY E 526 17.34 -29.44 -23.14
C GLY E 526 16.57 -29.69 -21.85
N PRO E 527 15.47 -30.46 -21.95
CA PRO E 527 14.71 -30.84 -20.74
C PRO E 527 15.45 -31.86 -19.89
N LYS E 528 15.91 -32.95 -20.53
CA LYS E 528 16.65 -34.05 -19.94
C LYS E 528 15.91 -34.80 -18.83
N LYS E 529 14.60 -34.57 -18.67
CA LYS E 529 13.84 -35.21 -17.61
C LYS E 529 12.60 -35.88 -18.19
N SER E 530 12.39 -37.14 -17.83
CA SER E 530 11.17 -37.86 -18.19
C SER E 530 11.01 -38.99 -17.16
N THR E 531 10.14 -38.78 -16.18
CA THR E 531 9.91 -39.75 -15.12
C THR E 531 8.55 -40.41 -15.30
N ASN E 532 8.49 -41.68 -14.89
CA ASN E 532 7.25 -42.44 -15.00
C ASN E 532 6.20 -41.92 -14.03
N LEU E 533 4.94 -42.08 -14.41
CA LEU E 533 3.81 -41.61 -13.62
C LEU E 533 3.08 -42.79 -13.00
N VAL E 534 2.21 -42.48 -12.04
CA VAL E 534 1.37 -43.47 -11.38
C VAL E 534 -0.10 -43.09 -11.56
N LYS E 535 -1.00 -43.92 -11.05
CA LYS E 535 -2.42 -43.68 -11.17
C LYS E 535 -3.10 -43.91 -9.82
N ASN E 536 -4.23 -43.22 -9.63
CA ASN E 536 -5.10 -43.36 -8.46
C ASN E 536 -4.34 -43.08 -7.16
N LYS E 537 -3.44 -42.10 -7.19
CA LYS E 537 -2.62 -41.75 -6.05
C LYS E 537 -2.62 -40.24 -5.86
N CYS E 538 -2.72 -39.80 -4.61
CA CYS E 538 -2.50 -38.39 -4.29
C CYS E 538 -1.04 -38.06 -4.56
N VAL E 539 -0.78 -37.29 -5.61
CA VAL E 539 0.58 -37.09 -6.08
C VAL E 539 0.68 -35.68 -6.66
N ASN E 540 1.83 -35.05 -6.44
CA ASN E 540 2.16 -33.82 -7.14
C ASN E 540 2.58 -34.17 -8.57
N PHE E 541 2.22 -33.31 -9.52
CA PHE E 541 2.57 -33.53 -10.90
C PHE E 541 3.05 -32.22 -11.52
N ASN E 542 3.91 -32.36 -12.53
CA ASN E 542 4.44 -31.22 -13.27
C ASN E 542 4.52 -31.59 -14.74
N PHE E 543 3.61 -31.04 -15.54
CA PHE E 543 3.54 -31.31 -16.97
C PHE E 543 3.76 -30.00 -17.73
N ASN E 544 4.68 -30.04 -18.70
CA ASN E 544 4.96 -28.92 -19.61
C ASN E 544 5.34 -27.64 -18.85
N GLY E 545 5.88 -27.77 -17.65
CA GLY E 545 6.17 -26.63 -16.81
C GLY E 545 5.08 -26.27 -15.82
N LEU E 546 3.82 -26.47 -16.20
CA LEU E 546 2.72 -26.17 -15.29
C LEU E 546 2.61 -27.27 -14.23
N THR E 547 2.44 -26.86 -12.98
CA THR E 547 2.46 -27.76 -11.84
C THR E 547 1.07 -27.96 -11.27
N GLY E 548 0.97 -28.88 -10.32
CA GLY E 548 -0.27 -29.08 -9.60
C GLY E 548 -0.17 -30.34 -8.75
N THR E 549 -1.32 -30.76 -8.23
CA THR E 549 -1.37 -31.99 -7.46
C THR E 549 -2.77 -32.58 -7.57
N GLY E 550 -2.86 -33.86 -7.24
CA GLY E 550 -4.12 -34.57 -7.28
C GLY E 550 -3.92 -36.01 -7.67
N VAL E 551 -5.00 -36.63 -8.12
CA VAL E 551 -4.96 -38.02 -8.56
C VAL E 551 -5.31 -38.07 -10.05
N LEU E 552 -4.90 -39.18 -10.66
CA LEU E 552 -4.85 -39.34 -12.11
C LEU E 552 -5.85 -40.42 -12.55
N THR E 553 -6.41 -40.21 -13.73
CA THR E 553 -7.35 -41.14 -14.33
C THR E 553 -7.02 -41.26 -15.82
N GLU E 554 -7.27 -42.43 -16.40
CA GLU E 554 -6.97 -42.65 -17.81
C GLU E 554 -7.92 -41.86 -18.71
N SER E 555 -7.63 -41.91 -20.00
CA SER E 555 -8.34 -41.11 -20.99
C SER E 555 -9.76 -41.63 -21.22
N ASN E 556 -10.70 -40.70 -21.32
CA ASN E 556 -12.07 -41.05 -21.69
C ASN E 556 -12.68 -40.11 -22.72
N LYS E 557 -12.12 -38.93 -22.96
CA LYS E 557 -12.60 -38.02 -23.97
C LYS E 557 -11.85 -38.26 -25.28
N LYS E 558 -12.01 -37.36 -26.25
CA LYS E 558 -11.40 -37.52 -27.56
C LYS E 558 -10.40 -36.44 -27.92
N PHE E 559 -10.54 -35.23 -27.37
CA PHE E 559 -9.69 -34.08 -27.65
C PHE E 559 -9.66 -33.75 -29.14
N LEU E 560 -8.58 -33.13 -29.60
CA LEU E 560 -8.38 -32.81 -31.00
C LEU E 560 -6.94 -33.14 -31.35
N PRO E 561 -6.66 -33.47 -32.64
CA PRO E 561 -5.31 -33.89 -33.06
C PRO E 561 -4.11 -33.06 -32.61
N PHE E 562 -4.27 -31.75 -32.35
CA PHE E 562 -3.18 -31.03 -31.70
C PHE E 562 -3.49 -30.66 -30.26
N GLN E 563 -4.71 -30.90 -29.80
CA GLN E 563 -5.13 -30.43 -28.49
C GLN E 563 -4.53 -31.27 -27.37
N GLN E 564 -4.00 -30.59 -26.36
CA GLN E 564 -3.41 -31.24 -25.20
C GLN E 564 -3.89 -30.68 -23.87
N PHE E 565 -4.63 -29.56 -23.87
CA PHE E 565 -5.04 -28.89 -22.64
C PHE E 565 -6.57 -28.92 -22.57
N GLY E 566 -7.10 -29.48 -21.49
CA GLY E 566 -8.53 -29.72 -21.37
C GLY E 566 -9.21 -28.97 -20.25
N ARG E 567 -8.90 -27.68 -20.09
CA ARG E 567 -9.47 -26.88 -19.02
C ARG E 567 -10.98 -26.70 -19.21
N ASP E 568 -11.72 -26.83 -18.12
CA ASP E 568 -13.18 -26.89 -18.15
C ASP E 568 -13.78 -25.51 -17.97
N ILE E 569 -15.09 -25.46 -17.68
CA ILE E 569 -15.81 -24.20 -17.51
C ILE E 569 -15.28 -23.41 -16.32
N ALA E 570 -14.89 -24.10 -15.25
CA ALA E 570 -14.48 -23.46 -14.01
C ALA E 570 -13.03 -23.00 -14.01
N ASP E 571 -12.40 -22.91 -15.20
CA ASP E 571 -11.00 -22.50 -15.36
C ASP E 571 -10.05 -23.38 -14.53
N THR E 572 -10.30 -24.68 -14.54
CA THR E 572 -9.51 -25.64 -13.79
C THR E 572 -8.94 -26.69 -14.74
N THR E 573 -7.66 -27.01 -14.58
CA THR E 573 -7.03 -28.04 -15.39
C THR E 573 -7.53 -29.41 -14.94
N ASP E 574 -8.14 -30.15 -15.86
CA ASP E 574 -8.64 -31.48 -15.54
C ASP E 574 -8.39 -32.49 -16.65
N ALA E 575 -7.66 -32.11 -17.70
CA ALA E 575 -7.35 -33.03 -18.79
C ALA E 575 -6.05 -32.58 -19.43
N VAL E 576 -5.03 -33.43 -19.35
CA VAL E 576 -3.68 -33.09 -19.76
C VAL E 576 -3.18 -34.18 -20.71
N ARG E 577 -2.13 -33.85 -21.46
CA ARG E 577 -1.48 -34.82 -22.34
C ARG E 577 0.01 -34.91 -22.04
N ASP E 578 0.52 -36.12 -22.07
CA ASP E 578 1.95 -36.36 -21.92
C ASP E 578 2.66 -35.92 -23.19
N PRO E 579 3.64 -35.00 -23.13
CA PRO E 579 4.31 -34.53 -24.34
C PRO E 579 5.37 -35.47 -24.90
N GLN E 580 5.56 -36.66 -24.33
CA GLN E 580 6.54 -37.60 -24.87
C GLN E 580 5.91 -38.87 -25.43
N THR E 581 4.83 -39.36 -24.82
CA THR E 581 4.04 -40.46 -25.34
C THR E 581 2.58 -40.05 -25.32
N LEU E 582 1.81 -40.60 -26.26
CA LEU E 582 0.43 -40.16 -26.47
C LEU E 582 -0.46 -40.71 -25.35
N GLU E 583 -0.41 -40.04 -24.20
CA GLU E 583 -1.22 -40.38 -23.04
C GLU E 583 -2.08 -39.16 -22.69
N ILE E 584 -3.39 -39.37 -22.62
CA ILE E 584 -4.31 -38.34 -22.15
C ILE E 584 -4.79 -38.74 -20.76
N LEU E 585 -4.73 -37.80 -19.82
CA LEU E 585 -5.00 -38.09 -18.43
C LEU E 585 -5.99 -37.06 -17.85
N ASP E 586 -6.71 -37.49 -16.83
CA ASP E 586 -7.68 -36.68 -16.12
C ASP E 586 -7.17 -36.41 -14.72
N ILE E 587 -7.28 -35.15 -14.28
CA ILE E 587 -6.78 -34.71 -12.99
C ILE E 587 -7.98 -34.42 -12.09
N THR E 588 -8.05 -35.07 -10.94
CA THR E 588 -9.01 -34.69 -9.90
C THR E 588 -8.23 -34.50 -8.61
N PRO E 589 -8.18 -33.29 -8.05
CA PRO E 589 -7.42 -33.07 -6.82
C PRO E 589 -8.00 -33.83 -5.64
N CYS E 590 -7.12 -34.17 -4.69
CA CYS E 590 -7.50 -34.97 -3.54
C CYS E 590 -8.48 -34.22 -2.65
N SER E 591 -9.51 -34.91 -2.19
CA SER E 591 -10.59 -34.28 -1.46
C SER E 591 -10.16 -33.89 -0.06
N PHE E 592 -10.63 -32.73 0.40
CA PHE E 592 -10.37 -32.28 1.75
C PHE E 592 -11.44 -32.85 2.68
N GLY E 593 -11.35 -32.54 3.97
CA GLY E 593 -12.24 -33.14 4.94
C GLY E 593 -13.15 -32.18 5.66
N GLY E 594 -12.85 -31.92 6.93
CA GLY E 594 -13.76 -31.22 7.81
C GLY E 594 -14.23 -32.18 8.88
N VAL E 595 -13.64 -32.11 10.06
CA VAL E 595 -13.80 -33.12 11.11
C VAL E 595 -14.74 -32.55 12.18
N SER E 596 -15.71 -33.36 12.59
CA SER E 596 -16.66 -32.98 13.62
C SER E 596 -16.64 -34.02 14.73
N VAL E 597 -16.95 -33.57 15.94
CA VAL E 597 -16.82 -34.39 17.14
C VAL E 597 -18.22 -34.63 17.70
N ILE E 598 -18.56 -35.90 17.89
CA ILE E 598 -19.79 -36.32 18.54
C ILE E 598 -19.47 -36.65 19.99
N THR E 599 -20.21 -36.03 20.92
CA THR E 599 -19.96 -36.28 22.32
C THR E 599 -21.24 -36.13 23.14
N PRO E 600 -21.43 -36.97 24.15
CA PRO E 600 -22.48 -36.72 25.15
C PRO E 600 -22.01 -35.70 26.18
N GLY E 601 -22.78 -35.52 27.24
CA GLY E 601 -22.40 -34.56 28.27
C GLY E 601 -21.10 -34.93 28.94
N THR E 602 -20.29 -33.91 29.23
CA THR E 602 -19.04 -34.13 29.97
C THR E 602 -19.32 -34.60 31.39
N ASN E 603 -20.44 -34.16 31.95
CA ASN E 603 -20.87 -34.70 33.24
C ASN E 603 -21.28 -36.16 33.14
N THR E 604 -21.66 -36.62 31.94
CA THR E 604 -22.11 -37.99 31.77
C THR E 604 -20.94 -38.94 31.56
N SER E 605 -20.14 -38.72 30.53
CA SER E 605 -19.06 -39.63 30.20
C SER E 605 -17.99 -38.87 29.41
N ASN E 606 -17.05 -39.62 28.83
CA ASN E 606 -15.99 -39.03 28.02
C ASN E 606 -15.78 -39.73 26.68
N GLN E 607 -16.57 -40.75 26.37
CA GLN E 607 -16.43 -41.44 25.09
C GLN E 607 -16.96 -40.58 23.97
N VAL E 608 -16.19 -40.46 22.88
CA VAL E 608 -16.53 -39.58 21.78
C VAL E 608 -16.51 -40.37 20.47
N ALA E 609 -16.98 -39.72 19.42
CA ALA E 609 -16.97 -40.26 18.06
C ALA E 609 -16.54 -39.17 17.10
N VAL E 610 -16.05 -39.58 15.93
CA VAL E 610 -15.48 -38.66 14.96
C VAL E 610 -16.18 -38.83 13.62
N LEU E 611 -16.63 -37.72 13.04
CA LEU E 611 -17.25 -37.72 11.73
C LEU E 611 -16.38 -36.94 10.75
N TYR E 612 -16.03 -37.56 9.63
CA TYR E 612 -15.33 -36.90 8.54
C TYR E 612 -16.37 -36.58 7.46
N GLN E 613 -16.53 -35.29 7.16
CA GLN E 613 -17.57 -34.85 6.24
C GLN E 613 -17.08 -35.00 4.79
N GLY E 614 -17.91 -35.63 3.97
CA GLY E 614 -17.60 -35.75 2.55
C GLY E 614 -16.47 -36.70 2.23
N VAL E 615 -16.15 -37.63 3.13
CA VAL E 615 -15.07 -38.59 2.93
C VAL E 615 -15.69 -39.99 2.86
N ASN E 616 -15.33 -40.73 1.82
CA ASN E 616 -15.89 -42.06 1.57
C ASN E 616 -14.91 -43.09 2.12
N CYS E 617 -15.20 -43.62 3.30
CA CYS E 617 -14.36 -44.68 3.87
C CYS E 617 -14.50 -45.98 3.08
N THR E 618 -15.73 -46.33 2.71
CA THR E 618 -16.09 -47.61 2.08
C THR E 618 -15.57 -48.82 2.87
N TRP E 633 -11.17 -45.91 3.41
CA TRP E 633 -10.29 -45.26 2.45
C TRP E 633 -9.70 -43.98 3.02
N ARG E 634 -8.36 -43.88 2.92
CA ARG E 634 -7.53 -42.71 3.30
C ARG E 634 -7.98 -42.02 4.59
N VAL E 635 -8.18 -42.83 5.64
CA VAL E 635 -8.46 -42.30 6.98
C VAL E 635 -7.45 -42.83 7.99
N TYR E 636 -6.21 -43.07 7.53
CA TYR E 636 -5.05 -43.39 8.36
C TYR E 636 -5.21 -44.74 9.07
N SER E 637 -6.18 -44.88 9.96
CA SER E 637 -6.34 -46.13 10.71
C SER E 637 -7.82 -46.32 11.00
N THR E 638 -8.13 -47.25 11.89
CA THR E 638 -9.49 -47.62 12.24
C THR E 638 -9.73 -47.38 13.73
N GLY E 639 -10.96 -47.68 14.16
CA GLY E 639 -11.33 -47.58 15.56
C GLY E 639 -12.24 -48.70 15.99
N SER E 640 -13.33 -48.37 16.68
CA SER E 640 -14.28 -49.41 17.07
C SER E 640 -15.09 -49.90 15.88
N ASN E 641 -15.58 -48.97 15.06
CA ASN E 641 -16.40 -49.33 13.90
C ASN E 641 -16.29 -48.23 12.86
N VAL E 642 -16.68 -48.57 11.63
CA VAL E 642 -16.67 -47.64 10.51
C VAL E 642 -18.04 -47.67 9.84
N PHE E 643 -18.64 -46.50 9.66
CA PHE E 643 -19.91 -46.38 8.96
C PHE E 643 -19.79 -45.37 7.84
N GLN E 644 -20.60 -45.55 6.81
CA GLN E 644 -20.44 -44.90 5.50
C GLN E 644 -21.71 -44.17 5.09
N THR E 645 -22.19 -43.27 5.96
CA THR E 645 -23.34 -42.45 5.65
C THR E 645 -23.09 -41.56 4.43
N ARG E 646 -24.18 -41.01 3.89
CA ARG E 646 -24.07 -40.09 2.77
C ARG E 646 -23.38 -38.79 3.17
N ALA E 647 -23.54 -38.37 4.41
CA ALA E 647 -22.90 -37.15 4.87
C ALA E 647 -21.39 -37.31 5.00
N GLY E 648 -20.93 -38.52 5.33
CA GLY E 648 -19.50 -38.74 5.48
C GLY E 648 -19.23 -40.08 6.14
N CYS E 649 -18.04 -40.19 6.70
CA CYS E 649 -17.57 -41.41 7.35
C CYS E 649 -17.57 -41.23 8.86
N LEU E 650 -18.15 -42.18 9.57
CA LEU E 650 -18.31 -42.10 11.01
C LEU E 650 -17.48 -43.19 11.68
N ILE E 651 -16.72 -42.82 12.70
CA ILE E 651 -15.94 -43.78 13.47
C ILE E 651 -16.20 -43.53 14.95
N GLY E 652 -16.06 -44.60 15.74
CA GLY E 652 -16.30 -44.53 17.16
C GLY E 652 -17.72 -44.80 17.60
N ALA E 653 -18.58 -45.25 16.70
CA ALA E 653 -19.97 -45.53 17.05
C ALA E 653 -20.47 -46.70 16.22
N GLU E 654 -21.51 -47.36 16.75
CA GLU E 654 -22.14 -48.48 16.08
C GLU E 654 -23.48 -48.05 15.48
N TYR E 655 -23.93 -48.81 14.49
CA TYR E 655 -25.19 -48.55 13.83
C TYR E 655 -26.18 -49.66 14.17
N VAL E 656 -27.41 -49.27 14.50
CA VAL E 656 -28.46 -50.20 14.86
C VAL E 656 -29.56 -50.13 13.81
N ASN E 657 -30.45 -51.13 13.86
CA ASN E 657 -31.60 -51.21 12.98
C ASN E 657 -32.87 -50.70 13.65
N ASN E 658 -32.76 -50.12 14.84
CA ASN E 658 -33.91 -49.61 15.56
C ASN E 658 -34.26 -48.21 15.06
N SER E 659 -35.17 -47.54 15.75
CA SER E 659 -35.56 -46.19 15.39
C SER E 659 -35.95 -45.43 16.65
N TYR E 660 -35.27 -44.32 16.90
CA TYR E 660 -35.55 -43.47 18.04
C TYR E 660 -35.62 -42.02 17.59
N GLU E 661 -35.94 -41.13 18.52
CA GLU E 661 -35.96 -39.71 18.22
C GLU E 661 -34.53 -39.17 18.12
N CYS E 662 -34.42 -37.97 17.57
CA CYS E 662 -33.12 -37.35 17.36
C CYS E 662 -32.79 -36.39 18.48
N ASP E 663 -31.61 -36.57 19.07
CA ASP E 663 -31.06 -35.61 20.02
C ASP E 663 -29.86 -34.85 19.45
N ILE E 664 -28.95 -35.55 18.78
CA ILE E 664 -27.83 -34.92 18.09
C ILE E 664 -27.90 -35.27 16.61
N PRO E 665 -28.16 -34.31 15.73
CA PRO E 665 -28.24 -34.63 14.30
C PRO E 665 -26.88 -34.87 13.68
N ILE E 666 -26.88 -35.66 12.60
CA ILE E 666 -25.69 -35.91 11.80
C ILE E 666 -25.85 -35.39 10.38
N GLY E 667 -26.91 -35.81 9.71
CA GLY E 667 -27.17 -35.44 8.33
C GLY E 667 -27.76 -36.62 7.60
N ALA E 668 -28.56 -36.31 6.56
CA ALA E 668 -29.25 -37.30 5.72
C ALA E 668 -30.11 -38.26 6.56
N GLY E 669 -30.82 -37.70 7.54
CA GLY E 669 -31.69 -38.49 8.38
C GLY E 669 -30.99 -39.49 9.29
N ILE E 670 -29.80 -39.15 9.77
CA ILE E 670 -29.05 -40.00 10.69
C ILE E 670 -28.83 -39.21 11.97
N CYS E 671 -29.04 -39.87 13.11
CA CYS E 671 -28.84 -39.23 14.41
C CYS E 671 -28.17 -40.21 15.36
N ALA E 672 -27.34 -39.67 16.24
CA ALA E 672 -26.58 -40.47 17.20
C ALA E 672 -27.02 -40.15 18.62
N SER E 673 -26.85 -41.12 19.50
CA SER E 673 -27.26 -40.98 20.89
C SER E 673 -26.36 -41.85 21.76
N TYR E 674 -26.55 -41.75 23.08
CA TYR E 674 -25.77 -42.49 24.05
C TYR E 674 -26.67 -43.48 24.78
N GLN E 675 -26.26 -44.73 24.81
CA GLN E 675 -27.06 -45.78 25.45
C GLN E 675 -26.48 -46.15 26.81
N GLN E 690 -23.42 -46.75 27.66
CA GLN E 690 -22.05 -47.23 27.70
C GLN E 690 -21.44 -47.23 26.30
N SER E 691 -22.23 -46.83 25.30
CA SER E 691 -21.74 -46.78 23.93
C SER E 691 -22.54 -45.75 23.16
N ILE E 692 -21.95 -45.27 22.06
CA ILE E 692 -22.60 -44.31 21.17
C ILE E 692 -23.20 -45.07 20.00
N ILE E 693 -24.49 -44.85 19.75
CA ILE E 693 -25.22 -45.59 18.72
C ILE E 693 -25.80 -44.60 17.73
N ALA E 694 -25.58 -44.86 16.44
CA ALA E 694 -26.17 -44.07 15.37
C ALA E 694 -27.32 -44.86 14.74
N TYR E 695 -28.34 -44.13 14.30
CA TYR E 695 -29.53 -44.76 13.75
C TYR E 695 -30.21 -43.79 12.80
N THR E 696 -31.27 -44.26 12.15
CA THR E 696 -32.03 -43.47 11.21
C THR E 696 -33.15 -42.71 11.91
N MET E 697 -33.72 -41.74 11.19
CA MET E 697 -34.78 -40.92 11.73
C MET E 697 -36.04 -41.73 12.00
N SER E 698 -36.70 -41.41 13.11
CA SER E 698 -38.06 -41.86 13.40
C SER E 698 -38.89 -40.60 13.57
N LEU E 699 -39.76 -40.32 12.60
CA LEU E 699 -40.52 -39.08 12.59
C LEU E 699 -41.57 -39.02 13.69
N GLY E 700 -41.88 -40.14 14.32
CA GLY E 700 -42.85 -40.16 15.39
C GLY E 700 -43.56 -41.51 15.42
N ALA E 701 -44.53 -41.61 16.32
CA ALA E 701 -45.31 -42.82 16.45
C ALA E 701 -46.20 -43.01 15.23
N GLU E 702 -46.27 -44.25 14.74
CA GLU E 702 -47.12 -44.57 13.62
C GLU E 702 -48.57 -44.65 14.08
N ASN E 703 -49.46 -43.99 13.35
CA ASN E 703 -50.88 -43.95 13.71
C ASN E 703 -51.73 -44.21 12.47
N SER E 704 -52.79 -44.98 12.66
CA SER E 704 -53.82 -45.16 11.65
C SER E 704 -55.16 -44.90 12.30
N VAL E 705 -55.93 -43.99 11.71
CA VAL E 705 -57.24 -43.60 12.22
C VAL E 705 -58.31 -44.20 11.31
N ALA E 706 -59.27 -44.89 11.91
CA ALA E 706 -60.29 -45.58 11.13
C ALA E 706 -61.24 -44.58 10.49
N TYR E 707 -61.50 -44.75 9.20
CA TYR E 707 -62.38 -43.89 8.45
C TYR E 707 -63.59 -44.66 7.97
N SER E 708 -64.77 -44.04 8.10
CA SER E 708 -66.00 -44.59 7.57
C SER E 708 -66.89 -43.44 7.11
N ASN E 709 -67.90 -43.78 6.31
CA ASN E 709 -68.87 -42.80 5.85
C ASN E 709 -69.97 -42.56 6.86
N ASN E 710 -69.96 -43.27 8.00
CA ASN E 710 -70.98 -43.06 9.02
C ASN E 710 -70.41 -43.14 10.43
N SER E 711 -69.14 -42.75 10.61
CA SER E 711 -68.48 -42.82 11.91
C SER E 711 -68.01 -41.43 12.32
N ILE E 712 -68.39 -41.00 13.52
CA ILE E 712 -68.01 -39.70 14.05
C ILE E 712 -67.39 -39.90 15.42
N ALA E 713 -66.41 -39.07 15.76
CA ALA E 713 -65.77 -39.10 17.07
C ALA E 713 -66.07 -37.81 17.81
N ILE E 714 -66.89 -37.90 18.85
CA ILE E 714 -67.32 -36.75 19.63
C ILE E 714 -66.56 -36.74 20.94
N PRO E 715 -65.91 -35.63 21.32
CA PRO E 715 -65.22 -35.58 22.60
C PRO E 715 -66.19 -35.45 23.77
N THR E 716 -65.74 -35.91 24.93
CA THR E 716 -66.57 -35.88 26.13
C THR E 716 -65.87 -35.30 27.36
N ASN E 717 -64.55 -35.11 27.32
CA ASN E 717 -63.84 -34.51 28.45
C ASN E 717 -62.74 -33.62 27.89
N PHE E 718 -62.21 -32.75 28.74
CA PHE E 718 -61.31 -31.70 28.28
C PHE E 718 -60.39 -31.27 29.41
N THR E 719 -59.31 -30.58 29.03
CA THR E 719 -58.40 -29.95 29.97
C THR E 719 -58.12 -28.53 29.50
N ILE E 720 -57.66 -27.71 30.43
CA ILE E 720 -57.14 -26.38 30.14
C ILE E 720 -55.66 -26.37 30.50
N SER E 721 -54.84 -25.82 29.61
CA SER E 721 -53.40 -25.87 29.76
C SER E 721 -52.80 -24.50 29.57
N VAL E 722 -51.61 -24.31 30.12
CA VAL E 722 -50.85 -23.07 29.98
C VAL E 722 -49.52 -23.38 29.30
N THR E 723 -49.14 -22.52 28.35
CA THR E 723 -47.88 -22.65 27.65
C THR E 723 -47.13 -21.34 27.75
N THR E 724 -45.81 -21.42 27.61
CA THR E 724 -44.94 -20.25 27.67
C THR E 724 -44.47 -19.87 26.27
N GLU E 725 -44.22 -18.58 26.09
CA GLU E 725 -43.71 -18.08 24.81
C GLU E 725 -42.80 -16.89 25.09
N ILE E 726 -41.52 -17.05 24.82
CA ILE E 726 -40.51 -16.03 25.14
C ILE E 726 -40.17 -15.28 23.86
N LEU E 727 -40.30 -13.95 23.89
CA LEU E 727 -40.00 -13.13 22.74
C LEU E 727 -39.04 -12.00 23.13
N PRO E 728 -37.90 -11.90 22.47
CA PRO E 728 -37.01 -10.75 22.73
C PRO E 728 -37.61 -9.47 22.17
N VAL E 729 -37.24 -8.35 22.77
CA VAL E 729 -37.80 -7.07 22.38
C VAL E 729 -36.70 -6.16 21.82
N SER E 730 -35.70 -5.86 22.63
CA SER E 730 -34.65 -4.95 22.23
C SER E 730 -33.37 -5.27 22.98
N MET E 731 -32.26 -5.29 22.26
CA MET E 731 -30.95 -5.48 22.87
C MET E 731 -30.43 -4.16 23.43
N THR E 732 -29.18 -4.17 23.87
CA THR E 732 -28.62 -3.01 24.56
C THR E 732 -28.18 -1.95 23.56
N LYS E 733 -28.50 -0.69 23.88
CA LYS E 733 -28.03 0.42 23.07
C LYS E 733 -26.53 0.63 23.29
N THR E 734 -25.88 1.26 22.31
CA THR E 734 -24.46 1.54 22.41
C THR E 734 -24.14 2.77 21.57
N SER E 735 -23.00 3.39 21.89
CA SER E 735 -22.49 4.52 21.14
C SER E 735 -20.98 4.56 21.29
N VAL E 736 -20.29 4.89 20.19
CA VAL E 736 -18.84 4.89 20.15
C VAL E 736 -18.36 6.28 19.75
N ASP E 737 -17.08 6.53 20.03
CA ASP E 737 -16.38 7.71 19.53
C ASP E 737 -15.38 7.25 18.48
N CYS E 738 -15.49 7.81 17.28
CA CYS E 738 -14.64 7.38 16.18
C CYS E 738 -13.19 7.81 16.39
N THR E 739 -12.98 9.07 16.76
CA THR E 739 -11.63 9.64 16.80
C THR E 739 -10.79 8.98 17.88
N MET E 740 -11.34 8.77 19.07
CA MET E 740 -10.57 8.20 20.16
C MET E 740 -10.35 6.71 19.96
N TYR E 741 -11.30 6.01 19.33
CA TYR E 741 -11.11 4.58 19.08
C TYR E 741 -10.08 4.34 17.99
N ILE E 742 -10.15 5.10 16.90
CA ILE E 742 -9.24 4.91 15.78
C ILE E 742 -7.83 5.37 16.17
N CYS E 743 -7.73 6.53 16.81
CA CYS E 743 -6.45 7.13 17.15
C CYS E 743 -6.41 7.48 18.64
N GLY E 744 -5.23 7.36 19.24
CA GLY E 744 -5.07 7.68 20.64
C GLY E 744 -5.00 9.16 20.91
N ASP E 745 -4.19 9.56 21.88
CA ASP E 745 -4.01 10.97 22.21
C ASP E 745 -2.89 11.60 21.40
N SER E 746 -2.98 11.46 20.08
CA SER E 746 -2.01 12.03 19.15
C SER E 746 -2.75 12.81 18.08
N THR E 747 -2.30 14.05 17.85
CA THR E 747 -3.02 14.94 16.95
C THR E 747 -2.80 14.57 15.49
N GLU E 748 -1.61 14.08 15.15
CA GLU E 748 -1.29 13.77 13.76
C GLU E 748 -2.10 12.58 13.25
N CYS E 749 -2.51 11.69 14.15
CA CYS E 749 -3.38 10.59 13.73
C CYS E 749 -4.76 11.10 13.36
N SER E 750 -5.26 12.08 14.12
CA SER E 750 -6.51 12.74 13.74
C SER E 750 -6.36 13.52 12.45
N ASN E 751 -5.18 14.12 12.22
CA ASN E 751 -4.93 14.81 10.96
C ASN E 751 -4.94 13.85 9.77
N LEU E 752 -4.35 12.66 9.95
CA LEU E 752 -4.40 11.65 8.90
C LEU E 752 -5.81 11.08 8.73
N LEU E 753 -6.58 11.02 9.81
CA LEU E 753 -7.98 10.61 9.71
C LEU E 753 -8.80 11.65 8.96
N LEU E 754 -8.42 12.92 9.06
CA LEU E 754 -9.11 13.99 8.35
C LEU E 754 -8.97 13.88 6.84
N GLN E 755 -8.01 13.10 6.34
CA GLN E 755 -7.90 12.86 4.91
C GLN E 755 -9.13 12.14 4.37
N TYR E 756 -9.59 11.11 5.08
CA TYR E 756 -10.87 10.50 4.74
C TYR E 756 -12.03 11.42 5.08
N GLY E 757 -12.03 11.96 6.29
CA GLY E 757 -12.90 13.07 6.65
C GLY E 757 -14.38 12.76 6.80
N SER E 758 -15.00 12.26 5.73
CA SER E 758 -16.44 12.14 5.62
C SER E 758 -16.93 10.73 5.94
N PHE E 759 -16.33 10.07 6.92
CA PHE E 759 -16.71 8.71 7.26
C PHE E 759 -17.35 8.58 8.63
N CYS E 760 -16.80 9.23 9.66
CA CYS E 760 -17.21 9.01 11.05
C CYS E 760 -18.66 9.41 11.29
N THR E 761 -19.14 10.46 10.62
CA THR E 761 -20.51 10.92 10.79
C THR E 761 -21.51 9.86 10.36
N GLN E 762 -21.16 9.03 9.37
CA GLN E 762 -22.06 7.98 8.89
C GLN E 762 -22.29 6.93 9.97
N LEU E 763 -21.22 6.42 10.58
CA LEU E 763 -21.40 5.43 11.65
C LEU E 763 -22.02 6.04 12.88
N LYS E 764 -21.72 7.32 13.19
CA LYS E 764 -22.36 7.97 14.32
C LYS E 764 -23.87 8.10 14.11
N ARG E 765 -24.28 8.53 12.91
CA ARG E 765 -25.70 8.65 12.60
C ARG E 765 -26.40 7.30 12.60
N ALA E 766 -25.74 6.27 12.06
CA ALA E 766 -26.33 4.93 12.08
C ALA E 766 -26.48 4.41 13.50
N LEU E 767 -25.47 4.61 14.35
CA LEU E 767 -25.52 4.13 15.72
C LEU E 767 -26.61 4.84 16.51
N THR E 768 -26.74 6.17 16.36
CA THR E 768 -27.79 6.86 17.09
C THR E 768 -29.17 6.54 16.54
N GLY E 769 -29.27 6.19 15.25
CA GLY E 769 -30.54 5.73 14.71
C GLY E 769 -30.96 4.39 15.31
N ILE E 770 -30.02 3.45 15.42
CA ILE E 770 -30.31 2.18 16.08
C ILE E 770 -30.68 2.40 17.54
N ALA E 771 -29.98 3.32 18.21
CA ALA E 771 -30.26 3.59 19.62
C ALA E 771 -31.68 4.14 19.81
N VAL E 772 -32.06 5.12 18.99
CA VAL E 772 -33.38 5.71 19.15
C VAL E 772 -34.47 4.74 18.74
N GLU E 773 -34.22 3.88 17.74
CA GLU E 773 -35.21 2.88 17.37
C GLU E 773 -35.40 1.83 18.46
N GLN E 774 -34.29 1.39 19.07
CA GLN E 774 -34.36 0.41 20.15
C GLN E 774 -35.07 0.99 21.37
N ASP E 775 -34.84 2.26 21.67
CA ASP E 775 -35.59 2.89 22.74
C ASP E 775 -37.04 3.12 22.36
N LYS E 776 -37.33 3.23 21.07
CA LYS E 776 -38.69 3.47 20.60
C LYS E 776 -39.54 2.21 20.68
N ASN E 777 -38.93 1.04 20.47
CA ASN E 777 -39.69 -0.22 20.37
C ASN E 777 -40.50 -0.52 21.63
N THR E 778 -39.99 -0.10 22.79
CA THR E 778 -40.64 -0.41 24.06
C THR E 778 -42.01 0.24 24.18
N GLN E 779 -42.20 1.40 23.55
CA GLN E 779 -43.49 2.09 23.64
C GLN E 779 -44.59 1.31 22.95
N GLU E 780 -44.35 0.83 21.72
CA GLU E 780 -45.39 0.09 21.04
C GLU E 780 -45.42 -1.38 21.41
N VAL E 781 -44.44 -1.89 22.16
CA VAL E 781 -44.61 -3.26 22.64
C VAL E 781 -45.23 -3.29 24.03
N PHE E 782 -45.12 -2.21 24.81
CA PHE E 782 -45.65 -2.19 26.17
C PHE E 782 -46.72 -1.13 26.37
N ALA E 783 -46.44 0.13 26.03
CA ALA E 783 -47.32 1.24 26.36
C ALA E 783 -48.46 1.29 25.33
N GLN E 784 -49.49 0.51 25.59
CA GLN E 784 -50.71 0.52 24.79
C GLN E 784 -51.88 1.21 25.47
N VAL E 785 -51.86 1.33 26.79
CA VAL E 785 -52.92 1.99 27.54
C VAL E 785 -52.31 3.12 28.36
N LYS E 786 -52.95 4.29 28.31
CA LYS E 786 -52.47 5.48 29.02
C LYS E 786 -53.43 5.77 30.17
N GLN E 787 -54.00 4.71 30.72
CA GLN E 787 -54.97 4.80 31.81
C GLN E 787 -54.63 3.79 32.88
N ILE E 788 -53.38 3.82 33.36
CA ILE E 788 -52.78 2.83 34.26
C ILE E 788 -53.65 2.53 35.47
N TYR E 789 -53.98 1.25 35.65
CA TYR E 789 -54.96 0.82 36.64
C TYR E 789 -54.28 0.21 37.86
N LYS E 790 -55.10 -0.16 38.84
CA LYS E 790 -54.63 -0.89 40.01
C LYS E 790 -55.64 -1.96 40.36
N THR E 791 -55.16 -3.03 40.97
CA THR E 791 -56.02 -4.12 41.38
C THR E 791 -56.81 -3.74 42.63
N PRO E 792 -58.04 -4.26 42.76
CA PRO E 792 -58.78 -4.08 44.01
C PRO E 792 -58.09 -4.82 45.13
N PRO E 793 -58.22 -4.34 46.38
CA PRO E 793 -57.50 -4.97 47.50
C PRO E 793 -57.97 -6.39 47.82
N ILE E 794 -59.24 -6.69 47.63
CA ILE E 794 -59.76 -8.02 47.92
C ILE E 794 -59.69 -8.87 46.66
N LYS E 795 -59.72 -10.19 46.84
CA LYS E 795 -59.64 -11.15 45.74
C LYS E 795 -60.83 -12.11 45.81
N TYR E 796 -61.94 -11.70 45.24
CA TYR E 796 -63.10 -12.57 45.05
C TYR E 796 -63.12 -13.15 43.63
N PHE E 797 -62.00 -13.72 43.20
CA PHE E 797 -61.85 -14.11 41.80
C PHE E 797 -62.29 -15.53 41.53
N GLY E 798 -63.48 -15.89 42.01
CA GLY E 798 -64.10 -17.17 41.72
C GLY E 798 -63.30 -18.39 42.11
N GLY E 799 -62.36 -18.26 43.04
CA GLY E 799 -61.44 -19.33 43.36
C GLY E 799 -60.18 -19.38 42.53
N PHE E 800 -60.05 -18.52 41.53
CA PHE E 800 -58.83 -18.47 40.73
C PHE E 800 -57.71 -17.84 41.53
N ASN E 801 -56.59 -18.55 41.68
CA ASN E 801 -55.46 -18.08 42.47
C ASN E 801 -54.51 -17.33 41.54
N PHE E 802 -54.61 -16.01 41.55
CA PHE E 802 -53.78 -15.14 40.72
C PHE E 802 -52.56 -14.60 41.45
N SER E 803 -52.20 -15.18 42.60
CA SER E 803 -51.17 -14.58 43.45
C SER E 803 -49.79 -14.66 42.81
N GLN E 804 -49.60 -15.59 41.87
CA GLN E 804 -48.28 -15.77 41.27
C GLN E 804 -47.96 -14.73 40.22
N ILE E 805 -48.94 -14.00 39.69
CA ILE E 805 -48.72 -13.09 38.58
C ILE E 805 -48.86 -11.64 38.99
N LEU E 806 -49.75 -11.33 39.94
CA LEU E 806 -49.87 -9.96 40.41
C LEU E 806 -48.64 -9.60 41.24
N PRO E 807 -48.27 -8.32 41.30
CA PRO E 807 -47.11 -7.91 42.11
C PRO E 807 -47.34 -8.15 43.60
N ASP E 808 -46.26 -8.49 44.29
CA ASP E 808 -46.30 -8.78 45.71
C ASP E 808 -45.81 -7.58 46.50
N PRO E 809 -46.63 -6.96 47.35
CA PRO E 809 -46.16 -5.81 48.13
C PRO E 809 -45.10 -6.15 49.17
N SER E 810 -45.02 -7.42 49.59
CA SER E 810 -44.03 -7.81 50.59
C SER E 810 -42.61 -7.69 50.04
N LYS E 811 -42.40 -8.07 48.80
CA LYS E 811 -41.10 -7.90 48.16
C LYS E 811 -40.83 -6.42 47.95
N PRO E 812 -39.63 -5.92 48.24
CA PRO E 812 -39.33 -4.49 48.03
C PRO E 812 -39.47 -4.04 46.58
N SER E 813 -39.12 -4.90 45.63
CA SER E 813 -39.34 -4.61 44.22
C SER E 813 -40.75 -5.05 43.84
N LYS E 814 -41.53 -4.14 43.26
CA LYS E 814 -42.93 -4.40 42.95
C LYS E 814 -43.02 -5.27 41.70
N ARG E 815 -42.64 -6.54 41.88
CA ARG E 815 -42.60 -7.52 40.81
C ARG E 815 -43.40 -8.76 41.23
N SER E 816 -43.48 -9.73 40.34
CA SER E 816 -44.16 -10.99 40.56
C SER E 816 -43.14 -12.08 40.82
N PRO E 817 -43.53 -13.17 41.53
CA PRO E 817 -42.59 -14.28 41.74
C PRO E 817 -42.08 -14.91 40.45
N ILE E 818 -42.94 -14.94 39.42
CA ILE E 818 -42.50 -15.40 38.11
C ILE E 818 -41.45 -14.44 37.55
N GLU E 819 -41.64 -13.15 37.76
CA GLU E 819 -40.65 -12.16 37.33
C GLU E 819 -39.36 -12.31 38.13
N ASP E 820 -39.48 -12.69 39.41
CA ASP E 820 -38.30 -12.93 40.24
C ASP E 820 -37.50 -14.12 39.71
N LEU E 821 -38.20 -15.20 39.34
CA LEU E 821 -37.54 -16.35 38.74
C LEU E 821 -36.91 -15.99 37.40
N LEU E 822 -37.61 -15.16 36.62
CA LEU E 822 -37.09 -14.70 35.34
C LEU E 822 -35.81 -13.89 35.50
N PHE E 823 -35.77 -13.02 36.50
CA PHE E 823 -34.58 -12.22 36.75
C PHE E 823 -33.44 -13.08 37.30
N ASN E 824 -33.77 -14.07 38.14
CA ASN E 824 -32.73 -14.90 38.74
C ASN E 824 -32.11 -15.85 37.73
N LYS E 825 -32.90 -16.40 36.80
CA LYS E 825 -32.38 -17.36 35.85
C LYS E 825 -31.60 -16.72 34.71
N VAL E 826 -31.60 -15.39 34.61
CA VAL E 826 -30.88 -14.68 33.56
C VAL E 826 -29.75 -13.88 34.21
N THR E 827 -28.53 -14.11 33.74
CA THR E 827 -27.36 -13.41 34.27
C THR E 827 -27.06 -12.17 33.43
N LEU E 849 -16.19 -7.00 33.88
CA LEU E 849 -15.94 -6.98 32.45
C LEU E 849 -16.66 -5.83 31.77
N ILE E 850 -17.73 -5.35 32.42
CA ILE E 850 -18.54 -4.27 31.86
C ILE E 850 -17.77 -2.96 31.88
N CYS E 851 -17.08 -2.68 32.99
CA CYS E 851 -16.32 -1.43 33.10
C CYS E 851 -15.13 -1.41 32.15
N ALA E 852 -14.49 -2.57 31.93
CA ALA E 852 -13.38 -2.65 30.98
C ALA E 852 -13.86 -2.37 29.56
N GLN E 853 -15.04 -2.87 29.20
CA GLN E 853 -15.62 -2.55 27.90
C GLN E 853 -16.00 -1.07 27.81
N LYS E 854 -16.49 -0.51 28.92
CA LYS E 854 -16.89 0.89 28.95
C LYS E 854 -15.70 1.83 28.83
N PHE E 855 -14.55 1.44 29.36
CA PHE E 855 -13.43 2.35 29.51
C PHE E 855 -12.68 2.65 28.20
N ASN E 856 -13.01 1.95 27.11
CA ASN E 856 -12.41 2.24 25.81
C ASN E 856 -13.37 2.95 24.87
N GLY E 857 -14.31 3.71 25.44
CA GLY E 857 -15.24 4.49 24.65
C GLY E 857 -16.39 3.72 24.05
N LEU E 858 -16.53 2.44 24.38
CA LEU E 858 -17.70 1.66 23.96
C LEU E 858 -18.83 1.84 24.98
N THR E 859 -19.33 3.08 25.03
CA THR E 859 -20.30 3.46 26.03
C THR E 859 -21.65 2.81 25.75
N VAL E 860 -22.27 2.30 26.80
CA VAL E 860 -23.60 1.71 26.73
C VAL E 860 -24.59 2.71 27.32
N LEU E 861 -25.66 2.98 26.57
CA LEU E 861 -26.56 3.97 27.15
C LEU E 861 -27.71 3.28 27.86
N PRO E 862 -28.14 3.82 29.01
CA PRO E 862 -29.25 3.21 29.73
C PRO E 862 -30.55 3.40 28.97
N PRO E 863 -31.49 2.47 29.11
CA PRO E 863 -32.80 2.65 28.48
C PRO E 863 -33.56 3.79 29.13
N LEU E 864 -34.42 4.44 28.33
CA LEU E 864 -35.24 5.53 28.86
C LEU E 864 -36.23 5.03 29.90
N LEU E 865 -36.85 3.88 29.66
CA LEU E 865 -37.76 3.28 30.62
C LEU E 865 -37.01 2.31 31.51
N THR E 866 -37.17 2.47 32.81
CA THR E 866 -36.55 1.59 33.79
C THR E 866 -37.41 0.33 33.96
N ASP E 867 -36.97 -0.54 34.88
CA ASP E 867 -37.71 -1.78 35.11
C ASP E 867 -38.98 -1.55 35.92
N GLU E 868 -38.98 -0.53 36.79
CA GLU E 868 -40.15 -0.28 37.63
C GLU E 868 -41.34 0.22 36.81
N MET E 869 -41.09 1.09 35.83
CA MET E 869 -42.19 1.63 35.04
C MET E 869 -42.77 0.58 34.10
N ILE E 870 -41.93 -0.27 33.51
CA ILE E 870 -42.48 -1.33 32.67
C ILE E 870 -43.16 -2.39 33.53
N ALA E 871 -42.70 -2.58 34.78
CA ALA E 871 -43.43 -3.43 35.71
C ALA E 871 -44.80 -2.85 36.02
N GLN E 872 -44.88 -1.53 36.19
CA GLN E 872 -46.16 -0.87 36.39
C GLN E 872 -47.06 -1.03 35.17
N TYR E 873 -46.48 -0.93 33.97
CA TYR E 873 -47.25 -1.12 32.74
C TYR E 873 -47.83 -2.53 32.66
N THR E 874 -47.01 -3.53 32.98
CA THR E 874 -47.48 -4.91 32.97
C THR E 874 -48.56 -5.13 34.03
N SER E 875 -48.38 -4.53 35.20
CA SER E 875 -49.39 -4.63 36.25
C SER E 875 -50.71 -4.00 35.83
N ALA E 876 -50.64 -2.85 35.15
CA ALA E 876 -51.83 -2.19 34.64
C ALA E 876 -52.53 -3.04 33.60
N LEU E 877 -51.74 -3.67 32.71
CA LEU E 877 -52.32 -4.56 31.70
C LEU E 877 -53.00 -5.77 32.35
N LEU E 878 -52.37 -6.34 33.38
CA LEU E 878 -52.95 -7.47 34.08
C LEU E 878 -54.25 -7.08 34.79
N ALA E 879 -54.25 -5.91 35.42
CA ALA E 879 -55.45 -5.44 36.11
C ALA E 879 -56.59 -5.18 35.13
N GLY E 880 -56.26 -4.57 33.98
CA GLY E 880 -57.28 -4.32 32.97
C GLY E 880 -57.85 -5.59 32.37
N THR E 881 -56.99 -6.58 32.12
CA THR E 881 -57.47 -7.82 31.53
C THR E 881 -58.12 -8.73 32.57
N ILE E 882 -57.92 -8.44 33.85
CA ILE E 882 -58.58 -9.24 34.88
C ILE E 882 -59.93 -8.67 35.27
N THR E 883 -60.03 -7.37 35.53
CA THR E 883 -61.24 -6.80 36.11
C THR E 883 -62.14 -6.07 35.12
N SER E 884 -61.69 -5.83 33.89
CA SER E 884 -62.50 -5.11 32.92
C SER E 884 -62.74 -5.89 31.64
N GLY E 885 -62.28 -7.14 31.55
CA GLY E 885 -62.44 -7.90 30.33
C GLY E 885 -61.54 -7.37 29.24
N TRP E 886 -62.04 -7.40 28.00
CA TRP E 886 -61.33 -6.88 26.85
C TRP E 886 -61.87 -5.55 26.38
N THR E 887 -62.76 -4.93 27.14
CA THR E 887 -63.38 -3.69 26.71
C THR E 887 -62.43 -2.50 26.80
N PHE E 888 -61.41 -2.58 27.65
CA PHE E 888 -60.50 -1.45 27.84
C PHE E 888 -59.54 -1.27 26.67
N GLY E 889 -59.47 -2.22 25.74
CA GLY E 889 -58.65 -2.06 24.56
C GLY E 889 -59.26 -1.20 23.48
N ALA E 890 -60.52 -0.83 23.62
CA ALA E 890 -61.23 -0.02 22.63
C ALA E 890 -61.54 1.39 23.13
N GLY E 891 -62.22 1.51 24.26
CA GLY E 891 -62.57 2.79 24.81
C GLY E 891 -62.49 2.83 26.31
N PRO E 892 -63.53 3.35 26.96
CA PRO E 892 -63.56 3.36 28.43
C PRO E 892 -63.70 1.95 28.99
N ALA E 893 -62.94 1.67 30.04
CA ALA E 893 -62.99 0.35 30.67
C ALA E 893 -64.31 0.15 31.39
N LEU E 894 -64.89 -1.03 31.22
CA LEU E 894 -66.15 -1.39 31.86
C LEU E 894 -65.91 -2.61 32.75
N GLN E 895 -66.26 -2.49 34.02
CA GLN E 895 -66.02 -3.58 34.96
C GLN E 895 -67.02 -4.71 34.74
N ILE E 896 -66.57 -5.93 35.01
CA ILE E 896 -67.36 -7.14 34.80
C ILE E 896 -66.75 -8.23 35.67
N PRO E 897 -67.56 -9.04 36.36
CA PRO E 897 -67.01 -10.15 37.15
C PRO E 897 -66.29 -11.16 36.26
N PHE E 898 -65.26 -11.78 36.84
CA PHE E 898 -64.42 -12.73 36.11
C PHE E 898 -65.13 -14.00 35.63
N PRO E 899 -66.03 -14.66 36.39
CA PRO E 899 -66.70 -15.85 35.84
C PRO E 899 -67.52 -15.62 34.58
N MET E 900 -68.20 -14.47 34.45
CA MET E 900 -68.95 -14.25 33.22
C MET E 900 -68.02 -13.86 32.07
N GLN E 901 -66.86 -13.28 32.37
CA GLN E 901 -65.83 -13.11 31.35
C GLN E 901 -65.34 -14.45 30.85
N MET E 902 -65.12 -15.39 31.77
CA MET E 902 -64.72 -16.75 31.39
C MET E 902 -65.81 -17.44 30.58
N ALA E 903 -67.07 -17.19 30.93
CA ALA E 903 -68.21 -17.72 30.19
C ALA E 903 -68.24 -17.16 28.77
N TYR E 904 -67.93 -15.87 28.63
CA TYR E 904 -67.89 -15.25 27.31
C TYR E 904 -66.74 -15.81 26.47
N ARG E 905 -65.60 -16.06 27.10
CA ARG E 905 -64.49 -16.67 26.38
C ARG E 905 -64.81 -18.11 25.98
N PHE E 906 -65.58 -18.82 26.80
CA PHE E 906 -66.08 -20.13 26.42
C PHE E 906 -67.05 -20.04 25.26
N ASN E 907 -67.90 -19.02 25.25
CA ASN E 907 -68.82 -18.81 24.14
C ASN E 907 -68.09 -18.45 22.86
N GLY E 908 -66.91 -17.84 22.97
CA GLY E 908 -66.15 -17.45 21.81
C GLY E 908 -65.49 -18.57 21.03
N ILE E 909 -65.56 -19.82 21.51
CA ILE E 909 -64.96 -20.94 20.80
C ILE E 909 -66.05 -21.96 20.46
N GLY E 910 -67.29 -21.49 20.36
CA GLY E 910 -68.41 -22.37 20.05
C GLY E 910 -68.74 -23.38 21.12
N VAL E 911 -68.69 -22.98 22.39
CA VAL E 911 -69.06 -23.82 23.52
C VAL E 911 -70.08 -23.05 24.34
N THR E 912 -71.20 -23.70 24.65
CA THR E 912 -72.27 -23.05 25.39
C THR E 912 -71.83 -22.72 26.82
N GLN E 913 -72.34 -21.61 27.33
CA GLN E 913 -71.86 -21.03 28.58
C GLN E 913 -72.28 -21.81 29.82
N ASN E 914 -73.24 -22.74 29.71
CA ASN E 914 -73.68 -23.48 30.87
C ASN E 914 -72.63 -24.46 31.38
N VAL E 915 -71.69 -24.87 30.52
CA VAL E 915 -70.67 -25.83 30.91
C VAL E 915 -69.77 -25.24 31.99
N LEU E 916 -69.35 -23.99 31.80
CA LEU E 916 -68.47 -23.32 32.73
C LEU E 916 -69.14 -23.11 34.09
N TYR E 917 -70.36 -22.57 34.08
CA TYR E 917 -71.11 -22.40 35.31
C TYR E 917 -71.42 -23.73 36.00
N GLU E 918 -71.48 -24.82 35.23
CA GLU E 918 -71.66 -26.12 35.85
C GLU E 918 -70.38 -26.64 36.49
N ASN E 919 -69.22 -26.40 35.86
CA ASN E 919 -67.98 -27.05 36.26
C ASN E 919 -66.87 -26.05 36.64
N GLN E 920 -67.25 -24.89 37.15
CA GLN E 920 -66.28 -23.83 37.44
C GLN E 920 -65.33 -24.22 38.57
N LYS E 921 -65.77 -25.10 39.47
CA LYS E 921 -64.88 -25.58 40.52
C LYS E 921 -63.73 -26.40 39.93
N LEU E 922 -64.05 -27.31 39.03
CA LEU E 922 -63.03 -28.09 38.34
C LEU E 922 -62.17 -27.20 37.46
N ILE E 923 -62.78 -26.18 36.82
CA ILE E 923 -62.01 -25.25 36.01
C ILE E 923 -61.00 -24.49 36.86
N ALA E 924 -61.42 -24.01 38.02
CA ALA E 924 -60.53 -23.27 38.91
C ALA E 924 -59.42 -24.17 39.44
N ASN E 925 -59.74 -25.42 39.77
CA ASN E 925 -58.71 -26.34 40.25
C ASN E 925 -57.69 -26.65 39.16
N GLN E 926 -58.15 -26.88 37.93
CA GLN E 926 -57.25 -27.13 36.81
C GLN E 926 -56.37 -25.93 36.52
N PHE E 927 -56.96 -24.73 36.58
CA PHE E 927 -56.19 -23.51 36.31
C PHE E 927 -55.14 -23.29 37.39
N ASN E 928 -55.50 -23.54 38.66
CA ASN E 928 -54.53 -23.37 39.74
C ASN E 928 -53.40 -24.39 39.64
N SER E 929 -53.72 -25.63 39.29
CA SER E 929 -52.67 -26.63 39.10
C SER E 929 -51.76 -26.29 37.93
N ALA E 930 -52.34 -25.82 36.82
CA ALA E 930 -51.53 -25.44 35.67
C ALA E 930 -50.64 -24.24 35.97
N ILE E 931 -51.15 -23.28 36.74
CA ILE E 931 -50.34 -22.13 37.14
C ILE E 931 -49.21 -22.58 38.07
N GLY E 932 -49.50 -23.47 39.01
CA GLY E 932 -48.46 -23.96 39.91
C GLY E 932 -47.39 -24.77 39.23
N LYS E 933 -47.75 -25.49 38.15
CA LYS E 933 -46.76 -26.28 37.43
C LYS E 933 -45.75 -25.43 36.68
N ILE E 934 -46.07 -24.18 36.37
CA ILE E 934 -45.23 -23.41 35.46
C ILE E 934 -43.94 -22.96 36.15
N GLN E 935 -43.93 -22.83 37.47
CA GLN E 935 -42.73 -22.39 38.17
C GLN E 935 -41.65 -23.46 38.10
N ASP E 936 -42.01 -24.71 38.43
CA ASP E 936 -41.04 -25.79 38.32
C ASP E 936 -40.78 -26.16 36.86
N SER E 937 -41.74 -25.89 35.96
CA SER E 937 -41.47 -26.08 34.54
C SER E 937 -40.38 -25.13 34.05
N LEU E 938 -40.42 -23.87 34.50
CA LEU E 938 -39.38 -22.92 34.13
C LEU E 938 -38.07 -23.24 34.84
N SER E 939 -38.12 -23.60 36.12
CA SER E 939 -36.91 -23.83 36.90
C SER E 939 -36.28 -25.19 36.64
N SER E 940 -36.95 -26.08 35.90
CA SER E 940 -36.39 -27.41 35.64
C SER E 940 -35.18 -27.31 34.71
N THR E 941 -35.30 -26.56 33.63
CA THR E 941 -34.23 -26.45 32.65
C THR E 941 -34.04 -24.99 32.26
N PRO E 942 -32.80 -24.57 32.02
CA PRO E 942 -32.54 -23.21 31.50
C PRO E 942 -32.55 -23.10 29.99
N SER E 943 -33.08 -24.11 29.28
CA SER E 943 -32.97 -24.13 27.82
C SER E 943 -33.80 -23.04 27.16
N ALA E 944 -35.06 -22.88 27.59
CA ALA E 944 -35.97 -21.92 26.96
C ALA E 944 -35.48 -20.49 27.14
N LEU E 945 -34.89 -20.19 28.31
CA LEU E 945 -34.33 -18.88 28.56
C LEU E 945 -33.13 -18.58 27.67
N GLY E 946 -32.57 -19.59 27.01
CA GLY E 946 -31.56 -19.40 25.99
C GLY E 946 -32.06 -18.53 24.86
N LYS E 947 -33.37 -18.54 24.61
CA LYS E 947 -33.98 -17.65 23.62
C LYS E 947 -33.75 -16.17 23.94
N LEU E 948 -33.47 -15.83 25.20
CA LEU E 948 -33.01 -14.49 25.52
C LEU E 948 -31.49 -14.42 25.67
N GLN E 949 -30.85 -15.54 26.03
CA GLN E 949 -29.42 -15.53 26.31
C GLN E 949 -28.62 -15.19 25.06
N ASP E 950 -29.02 -15.72 23.91
CA ASP E 950 -28.38 -15.40 22.64
C ASP E 950 -28.52 -13.92 22.28
N VAL E 951 -29.52 -13.23 22.85
CA VAL E 951 -29.59 -11.79 22.69
C VAL E 951 -28.41 -11.11 23.36
N VAL E 952 -28.04 -11.56 24.56
CA VAL E 952 -27.06 -10.85 25.36
C VAL E 952 -25.64 -11.15 24.90
N ASN E 953 -25.25 -12.43 24.96
CA ASN E 953 -23.84 -12.79 24.82
C ASN E 953 -23.33 -12.52 23.40
N HIS E 954 -24.18 -12.74 22.39
CA HIS E 954 -23.82 -12.39 21.02
C HIS E 954 -23.54 -10.90 20.89
N ASN E 955 -24.33 -10.08 21.59
CA ASN E 955 -23.98 -8.67 21.71
C ASN E 955 -22.71 -8.50 22.52
N ALA E 956 -22.60 -9.23 23.64
CA ALA E 956 -21.49 -9.05 24.57
C ALA E 956 -20.17 -9.49 23.94
N GLN E 957 -20.19 -10.51 23.11
CA GLN E 957 -19.00 -10.90 22.39
C GLN E 957 -18.72 -10.01 21.18
N ALA E 958 -19.72 -9.27 20.71
CA ALA E 958 -19.60 -8.54 19.45
C ALA E 958 -18.53 -7.46 19.53
N LEU E 959 -18.52 -6.67 20.60
CA LEU E 959 -17.43 -5.75 20.82
C LEU E 959 -16.20 -6.43 21.39
N ASN E 960 -16.35 -7.63 21.96
CA ASN E 960 -15.22 -8.32 22.58
C ASN E 960 -14.18 -8.72 21.54
N THR E 961 -14.64 -9.12 20.36
CA THR E 961 -13.71 -9.26 19.24
C THR E 961 -13.14 -7.92 18.82
N LEU E 962 -14.00 -6.88 18.78
CA LEU E 962 -13.57 -5.57 18.33
C LEU E 962 -12.52 -4.97 19.27
N VAL E 963 -12.75 -5.09 20.58
CA VAL E 963 -11.77 -4.64 21.55
C VAL E 963 -10.53 -5.53 21.52
N LYS E 964 -10.63 -6.75 20.98
CA LYS E 964 -9.46 -7.57 20.76
C LYS E 964 -8.78 -7.24 19.44
N GLN E 965 -9.45 -6.50 18.55
CA GLN E 965 -8.87 -6.21 17.25
C GLN E 965 -7.91 -5.03 17.28
N LEU E 966 -7.80 -4.32 18.40
CA LEU E 966 -6.82 -3.24 18.50
C LEU E 966 -5.40 -3.78 18.46
N SER E 967 -5.13 -4.86 19.19
CA SER E 967 -3.80 -5.47 19.24
C SER E 967 -3.66 -6.38 18.03
N SER E 968 -3.36 -5.77 16.88
CA SER E 968 -3.22 -6.49 15.63
C SER E 968 -2.16 -5.82 14.78
N LYS E 969 -1.19 -6.59 14.30
CA LYS E 969 -0.16 -6.08 13.41
C LYS E 969 -0.70 -6.08 11.99
N PHE E 970 -1.48 -5.04 11.68
CA PHE E 970 -2.12 -4.91 10.38
C PHE E 970 -1.09 -4.43 9.34
N GLY E 971 -0.18 -5.34 9.00
CA GLY E 971 0.85 -5.06 8.03
C GLY E 971 1.91 -4.07 8.47
N ALA E 972 2.02 -3.79 9.76
CA ALA E 972 2.97 -2.82 10.29
C ALA E 972 3.84 -3.47 11.37
N ILE E 973 4.70 -2.65 11.96
CA ILE E 973 5.64 -3.15 12.95
C ILE E 973 4.94 -3.52 14.25
N SER E 974 3.98 -2.70 14.70
CA SER E 974 3.32 -2.95 15.98
C SER E 974 1.96 -2.28 15.98
N SER E 975 1.06 -2.81 16.82
CA SER E 975 -0.26 -2.24 16.99
C SER E 975 -0.22 -0.98 17.85
N VAL E 976 0.67 -0.94 18.85
CA VAL E 976 0.77 0.21 19.73
C VAL E 976 1.32 1.39 18.94
N LEU E 977 0.74 2.58 19.17
CA LEU E 977 0.88 3.69 18.23
C LEU E 977 2.08 4.59 18.50
N ASN E 978 2.33 4.96 19.76
CA ASN E 978 3.28 6.03 20.06
C ASN E 978 4.72 5.64 19.75
N ASP E 979 5.07 4.35 19.94
CA ASP E 979 6.42 3.92 19.63
C ASP E 979 6.71 3.93 18.14
N ILE E 980 5.68 3.91 17.29
CA ILE E 980 5.89 4.07 15.86
C ILE E 980 6.44 5.47 15.56
N LEU E 981 5.89 6.50 16.20
CA LEU E 981 6.47 7.83 16.05
C LEU E 981 7.77 7.96 16.81
N SER E 982 7.98 7.13 17.85
CA SER E 982 9.24 7.20 18.59
C SER E 982 10.41 6.70 17.74
N ARG E 983 10.33 5.46 17.26
CA ARG E 983 11.43 4.88 16.51
C ARG E 983 11.54 5.49 15.11
N LEU E 984 10.43 5.60 14.40
CA LEU E 984 10.49 6.09 13.03
C LEU E 984 10.49 7.62 13.00
N ASP E 985 10.95 8.15 11.90
CA ASP E 985 11.10 9.51 11.42
C ASP E 985 9.86 9.89 10.62
N PRO E 986 9.31 11.09 10.85
CA PRO E 986 7.88 11.38 10.53
C PRO E 986 7.49 11.17 9.07
N PRO E 987 8.37 11.41 8.05
CA PRO E 987 7.93 11.06 6.68
C PRO E 987 7.96 9.56 6.35
N GLU E 988 8.16 8.69 7.32
CA GLU E 988 7.87 7.27 7.06
C GLU E 988 6.96 6.67 8.10
N ALA E 989 6.55 7.43 9.11
CA ALA E 989 5.64 6.90 10.13
C ALA E 989 4.23 6.73 9.58
N GLU E 990 3.85 7.57 8.61
CA GLU E 990 2.47 7.58 8.15
C GLU E 990 2.14 6.33 7.33
N VAL E 991 3.15 5.71 6.71
CA VAL E 991 2.91 4.49 5.95
C VAL E 991 2.72 3.29 6.84
N GLN E 992 3.02 3.41 8.13
CA GLN E 992 2.63 2.42 9.12
C GLN E 992 1.38 2.83 9.88
N ILE E 993 1.05 4.13 9.90
CA ILE E 993 -0.18 4.58 10.54
C ILE E 993 -1.40 4.22 9.70
N ASP E 994 -1.32 4.50 8.38
CA ASP E 994 -2.50 4.42 7.53
C ASP E 994 -3.03 2.98 7.39
N ARG E 995 -2.15 1.99 7.46
CA ARG E 995 -2.61 0.60 7.42
C ARG E 995 -3.43 0.26 8.66
N LEU E 996 -3.00 0.73 9.83
CA LEU E 996 -3.79 0.57 11.05
C LEU E 996 -5.11 1.33 10.93
N ILE E 997 -5.08 2.52 10.32
CA ILE E 997 -6.29 3.32 10.13
C ILE E 997 -7.29 2.55 9.29
N THR E 998 -6.83 2.01 8.16
CA THR E 998 -7.72 1.27 7.26
C THR E 998 -8.24 -0.01 7.90
N GLY E 999 -7.38 -0.75 8.60
CA GLY E 999 -7.82 -1.98 9.24
C GLY E 999 -8.85 -1.75 10.33
N ARG E 1000 -8.62 -0.75 11.18
CA ARG E 1000 -9.59 -0.42 12.22
C ARG E 1000 -10.87 0.13 11.62
N LEU E 1001 -10.77 0.85 10.49
CA LEU E 1001 -11.96 1.33 9.80
C LEU E 1001 -12.80 0.17 9.26
N GLN E 1002 -12.14 -0.84 8.67
CA GLN E 1002 -12.87 -2.02 8.19
C GLN E 1002 -13.50 -2.79 9.34
N SER E 1003 -12.80 -2.88 10.48
CA SER E 1003 -13.37 -3.55 11.64
C SER E 1003 -14.62 -2.81 12.14
N LEU E 1004 -14.55 -1.48 12.20
CA LEU E 1004 -15.71 -0.69 12.59
C LEU E 1004 -16.86 -0.85 11.61
N GLN E 1005 -16.55 -0.87 10.31
CA GLN E 1005 -17.59 -1.03 9.30
C GLN E 1005 -18.27 -2.39 9.41
N THR E 1006 -17.49 -3.45 9.63
CA THR E 1006 -18.05 -4.78 9.80
C THR E 1006 -18.93 -4.86 11.04
N TYR E 1007 -18.47 -4.27 12.14
CA TYR E 1007 -19.26 -4.27 13.38
C TYR E 1007 -20.58 -3.52 13.19
N VAL E 1008 -20.52 -2.37 12.50
CA VAL E 1008 -21.73 -1.57 12.29
C VAL E 1008 -22.72 -2.31 11.39
N THR E 1009 -22.22 -2.97 10.34
CA THR E 1009 -23.09 -3.72 9.45
C THR E 1009 -23.75 -4.90 10.17
N GLN E 1010 -22.98 -5.63 10.99
CA GLN E 1010 -23.55 -6.74 11.74
C GLN E 1010 -24.59 -6.25 12.75
N GLN E 1011 -24.31 -5.12 13.40
CA GLN E 1011 -25.27 -4.52 14.31
C GLN E 1011 -26.54 -4.10 13.59
N LEU E 1012 -26.40 -3.59 12.35
CA LEU E 1012 -27.56 -3.23 11.55
C LEU E 1012 -28.43 -4.46 11.23
N ILE E 1013 -27.78 -5.57 10.87
CA ILE E 1013 -28.52 -6.80 10.57
C ILE E 1013 -29.28 -7.29 11.81
N ARG E 1014 -28.59 -7.32 12.95
CA ARG E 1014 -29.23 -7.77 14.18
C ARG E 1014 -30.33 -6.83 14.62
N ALA E 1015 -30.16 -5.52 14.42
CA ALA E 1015 -31.20 -4.56 14.74
C ALA E 1015 -32.43 -4.76 13.87
N ALA E 1016 -32.23 -5.03 12.58
CA ALA E 1016 -33.36 -5.27 11.69
C ALA E 1016 -34.14 -6.52 12.10
N GLU E 1017 -33.43 -7.60 12.41
CA GLU E 1017 -34.15 -8.82 12.76
C GLU E 1017 -34.82 -8.70 14.13
N ILE E 1018 -34.20 -8.01 15.08
CA ILE E 1018 -34.83 -7.84 16.39
C ILE E 1018 -35.98 -6.85 16.29
N ARG E 1019 -35.95 -5.95 15.31
CA ARG E 1019 -37.09 -5.07 15.08
C ARG E 1019 -38.28 -5.85 14.52
N ALA E 1020 -38.00 -6.80 13.61
CA ALA E 1020 -39.08 -7.67 13.14
C ALA E 1020 -39.65 -8.50 14.27
N SER E 1021 -38.78 -9.03 15.14
CA SER E 1021 -39.25 -9.79 16.29
C SER E 1021 -40.08 -8.93 17.24
N ALA E 1022 -39.66 -7.68 17.46
CA ALA E 1022 -40.41 -6.78 18.34
C ALA E 1022 -41.75 -6.41 17.73
N ASN E 1023 -41.81 -6.27 16.41
CA ASN E 1023 -43.09 -5.99 15.75
C ASN E 1023 -44.04 -7.17 15.90
N LEU E 1024 -43.52 -8.39 15.76
CA LEU E 1024 -44.36 -9.57 15.99
C LEU E 1024 -44.82 -9.65 17.45
N ALA E 1025 -43.94 -9.28 18.38
CA ALA E 1025 -44.31 -9.26 19.79
C ALA E 1025 -45.38 -8.22 20.07
N ALA E 1026 -45.31 -7.06 19.42
CA ALA E 1026 -46.34 -6.04 19.58
C ALA E 1026 -47.66 -6.50 19.00
N THR E 1027 -47.62 -7.23 17.88
CA THR E 1027 -48.84 -7.78 17.31
C THR E 1027 -49.48 -8.80 18.26
N LYS E 1028 -48.65 -9.66 18.88
CA LYS E 1028 -49.20 -10.61 19.85
C LYS E 1028 -49.67 -9.91 21.12
N MET E 1029 -49.05 -8.79 21.48
CA MET E 1029 -49.56 -7.95 22.55
C MET E 1029 -50.95 -7.43 22.23
N SER E 1030 -51.17 -6.99 21.00
CA SER E 1030 -52.44 -6.38 20.63
C SER E 1030 -53.54 -7.43 20.49
N GLU E 1031 -53.25 -8.57 19.86
CA GLU E 1031 -54.31 -9.51 19.51
C GLU E 1031 -54.58 -10.53 20.62
N CYS E 1032 -53.54 -11.16 21.15
CA CYS E 1032 -53.75 -12.26 22.10
C CYS E 1032 -54.22 -11.75 23.47
N VAL E 1033 -53.77 -10.59 23.90
CA VAL E 1033 -54.04 -10.12 25.24
C VAL E 1033 -55.31 -9.27 25.30
N LEU E 1034 -55.46 -8.32 24.39
CA LEU E 1034 -56.59 -7.40 24.42
C LEU E 1034 -57.83 -7.98 23.77
N GLY E 1035 -57.79 -9.22 23.29
CA GLY E 1035 -58.95 -9.86 22.72
C GLY E 1035 -58.70 -11.35 22.59
N GLN E 1036 -59.71 -12.05 22.12
CA GLN E 1036 -59.63 -13.50 21.89
C GLN E 1036 -59.47 -13.71 20.38
N SER E 1037 -58.27 -14.11 19.96
CA SER E 1037 -57.97 -14.28 18.55
C SER E 1037 -58.43 -15.66 18.07
N LYS E 1038 -58.94 -15.69 16.84
CA LYS E 1038 -59.41 -16.93 16.23
C LYS E 1038 -58.39 -17.52 15.26
N ARG E 1039 -57.21 -16.92 15.15
CA ARG E 1039 -56.19 -17.48 14.28
C ARG E 1039 -55.65 -18.78 14.88
N VAL E 1040 -55.56 -19.81 14.04
CA VAL E 1040 -55.17 -21.13 14.53
C VAL E 1040 -53.68 -21.14 14.82
N ASP E 1041 -53.32 -21.64 16.01
CA ASP E 1041 -51.93 -21.79 16.47
C ASP E 1041 -51.18 -20.46 16.47
N PHE E 1042 -51.85 -19.39 16.84
CA PHE E 1042 -51.19 -18.09 16.97
C PHE E 1042 -50.99 -17.70 18.42
N CYS E 1043 -52.05 -17.76 19.22
CA CYS E 1043 -52.00 -17.39 20.64
C CYS E 1043 -51.91 -18.62 21.54
N GLY E 1044 -51.21 -19.67 21.08
CA GLY E 1044 -51.03 -20.87 21.85
C GLY E 1044 -51.25 -22.09 21.00
N LYS E 1045 -51.44 -23.23 21.68
CA LYS E 1045 -51.69 -24.51 21.01
C LYS E 1045 -53.12 -24.94 21.28
N GLY E 1046 -53.86 -25.22 20.22
CA GLY E 1046 -55.26 -25.56 20.35
C GLY E 1046 -56.14 -24.32 20.41
N TYR E 1047 -57.36 -24.52 20.88
CA TYR E 1047 -58.30 -23.43 21.03
C TYR E 1047 -57.84 -22.51 22.16
N HIS E 1048 -57.58 -21.25 21.81
CA HIS E 1048 -56.99 -20.29 22.74
C HIS E 1048 -58.07 -19.56 23.52
N LEU E 1049 -57.88 -19.48 24.84
CA LEU E 1049 -58.78 -18.72 25.69
C LEU E 1049 -58.22 -17.36 26.04
N MET E 1050 -57.08 -17.28 26.73
CA MET E 1050 -56.51 -16.00 27.13
C MET E 1050 -54.99 -16.06 27.11
N SER E 1051 -54.38 -14.95 27.51
CA SER E 1051 -52.93 -14.86 27.63
C SER E 1051 -52.59 -13.84 28.71
N PHE E 1052 -51.40 -13.99 29.27
CA PHE E 1052 -50.91 -13.09 30.31
C PHE E 1052 -49.49 -12.63 29.95
N PRO E 1053 -49.20 -11.34 30.05
CA PRO E 1053 -47.84 -10.87 29.81
C PRO E 1053 -47.02 -10.79 31.09
N GLN E 1054 -45.73 -11.05 30.95
CA GLN E 1054 -44.78 -10.85 32.04
C GLN E 1054 -43.50 -10.28 31.46
N SER E 1055 -42.90 -9.35 32.18
CA SER E 1055 -41.66 -8.73 31.71
C SER E 1055 -40.48 -9.68 31.88
N ALA E 1056 -39.38 -9.36 31.21
CA ALA E 1056 -38.15 -10.12 31.30
C ALA E 1056 -37.00 -9.21 30.89
N PRO E 1057 -35.77 -9.47 31.36
CA PRO E 1057 -34.63 -8.65 30.94
C PRO E 1057 -34.44 -8.67 29.43
N HIS E 1058 -34.69 -7.50 28.82
CA HIS E 1058 -34.68 -7.31 27.37
C HIS E 1058 -35.65 -8.25 26.66
N GLY E 1059 -36.83 -8.45 27.24
CA GLY E 1059 -37.79 -9.30 26.55
C GLY E 1059 -39.11 -9.39 27.29
N VAL E 1060 -40.02 -10.16 26.69
CA VAL E 1060 -41.34 -10.40 27.25
C VAL E 1060 -41.61 -11.89 27.18
N VAL E 1061 -42.51 -12.36 28.04
CA VAL E 1061 -42.94 -13.75 28.03
C VAL E 1061 -44.44 -13.81 28.20
N PHE E 1062 -45.10 -14.57 27.33
CA PHE E 1062 -46.53 -14.77 27.35
C PHE E 1062 -46.86 -16.12 27.96
N LEU E 1063 -47.91 -16.13 28.78
CA LEU E 1063 -48.50 -17.35 29.30
C LEU E 1063 -49.85 -17.52 28.63
N HIS E 1064 -49.93 -18.46 27.68
CA HIS E 1064 -51.16 -18.71 26.95
C HIS E 1064 -51.98 -19.77 27.67
N VAL E 1065 -53.23 -19.42 27.98
CA VAL E 1065 -54.18 -20.35 28.58
C VAL E 1065 -55.10 -20.80 27.45
N THR E 1066 -54.98 -22.08 27.09
CA THR E 1066 -55.71 -22.69 25.97
C THR E 1066 -56.52 -23.89 26.47
N TYR E 1067 -57.34 -24.43 25.59
CA TYR E 1067 -58.32 -25.47 25.91
C TYR E 1067 -58.17 -26.62 24.92
N VAL E 1068 -58.08 -27.85 25.42
CA VAL E 1068 -57.93 -29.01 24.54
C VAL E 1068 -58.84 -30.15 24.99
N PRO E 1069 -59.56 -30.80 24.07
CA PRO E 1069 -60.37 -31.97 24.45
C PRO E 1069 -59.51 -33.15 24.85
N ALA E 1070 -60.07 -34.01 25.71
CA ALA E 1070 -59.30 -35.11 26.28
C ALA E 1070 -59.82 -36.49 25.87
N GLN E 1071 -61.09 -36.78 26.14
CA GLN E 1071 -61.64 -38.11 25.94
C GLN E 1071 -62.74 -38.05 24.88
N GLU E 1072 -62.76 -39.07 24.00
CA GLU E 1072 -63.67 -39.08 22.88
C GLU E 1072 -64.33 -40.45 22.75
N LYS E 1073 -65.49 -40.46 22.09
CA LYS E 1073 -66.22 -41.70 21.83
C LYS E 1073 -66.78 -41.67 20.41
N ASN E 1074 -66.90 -42.85 19.81
CA ASN E 1074 -67.36 -42.98 18.44
C ASN E 1074 -68.84 -43.28 18.38
N PHE E 1075 -69.50 -42.71 17.37
CA PHE E 1075 -70.94 -42.84 17.20
C PHE E 1075 -71.26 -42.91 15.72
N THR E 1076 -72.50 -43.30 15.43
CA THR E 1076 -73.02 -43.39 14.07
C THR E 1076 -73.79 -42.13 13.73
N THR E 1077 -73.49 -41.56 12.56
CA THR E 1077 -74.01 -40.25 12.16
C THR E 1077 -74.79 -40.38 10.86
N ALA E 1078 -75.47 -39.29 10.50
CA ALA E 1078 -76.25 -39.18 9.28
C ALA E 1078 -76.41 -37.69 8.97
N PRO E 1079 -76.28 -37.28 7.71
CA PRO E 1079 -76.24 -35.83 7.40
C PRO E 1079 -77.58 -35.12 7.57
N ALA E 1080 -78.70 -35.83 7.54
CA ALA E 1080 -80.00 -35.19 7.65
C ALA E 1080 -81.00 -36.21 8.19
N ILE E 1081 -82.17 -35.71 8.60
CA ILE E 1081 -83.21 -36.54 9.18
C ILE E 1081 -84.46 -36.46 8.31
N CYS E 1082 -84.97 -37.60 7.87
CA CYS E 1082 -86.17 -37.64 7.05
C CYS E 1082 -87.39 -37.75 7.95
N HIS E 1083 -88.35 -36.84 7.77
CA HIS E 1083 -89.60 -36.90 8.52
C HIS E 1083 -90.72 -36.30 7.68
N ASP E 1084 -91.78 -37.09 7.49
CA ASP E 1084 -92.97 -36.71 6.71
C ASP E 1084 -92.59 -36.31 5.28
N GLY E 1085 -91.63 -37.02 4.70
CA GLY E 1085 -91.14 -36.69 3.38
C GLY E 1085 -90.39 -35.38 3.32
N LYS E 1086 -89.85 -34.92 4.44
CA LYS E 1086 -89.17 -33.63 4.53
C LYS E 1086 -87.77 -33.85 5.10
N ALA E 1087 -86.78 -33.21 4.47
CA ALA E 1087 -85.43 -33.23 5.01
C ALA E 1087 -85.32 -32.27 6.19
N HIS E 1088 -84.55 -32.67 7.19
CA HIS E 1088 -84.34 -31.87 8.39
C HIS E 1088 -82.84 -31.74 8.62
N PHE E 1089 -82.40 -30.50 8.86
CA PHE E 1089 -81.01 -30.15 9.04
C PHE E 1089 -80.88 -29.45 10.38
N PRO E 1090 -79.84 -29.75 11.16
CA PRO E 1090 -79.67 -29.08 12.46
C PRO E 1090 -79.26 -27.64 12.27
N ARG E 1091 -79.86 -26.75 13.07
CA ARG E 1091 -79.49 -25.35 13.02
C ARG E 1091 -78.04 -25.15 13.49
N GLU E 1092 -77.65 -25.84 14.55
CA GLU E 1092 -76.24 -25.89 14.95
C GLU E 1092 -76.04 -27.16 15.76
N GLY E 1093 -75.37 -28.14 15.17
CA GLY E 1093 -75.09 -29.38 15.85
C GLY E 1093 -74.88 -30.51 14.86
N VAL E 1094 -74.58 -31.68 15.41
CA VAL E 1094 -74.32 -32.89 14.65
C VAL E 1094 -75.25 -33.98 15.16
N PHE E 1095 -75.88 -34.70 14.23
CA PHE E 1095 -76.73 -35.83 14.57
C PHE E 1095 -75.87 -37.03 14.94
N VAL E 1096 -76.18 -37.66 16.07
CA VAL E 1096 -75.46 -38.83 16.56
C VAL E 1096 -76.47 -39.83 17.10
N SER E 1097 -76.01 -41.06 17.29
CA SER E 1097 -76.88 -42.09 17.84
C SER E 1097 -76.04 -43.08 18.63
N ASN E 1098 -76.60 -43.55 19.74
CA ASN E 1098 -75.98 -44.60 20.53
C ASN E 1098 -76.38 -45.99 20.07
N GLY E 1099 -77.25 -46.09 19.05
CA GLY E 1099 -77.68 -47.38 18.54
C GLY E 1099 -79.18 -47.50 18.44
N THR E 1100 -79.90 -46.90 19.39
CA THR E 1100 -81.36 -46.97 19.42
C THR E 1100 -82.00 -45.61 19.18
N HIS E 1101 -81.66 -44.60 19.97
CA HIS E 1101 -82.23 -43.28 19.83
C HIS E 1101 -81.24 -42.36 19.12
N TRP E 1102 -81.79 -41.30 18.53
CA TRP E 1102 -81.01 -40.30 17.81
C TRP E 1102 -81.05 -38.98 18.57
N PHE E 1103 -79.91 -38.30 18.61
CA PHE E 1103 -79.77 -37.03 19.31
C PHE E 1103 -78.96 -36.07 18.44
N VAL E 1104 -78.89 -34.82 18.87
CA VAL E 1104 -78.07 -33.81 18.21
C VAL E 1104 -77.25 -33.08 19.26
N THR E 1105 -75.95 -32.97 19.04
CA THR E 1105 -75.04 -32.30 19.96
C THR E 1105 -74.34 -31.14 19.25
N GLN E 1106 -73.37 -30.55 19.93
CA GLN E 1106 -72.45 -29.60 19.32
C GLN E 1106 -71.12 -30.28 19.04
N ARG E 1107 -70.13 -29.48 18.61
CA ARG E 1107 -68.91 -30.04 18.05
C ARG E 1107 -67.96 -30.56 19.12
N ASN E 1108 -67.63 -29.73 20.11
CA ASN E 1108 -66.51 -30.00 21.01
C ASN E 1108 -66.94 -30.54 22.36
N PHE E 1109 -68.19 -30.99 22.49
CA PHE E 1109 -68.65 -31.59 23.73
C PHE E 1109 -69.83 -32.51 23.42
N TYR E 1110 -70.13 -33.38 24.37
CA TYR E 1110 -71.19 -34.38 24.22
C TYR E 1110 -72.38 -33.98 25.09
N GLU E 1111 -73.37 -33.36 24.46
CA GLU E 1111 -74.64 -33.04 25.10
C GLU E 1111 -75.77 -33.51 24.21
N PRO E 1112 -76.24 -34.74 24.38
CA PRO E 1112 -77.38 -35.22 23.58
C PRO E 1112 -78.67 -34.52 23.97
N GLN E 1113 -79.50 -34.26 22.95
CA GLN E 1113 -80.82 -33.68 23.17
C GLN E 1113 -81.81 -34.30 22.20
N ILE E 1114 -83.09 -34.22 22.55
CA ILE E 1114 -84.15 -34.73 21.71
C ILE E 1114 -84.38 -33.76 20.56
N ILE E 1115 -84.46 -34.29 19.34
CA ILE E 1115 -84.65 -33.45 18.17
C ILE E 1115 -86.06 -32.89 18.17
N THR E 1116 -86.17 -31.56 18.07
CA THR E 1116 -87.44 -30.87 18.17
C THR E 1116 -87.44 -29.80 17.08
N THR E 1117 -88.64 -29.36 16.67
CA THR E 1117 -88.79 -28.47 15.51
C THR E 1117 -88.07 -27.14 15.71
N ASP E 1118 -87.94 -26.69 16.96
CA ASP E 1118 -87.21 -25.45 17.22
C ASP E 1118 -85.69 -25.65 17.22
N ASN E 1119 -85.21 -26.87 16.99
CA ASN E 1119 -83.79 -27.16 16.96
C ASN E 1119 -83.27 -27.47 15.56
N THR E 1120 -84.16 -27.69 14.59
CA THR E 1120 -83.78 -28.02 13.22
C THR E 1120 -84.58 -27.17 12.25
N PHE E 1121 -84.31 -27.33 10.97
CA PHE E 1121 -85.05 -26.61 9.93
C PHE E 1121 -85.18 -27.49 8.70
N VAL E 1122 -86.17 -27.16 7.87
CA VAL E 1122 -86.61 -27.99 6.76
C VAL E 1122 -86.37 -27.23 5.46
N SER E 1123 -85.73 -27.89 4.50
CA SER E 1123 -85.53 -27.31 3.18
C SER E 1123 -85.47 -28.47 2.17
N GLY E 1124 -86.58 -28.72 1.49
CA GLY E 1124 -86.65 -29.74 0.46
C GLY E 1124 -87.49 -30.93 0.86
N ASN E 1125 -87.24 -32.04 0.17
CA ASN E 1125 -87.95 -33.29 0.39
C ASN E 1125 -86.96 -34.41 0.66
N CYS E 1126 -87.45 -35.65 0.69
CA CYS E 1126 -86.70 -36.80 1.19
C CYS E 1126 -86.21 -37.72 0.08
N ASP E 1127 -85.81 -37.18 -1.08
CA ASP E 1127 -85.34 -38.04 -2.17
C ASP E 1127 -84.02 -37.61 -2.79
N VAL E 1128 -83.65 -36.34 -2.74
CA VAL E 1128 -82.45 -35.89 -3.44
C VAL E 1128 -81.18 -36.20 -2.63
N VAL E 1129 -81.25 -36.06 -1.31
CA VAL E 1129 -80.08 -36.17 -0.45
C VAL E 1129 -79.70 -37.65 -0.31
N ILE E 1130 -78.45 -37.90 0.08
CA ILE E 1130 -77.95 -39.25 0.33
C ILE E 1130 -77.68 -39.39 1.83
N GLY E 1131 -77.85 -40.61 2.33
CA GLY E 1131 -77.55 -40.89 3.72
C GLY E 1131 -78.60 -40.48 4.73
N ILE E 1132 -79.79 -40.07 4.27
CA ILE E 1132 -80.85 -39.71 5.20
C ILE E 1132 -81.42 -40.98 5.84
N VAL E 1133 -82.06 -40.80 7.00
CA VAL E 1133 -82.64 -41.90 7.75
C VAL E 1133 -83.97 -41.43 8.34
N ASN E 1134 -84.99 -42.28 8.24
CA ASN E 1134 -86.29 -41.96 8.80
C ASN E 1134 -86.22 -41.88 10.32
N ASN E 1135 -86.91 -40.91 10.89
CA ASN E 1135 -86.93 -40.70 12.34
C ASN E 1135 -88.20 -39.92 12.69
N THR E 1136 -88.27 -39.43 13.93
CA THR E 1136 -89.40 -38.67 14.40
C THR E 1136 -88.92 -37.39 15.08
N VAL E 1137 -89.77 -36.36 15.03
CA VAL E 1137 -89.47 -35.06 15.63
C VAL E 1137 -90.66 -34.64 16.48
N TYR E 1138 -90.40 -34.37 17.76
CA TYR E 1138 -91.46 -33.94 18.65
C TYR E 1138 -91.87 -32.50 18.35
N ASP E 1139 -93.17 -32.24 18.44
CA ASP E 1139 -93.72 -30.90 18.24
C ASP E 1139 -94.25 -30.36 19.55
N PRO E 1140 -93.71 -29.25 20.07
CA PRO E 1140 -94.19 -28.64 21.32
C PRO E 1140 -95.47 -27.83 21.13
N GLU F 1 71.13 -7.05 -48.62
CA GLU F 1 71.69 -7.50 -47.35
C GLU F 1 70.94 -6.92 -46.17
N VAL F 2 71.17 -7.52 -45.00
CA VAL F 2 70.57 -7.08 -43.74
C VAL F 2 71.70 -6.60 -42.84
N GLN F 3 71.60 -5.36 -42.37
CA GLN F 3 72.60 -4.78 -41.49
C GLN F 3 71.97 -4.30 -40.20
N LEU F 4 72.56 -4.69 -39.08
CA LEU F 4 72.04 -4.38 -37.75
C LEU F 4 73.16 -3.74 -36.94
N VAL F 5 72.94 -2.52 -36.47
CA VAL F 5 73.94 -1.76 -35.73
C VAL F 5 73.39 -1.52 -34.32
N GLU F 6 74.04 -2.11 -33.32
CA GLU F 6 73.64 -1.96 -31.93
C GLU F 6 74.46 -0.86 -31.27
N SER F 7 73.80 -0.02 -30.48
CA SER F 7 74.46 1.11 -29.83
C SER F 7 73.76 1.43 -28.52
N GLY F 8 74.46 2.21 -27.69
CA GLY F 8 73.95 2.62 -26.40
C GLY F 8 74.50 1.84 -25.23
N GLY F 9 75.28 0.79 -25.47
CA GLY F 9 75.82 0.00 -24.38
C GLY F 9 76.96 0.70 -23.67
N GLY F 10 77.27 0.18 -22.48
CA GLY F 10 78.34 0.76 -21.69
C GLY F 10 78.28 0.25 -20.27
N LEU F 11 78.97 0.96 -19.38
CA LEU F 11 79.02 0.61 -17.97
C LEU F 11 77.89 1.30 -17.23
N VAL F 12 76.97 0.51 -16.67
CA VAL F 12 75.83 1.03 -15.91
C VAL F 12 75.74 0.27 -14.60
N GLN F 13 75.53 1.00 -13.52
CA GLN F 13 75.47 0.38 -12.20
C GLN F 13 74.20 -0.45 -12.05
N PRO F 14 74.25 -1.54 -11.26
CA PRO F 14 73.03 -2.30 -10.98
C PRO F 14 72.01 -1.47 -10.23
N GLY F 15 70.73 -1.72 -10.52
CA GLY F 15 69.65 -0.92 -9.97
C GLY F 15 69.32 0.32 -10.77
N GLY F 16 70.10 0.64 -11.80
CA GLY F 16 69.83 1.78 -12.64
C GLY F 16 69.02 1.40 -13.86
N SER F 17 68.99 2.32 -14.83
CA SER F 17 68.24 2.14 -16.06
C SER F 17 69.12 2.49 -17.25
N LEU F 18 68.81 1.87 -18.39
CA LEU F 18 69.56 2.13 -19.61
C LEU F 18 68.64 1.92 -20.82
N ARG F 19 69.06 2.48 -21.96
CA ARG F 19 68.32 2.34 -23.21
C ARG F 19 69.31 2.00 -24.32
N LEU F 20 69.05 0.89 -25.01
CA LEU F 20 69.85 0.46 -26.15
C LEU F 20 69.05 0.60 -27.43
N SER F 21 69.74 1.01 -28.50
CA SER F 21 69.14 1.20 -29.81
C SER F 21 69.75 0.21 -30.79
N CYS F 22 68.96 -0.15 -31.80
CA CYS F 22 69.39 -1.10 -32.84
C CYS F 22 68.89 -0.55 -34.17
N ALA F 23 69.79 0.12 -34.90
CA ALA F 23 69.48 0.58 -36.25
C ALA F 23 69.43 -0.60 -37.21
N VAL F 24 68.39 -0.64 -38.03
CA VAL F 24 68.14 -1.76 -38.93
C VAL F 24 68.10 -1.21 -40.36
N SER F 25 68.91 -1.81 -41.24
CA SER F 25 68.90 -1.48 -42.66
C SER F 25 68.62 -2.76 -43.45
N GLY F 26 67.57 -2.72 -44.26
CA GLY F 26 67.19 -3.87 -45.06
C GLY F 26 65.70 -4.19 -45.02
N PHE F 27 65.07 -3.95 -43.87
CA PHE F 27 63.67 -4.29 -43.66
C PHE F 27 63.07 -3.37 -42.60
N THR F 28 61.80 -3.64 -42.28
CA THR F 28 61.05 -2.86 -41.31
C THR F 28 60.94 -3.64 -40.00
N VAL F 29 61.07 -2.92 -38.88
CA VAL F 29 60.96 -3.56 -37.57
C VAL F 29 59.53 -3.93 -37.22
N SER F 30 58.54 -3.34 -37.89
CA SER F 30 57.14 -3.65 -37.64
C SER F 30 56.62 -4.78 -38.53
N ARG F 31 57.48 -5.38 -39.36
CA ARG F 31 57.08 -6.48 -40.22
C ARG F 31 57.94 -7.72 -40.02
N ASN F 32 58.79 -7.75 -38.99
CA ASN F 32 59.70 -8.86 -38.78
C ASN F 32 59.77 -9.22 -37.30
N TYR F 33 59.93 -10.51 -37.04
CA TYR F 33 60.20 -11.02 -35.69
C TYR F 33 61.63 -10.67 -35.31
N MET F 34 61.79 -9.98 -34.18
CA MET F 34 63.07 -9.64 -33.61
C MET F 34 63.28 -10.41 -32.31
N THR F 35 64.40 -11.13 -32.21
CA THR F 35 64.85 -11.70 -30.94
C THR F 35 66.09 -10.94 -30.47
N TRP F 36 66.05 -10.51 -29.22
CA TRP F 36 67.07 -9.67 -28.59
C TRP F 36 67.93 -10.59 -27.73
N ALA F 37 68.89 -11.25 -28.37
CA ALA F 37 69.63 -12.34 -27.78
C ALA F 37 70.77 -11.84 -26.89
N ARG F 38 71.09 -12.64 -25.88
CA ARG F 38 72.13 -12.35 -24.91
C ARG F 38 73.13 -13.50 -24.90
N GLN F 39 74.42 -13.17 -24.97
CA GLN F 39 75.47 -14.18 -24.96
C GLN F 39 76.48 -13.88 -23.86
N ALA F 40 76.73 -14.86 -23.00
CA ALA F 40 77.76 -14.77 -21.99
C ALA F 40 79.13 -15.00 -22.61
N PRO F 41 80.19 -14.40 -22.03
CA PRO F 41 81.55 -14.70 -22.51
C PRO F 41 81.99 -16.14 -22.26
N GLY F 42 81.41 -16.82 -21.27
CA GLY F 42 81.81 -18.18 -20.97
C GLY F 42 80.83 -19.22 -21.45
N LYS F 43 79.55 -18.89 -21.47
CA LYS F 43 78.50 -19.81 -21.91
C LYS F 43 78.00 -19.41 -23.29
N GLY F 44 77.02 -20.16 -23.79
CA GLY F 44 76.44 -19.88 -25.07
C GLY F 44 75.36 -18.82 -25.00
N PRO F 45 74.72 -18.57 -26.13
CA PRO F 45 73.64 -17.58 -26.18
C PRO F 45 72.38 -18.09 -25.49
N GLU F 46 71.39 -17.21 -25.44
CA GLU F 46 70.08 -17.52 -24.85
C GLU F 46 69.08 -16.49 -25.33
N TRP F 47 67.83 -16.94 -25.49
CA TRP F 47 66.74 -16.04 -25.85
C TRP F 47 66.31 -15.22 -24.63
N VAL F 48 66.14 -13.92 -24.84
CA VAL F 48 65.76 -12.99 -23.78
C VAL F 48 64.41 -12.34 -24.05
N SER F 49 64.22 -11.80 -25.25
CA SER F 49 62.97 -11.17 -25.59
C SER F 49 62.72 -11.30 -27.09
N VAL F 50 61.43 -11.23 -27.46
CA VAL F 50 61.02 -11.33 -28.85
C VAL F 50 59.86 -10.37 -29.08
N ILE F 51 59.81 -9.80 -30.28
CA ILE F 51 58.70 -8.95 -30.70
C ILE F 51 58.24 -9.39 -32.10
N TYR F 52 56.91 -9.45 -32.28
CA TYR F 52 56.15 -9.85 -33.45
C TYR F 52 55.75 -8.62 -34.25
N PRO F 53 55.51 -8.77 -35.57
CA PRO F 53 54.97 -7.64 -36.35
C PRO F 53 53.62 -7.15 -35.88
N GLY F 54 52.79 -8.02 -35.31
CA GLY F 54 51.48 -7.62 -34.84
C GLY F 54 51.45 -6.90 -33.51
N GLY F 55 52.61 -6.72 -32.88
CA GLY F 55 52.68 -6.06 -31.59
C GLY F 55 52.78 -6.97 -30.39
N SER F 56 52.96 -8.27 -30.60
CA SER F 56 53.06 -9.22 -29.50
C SER F 56 54.51 -9.29 -29.02
N THR F 57 54.72 -8.96 -27.75
CA THR F 57 56.05 -8.96 -27.14
C THR F 57 56.12 -10.02 -26.05
N PHE F 58 57.24 -10.73 -26.00
CA PHE F 58 57.46 -11.75 -24.99
C PHE F 58 58.85 -11.59 -24.41
N TYR F 59 58.99 -12.00 -23.14
CA TYR F 59 60.25 -11.91 -22.43
C TYR F 59 60.61 -13.27 -21.86
N ALA F 60 61.89 -13.45 -21.54
CA ALA F 60 62.35 -14.66 -20.90
C ALA F 60 61.93 -14.68 -19.43
N ASP F 61 62.23 -15.80 -18.77
CA ASP F 61 61.80 -15.99 -17.39
C ASP F 61 62.57 -15.10 -16.42
N SER F 62 63.84 -14.84 -16.69
CA SER F 62 64.68 -14.06 -15.79
C SER F 62 64.66 -12.56 -16.10
N VAL F 63 64.06 -12.15 -17.20
CA VAL F 63 64.06 -10.75 -17.62
C VAL F 63 62.66 -10.15 -17.68
N LYS F 64 61.62 -10.93 -17.38
CA LYS F 64 60.26 -10.44 -17.47
C LYS F 64 59.98 -9.41 -16.38
N GLY F 65 59.24 -8.36 -16.74
CA GLY F 65 58.89 -7.31 -15.80
C GLY F 65 59.97 -6.27 -15.58
N ARG F 66 61.10 -6.37 -16.28
CA ARG F 66 62.19 -5.41 -16.10
C ARG F 66 62.59 -4.77 -17.42
N PHE F 67 62.25 -5.42 -18.53
CA PHE F 67 62.62 -4.96 -19.86
C PHE F 67 61.40 -4.42 -20.58
N THR F 68 61.64 -3.41 -21.43
CA THR F 68 60.61 -2.85 -22.30
C THR F 68 61.15 -2.81 -23.72
N ILE F 69 60.50 -3.53 -24.63
CA ILE F 69 60.94 -3.64 -26.01
C ILE F 69 60.01 -2.80 -26.88
N SER F 70 60.59 -1.94 -27.72
CA SER F 70 59.81 -1.02 -28.54
C SER F 70 60.39 -0.97 -29.94
N ARG F 71 59.58 -0.48 -30.87
CA ARG F 71 59.96 -0.41 -32.27
C ARG F 71 59.69 0.98 -32.82
N ASP F 72 60.50 1.37 -33.80
CA ASP F 72 60.31 2.62 -34.53
C ASP F 72 60.33 2.28 -36.02
N SER F 73 59.15 2.20 -36.63
CA SER F 73 59.04 1.86 -38.04
C SER F 73 59.47 3.02 -38.94
N SER F 74 59.17 4.25 -38.53
CA SER F 74 59.61 5.42 -39.30
C SER F 74 61.12 5.55 -39.27
N LYS F 75 61.74 5.32 -38.12
CA LYS F 75 63.19 5.34 -38.00
C LYS F 75 63.81 3.96 -38.16
N ASN F 76 63.00 2.90 -38.15
CA ASN F 76 63.43 1.51 -38.32
C ASN F 76 64.48 1.11 -37.28
N ILE F 77 64.21 1.43 -36.02
CA ILE F 77 65.14 1.17 -34.92
C ILE F 77 64.41 0.40 -33.83
N LEU F 78 65.04 -0.68 -33.36
CA LEU F 78 64.50 -1.47 -32.26
C LEU F 78 65.15 -1.03 -30.95
N TYR F 79 64.34 -0.72 -29.95
CA TYR F 79 64.81 -0.17 -28.69
C TYR F 79 64.54 -1.13 -27.54
N LEU F 80 65.49 -1.18 -26.59
CA LEU F 80 65.24 -1.72 -25.25
C LEU F 80 65.40 -0.62 -24.22
N GLN F 81 64.50 -0.61 -23.25
CA GLN F 81 64.68 0.11 -21.99
C GLN F 81 64.76 -0.92 -20.88
N MET F 82 65.92 -1.02 -20.24
CA MET F 82 66.13 -1.98 -19.16
C MET F 82 66.19 -1.25 -17.83
N ASN F 83 65.42 -1.76 -16.86
CA ASN F 83 65.39 -1.24 -15.50
C ASN F 83 65.68 -2.38 -14.53
N SER F 84 66.15 -2.01 -13.34
CA SER F 84 66.47 -2.95 -12.25
C SER F 84 67.48 -4.00 -12.68
N LEU F 85 68.67 -3.52 -13.05
CA LEU F 85 69.73 -4.39 -13.55
C LEU F 85 70.45 -5.10 -12.42
N ARG F 86 70.97 -6.29 -12.72
CA ARG F 86 71.72 -7.10 -11.78
C ARG F 86 73.09 -7.43 -12.38
N VAL F 87 73.89 -8.16 -11.60
CA VAL F 87 75.23 -8.53 -12.04
C VAL F 87 75.18 -9.52 -13.21
N ASP F 88 74.11 -10.33 -13.29
CA ASP F 88 74.02 -11.36 -14.30
C ASP F 88 73.84 -10.82 -15.71
N ASP F 89 73.51 -9.54 -15.86
CA ASP F 89 73.28 -8.93 -17.17
C ASP F 89 74.55 -8.34 -17.77
N THR F 90 75.73 -8.82 -17.36
CA THR F 90 77.00 -8.44 -17.97
C THR F 90 77.29 -9.46 -19.06
N ALA F 91 77.02 -9.08 -20.31
CA ALA F 91 77.06 -10.02 -21.42
C ALA F 91 77.24 -9.22 -22.71
N VAL F 92 76.99 -9.86 -23.85
CA VAL F 92 77.01 -9.19 -25.15
C VAL F 92 75.63 -9.37 -25.78
N TYR F 93 75.05 -8.25 -26.23
CA TYR F 93 73.65 -8.21 -26.64
C TYR F 93 73.58 -8.07 -28.16
N TYR F 94 72.81 -8.94 -28.81
CA TYR F 94 72.66 -8.91 -30.26
C TYR F 94 71.20 -8.78 -30.67
N CYS F 95 70.95 -7.99 -31.70
CA CYS F 95 69.73 -8.11 -32.47
C CYS F 95 69.80 -9.37 -33.35
N ALA F 96 68.64 -9.98 -33.59
CA ALA F 96 68.60 -11.06 -34.56
C ALA F 96 67.23 -11.11 -35.22
N ARG F 97 67.22 -10.96 -36.55
CA ARG F 97 66.10 -11.38 -37.38
C ARG F 97 66.31 -12.85 -37.72
N ASP F 98 66.11 -13.68 -36.69
CA ASP F 98 66.53 -15.09 -36.72
C ASP F 98 65.82 -15.87 -37.81
N LEU F 99 64.50 -16.06 -37.67
CA LEU F 99 63.63 -16.63 -38.71
C LEU F 99 64.17 -17.96 -39.24
N THR F 100 64.55 -18.84 -38.31
CA THR F 100 65.28 -20.06 -38.65
C THR F 100 64.45 -21.05 -39.46
N ILE F 101 63.12 -20.98 -39.35
CA ILE F 101 62.26 -21.93 -40.08
C ILE F 101 62.29 -21.64 -41.58
N ARG F 102 62.38 -20.37 -41.97
CA ARG F 102 62.21 -20.01 -43.38
C ARG F 102 63.42 -20.41 -44.21
N GLY F 103 64.62 -20.14 -43.72
CA GLY F 103 65.81 -20.52 -44.46
C GLY F 103 66.94 -19.51 -44.47
N GLU F 104 66.75 -18.37 -43.80
CA GLU F 104 67.79 -17.35 -43.70
C GLU F 104 67.87 -16.86 -42.28
N ALA F 105 69.02 -16.32 -41.92
CA ALA F 105 69.24 -15.81 -40.56
C ALA F 105 70.30 -14.72 -40.60
N SER F 106 70.02 -13.59 -39.95
CA SER F 106 70.96 -12.49 -39.82
C SER F 106 71.03 -12.07 -38.36
N TRP F 107 72.25 -11.96 -37.83
CA TRP F 107 72.48 -11.59 -36.45
C TRP F 107 73.28 -10.30 -36.39
N GLY F 108 72.91 -9.43 -35.45
CA GLY F 108 73.61 -8.17 -35.29
C GLY F 108 74.97 -8.34 -34.67
N GLN F 109 75.77 -7.26 -34.73
CA GLN F 109 77.10 -7.29 -34.15
C GLN F 109 77.05 -7.28 -32.63
N GLY F 110 76.08 -6.55 -32.06
CA GLY F 110 75.89 -6.54 -30.62
C GLY F 110 76.79 -5.54 -29.92
N THR F 111 76.48 -5.32 -28.64
CA THR F 111 77.27 -4.44 -27.79
C THR F 111 77.56 -5.17 -26.48
N LEU F 112 78.76 -4.94 -25.94
CA LEU F 112 79.17 -5.52 -24.66
C LEU F 112 78.57 -4.68 -23.55
N VAL F 113 77.51 -5.19 -22.92
CA VAL F 113 76.85 -4.49 -21.82
C VAL F 113 77.45 -4.98 -20.52
N THR F 114 78.04 -4.07 -19.75
CA THR F 114 78.69 -4.37 -18.49
C THR F 114 77.89 -3.74 -17.36
N VAL F 115 77.44 -4.56 -16.42
CA VAL F 115 76.68 -4.11 -15.25
C VAL F 115 77.50 -4.46 -14.01
N SER F 116 78.07 -3.44 -13.38
CA SER F 116 78.86 -3.63 -12.17
C SER F 116 78.91 -2.32 -11.40
N SER F 117 79.27 -2.42 -10.13
CA SER F 117 79.37 -1.26 -9.27
C SER F 117 80.65 -1.28 -8.44
N GLU G 1 61.96 -25.07 -20.15
CA GLU G 1 62.16 -25.39 -21.55
C GLU G 1 63.31 -26.37 -21.75
N ILE G 2 63.57 -26.71 -23.01
CA ILE G 2 64.56 -27.74 -23.33
C ILE G 2 65.95 -27.13 -23.26
N VAL G 3 66.80 -27.70 -22.40
CA VAL G 3 68.21 -27.30 -22.28
C VAL G 3 69.04 -28.52 -22.64
N MET G 4 69.88 -28.37 -23.67
CA MET G 4 70.59 -29.50 -24.25
C MET G 4 72.06 -29.48 -23.84
N THR G 5 72.70 -30.63 -24.05
CA THR G 5 74.13 -30.79 -23.86
C THR G 5 74.78 -31.18 -25.18
N GLN G 6 75.99 -30.70 -25.41
CA GLN G 6 76.76 -31.02 -26.60
C GLN G 6 77.93 -31.92 -26.20
N SER G 7 78.00 -33.09 -26.82
CA SER G 7 79.01 -34.09 -26.47
C SER G 7 79.77 -34.51 -27.72
N PRO G 8 81.11 -34.49 -27.69
CA PRO G 8 81.98 -34.04 -26.60
C PRO G 8 82.19 -32.53 -26.62
N ALA G 9 82.59 -31.93 -25.50
CA ALA G 9 82.85 -30.50 -25.43
C ALA G 9 84.32 -30.15 -25.64
N THR G 10 85.17 -31.15 -25.89
CA THR G 10 86.59 -30.95 -26.14
C THR G 10 86.96 -31.37 -27.55
N LEU G 11 86.13 -30.98 -28.51
CA LEU G 11 86.32 -31.39 -29.90
C LEU G 11 87.54 -30.71 -30.51
N ALA G 12 88.36 -31.49 -31.22
CA ALA G 12 89.56 -30.96 -31.86
C ALA G 12 89.92 -31.89 -33.01
N VAL G 13 89.81 -31.39 -34.24
CA VAL G 13 90.12 -32.16 -35.43
C VAL G 13 91.11 -31.38 -36.29
N SER G 14 92.02 -32.11 -36.92
CA SER G 14 92.99 -31.49 -37.81
C SER G 14 92.30 -31.01 -39.09
N PRO G 15 92.84 -29.98 -39.74
CA PRO G 15 92.26 -29.53 -41.02
C PRO G 15 92.36 -30.61 -42.10
N GLY G 16 91.35 -30.66 -42.96
CA GLY G 16 91.30 -31.67 -43.99
C GLY G 16 90.79 -33.01 -43.52
N GLU G 17 89.97 -33.05 -42.48
CA GLU G 17 89.46 -34.29 -41.93
C GLU G 17 87.96 -34.18 -41.67
N ARG G 18 87.31 -35.34 -41.63
CA ARG G 18 85.89 -35.41 -41.30
C ARG G 18 85.67 -35.05 -39.84
N ALA G 19 84.58 -34.31 -39.58
CA ALA G 19 84.25 -33.88 -38.22
C ALA G 19 82.84 -34.33 -37.88
N THR G 20 82.64 -34.72 -36.62
CA THR G 20 81.37 -35.24 -36.15
C THR G 20 80.98 -34.54 -34.86
N LEU G 21 79.74 -34.08 -34.77
CA LEU G 21 79.19 -33.52 -33.54
C LEU G 21 77.82 -34.11 -33.26
N SER G 22 77.50 -34.26 -31.99
CA SER G 22 76.23 -34.83 -31.55
C SER G 22 75.52 -33.87 -30.61
N CYS G 23 74.20 -33.75 -30.78
CA CYS G 23 73.37 -32.96 -29.89
C CYS G 23 72.30 -33.84 -29.28
N ARG G 24 72.18 -33.79 -27.95
CA ARG G 24 71.20 -34.55 -27.20
C ARG G 24 70.26 -33.57 -26.49
N ALA G 25 69.00 -33.57 -26.89
CA ALA G 25 68.02 -32.67 -26.31
C ALA G 25 67.49 -33.22 -24.98
N SER G 26 67.05 -32.31 -24.13
CA SER G 26 66.44 -32.71 -22.85
C SER G 26 65.08 -33.34 -23.07
N GLU G 27 64.24 -32.70 -23.89
CA GLU G 27 62.90 -33.20 -24.21
C GLU G 27 62.81 -33.41 -25.72
N SER G 28 61.61 -33.72 -26.18
CA SER G 28 61.33 -33.92 -27.60
C SER G 28 60.57 -32.72 -28.13
N PHE G 29 61.05 -32.14 -29.23
CA PHE G 29 60.39 -31.04 -29.92
C PHE G 29 59.89 -31.51 -31.27
N ASN G 30 59.39 -30.58 -32.08
CA ASN G 30 58.83 -30.93 -33.38
C ASN G 30 59.88 -30.93 -34.49
N SER G 31 60.99 -31.64 -34.23
CA SER G 31 62.09 -31.85 -35.19
C SER G 31 62.62 -30.54 -35.76
N ASN G 32 62.70 -29.51 -34.91
CA ASN G 32 63.15 -28.18 -35.31
C ASN G 32 64.45 -27.88 -34.57
N LEU G 33 65.58 -28.12 -35.24
CA LEU G 33 66.88 -27.90 -34.64
C LEU G 33 67.78 -27.21 -35.65
N ALA G 34 68.53 -26.20 -35.18
CA ALA G 34 69.45 -25.44 -36.01
C ALA G 34 70.85 -25.51 -35.41
N TRP G 35 71.76 -26.15 -36.13
CA TRP G 35 73.18 -26.06 -35.82
C TRP G 35 73.70 -24.70 -36.27
N TYR G 36 74.36 -24.00 -35.35
CA TYR G 36 74.86 -22.64 -35.47
C TYR G 36 76.38 -22.61 -35.32
N GLN G 37 77.01 -21.70 -36.07
CA GLN G 37 78.43 -21.40 -35.94
C GLN G 37 78.60 -19.97 -35.46
N GLN G 38 79.42 -19.78 -34.44
CA GLN G 38 79.90 -18.45 -34.06
C GLN G 38 81.42 -18.43 -34.18
N LYS G 39 81.93 -17.47 -34.92
CA LYS G 39 83.36 -17.24 -34.96
C LYS G 39 83.76 -16.32 -33.81
N PRO G 40 85.02 -16.38 -33.36
CA PRO G 40 85.46 -15.48 -32.29
C PRO G 40 85.38 -14.02 -32.71
N GLY G 41 84.61 -13.24 -31.94
CA GLY G 41 84.38 -11.86 -32.29
C GLY G 41 83.40 -11.64 -33.42
N GLN G 42 82.51 -12.60 -33.67
CA GLN G 42 81.58 -12.53 -34.78
C GLN G 42 80.17 -12.89 -34.33
N ALA G 43 79.20 -12.46 -35.11
CA ALA G 43 77.81 -12.83 -34.85
C ALA G 43 77.58 -14.29 -35.24
N PRO G 44 76.74 -15.01 -34.50
CA PRO G 44 76.45 -16.41 -34.85
C PRO G 44 75.69 -16.54 -36.16
N ARG G 45 75.94 -17.65 -36.85
CA ARG G 45 75.29 -17.95 -38.13
C ARG G 45 74.95 -19.43 -38.13
N LEU G 46 73.71 -19.78 -38.48
CA LEU G 46 73.30 -21.17 -38.42
C LEU G 46 73.83 -21.96 -39.60
N LEU G 47 74.21 -23.22 -39.33
CA LEU G 47 74.61 -24.17 -40.35
C LEU G 47 73.43 -24.88 -40.96
N ILE G 48 72.63 -25.52 -40.11
CA ILE G 48 71.62 -26.48 -40.53
C ILE G 48 70.34 -26.23 -39.74
N TYR G 49 69.29 -25.75 -40.42
CA TYR G 49 68.01 -25.57 -39.76
C TYR G 49 67.08 -26.75 -40.05
N GLY G 50 66.44 -27.24 -38.98
CA GLY G 50 65.56 -28.39 -39.10
C GLY G 50 66.29 -29.72 -39.18
N ALA G 51 67.61 -29.67 -39.02
CA ALA G 51 68.53 -30.81 -39.03
C ALA G 51 68.53 -31.58 -40.35
N SER G 52 67.94 -31.04 -41.42
CA SER G 52 67.96 -31.71 -42.71
C SER G 52 68.19 -30.79 -43.91
N THR G 53 68.05 -29.47 -43.76
CA THR G 53 68.21 -28.54 -44.87
C THR G 53 69.11 -27.40 -44.43
N ARG G 54 70.12 -27.08 -45.24
CA ARG G 54 71.30 -26.45 -44.68
C ARG G 54 71.16 -24.93 -44.49
N ALA G 55 71.23 -24.12 -45.55
CA ALA G 55 71.35 -22.68 -45.37
C ALA G 55 71.37 -21.90 -46.69
N SER G 56 71.65 -20.60 -46.57
CA SER G 56 71.99 -19.76 -47.72
C SER G 56 73.46 -19.38 -47.62
N ASP G 57 74.22 -19.67 -48.68
CA ASP G 57 75.63 -19.29 -48.82
C ASP G 57 76.51 -19.90 -47.73
N VAL G 58 76.37 -21.20 -47.53
CA VAL G 58 77.22 -22.00 -46.64
C VAL G 58 77.55 -23.29 -47.39
N PRO G 59 78.81 -23.76 -47.35
CA PRO G 59 79.20 -24.93 -48.17
C PRO G 59 78.46 -26.20 -47.80
N ALA G 60 78.46 -27.14 -48.75
CA ALA G 60 77.64 -28.34 -48.68
C ALA G 60 78.29 -29.48 -47.91
N ARG G 61 79.47 -29.26 -47.31
CA ARG G 61 80.10 -30.31 -46.52
C ARG G 61 79.34 -30.62 -45.24
N PHE G 62 78.57 -29.65 -44.74
CA PHE G 62 77.81 -29.83 -43.52
C PHE G 62 76.49 -30.53 -43.81
N SER G 63 76.22 -31.62 -43.08
CA SER G 63 75.01 -32.40 -43.24
C SER G 63 74.44 -32.76 -41.88
N GLY G 64 73.11 -32.73 -41.77
CA GLY G 64 72.43 -33.08 -40.54
C GLY G 64 71.68 -34.39 -40.68
N SER G 65 71.58 -35.12 -39.58
CA SER G 65 70.87 -36.39 -39.58
C SER G 65 70.29 -36.66 -38.20
N GLY G 66 69.28 -37.52 -38.17
CA GLY G 66 68.63 -37.91 -36.94
C GLY G 66 67.40 -37.07 -36.64
N SER G 67 66.51 -37.65 -35.84
CA SER G 67 65.30 -36.96 -35.40
C SER G 67 64.92 -37.46 -34.02
N GLY G 68 64.27 -36.59 -33.26
CA GLY G 68 63.85 -36.92 -31.91
C GLY G 68 64.68 -36.26 -30.84
N THR G 69 65.51 -37.04 -30.14
CA THR G 69 66.33 -36.52 -29.06
C THR G 69 67.83 -36.58 -29.35
N GLU G 70 68.24 -37.23 -30.44
CA GLU G 70 69.65 -37.32 -30.81
C GLU G 70 69.81 -36.83 -32.24
N PHE G 71 70.78 -35.93 -32.45
CA PHE G 71 71.02 -35.37 -33.77
C PHE G 71 72.52 -35.37 -34.05
N THR G 72 72.88 -35.56 -35.31
CA THR G 72 74.27 -35.69 -35.74
C THR G 72 74.57 -34.68 -36.84
N LEU G 73 75.61 -33.88 -36.63
CA LEU G 73 76.12 -32.95 -37.64
C LEU G 73 77.47 -33.44 -38.14
N THR G 74 77.60 -33.56 -39.46
CA THR G 74 78.80 -34.10 -40.09
C THR G 74 79.40 -33.05 -41.01
N ILE G 75 80.70 -32.79 -40.83
CA ILE G 75 81.48 -31.95 -41.73
C ILE G 75 82.36 -32.87 -42.56
N SER G 76 82.24 -32.77 -43.89
CA SER G 76 82.97 -33.67 -44.77
C SER G 76 84.47 -33.40 -44.75
N SER G 77 84.87 -32.14 -44.88
CA SER G 77 86.29 -31.80 -44.93
C SER G 77 86.45 -30.38 -44.41
N VAL G 78 86.91 -30.25 -43.17
CA VAL G 78 87.18 -28.95 -42.58
C VAL G 78 88.45 -28.39 -43.18
N GLN G 79 88.37 -27.21 -43.79
CA GLN G 79 89.52 -26.58 -44.46
C GLN G 79 89.67 -25.14 -43.99
N SER G 80 90.32 -24.97 -42.83
CA SER G 80 90.89 -23.72 -42.33
C SER G 80 89.87 -22.60 -42.11
N GLU G 81 88.56 -22.89 -42.18
CA GLU G 81 87.57 -21.83 -41.98
C GLU G 81 86.38 -22.23 -41.11
N ASP G 82 86.15 -23.51 -40.84
CA ASP G 82 85.00 -23.94 -40.05
C ASP G 82 85.34 -24.19 -38.58
N PHE G 83 86.57 -23.92 -38.16
CA PHE G 83 86.96 -24.08 -36.76
C PHE G 83 86.41 -22.92 -35.95
N ALA G 84 85.30 -23.15 -35.26
CA ALA G 84 84.59 -22.12 -34.50
C ALA G 84 83.71 -22.82 -33.48
N VAL G 85 82.89 -22.07 -32.74
CA VAL G 85 82.07 -22.65 -31.68
C VAL G 85 80.69 -22.99 -32.24
N TYR G 86 80.27 -24.24 -32.01
CA TYR G 86 79.04 -24.78 -32.56
C TYR G 86 77.96 -24.85 -31.48
N TYR G 87 76.72 -24.55 -31.87
CA TYR G 87 75.56 -24.72 -31.00
C TYR G 87 74.47 -25.49 -31.73
N CYS G 88 73.54 -26.05 -30.97
CA CYS G 88 72.35 -26.68 -31.55
C CYS G 88 71.12 -26.08 -30.89
N GLN G 89 70.65 -24.97 -31.45
CA GLN G 89 69.43 -24.31 -31.01
C GLN G 89 68.21 -25.17 -31.35
N GLN G 90 67.22 -25.16 -30.46
CA GLN G 90 65.99 -25.95 -30.67
C GLN G 90 64.80 -24.99 -30.78
N TYR G 91 64.41 -24.69 -32.00
CA TYR G 91 63.25 -23.82 -32.23
C TYR G 91 61.96 -24.64 -32.40
N GLY G 92 61.74 -25.60 -31.48
CA GLY G 92 60.50 -26.35 -31.51
C GLY G 92 59.31 -25.52 -31.07
N ASP G 93 59.54 -24.51 -30.23
CA ASP G 93 58.53 -23.57 -29.82
C ASP G 93 58.96 -22.17 -30.25
N TRP G 94 59.37 -22.04 -31.51
CA TRP G 94 59.96 -20.82 -32.04
C TRP G 94 58.99 -19.64 -31.89
N PRO G 95 59.48 -18.45 -31.50
CA PRO G 95 60.88 -18.07 -31.24
C PRO G 95 61.36 -18.29 -29.80
N LEU G 96 60.69 -19.12 -29.01
CA LEU G 96 61.16 -19.45 -27.67
C LEU G 96 62.09 -20.64 -27.78
N TRP G 97 63.38 -20.35 -28.02
CA TRP G 97 64.38 -21.39 -28.21
C TRP G 97 65.51 -21.20 -27.20
N THR G 98 66.38 -22.21 -27.15
CA THR G 98 67.54 -22.21 -26.26
C THR G 98 68.78 -22.59 -27.05
N PHE G 99 69.87 -21.85 -26.86
CA PHE G 99 71.14 -22.13 -27.51
C PHE G 99 71.95 -23.08 -26.64
N GLY G 100 73.21 -23.30 -27.02
CA GLY G 100 74.08 -24.27 -26.39
C GLY G 100 74.99 -23.68 -25.33
N GLN G 101 76.11 -24.36 -25.10
CA GLN G 101 77.10 -23.97 -24.11
C GLN G 101 78.43 -23.56 -24.71
N GLY G 102 78.93 -24.35 -25.66
CA GLY G 102 80.17 -24.01 -26.34
C GLY G 102 81.00 -25.23 -26.72
N THR G 103 81.38 -25.32 -27.98
CA THR G 103 82.09 -26.45 -28.55
C THR G 103 83.20 -25.99 -29.49
N LYS G 104 84.04 -25.06 -29.01
CA LYS G 104 85.13 -24.51 -29.81
C LYS G 104 86.09 -25.59 -30.31
N VAL G 105 86.10 -25.81 -31.62
CA VAL G 105 86.91 -26.85 -32.23
C VAL G 105 88.31 -26.32 -32.44
N GLU G 106 89.31 -27.03 -31.91
CA GLU G 106 90.70 -26.62 -31.98
C GLU G 106 91.42 -27.34 -33.11
N ILE G 107 92.53 -26.75 -33.54
CA ILE G 107 93.34 -27.34 -34.60
C ILE G 107 94.21 -28.46 -34.04
N GLU H 1 63.23 56.53 -16.89
CA GLU H 1 63.42 55.66 -18.04
C GLU H 1 62.95 54.25 -17.76
N VAL H 2 62.76 53.46 -18.82
CA VAL H 2 62.33 52.07 -18.73
C VAL H 2 63.42 51.21 -19.34
N GLN H 3 63.92 50.24 -18.58
CA GLN H 3 64.98 49.35 -19.03
C GLN H 3 64.54 47.91 -18.91
N LEU H 4 64.67 47.16 -20.00
CA LEU H 4 64.30 45.75 -20.05
C LEU H 4 65.52 44.93 -20.46
N VAL H 5 65.90 43.98 -19.62
CA VAL H 5 67.10 43.16 -19.84
C VAL H 5 66.64 41.72 -19.99
N GLU H 6 66.87 41.15 -21.18
CA GLU H 6 66.50 39.76 -21.46
C GLU H 6 67.67 38.83 -21.18
N SER H 7 67.38 37.67 -20.61
CA SER H 7 68.42 36.70 -20.31
C SER H 7 67.82 35.30 -20.32
N GLY H 8 68.70 34.31 -20.43
CA GLY H 8 68.32 32.92 -20.48
C GLY H 8 68.31 32.30 -21.87
N GLY H 9 68.54 33.10 -22.91
CA GLY H 9 68.55 32.57 -24.26
C GLY H 9 69.81 31.77 -24.56
N GLY H 10 69.73 30.99 -25.64
CA GLY H 10 70.86 30.18 -26.05
C GLY H 10 70.41 29.14 -27.06
N LEU H 11 71.28 28.14 -27.25
CA LEU H 11 71.01 27.05 -28.18
C LEU H 11 70.31 25.92 -27.43
N VAL H 12 69.08 25.62 -27.85
CA VAL H 12 68.28 24.56 -27.26
C VAL H 12 67.72 23.69 -28.39
N GLN H 13 67.80 22.38 -28.21
CA GLN H 13 67.34 21.45 -29.23
C GLN H 13 65.82 21.49 -29.37
N PRO H 14 65.29 21.25 -30.56
CA PRO H 14 63.83 21.13 -30.72
C PRO H 14 63.28 19.95 -29.92
N GLY H 15 62.08 20.14 -29.38
CA GLY H 15 61.49 19.17 -28.49
C GLY H 15 61.89 19.32 -27.04
N GLY H 16 62.79 20.26 -26.73
CA GLY H 16 63.21 20.51 -25.37
C GLY H 16 62.41 21.63 -24.72
N SER H 17 62.96 22.14 -23.62
CA SER H 17 62.32 23.20 -22.85
C SER H 17 63.33 24.27 -22.50
N LEU H 18 62.85 25.49 -22.31
CA LEU H 18 63.72 26.60 -21.93
C LEU H 18 62.91 27.61 -21.12
N ARG H 19 63.62 28.43 -20.36
CA ARG H 19 63.02 29.49 -19.56
C ARG H 19 63.82 30.77 -19.75
N LEU H 20 63.13 31.85 -20.10
CA LEU H 20 63.73 33.16 -20.27
C LEU H 20 63.24 34.11 -19.19
N SER H 21 64.16 34.92 -18.66
CA SER H 21 63.85 35.95 -17.71
C SER H 21 63.99 37.32 -18.37
N CYS H 22 63.20 38.27 -17.91
CA CYS H 22 63.22 39.64 -18.43
C CYS H 22 63.14 40.57 -17.23
N ALA H 23 64.29 41.08 -16.81
CA ALA H 23 64.34 42.06 -15.73
C ALA H 23 63.79 43.39 -16.22
N VAL H 24 62.89 43.97 -15.43
CA VAL H 24 62.20 45.21 -15.79
C VAL H 24 62.51 46.25 -14.73
N SER H 25 63.01 47.41 -15.15
CA SER H 25 63.25 48.53 -14.25
C SER H 25 62.49 49.74 -14.79
N GLY H 26 61.65 50.32 -13.95
CA GLY H 26 60.87 51.47 -14.34
C GLY H 26 59.43 51.43 -13.87
N PHE H 27 58.86 50.23 -13.75
CA PHE H 27 57.48 50.08 -13.33
C PHE H 27 57.31 48.68 -12.71
N THR H 28 56.06 48.27 -12.53
CA THR H 28 55.73 46.95 -12.02
C THR H 28 55.20 46.07 -13.15
N VAL H 29 55.65 44.82 -13.18
CA VAL H 29 55.20 43.88 -14.20
C VAL H 29 53.78 43.40 -13.99
N SER H 30 53.23 43.60 -12.79
CA SER H 30 51.86 43.22 -12.49
C SER H 30 50.85 44.31 -12.81
N ARG H 31 51.32 45.45 -13.35
CA ARG H 31 50.44 46.56 -13.71
C ARG H 31 50.62 46.99 -15.16
N ASN H 32 51.40 46.25 -15.96
CA ASN H 32 51.68 46.63 -17.34
C ASN H 32 51.56 45.40 -18.24
N TYR H 33 51.14 45.63 -19.47
CA TYR H 33 51.08 44.59 -20.48
C TYR H 33 52.46 44.33 -21.04
N MET H 34 52.91 43.09 -20.96
CA MET H 34 54.20 42.67 -21.49
C MET H 34 53.98 41.83 -22.73
N THR H 35 54.52 42.26 -23.86
CA THR H 35 54.46 41.51 -25.10
C THR H 35 55.78 40.79 -25.30
N TRP H 36 55.73 39.52 -25.69
CA TRP H 36 56.94 38.74 -25.86
C TRP H 36 57.18 38.62 -27.37
N ALA H 37 57.77 39.68 -27.93
CA ALA H 37 57.83 39.83 -29.38
C ALA H 37 58.94 38.98 -29.99
N ARG H 38 58.73 38.56 -31.23
CA ARG H 38 59.72 37.84 -32.02
C ARG H 38 60.12 38.72 -33.20
N GLN H 39 61.35 38.56 -33.67
CA GLN H 39 61.78 39.17 -34.93
C GLN H 39 62.64 38.18 -35.69
N ALA H 40 62.25 37.92 -36.93
CA ALA H 40 63.07 37.11 -37.82
C ALA H 40 64.23 37.94 -38.38
N PRO H 41 65.36 37.31 -38.70
CA PRO H 41 66.43 38.04 -39.39
C PRO H 41 66.03 38.53 -40.77
N GLY H 42 65.11 37.84 -41.44
CA GLY H 42 64.70 38.23 -42.77
C GLY H 42 63.37 38.97 -42.82
N LYS H 43 62.43 38.59 -41.98
CA LYS H 43 61.10 39.19 -41.95
C LYS H 43 60.99 40.14 -40.76
N GLY H 44 59.86 40.84 -40.70
CA GLY H 44 59.61 41.79 -39.63
C GLY H 44 59.07 41.11 -38.39
N PRO H 45 58.78 41.93 -37.38
CA PRO H 45 58.30 41.39 -36.10
C PRO H 45 56.87 40.88 -36.14
N GLU H 46 56.38 40.39 -35.01
CA GLU H 46 55.03 39.85 -34.89
C GLU H 46 54.67 39.82 -33.41
N TRP H 47 53.36 39.70 -33.15
CA TRP H 47 52.88 39.50 -31.80
C TRP H 47 52.77 38.00 -31.51
N VAL H 48 53.22 37.60 -30.32
CA VAL H 48 53.26 36.20 -29.91
C VAL H 48 52.44 35.96 -28.66
N SER H 49 52.64 36.77 -27.63
CA SER H 49 51.91 36.60 -26.38
C SER H 49 51.74 37.94 -25.70
N VAL H 50 50.65 38.08 -24.95
CA VAL H 50 50.35 39.28 -24.19
C VAL H 50 49.82 38.86 -22.82
N ILE H 51 49.94 39.77 -21.85
CA ILE H 51 49.51 39.52 -20.48
C ILE H 51 48.81 40.78 -19.97
N TYR H 52 47.82 40.59 -19.07
CA TYR H 52 47.03 41.64 -18.47
C TYR H 52 47.30 41.71 -16.97
N PRO H 53 47.13 42.89 -16.35
CA PRO H 53 47.33 42.99 -14.89
C PRO H 53 46.38 42.13 -14.07
N GLY H 54 45.18 41.85 -14.59
CA GLY H 54 44.25 40.99 -13.88
C GLY H 54 44.53 39.51 -13.98
N GLY H 55 45.55 39.12 -14.75
CA GLY H 55 45.90 37.73 -14.93
C GLY H 55 45.48 37.13 -16.25
N SER H 56 44.98 37.92 -17.19
CA SER H 56 44.55 37.41 -18.48
C SER H 56 45.75 37.32 -19.43
N THR H 57 46.07 36.10 -19.85
CA THR H 57 47.19 35.85 -20.75
C THR H 57 46.66 35.33 -22.08
N PHE H 58 47.24 35.83 -23.18
CA PHE H 58 46.84 35.42 -24.51
C PHE H 58 48.06 35.05 -25.32
N TYR H 59 47.88 34.09 -26.24
CA TYR H 59 48.95 33.62 -27.10
C TYR H 59 48.54 33.75 -28.55
N ALA H 60 49.53 33.72 -29.44
CA ALA H 60 49.29 33.76 -30.87
C ALA H 60 48.78 32.40 -31.36
N ASP H 61 48.50 32.33 -32.67
CA ASP H 61 47.94 31.12 -33.24
C ASP H 61 48.95 29.98 -33.31
N SER H 62 50.21 30.30 -33.61
CA SER H 62 51.23 29.27 -33.78
C SER H 62 51.97 28.94 -32.50
N VAL H 63 51.75 29.68 -31.41
CA VAL H 63 52.45 29.47 -30.15
C VAL H 63 51.54 29.02 -29.02
N LYS H 64 50.24 28.94 -29.25
CA LYS H 64 49.30 28.58 -28.20
C LYS H 64 49.44 27.11 -27.81
N GLY H 65 49.24 26.83 -26.52
CA GLY H 65 49.29 25.48 -26.01
C GLY H 65 50.66 24.95 -25.70
N ARG H 66 51.71 25.77 -25.85
CA ARG H 66 53.07 25.30 -25.59
C ARG H 66 53.80 26.23 -24.63
N PHE H 67 53.37 27.48 -24.54
CA PHE H 67 54.12 28.51 -23.82
C PHE H 67 53.42 28.87 -22.52
N THR H 68 54.22 29.37 -21.58
CA THR H 68 53.71 29.90 -20.32
C THR H 68 54.35 31.26 -20.07
N ILE H 69 53.53 32.27 -19.84
CA ILE H 69 53.98 33.62 -19.54
C ILE H 69 53.60 33.95 -18.11
N SER H 70 54.57 34.42 -17.33
CA SER H 70 54.37 34.66 -15.91
C SER H 70 55.06 35.96 -15.50
N ARG H 71 54.69 36.45 -14.32
CA ARG H 71 55.20 37.70 -13.80
C ARG H 71 55.65 37.52 -12.35
N ASP H 72 56.69 38.25 -11.97
CA ASP H 72 57.18 38.30 -10.60
C ASP H 72 57.15 39.77 -10.16
N SER H 73 56.14 40.11 -9.36
CA SER H 73 55.95 41.49 -8.94
C SER H 73 56.98 41.90 -7.90
N SER H 74 57.33 41.00 -6.98
CA SER H 74 58.35 41.32 -5.98
C SER H 74 59.72 41.46 -6.62
N LYS H 75 60.05 40.58 -7.57
CA LYS H 75 61.30 40.67 -8.29
C LYS H 75 61.18 41.49 -9.57
N ASN H 76 59.95 41.81 -9.99
CA ASN H 76 59.66 42.61 -11.20
C ASN H 76 60.30 42.00 -12.44
N ILE H 77 60.12 40.68 -12.61
CA ILE H 77 60.74 39.95 -13.70
C ILE H 77 59.66 39.22 -14.48
N LEU H 78 59.66 39.37 -15.80
CA LEU H 78 58.73 38.66 -16.67
C LEU H 78 59.38 37.36 -17.12
N TYR H 79 58.70 36.23 -16.90
CA TYR H 79 59.22 34.91 -17.20
C TYR H 79 58.47 34.31 -18.37
N LEU H 80 59.19 33.59 -19.22
CA LEU H 80 58.59 32.87 -20.35
C LEU H 80 59.16 31.46 -20.41
N GLN H 81 58.31 30.46 -20.19
CA GLN H 81 58.70 29.07 -20.29
C GLN H 81 58.19 28.49 -21.60
N MET H 82 59.11 28.01 -22.44
CA MET H 82 58.75 27.46 -23.74
C MET H 82 59.03 25.96 -23.74
N ASN H 83 58.04 25.18 -24.19
CA ASN H 83 58.15 23.74 -24.36
C ASN H 83 57.78 23.36 -25.78
N SER H 84 58.34 22.23 -26.23
CA SER H 84 58.10 21.67 -27.57
C SER H 84 58.45 22.66 -28.67
N LEU H 85 59.72 23.06 -28.69
CA LEU H 85 60.20 24.05 -29.64
C LEU H 85 60.42 23.42 -31.01
N ARG H 86 60.32 24.25 -32.05
CA ARG H 86 60.50 23.83 -33.44
C ARG H 86 61.57 24.67 -34.10
N VAL H 87 61.83 24.36 -35.38
CA VAL H 87 62.86 25.06 -36.15
C VAL H 87 62.45 26.51 -36.40
N ASP H 88 61.14 26.76 -36.57
CA ASP H 88 60.66 28.12 -36.85
C ASP H 88 60.85 29.08 -35.69
N ASP H 89 61.17 28.57 -34.49
CA ASP H 89 61.31 29.39 -33.30
C ASP H 89 62.71 29.97 -33.13
N THR H 90 63.53 29.91 -34.19
CA THR H 90 64.86 30.52 -34.18
C THR H 90 64.72 31.97 -34.66
N ALA H 91 64.85 32.91 -33.73
CA ALA H 91 64.60 34.31 -34.02
C ALA H 91 65.34 35.15 -32.98
N VAL H 92 64.97 36.44 -32.89
CA VAL H 92 65.48 37.32 -31.85
C VAL H 92 64.29 37.74 -31.00
N TYR H 93 64.37 37.52 -29.70
CA TYR H 93 63.25 37.69 -28.79
C TYR H 93 63.39 39.03 -28.09
N TYR H 94 62.30 39.80 -28.05
CA TYR H 94 62.27 41.08 -27.36
C TYR H 94 61.17 41.08 -26.31
N CYS H 95 61.38 41.84 -25.25
CA CYS H 95 60.30 42.25 -24.36
C CYS H 95 59.80 43.62 -24.81
N ALA H 96 58.52 43.69 -25.17
CA ALA H 96 57.95 44.86 -25.80
C ALA H 96 56.85 45.43 -24.92
N ARG H 97 57.07 46.65 -24.42
CA ARG H 97 56.02 47.46 -23.81
C ARG H 97 55.56 48.44 -24.89
N ASP H 98 54.77 47.92 -25.84
CA ASP H 98 54.35 48.69 -27.01
C ASP H 98 53.50 49.89 -26.62
N LEU H 99 52.30 49.63 -26.09
CA LEU H 99 51.42 50.64 -25.50
C LEU H 99 51.18 51.82 -26.45
N THR H 100 50.99 51.52 -27.73
CA THR H 100 51.02 52.53 -28.77
C THR H 100 49.73 53.32 -28.89
N ILE H 101 48.68 52.97 -28.14
CA ILE H 101 47.44 53.74 -28.23
C ILE H 101 47.62 55.13 -27.62
N ARG H 102 48.20 55.18 -26.42
CA ARG H 102 48.47 56.48 -25.79
C ARG H 102 49.63 57.19 -26.48
N GLY H 103 50.71 56.48 -26.75
CA GLY H 103 51.79 57.06 -27.52
C GLY H 103 53.17 57.05 -26.88
N GLU H 104 53.42 56.14 -25.94
CA GLU H 104 54.75 55.91 -25.42
C GLU H 104 55.09 54.44 -25.63
N ALA H 105 56.36 54.16 -25.93
CA ALA H 105 56.77 52.80 -26.30
C ALA H 105 58.17 52.53 -25.77
N SER H 106 58.36 51.32 -25.24
CA SER H 106 59.66 50.84 -24.78
C SER H 106 59.83 49.40 -25.21
N TRP H 107 60.98 49.09 -25.81
CA TRP H 107 61.29 47.76 -26.28
C TRP H 107 62.61 47.29 -25.67
N GLY H 108 62.66 46.00 -25.32
CA GLY H 108 63.87 45.43 -24.77
C GLY H 108 64.94 45.21 -25.82
N GLN H 109 66.14 44.85 -25.35
CA GLN H 109 67.24 44.58 -26.28
C GLN H 109 67.07 43.22 -26.95
N GLY H 110 66.62 42.23 -26.22
CA GLY H 110 66.34 40.93 -26.79
C GLY H 110 67.53 39.99 -26.76
N THR H 111 67.25 38.71 -27.00
CA THR H 111 68.27 37.67 -27.06
C THR H 111 68.04 36.83 -28.32
N LEU H 112 69.15 36.39 -28.93
CA LEU H 112 69.06 35.56 -30.13
C LEU H 112 68.74 34.13 -29.69
N VAL H 113 67.48 33.74 -29.84
CA VAL H 113 67.03 32.40 -29.46
C VAL H 113 67.22 31.49 -30.66
N THR H 114 68.09 30.49 -30.52
CA THR H 114 68.42 29.57 -31.60
C THR H 114 67.91 28.18 -31.23
N VAL H 115 67.06 27.63 -32.08
CA VAL H 115 66.52 26.28 -31.91
C VAL H 115 66.97 25.45 -33.10
N SER H 116 67.90 24.53 -32.88
CA SER H 116 68.40 23.65 -33.93
C SER H 116 68.99 22.41 -33.28
N SER H 117 69.15 21.37 -34.08
CA SER H 117 69.72 20.11 -33.60
C SER H 117 70.78 19.59 -34.55
N GLU I 1 43.91 37.53 -39.08
CA GLU I 1 43.96 38.93 -38.68
C GLU I 1 44.46 39.81 -39.83
N ILE I 2 44.51 41.12 -39.60
CA ILE I 2 44.85 42.06 -40.65
C ILE I 2 46.36 42.04 -40.89
N VAL I 3 46.75 41.89 -42.15
CA VAL I 3 48.14 42.00 -42.56
C VAL I 3 48.29 43.24 -43.42
N MET I 4 49.53 43.51 -43.83
CA MET I 4 49.82 44.73 -44.56
C MET I 4 50.92 44.49 -45.58
N THR I 5 50.98 45.41 -46.56
CA THR I 5 52.06 45.50 -47.52
C THR I 5 52.66 46.91 -47.45
N GLN I 6 53.96 47.00 -47.69
CA GLN I 6 54.68 48.26 -47.67
C GLN I 6 55.21 48.57 -49.06
N SER I 7 54.92 49.78 -49.54
CA SER I 7 55.32 50.18 -50.88
C SER I 7 56.10 51.49 -50.83
N PRO I 8 57.29 51.57 -51.45
CA PRO I 8 58.02 50.47 -52.08
C PRO I 8 58.86 49.68 -51.07
N ALA I 9 59.24 48.45 -51.38
CA ALA I 9 60.07 47.64 -50.51
C ALA I 9 61.56 47.81 -50.80
N THR I 10 61.91 48.57 -51.85
CA THR I 10 63.30 48.83 -52.20
C THR I 10 63.59 50.32 -52.10
N LEU I 11 63.15 50.94 -51.01
CA LEU I 11 63.29 52.39 -50.84
C LEU I 11 64.74 52.79 -50.68
N ALA I 12 65.12 53.87 -51.37
CA ALA I 12 66.49 54.38 -51.33
C ALA I 12 66.44 55.87 -51.65
N VAL I 13 66.58 56.71 -50.63
CA VAL I 13 66.55 58.15 -50.76
C VAL I 13 67.88 58.73 -50.27
N SER I 14 68.39 59.72 -51.00
CA SER I 14 69.64 60.37 -50.62
C SER I 14 69.43 61.22 -49.36
N PRO I 15 70.50 61.46 -48.60
CA PRO I 15 70.36 62.34 -47.42
C PRO I 15 69.97 63.76 -47.81
N GLY I 16 69.17 64.39 -46.96
CA GLY I 16 68.70 65.73 -47.23
C GLY I 16 67.57 65.82 -48.24
N GLU I 17 66.74 64.78 -48.34
CA GLU I 17 65.65 64.76 -49.29
C GLU I 17 64.38 64.23 -48.62
N ARG I 18 63.24 64.61 -49.21
CA ARG I 18 61.95 64.13 -48.74
C ARG I 18 61.81 62.63 -49.03
N ALA I 19 61.18 61.91 -48.11
CA ALA I 19 61.00 60.46 -48.24
C ALA I 19 59.53 60.13 -48.08
N THR I 20 59.05 59.18 -48.90
CA THR I 20 57.65 58.77 -48.92
C THR I 20 57.56 57.27 -48.77
N LEU I 21 56.69 56.81 -47.86
CA LEU I 21 56.40 55.39 -47.69
C LEU I 21 54.89 55.23 -47.62
N SER I 22 54.38 54.10 -48.13
CA SER I 22 52.95 53.83 -48.11
C SER I 22 52.69 52.45 -47.51
N CYS I 23 51.65 52.36 -46.70
CA CYS I 23 51.23 51.09 -46.11
C CYS I 23 49.81 50.79 -46.55
N ARG I 24 49.61 49.59 -47.10
CA ARG I 24 48.29 49.14 -47.54
C ARG I 24 47.86 47.98 -46.65
N ALA I 25 46.72 48.15 -45.98
CA ALA I 25 46.19 47.13 -45.11
C ALA I 25 45.50 46.04 -45.91
N SER I 26 45.23 44.91 -45.26
CA SER I 26 44.44 43.84 -45.86
C SER I 26 42.95 44.04 -45.61
N GLU I 27 42.57 44.30 -44.36
CA GLU I 27 41.20 44.60 -43.98
C GLU I 27 41.15 46.02 -43.40
N SER I 28 39.97 46.39 -42.92
CA SER I 28 39.77 47.71 -42.32
C SER I 28 39.74 47.58 -40.81
N PHE I 29 40.55 48.40 -40.13
CA PHE I 29 40.58 48.46 -38.67
C PHE I 29 40.08 49.83 -38.23
N ASN I 30 40.17 50.10 -36.92
CA ASN I 30 39.65 51.35 -36.37
C ASN I 30 40.69 52.47 -36.42
N SER I 31 41.29 52.67 -37.60
CA SER I 31 42.22 53.77 -37.89
C SER I 31 43.39 53.82 -36.90
N ASN I 32 43.91 52.64 -36.55
CA ASN I 32 44.98 52.51 -35.56
C ASN I 32 46.20 51.91 -36.26
N LEU I 33 47.08 52.78 -36.78
CA LEU I 33 48.30 52.36 -37.43
C LEU I 33 49.49 53.03 -36.75
N ALA I 34 50.55 52.26 -36.51
CA ALA I 34 51.74 52.73 -35.83
C ALA I 34 52.96 52.55 -36.72
N TRP I 35 53.57 53.66 -37.11
CA TRP I 35 54.84 53.65 -37.80
C TRP I 35 55.96 53.53 -36.77
N TYR I 36 56.74 52.45 -36.89
CA TYR I 36 57.82 52.08 -35.99
C TYR I 36 59.15 52.09 -36.75
N GLN I 37 60.20 52.60 -36.10
CA GLN I 37 61.53 52.65 -36.66
C GLN I 37 62.46 51.72 -35.90
N GLN I 38 63.11 50.82 -36.63
CA GLN I 38 64.13 49.95 -36.05
C GLN I 38 65.44 50.15 -36.79
N LYS I 39 66.49 50.43 -36.05
CA LYS I 39 67.84 50.51 -36.56
C LYS I 39 68.49 49.14 -36.56
N PRO I 40 69.51 48.91 -37.39
CA PRO I 40 70.21 47.62 -37.36
C PRO I 40 70.88 47.37 -36.02
N GLY I 41 70.56 46.23 -35.43
CA GLY I 41 71.07 45.90 -34.11
C GLY I 41 70.45 46.68 -32.98
N GLN I 42 69.23 47.21 -33.17
CA GLN I 42 68.56 48.04 -32.19
C GLN I 42 67.13 47.57 -31.99
N ALA I 43 66.56 47.97 -30.86
CA ALA I 43 65.15 47.75 -30.62
C ALA I 43 64.31 48.71 -31.47
N PRO I 44 63.13 48.27 -31.92
CA PRO I 44 62.25 49.16 -32.67
C PRO I 44 61.79 50.35 -31.84
N ARG I 45 61.67 51.50 -32.49
CA ARG I 45 61.24 52.74 -31.85
C ARG I 45 60.00 53.27 -32.55
N LEU I 46 58.95 53.55 -31.80
CA LEU I 46 57.72 54.08 -32.36
C LEU I 46 57.90 55.53 -32.79
N LEU I 47 57.41 55.86 -33.99
CA LEU I 47 57.33 57.24 -34.43
C LEU I 47 55.89 57.75 -34.40
N ILE I 48 55.00 57.09 -35.13
CA ILE I 48 53.66 57.62 -35.38
C ILE I 48 52.63 56.63 -34.86
N TYR I 49 51.64 57.14 -34.12
CA TYR I 49 50.56 56.29 -33.61
C TYR I 49 49.23 56.85 -34.05
N GLY I 50 48.39 56.00 -34.63
CA GLY I 50 47.17 56.46 -35.27
C GLY I 50 47.38 57.10 -36.61
N ALA I 51 48.62 57.07 -37.14
CA ALA I 51 49.01 57.68 -38.41
C ALA I 51 48.73 59.17 -38.45
N SER I 52 48.69 59.84 -37.29
CA SER I 52 48.48 61.28 -37.27
C SER I 52 49.31 62.05 -36.25
N THR I 53 50.09 61.40 -35.39
CA THR I 53 50.78 62.10 -34.31
C THR I 53 52.13 61.45 -34.05
N ARG I 54 53.15 62.29 -33.87
CA ARG I 54 54.50 61.82 -33.60
C ARG I 54 54.66 61.42 -32.14
N ALA I 55 55.81 60.78 -31.84
CA ALA I 55 56.07 60.24 -30.52
C ALA I 55 56.95 61.17 -29.70
N SER I 56 57.36 60.70 -28.52
CA SER I 56 58.20 61.48 -27.63
C SER I 56 59.62 61.55 -28.18
N ASP I 57 60.18 62.77 -28.20
CA ASP I 57 61.53 63.05 -28.73
C ASP I 57 61.68 62.57 -30.17
N VAL I 58 60.64 62.76 -30.96
CA VAL I 58 60.63 62.41 -32.39
C VAL I 58 60.49 63.71 -33.17
N PRO I 59 61.35 63.97 -34.15
CA PRO I 59 61.32 65.27 -34.84
C PRO I 59 60.07 65.46 -35.67
N ALA I 60 59.84 66.73 -36.03
CA ALA I 60 58.62 67.14 -36.73
C ALA I 60 58.61 66.78 -38.20
N ARG I 61 59.70 66.20 -38.72
CA ARG I 61 59.75 65.85 -40.14
C ARG I 61 58.78 64.73 -40.48
N PHE I 62 58.63 63.75 -39.57
CA PHE I 62 57.74 62.62 -39.83
C PHE I 62 56.29 63.05 -39.69
N SER I 63 55.48 62.72 -40.69
CA SER I 63 54.06 63.07 -40.69
C SER I 63 53.27 61.94 -41.33
N GLY I 64 52.14 61.59 -40.72
CA GLY I 64 51.26 60.56 -41.22
C GLY I 64 50.01 61.16 -41.84
N SER I 65 49.47 60.46 -42.84
CA SER I 65 48.25 60.90 -43.49
C SER I 65 47.48 59.70 -44.01
N GLY I 66 46.19 59.89 -44.21
CA GLY I 66 45.31 58.85 -44.72
C GLY I 66 44.63 58.06 -43.62
N SER I 67 43.50 57.46 -43.99
CA SER I 67 42.74 56.62 -43.07
C SER I 67 42.03 55.54 -43.86
N GLY I 68 41.95 54.35 -43.27
CA GLY I 68 41.28 53.24 -43.92
C GLY I 68 42.22 52.09 -44.26
N THR I 69 42.42 51.86 -45.56
CA THR I 69 43.28 50.79 -46.04
C THR I 69 44.54 51.31 -46.72
N GLU I 70 44.77 52.63 -46.70
CA GLU I 70 45.96 53.22 -47.29
C GLU I 70 46.46 54.33 -46.37
N PHE I 71 47.76 54.30 -46.06
CA PHE I 71 48.37 55.30 -45.19
C PHE I 71 49.69 55.74 -45.79
N THR I 72 50.04 57.00 -45.56
CA THR I 72 51.24 57.60 -46.13
C THR I 72 52.09 58.21 -45.01
N LEU I 73 53.36 57.81 -44.95
CA LEU I 73 54.33 58.38 -44.04
C LEU I 73 55.32 59.23 -44.82
N THR I 74 55.50 60.47 -44.39
CA THR I 74 56.34 61.44 -45.09
C THR I 74 57.43 61.92 -44.15
N ILE I 75 58.68 61.86 -44.62
CA ILE I 75 59.82 62.42 -43.91
C ILE I 75 60.26 63.68 -44.65
N SER I 76 60.27 64.81 -43.94
CA SER I 76 60.56 66.08 -44.57
C SER I 76 62.03 66.20 -44.97
N SER I 77 62.94 65.84 -44.07
CA SER I 77 64.37 65.99 -44.34
C SER I 77 65.12 64.88 -43.61
N VAL I 78 65.54 63.87 -44.36
CA VAL I 78 66.34 62.78 -43.80
C VAL I 78 67.78 63.26 -43.71
N GLN I 79 68.33 63.31 -42.50
CA GLN I 79 69.70 63.80 -42.28
C GLN I 79 70.47 62.79 -41.43
N SER I 80 71.02 61.77 -42.09
CA SER I 80 72.04 60.85 -41.58
C SER I 80 71.62 60.06 -40.34
N GLU I 81 70.34 60.09 -39.95
CA GLU I 81 69.91 59.34 -38.77
C GLU I 81 68.59 58.62 -38.93
N ASP I 82 67.79 58.94 -39.94
CA ASP I 82 66.50 58.30 -40.13
C ASP I 82 66.54 57.15 -41.14
N PHE I 83 67.73 56.84 -41.67
CA PHE I 83 67.87 55.67 -42.55
C PHE I 83 67.82 54.43 -41.69
N ALA I 84 66.66 53.79 -41.68
CA ALA I 84 66.42 52.61 -40.84
C ALA I 84 65.29 51.80 -41.49
N VAL I 85 64.71 50.89 -40.72
CA VAL I 85 63.62 50.05 -41.21
C VAL I 85 62.32 50.49 -40.56
N TYR I 86 61.26 50.60 -41.36
CA TYR I 86 59.97 51.11 -40.92
C TYR I 86 58.93 50.00 -41.01
N TYR I 87 58.13 49.87 -39.96
CA TYR I 87 57.00 48.94 -39.96
C TYR I 87 55.71 49.72 -39.68
N CYS I 88 54.62 49.30 -40.31
CA CYS I 88 53.30 49.87 -40.05
C CYS I 88 52.48 48.83 -39.31
N GLN I 89 52.62 48.82 -37.98
CA GLN I 89 51.83 47.97 -37.12
C GLN I 89 50.36 48.36 -37.17
N GLN I 90 49.47 47.37 -37.12
CA GLN I 90 48.03 47.58 -37.17
C GLN I 90 47.45 47.19 -35.82
N TYR I 91 47.37 48.15 -34.90
CA TYR I 91 46.80 47.88 -33.58
C TYR I 91 45.31 48.22 -33.53
N GLY I 92 44.56 47.73 -34.53
CA GLY I 92 43.12 47.91 -34.52
C GLY I 92 42.43 47.00 -33.51
N ASP I 93 43.04 45.85 -33.23
CA ASP I 93 42.57 44.93 -32.19
C ASP I 93 43.63 44.84 -31.10
N TRP I 94 44.15 45.99 -30.70
CA TRP I 94 45.26 46.06 -29.75
C TRP I 94 44.87 45.42 -28.42
N PRO I 95 45.78 44.65 -27.79
CA PRO I 95 47.19 44.39 -28.13
C PRO I 95 47.44 43.28 -29.15
N LEU I 96 46.46 42.84 -29.92
CA LEU I 96 46.69 41.84 -30.97
C LEU I 96 46.93 42.60 -32.27
N TRP I 97 48.20 42.72 -32.65
CA TRP I 97 48.60 43.51 -33.81
C TRP I 97 49.56 42.69 -34.67
N THR I 98 49.95 43.28 -35.82
CA THR I 98 50.87 42.66 -36.74
C THR I 98 51.88 43.70 -37.23
N PHE I 99 53.17 43.38 -37.13
CA PHE I 99 54.22 44.25 -37.63
C PHE I 99 54.49 43.97 -39.10
N GLY I 100 55.44 44.70 -39.68
CA GLY I 100 55.71 44.64 -41.11
C GLY I 100 56.61 43.50 -41.52
N GLN I 101 57.30 43.68 -42.64
CA GLN I 101 58.20 42.67 -43.20
C GLN I 101 59.62 43.20 -43.41
N GLY I 102 59.77 44.44 -43.87
CA GLY I 102 61.07 45.04 -44.04
C GLY I 102 61.12 46.09 -45.14
N THR I 103 61.67 47.26 -44.81
CA THR I 103 61.75 48.43 -45.69
C THR I 103 63.13 49.09 -45.55
N LYS I 104 64.19 48.31 -45.76
CA LYS I 104 65.56 48.80 -45.67
C LYS I 104 65.78 50.00 -46.57
N VAL I 105 66.00 51.17 -45.97
CA VAL I 105 66.25 52.41 -46.70
C VAL I 105 67.75 52.57 -46.88
N GLU I 106 68.19 52.69 -48.12
CA GLU I 106 69.60 52.79 -48.46
C GLU I 106 69.98 54.21 -48.86
N ILE I 107 71.26 54.54 -48.67
CA ILE I 107 71.77 55.85 -49.04
C ILE I 107 71.95 55.93 -50.55
#